data_4NRU
#
_entry.id   4NRU
#
_cell.length_a   109.220
_cell.length_b   162.420
_cell.length_c   122.960
_cell.angle_alpha   90.00
_cell.angle_beta   97.04
_cell.angle_gamma   90.00
#
_symmetry.space_group_name_H-M   'P 1 21 1'
#
loop_
_entity.id
_entity.type
_entity.pdbx_description
1 polymer 'RNA dependent RNA polymerase'
2 non-polymer '4-({4-methyl-3-[(3-nitrobenzoyl)amino]benzoyl}amino)naphthalene-1,5-disulfonic acid'
3 non-polymer 'MAGNESIUM ION'
4 water water
#
_entity_poly.entity_id   1
_entity_poly.type   'polypeptide(L)'
_entity_poly.pdbx_seq_one_letter_code
;MLPRPSGTYAGLPIADYGDAPPLSTKTMFWRTSPEKLPPGAWEPAYLGSKDERVDGPSLQQVMRDQLKPYSEPRGLLPPQ
EILDAVCDAIENRLENTLEPQKPWTFKKACESLDKNTSSGYPYHKQKSKDWTGSAFIGDLGDQATHANNMYEMGKSMRPI
YTAALKDELVKPDKIYGKIKKRLLWGSDLGTMIRAARAFGPFCDALKETCIFNPIRVGMSMNEDGPFIFARHANFRYHMD
ADYTRWDSTQQRAILKRAGDIMVRLSPEPDLARVVMDDLLAPSLLDVGDYKIVVEEGLPSGCPCTTQLNSLAHWILTLCA
MVEVTRVDPDIVMQESEFSFYGDDEVVSTNLELDMVKYTMALRRYGLLPTRADKEEGPLERRQTLQGISFLRRAIVGDQF
GWYGRLDRASIDRQLLWTKGPNHQNPFETLPGHAQRPSQLMALLGEAAMHGEKYYRTVASRVSKEAAQSGIEMVVPRHRS
VLRWVRFGTMDAETPQERSAVFVNEDELEHHHHHH
;
_entity_poly.pdbx_strand_id   A,B,C,D,E,F
#
# COMPACT_ATOMS: atom_id res chain seq x y z
N PRO A 3 -29.85 -22.03 33.06
CA PRO A 3 -30.27 -20.63 33.08
C PRO A 3 -31.47 -20.36 34.02
N ARG A 4 -31.29 -20.63 35.32
CA ARG A 4 -32.39 -20.52 36.30
C ARG A 4 -32.52 -19.22 37.11
N PRO A 5 -31.42 -18.67 37.69
CA PRO A 5 -31.63 -17.44 38.48
C PRO A 5 -32.23 -16.28 37.66
N SER A 6 -32.64 -15.24 38.35
CA SER A 6 -33.48 -14.24 37.72
C SER A 6 -33.37 -12.92 38.43
N GLY A 7 -33.92 -11.90 37.81
CA GLY A 7 -33.89 -10.56 38.36
C GLY A 7 -33.02 -9.65 37.54
N THR A 8 -32.44 -8.68 38.23
CA THR A 8 -31.79 -7.54 37.63
C THR A 8 -30.41 -7.37 38.26
N TYR A 9 -29.38 -7.30 37.43
CA TYR A 9 -28.02 -7.00 37.88
C TYR A 9 -27.49 -5.79 37.12
N ALA A 10 -27.14 -4.75 37.88
CA ALA A 10 -26.69 -3.48 37.32
C ALA A 10 -27.60 -2.93 36.26
N GLY A 11 -28.91 -3.09 36.46
CA GLY A 11 -29.92 -2.59 35.52
C GLY A 11 -30.26 -3.49 34.35
N LEU A 12 -29.66 -4.68 34.29
CA LEU A 12 -29.76 -5.54 33.11
C LEU A 12 -30.23 -6.90 33.59
N PRO A 13 -30.97 -7.62 32.76
CA PRO A 13 -31.49 -8.93 33.15
C PRO A 13 -30.46 -10.02 33.43
N ILE A 14 -30.67 -10.77 34.50
CA ILE A 14 -29.86 -11.95 34.83
C ILE A 14 -30.39 -13.14 34.04
N ALA A 15 -29.50 -13.92 33.45
CA ALA A 15 -29.89 -15.07 32.63
C ALA A 15 -29.40 -16.37 33.24
N ASP A 16 -28.31 -16.30 34.01
CA ASP A 16 -27.70 -17.48 34.61
C ASP A 16 -26.69 -17.06 35.68
N TYR A 17 -26.11 -18.04 36.35
CA TYR A 17 -24.94 -17.83 37.22
C TYR A 17 -23.71 -17.61 36.37
N GLY A 18 -22.74 -16.91 36.93
CA GLY A 18 -21.55 -16.54 36.18
C GLY A 18 -20.46 -17.53 36.47
N ASP A 19 -19.49 -17.62 35.56
CA ASP A 19 -18.31 -18.48 35.72
C ASP A 19 -16.98 -17.74 35.69
N ALA A 20 -17.02 -16.41 35.59
CA ALA A 20 -15.81 -15.63 35.39
C ALA A 20 -14.92 -15.68 36.61
N PRO A 21 -13.60 -15.70 36.40
CA PRO A 21 -12.74 -15.58 37.55
C PRO A 21 -12.79 -14.15 38.09
N PRO A 22 -12.19 -13.91 39.26
CA PRO A 22 -12.23 -12.61 39.93
C PRO A 22 -11.55 -11.53 39.12
N LEU A 23 -12.02 -10.32 39.25
CA LEU A 23 -11.38 -9.22 38.56
C LEU A 23 -9.92 -9.02 39.02
N SER A 24 -9.08 -8.56 38.11
CA SER A 24 -7.67 -8.42 38.39
C SER A 24 -7.36 -7.39 39.49
N THR A 25 -6.46 -7.72 40.39
CA THR A 25 -6.03 -6.77 41.43
C THR A 25 -4.63 -6.25 41.15
N LYS A 26 -4.14 -6.43 39.93
CA LYS A 26 -2.77 -6.09 39.61
C LYS A 26 -2.67 -5.30 38.33
N THR A 27 -1.48 -4.76 38.15
CA THR A 27 -1.13 -3.91 37.02
C THR A 27 0.17 -4.43 36.42
N MET A 28 0.41 -4.12 35.15
CA MET A 28 1.67 -4.50 34.46
C MET A 28 2.64 -3.32 34.45
N PHE A 29 2.20 -2.16 34.94
CA PHE A 29 2.98 -0.94 34.94
C PHE A 29 3.82 -0.79 36.21
N TRP A 30 5.11 -0.49 36.01
CA TRP A 30 6.09 -0.26 37.09
C TRP A 30 6.76 1.08 36.88
N ARG A 31 7.05 1.78 37.97
CA ARG A 31 7.88 3.00 37.89
C ARG A 31 9.30 2.73 37.38
N THR A 32 9.87 3.69 36.67
CA THR A 32 11.26 3.54 36.20
C THR A 32 12.33 4.10 37.17
N SER A 33 11.88 4.83 38.20
CA SER A 33 12.75 5.29 39.29
C SER A 33 11.94 5.38 40.59
N PRO A 34 12.62 5.30 41.75
CA PRO A 34 11.93 5.38 43.04
C PRO A 34 11.53 6.80 43.43
N GLU A 35 11.91 7.81 42.66
CA GLU A 35 11.55 9.19 42.98
C GLU A 35 10.06 9.43 42.98
N LYS A 36 9.64 10.49 43.66
CA LYS A 36 8.25 10.91 43.65
C LYS A 36 7.86 11.36 42.25
N LEU A 37 6.61 11.06 41.89
CA LEU A 37 6.03 11.45 40.63
C LEU A 37 5.66 12.93 40.70
N PRO A 38 5.67 13.64 39.56
CA PRO A 38 5.17 15.03 39.56
C PRO A 38 3.68 15.10 39.91
N PRO A 39 3.23 16.24 40.45
CA PRO A 39 1.80 16.52 40.55
C PRO A 39 1.05 16.32 39.22
N GLY A 40 -0.15 15.78 39.28
CA GLY A 40 -0.96 15.48 38.11
C GLY A 40 -0.51 14.29 37.28
N ALA A 41 0.52 13.57 37.73
CA ALA A 41 1.04 12.45 36.94
C ALA A 41 0.03 11.32 36.88
N TRP A 42 -0.08 10.72 35.70
CA TRP A 42 -1.00 9.63 35.48
C TRP A 42 -0.46 8.40 36.22
N GLU A 43 -1.37 7.49 36.57
CA GLU A 43 -0.99 6.26 37.27
C GLU A 43 -1.89 5.14 36.84
N PRO A 44 -1.49 3.92 37.10
CA PRO A 44 -2.34 2.81 36.77
C PRO A 44 -3.69 2.89 37.44
N ALA A 45 -4.72 2.46 36.72
CA ALA A 45 -6.08 2.49 37.23
C ALA A 45 -6.22 1.71 38.52
N TYR A 46 -7.24 2.07 39.26
CA TYR A 46 -7.58 1.46 40.55
C TYR A 46 -7.59 -0.05 40.53
N LEU A 47 -7.01 -0.62 41.58
CA LEU A 47 -6.82 -2.04 41.67
C LEU A 47 -7.69 -2.74 42.75
N GLY A 48 -8.66 -2.04 43.32
CA GLY A 48 -9.62 -2.68 44.22
C GLY A 48 -9.30 -2.51 45.71
N SER A 49 -9.91 -3.35 46.52
CA SER A 49 -9.88 -3.18 47.96
C SER A 49 -8.47 -3.27 48.55
N LYS A 50 -7.53 -3.90 47.83
CA LYS A 50 -6.11 -4.00 48.22
C LYS A 50 -5.18 -2.91 47.62
N ASP A 51 -5.74 -1.92 46.93
CA ASP A 51 -4.94 -0.82 46.41
C ASP A 51 -4.55 0.04 47.61
N GLU A 52 -3.25 0.10 47.88
CA GLU A 52 -2.71 0.83 49.03
C GLU A 52 -2.86 2.36 48.88
N ARG A 53 -3.05 2.83 47.64
CA ARG A 53 -3.06 4.25 47.34
C ARG A 53 -4.34 4.96 47.70
N VAL A 54 -5.43 4.21 47.80
CA VAL A 54 -6.73 4.84 48.04
C VAL A 54 -7.69 3.77 48.60
N ASP A 55 -8.73 4.22 49.30
CA ASP A 55 -9.74 3.32 49.84
C ASP A 55 -11.06 3.55 49.09
N GLY A 56 -11.34 2.68 48.12
CA GLY A 56 -12.42 2.88 47.17
C GLY A 56 -13.44 1.77 47.24
N PRO A 57 -14.42 1.78 46.35
CA PRO A 57 -15.43 0.72 46.29
C PRO A 57 -14.84 -0.61 45.75
N SER A 58 -15.61 -1.69 45.80
CA SER A 58 -15.15 -2.95 45.24
C SER A 58 -14.99 -2.76 43.74
N LEU A 59 -14.16 -3.59 43.12
CA LEU A 59 -14.08 -3.66 41.66
C LEU A 59 -15.39 -4.10 41.02
N GLN A 60 -16.14 -4.94 41.70
CA GLN A 60 -17.43 -5.36 41.15
C GLN A 60 -18.39 -4.17 41.08
N GLN A 61 -18.27 -3.22 42.01
CA GLN A 61 -19.13 -2.01 42.00
C GLN A 61 -18.68 -1.08 40.87
N VAL A 62 -17.36 -0.96 40.74
CA VAL A 62 -16.77 -0.22 39.63
C VAL A 62 -17.23 -0.78 38.30
N MET A 63 -17.29 -2.10 38.19
CA MET A 63 -17.85 -2.68 36.98
C MET A 63 -19.34 -2.32 36.82
N ARG A 64 -20.15 -2.42 37.87
CA ARG A 64 -21.61 -2.06 37.76
C ARG A 64 -21.80 -0.64 37.25
N ASP A 65 -20.93 0.28 37.65
CA ASP A 65 -20.93 1.64 37.12
C ASP A 65 -20.71 1.66 35.61
N GLN A 66 -19.82 0.81 35.12
CA GLN A 66 -19.56 0.81 33.68
C GLN A 66 -20.74 0.23 32.90
N LEU A 67 -21.56 -0.60 33.55
CA LEU A 67 -22.66 -1.22 32.85
C LEU A 67 -23.89 -0.32 32.73
N LYS A 68 -23.95 0.77 33.49
CA LYS A 68 -25.14 1.65 33.45
C LYS A 68 -25.63 2.08 32.05
N PRO A 69 -24.73 2.56 31.18
CA PRO A 69 -25.12 3.07 29.86
C PRO A 69 -25.84 2.07 28.97
N TYR A 70 -25.63 0.78 29.26
CA TYR A 70 -26.22 -0.27 28.47
C TYR A 70 -27.72 -0.45 28.75
N SER A 71 -28.21 0.06 29.88
CA SER A 71 -29.65 0.00 30.16
C SER A 71 -30.32 1.32 29.82
N GLU A 72 -29.55 2.36 29.52
CA GLU A 72 -30.15 3.60 29.01
C GLU A 72 -30.93 3.34 27.71
N PRO A 73 -31.97 4.14 27.45
CA PRO A 73 -32.67 3.93 26.18
C PRO A 73 -31.82 4.34 24.99
N ARG A 74 -32.06 3.72 23.84
CA ARG A 74 -31.32 4.07 22.64
C ARG A 74 -31.76 5.45 22.16
N GLY A 75 -30.89 6.10 21.41
CA GLY A 75 -31.29 7.25 20.61
C GLY A 75 -32.10 6.73 19.43
N LEU A 76 -32.33 7.58 18.44
CA LEU A 76 -33.19 7.19 17.31
C LEU A 76 -32.43 6.73 16.09
N LEU A 77 -33.03 5.80 15.35
CA LEU A 77 -32.59 5.49 14.00
C LEU A 77 -32.55 6.76 13.18
N PRO A 78 -31.54 6.89 12.34
CA PRO A 78 -31.66 7.91 11.32
C PRO A 78 -32.90 7.67 10.46
N PRO A 79 -33.37 8.73 9.82
CA PRO A 79 -34.52 8.50 8.96
C PRO A 79 -34.21 7.40 7.95
N GLN A 80 -35.16 6.49 7.77
CA GLN A 80 -34.97 5.28 7.01
C GLN A 80 -34.47 5.48 5.57
N GLU A 81 -35.00 6.48 4.89
CA GLU A 81 -34.64 6.74 3.49
C GLU A 81 -33.18 7.19 3.41
N ILE A 82 -32.72 7.91 4.43
CA ILE A 82 -31.32 8.33 4.47
C ILE A 82 -30.41 7.14 4.77
N LEU A 83 -30.79 6.34 5.75
CA LEU A 83 -30.01 5.18 6.19
C LEU A 83 -29.79 4.21 5.03
N ASP A 84 -30.88 3.92 4.32
CA ASP A 84 -30.81 3.01 3.18
C ASP A 84 -29.86 3.49 2.10
N ALA A 85 -29.84 4.78 1.86
CA ALA A 85 -29.05 5.31 0.78
C ALA A 85 -27.59 5.38 1.21
N VAL A 86 -27.37 5.72 2.47
CA VAL A 86 -26.05 5.78 3.02
C VAL A 86 -25.43 4.37 2.96
N CYS A 87 -26.16 3.38 3.44
CA CYS A 87 -25.67 2.01 3.44
C CYS A 87 -25.33 1.51 2.06
N ASP A 88 -26.18 1.84 1.07
CA ASP A 88 -25.92 1.49 -0.32
C ASP A 88 -24.64 2.12 -0.84
N ALA A 89 -24.44 3.39 -0.50
CA ALA A 89 -23.29 4.12 -1.01
C ALA A 89 -22.00 3.59 -0.39
N ILE A 90 -22.11 3.12 0.85
CA ILE A 90 -20.96 2.56 1.54
C ILE A 90 -20.65 1.20 0.95
N GLU A 91 -21.68 0.38 0.80
CA GLU A 91 -21.49 -0.93 0.24
C GLU A 91 -20.90 -0.81 -1.16
N ASN A 92 -21.43 0.13 -1.94
CA ASN A 92 -21.00 0.29 -3.31
C ASN A 92 -19.55 0.72 -3.39
N ARG A 93 -19.14 1.65 -2.53
CA ARG A 93 -17.73 2.03 -2.49
C ARG A 93 -16.83 0.86 -2.13
N LEU A 94 -17.26 0.02 -1.19
CA LEU A 94 -16.45 -1.12 -0.80
C LEU A 94 -16.36 -2.16 -1.93
N GLU A 95 -17.46 -2.40 -2.64
CA GLU A 95 -17.41 -3.28 -3.80
C GLU A 95 -16.46 -2.74 -4.90
N ASN A 96 -16.37 -1.43 -5.04
CA ASN A 96 -15.47 -0.85 -6.07
C ASN A 96 -14.00 -0.84 -5.71
N THR A 97 -13.65 -1.17 -4.47
CA THR A 97 -12.25 -1.04 -3.99
C THR A 97 -11.63 -2.31 -3.43
N LEU A 98 -12.44 -3.22 -2.90
CA LEU A 98 -11.92 -4.39 -2.20
C LEU A 98 -11.62 -5.53 -3.14
N GLU A 99 -10.51 -6.22 -2.95
CA GLU A 99 -10.22 -7.35 -3.81
C GLU A 99 -10.91 -8.55 -3.20
N PRO A 100 -11.68 -9.29 -3.99
CA PRO A 100 -12.28 -10.50 -3.44
C PRO A 100 -11.24 -11.41 -2.83
N GLN A 101 -11.60 -12.11 -1.76
CA GLN A 101 -10.65 -12.92 -1.02
C GLN A 101 -11.05 -14.38 -1.04
N LYS A 102 -10.07 -15.24 -0.76
CA LYS A 102 -10.32 -16.66 -0.50
C LYS A 102 -10.85 -16.86 0.94
N PRO A 103 -11.63 -17.92 1.13
CA PRO A 103 -12.05 -18.26 2.49
C PRO A 103 -10.87 -18.53 3.42
N TRP A 104 -11.09 -18.35 4.72
CA TRP A 104 -10.07 -18.62 5.73
C TRP A 104 -10.34 -20.03 6.23
N THR A 105 -9.28 -20.81 6.35
CA THR A 105 -9.34 -22.14 6.89
C THR A 105 -9.29 -22.07 8.40
N PHE A 106 -9.69 -23.17 9.01
CA PHE A 106 -9.56 -23.38 10.43
C PHE A 106 -8.13 -23.11 10.88
N LYS A 107 -7.17 -23.60 10.13
CA LYS A 107 -5.76 -23.43 10.48
C LYS A 107 -5.43 -21.97 10.53
N LYS A 108 -5.73 -21.27 9.46
CA LYS A 108 -5.53 -19.82 9.39
C LYS A 108 -6.23 -19.06 10.55
N ALA A 109 -7.50 -19.40 10.82
CA ALA A 109 -8.21 -18.81 11.94
C ALA A 109 -7.49 -19.00 13.28
N CYS A 110 -6.98 -20.20 13.51
CA CYS A 110 -6.29 -20.49 14.76
C CYS A 110 -5.00 -19.68 14.88
N GLU A 111 -4.27 -19.61 13.78
CA GLU A 111 -3.00 -18.93 13.74
C GLU A 111 -3.14 -17.45 14.02
N SER A 112 -4.28 -16.87 13.65
CA SER A 112 -4.54 -15.43 13.71
C SER A 112 -4.83 -14.93 15.11
N LEU A 113 -5.23 -15.83 15.98
CA LEU A 113 -5.61 -15.49 17.34
C LEU A 113 -4.40 -15.11 18.14
N ASP A 114 -4.54 -14.07 18.97
CA ASP A 114 -3.47 -13.63 19.86
C ASP A 114 -3.35 -14.68 20.95
N LYS A 115 -2.22 -15.36 21.00
CA LYS A 115 -2.03 -16.42 21.97
C LYS A 115 -1.78 -15.95 23.38
N ASN A 116 -1.49 -14.66 23.56
CA ASN A 116 -1.15 -14.11 24.87
C ASN A 116 -2.32 -13.42 25.59
N THR A 117 -3.54 -13.84 25.28
CA THR A 117 -4.74 -13.44 26.00
C THR A 117 -5.58 -14.68 26.30
N SER A 118 -6.71 -14.45 26.94
CA SER A 118 -7.46 -15.52 27.54
C SER A 118 -8.40 -16.14 26.51
N SER A 119 -8.66 -17.42 26.72
CA SER A 119 -9.61 -18.17 25.94
C SER A 119 -11.05 -17.82 26.32
N GLY A 120 -11.23 -17.08 27.40
CA GLY A 120 -12.56 -16.80 27.90
C GLY A 120 -13.33 -18.06 28.24
N TYR A 121 -14.65 -17.94 28.24
CA TYR A 121 -15.51 -19.03 28.64
C TYR A 121 -15.25 -20.26 27.77
N PRO A 122 -15.22 -21.46 28.38
CA PRO A 122 -15.38 -21.80 29.77
C PRO A 122 -14.08 -22.02 30.56
N TYR A 123 -12.95 -22.12 29.86
CA TYR A 123 -11.65 -22.43 30.51
C TYR A 123 -10.85 -21.24 31.05
N HIS A 124 -11.11 -20.03 30.57
CA HIS A 124 -10.41 -18.86 31.12
C HIS A 124 -8.91 -19.11 31.28
N LYS A 125 -8.23 -19.58 30.23
CA LYS A 125 -6.79 -19.81 30.32
C LYS A 125 -6.07 -19.14 29.16
N GLN A 126 -4.84 -18.73 29.37
CA GLN A 126 -4.12 -18.08 28.31
C GLN A 126 -4.05 -19.07 27.15
N LYS A 127 -4.28 -18.58 25.94
CA LYS A 127 -4.42 -19.46 24.78
C LYS A 127 -3.15 -20.20 24.44
N SER A 128 -2.00 -19.58 24.73
CA SER A 128 -0.70 -20.21 24.57
C SER A 128 -0.62 -21.58 25.24
N LYS A 129 -1.38 -21.78 26.32
CA LYS A 129 -1.24 -22.96 27.16
C LYS A 129 -1.67 -24.29 26.52
N ASP A 130 -2.51 -24.22 25.49
CA ASP A 130 -2.93 -25.41 24.75
C ASP A 130 -2.53 -25.27 23.32
N TRP A 131 -1.50 -24.47 23.05
CA TRP A 131 -1.01 -24.19 21.69
C TRP A 131 0.34 -24.81 21.45
N THR A 132 0.46 -25.56 20.34
CA THR A 132 1.66 -26.36 20.07
C THR A 132 2.66 -25.63 19.21
N GLY A 133 2.30 -24.44 18.78
CA GLY A 133 3.06 -23.73 17.77
C GLY A 133 2.35 -23.80 16.44
N SER A 134 1.54 -24.84 16.22
CA SER A 134 0.75 -24.96 14.96
C SER A 134 -0.74 -25.26 15.16
N ALA A 135 -1.15 -25.74 16.33
CA ALA A 135 -2.55 -26.03 16.57
C ALA A 135 -2.91 -26.01 18.03
N PHE A 136 -4.21 -25.94 18.32
CA PHE A 136 -4.68 -26.05 19.68
C PHE A 136 -4.87 -27.53 20.00
N ILE A 137 -4.46 -27.92 21.20
CA ILE A 137 -4.69 -29.28 21.68
C ILE A 137 -5.43 -29.19 23.01
N GLY A 138 -5.52 -30.30 23.74
CA GLY A 138 -6.21 -30.29 25.06
C GLY A 138 -7.59 -29.65 25.00
N ASP A 139 -7.95 -28.90 26.03
CA ASP A 139 -9.30 -28.34 26.15
C ASP A 139 -9.64 -27.31 25.07
N LEU A 140 -8.74 -26.36 24.85
CA LEU A 140 -8.90 -25.39 23.80
C LEU A 140 -9.04 -26.06 22.44
N GLY A 141 -8.30 -27.14 22.22
CA GLY A 141 -8.44 -27.93 20.99
C GLY A 141 -9.86 -28.41 20.80
N ASP A 142 -10.41 -29.01 21.85
CA ASP A 142 -11.82 -29.43 21.83
C ASP A 142 -12.75 -28.27 21.56
N GLN A 143 -12.52 -27.15 22.24
CA GLN A 143 -13.41 -26.03 22.12
C GLN A 143 -13.37 -25.49 20.69
N ALA A 144 -12.16 -25.43 20.10
CA ALA A 144 -11.94 -24.91 18.77
C ALA A 144 -12.52 -25.78 17.66
N THR A 145 -12.30 -27.08 17.79
CA THR A 145 -12.79 -28.05 16.80
C THR A 145 -14.31 -28.10 16.77
N HIS A 146 -14.92 -28.15 17.95
CA HIS A 146 -16.37 -28.09 18.05
C HIS A 146 -16.89 -26.80 17.39
N ALA A 147 -16.27 -25.66 17.68
CA ALA A 147 -16.72 -24.38 17.10
C ALA A 147 -16.61 -24.38 15.60
N ASN A 148 -15.51 -24.94 15.10
CA ASN A 148 -15.28 -25.04 13.68
C ASN A 148 -16.32 -25.94 13.00
N ASN A 149 -16.64 -27.05 13.63
CA ASN A 149 -17.69 -27.95 13.08
C ASN A 149 -19.02 -27.21 12.94
N MET A 150 -19.44 -26.57 14.01
CA MET A 150 -20.64 -25.75 14.00
C MET A 150 -20.60 -24.67 12.93
N TYR A 151 -19.42 -24.08 12.69
CA TYR A 151 -19.29 -23.09 11.62
C TYR A 151 -19.58 -23.71 10.29
N GLU A 152 -18.89 -24.80 10.01
CA GLU A 152 -19.07 -25.50 8.75
C GLU A 152 -20.52 -25.97 8.54
N MET A 153 -21.20 -26.38 9.61
CA MET A 153 -22.60 -26.84 9.50
C MET A 153 -23.60 -25.70 9.50
N GLY A 154 -23.11 -24.48 9.62
CA GLY A 154 -23.98 -23.33 9.62
C GLY A 154 -24.90 -23.39 10.81
N LYS A 155 -24.39 -23.86 11.94
CA LYS A 155 -25.22 -23.95 13.15
C LYS A 155 -24.87 -22.87 14.15
N SER A 156 -25.90 -22.34 14.80
CA SER A 156 -25.75 -21.25 15.74
C SER A 156 -25.06 -21.68 17.03
N MET A 157 -24.22 -20.83 17.59
CA MET A 157 -23.75 -20.95 18.99
C MET A 157 -23.88 -19.58 19.69
N ARG A 158 -24.22 -19.61 20.97
CA ARG A 158 -24.44 -18.41 21.75
C ARG A 158 -23.11 -17.93 22.33
N PRO A 159 -22.68 -16.73 21.96
CA PRO A 159 -21.43 -16.26 22.55
C PRO A 159 -21.57 -15.98 24.00
N ILE A 160 -20.53 -16.28 24.74
CA ILE A 160 -20.48 -15.90 26.14
C ILE A 160 -19.27 -15.03 26.33
N TYR A 161 -19.53 -13.77 26.63
CA TYR A 161 -18.50 -12.80 26.89
C TYR A 161 -18.17 -12.72 28.39
N THR A 162 -16.92 -12.40 28.69
CA THR A 162 -16.43 -12.29 30.06
C THR A 162 -16.00 -10.86 30.30
N ALA A 163 -16.60 -10.24 31.30
CA ALA A 163 -16.34 -8.86 31.63
C ALA A 163 -15.01 -8.71 32.39
N ALA A 164 -14.25 -7.68 32.04
CA ALA A 164 -13.04 -7.36 32.77
C ALA A 164 -12.89 -5.85 32.78
N LEU A 165 -11.88 -5.37 33.50
CA LEU A 165 -11.60 -3.93 33.55
C LEU A 165 -10.17 -3.68 33.13
N LYS A 166 -9.97 -2.63 32.35
CA LYS A 166 -8.70 -2.41 31.66
C LYS A 166 -7.63 -1.81 32.54
N ASP A 167 -6.51 -2.51 32.63
CA ASP A 167 -5.32 -2.04 33.28
C ASP A 167 -4.61 -1.08 32.36
N GLU A 168 -4.69 0.22 32.65
CA GLU A 168 -4.01 1.22 31.85
C GLU A 168 -3.71 2.44 32.70
N LEU A 169 -2.77 3.27 32.25
CA LEU A 169 -2.50 4.54 32.94
C LEU A 169 -3.67 5.47 32.70
N VAL A 170 -4.12 6.16 33.75
CA VAL A 170 -5.23 7.11 33.65
C VAL A 170 -4.92 8.39 34.42
N LYS A 171 -5.73 9.43 34.19
CA LYS A 171 -5.63 10.69 34.94
C LYS A 171 -5.83 10.43 36.43
N PRO A 172 -5.06 11.12 37.29
CA PRO A 172 -5.15 10.89 38.73
C PRO A 172 -6.57 10.97 39.30
N ASP A 173 -7.43 11.82 38.75
CA ASP A 173 -8.76 12.00 39.32
C ASP A 173 -9.59 10.72 39.17
N LYS A 174 -9.23 9.88 38.21
CA LYS A 174 -9.90 8.59 38.05
C LYS A 174 -9.42 7.55 39.05
N ILE A 175 -8.45 7.91 39.88
CA ILE A 175 -8.05 7.05 40.99
C ILE A 175 -8.39 7.68 42.34
N TYR A 176 -8.13 8.98 42.46
CA TYR A 176 -8.22 9.71 43.74
C TYR A 176 -9.48 10.56 43.87
N GLY A 177 -10.24 10.66 42.79
CA GLY A 177 -11.58 11.24 42.82
C GLY A 177 -12.61 10.13 42.66
N LYS A 178 -13.59 10.37 41.79
CA LYS A 178 -14.57 9.37 41.38
C LYS A 178 -13.89 8.27 40.58
N ILE A 179 -13.69 7.11 41.20
CA ILE A 179 -12.93 6.04 40.58
C ILE A 179 -13.63 5.49 39.34
N LYS A 180 -12.92 5.48 38.22
CA LYS A 180 -13.37 4.89 36.97
C LYS A 180 -12.34 3.90 36.40
N LYS A 181 -12.85 2.91 35.66
CA LYS A 181 -12.02 1.88 35.03
C LYS A 181 -12.82 1.26 33.92
N ARG A 182 -12.18 1.02 32.78
CA ARG A 182 -12.91 0.81 31.56
C ARG A 182 -13.29 -0.65 31.42
N LEU A 183 -14.52 -0.87 30.96
CA LEU A 183 -15.08 -2.20 30.76
C LEU A 183 -14.53 -2.84 29.50
N LEU A 184 -14.02 -4.06 29.60
CA LEU A 184 -13.58 -4.84 28.46
C LEU A 184 -14.45 -6.06 28.33
N TRP A 185 -14.80 -6.41 27.11
CA TRP A 185 -15.56 -7.61 26.82
C TRP A 185 -14.60 -8.63 26.28
N GLY A 186 -14.39 -9.74 26.95
CA GLY A 186 -13.55 -10.79 26.39
C GLY A 186 -14.40 -11.88 25.77
N SER A 187 -14.12 -12.19 24.51
CA SER A 187 -14.91 -13.17 23.78
C SER A 187 -14.48 -14.59 24.15
N ASP A 188 -15.35 -15.58 23.97
CA ASP A 188 -15.00 -16.97 24.21
C ASP A 188 -14.28 -17.48 22.97
N LEU A 189 -13.33 -18.39 23.15
CA LEU A 189 -12.53 -18.88 22.03
C LEU A 189 -13.35 -19.44 20.84
N GLY A 190 -14.44 -20.13 21.13
CA GLY A 190 -15.33 -20.64 20.11
C GLY A 190 -15.84 -19.55 19.17
N THR A 191 -16.40 -18.49 19.74
CA THR A 191 -16.82 -17.30 18.99
C THR A 191 -15.66 -16.65 18.21
N MET A 192 -14.46 -16.62 18.79
CA MET A 192 -13.29 -16.09 18.06
C MET A 192 -12.96 -16.93 16.83
N ILE A 193 -13.03 -18.24 16.93
CA ILE A 193 -12.71 -19.13 15.81
C ILE A 193 -13.75 -18.91 14.70
N ARG A 194 -15.02 -18.91 15.05
CA ARG A 194 -16.07 -18.71 14.07
C ARG A 194 -16.04 -17.33 13.39
N ALA A 195 -15.80 -16.29 14.17
CA ALA A 195 -15.72 -14.93 13.65
C ALA A 195 -14.46 -14.73 12.82
N ALA A 196 -13.35 -15.29 13.27
CA ALA A 196 -12.13 -15.30 12.46
C ALA A 196 -12.36 -15.91 11.08
N ARG A 197 -12.89 -17.13 11.03
CA ARG A 197 -13.10 -17.76 9.74
C ARG A 197 -14.06 -16.96 8.88
N ALA A 198 -15.15 -16.48 9.47
CA ALA A 198 -16.18 -15.82 8.71
C ALA A 198 -15.75 -14.44 8.20
N PHE A 199 -15.08 -13.66 9.05
CA PHE A 199 -14.77 -12.25 8.73
C PHE A 199 -13.30 -11.86 8.55
N GLY A 200 -12.37 -12.78 8.81
CA GLY A 200 -10.95 -12.53 8.50
C GLY A 200 -10.69 -12.10 7.07
N PRO A 201 -11.40 -12.71 6.11
CA PRO A 201 -11.19 -12.30 4.71
C PRO A 201 -11.56 -10.84 4.44
N PHE A 202 -12.78 -10.47 4.79
CA PHE A 202 -13.19 -9.07 4.69
C PHE A 202 -12.23 -8.15 5.43
N CYS A 203 -11.78 -8.57 6.59
CA CYS A 203 -10.93 -7.70 7.38
C CYS A 203 -9.57 -7.47 6.72
N ASP A 204 -9.05 -8.52 6.07
CA ASP A 204 -7.85 -8.46 5.26
C ASP A 204 -8.03 -7.59 4.04
N ALA A 205 -9.14 -7.76 3.34
CA ALA A 205 -9.38 -6.99 2.11
C ALA A 205 -9.45 -5.50 2.45
N LEU A 206 -10.15 -5.21 3.52
CA LEU A 206 -10.29 -3.87 4.01
C LEU A 206 -8.95 -3.26 4.50
N LYS A 207 -8.09 -4.08 5.06
CA LYS A 207 -6.78 -3.57 5.51
C LYS A 207 -5.87 -3.19 4.35
N GLU A 208 -5.95 -3.91 3.24
CA GLU A 208 -5.22 -3.59 2.00
C GLU A 208 -5.62 -2.26 1.38
N THR A 209 -6.81 -1.77 1.71
CA THR A 209 -7.30 -0.51 1.22
C THR A 209 -7.33 0.57 2.29
N CYS A 210 -6.53 0.45 3.35
CA CYS A 210 -6.72 1.36 4.49
C CYS A 210 -6.39 2.80 4.15
N ILE A 211 -5.68 3.01 3.07
CA ILE A 211 -5.29 4.34 2.64
C ILE A 211 -6.34 4.98 1.74
N PHE A 212 -7.01 4.20 0.92
CA PHE A 212 -8.04 4.65 -0.04
CA PHE A 212 -8.02 4.81 0.06
C PHE A 212 -9.46 4.58 0.53
N ASN A 213 -9.64 3.92 1.67
CA ASN A 213 -10.93 3.83 2.32
C ASN A 213 -10.88 4.31 3.78
N PRO A 214 -12.02 4.81 4.31
CA PRO A 214 -12.06 5.47 5.60
C PRO A 214 -11.74 4.62 6.83
N ILE A 215 -11.91 3.31 6.74
CA ILE A 215 -11.63 2.43 7.86
C ILE A 215 -10.14 2.17 7.89
N ARG A 216 -9.46 2.80 8.83
CA ARG A 216 -8.00 2.82 8.79
C ARG A 216 -7.34 1.69 9.54
N VAL A 217 -8.14 0.74 10.03
CA VAL A 217 -7.60 -0.37 10.79
C VAL A 217 -6.53 -1.07 9.99
N GLY A 218 -5.37 -1.29 10.60
CA GLY A 218 -4.22 -1.84 9.88
C GLY A 218 -3.19 -0.83 9.41
N MET A 219 -3.52 0.45 9.47
CA MET A 219 -2.56 1.45 9.04
C MET A 219 -1.32 1.48 9.95
N SER A 220 -0.20 1.85 9.34
CA SER A 220 1.00 2.16 10.06
C SER A 220 1.05 3.67 10.11
N MET A 221 1.17 4.22 11.32
CA MET A 221 1.13 5.69 11.45
C MET A 221 2.29 6.30 10.70
N ASN A 222 3.48 5.75 10.90
CA ASN A 222 4.69 6.33 10.28
C ASN A 222 4.76 6.12 8.76
N GLU A 223 4.20 5.03 8.25
CA GLU A 223 4.29 4.77 6.81
C GLU A 223 3.08 5.30 6.04
N ASP A 224 1.89 5.21 6.61
CA ASP A 224 0.68 5.55 5.87
C ASP A 224 0.13 6.91 6.24
N GLY A 225 0.40 7.36 7.46
CA GLY A 225 -0.11 8.63 7.99
C GLY A 225 0.14 9.78 7.05
N PRO A 226 1.39 9.93 6.59
CA PRO A 226 1.67 11.04 5.68
C PRO A 226 0.77 11.09 4.47
N PHE A 227 0.51 9.94 3.83
CA PHE A 227 -0.39 9.92 2.68
C PHE A 227 -1.80 10.14 3.16
N ILE A 228 -2.19 9.49 4.25
CA ILE A 228 -3.56 9.60 4.69
C ILE A 228 -3.91 11.04 5.05
N PHE A 229 -3.03 11.68 5.79
CA PHE A 229 -3.28 13.05 6.23
C PHE A 229 -3.14 14.04 5.07
N ALA A 230 -2.24 13.76 4.12
CA ALA A 230 -2.14 14.68 2.97
C ALA A 230 -3.45 14.70 2.20
N ARG A 231 -4.18 13.58 2.22
CA ARG A 231 -5.45 13.47 1.47
CA ARG A 231 -5.45 13.45 1.48
C ARG A 231 -6.52 14.27 2.19
N HIS A 232 -6.54 14.15 3.51
CA HIS A 232 -7.51 14.89 4.33
C HIS A 232 -7.35 16.36 4.08
N ALA A 233 -6.10 16.81 4.04
CA ALA A 233 -5.80 18.21 3.89
C ALA A 233 -6.27 18.81 2.56
N ASN A 234 -6.61 17.98 1.57
CA ASN A 234 -7.15 18.50 0.32
C ASN A 234 -8.52 19.07 0.51
N PHE A 235 -9.14 18.80 1.66
CA PHE A 235 -10.46 19.31 1.94
C PHE A 235 -10.35 20.49 2.89
N ARG A 236 -11.39 21.31 2.96
CA ARG A 236 -11.24 22.64 3.53
C ARG A 236 -11.44 22.66 5.03
N TYR A 237 -12.51 21.97 5.45
CA TYR A 237 -13.00 21.98 6.81
C TYR A 237 -12.67 20.68 7.54
N HIS A 238 -12.09 20.77 8.72
CA HIS A 238 -11.70 19.60 9.51
C HIS A 238 -12.28 19.62 10.91
N MET A 239 -12.76 18.45 11.36
CA MET A 239 -13.37 18.32 12.67
C MET A 239 -13.25 16.91 13.24
N ASP A 240 -13.59 16.80 14.52
CA ASP A 240 -13.50 15.55 15.23
C ASP A 240 -14.49 15.66 16.35
N ALA A 241 -15.51 14.82 16.34
CA ALA A 241 -16.59 14.89 17.30
C ALA A 241 -16.23 14.37 18.70
N ASP A 242 -15.08 13.73 18.82
CA ASP A 242 -14.62 13.24 20.12
C ASP A 242 -15.75 12.65 20.97
N TYR A 243 -16.29 11.51 20.55
CA TYR A 243 -17.46 10.96 21.23
C TYR A 243 -17.13 10.45 22.64
N THR A 244 -18.10 10.53 23.53
CA THR A 244 -18.04 9.94 24.86
C THR A 244 -18.82 8.64 24.81
N ARG A 245 -18.24 7.58 25.39
CA ARG A 245 -18.91 6.28 25.56
C ARG A 245 -19.52 5.76 24.26
N TRP A 246 -18.68 5.74 23.23
CA TRP A 246 -19.13 5.41 21.91
C TRP A 246 -19.80 4.05 21.90
N ASP A 247 -19.11 3.06 22.46
CA ASP A 247 -19.53 1.66 22.36
C ASP A 247 -20.84 1.37 23.06
N SER A 248 -20.99 1.93 24.26
CA SER A 248 -22.19 1.69 25.05
C SER A 248 -23.46 2.41 24.50
N THR A 249 -23.25 3.43 23.66
CA THR A 249 -24.37 4.14 23.03
C THR A 249 -24.81 3.60 21.64
N GLN A 250 -24.14 2.59 21.11
CA GLN A 250 -24.48 2.09 19.78
C GLN A 250 -25.84 1.42 19.77
N GLN A 251 -26.51 1.54 18.64
CA GLN A 251 -27.75 0.80 18.39
C GLN A 251 -27.44 -0.49 17.64
N ARG A 252 -27.98 -1.60 18.12
CA ARG A 252 -27.79 -2.87 17.43
C ARG A 252 -28.35 -2.84 16.03
N ALA A 253 -29.41 -2.08 15.82
CA ALA A 253 -29.95 -1.92 14.45
C ALA A 253 -28.94 -1.30 13.51
N ILE A 254 -28.16 -0.34 13.98
CA ILE A 254 -27.13 0.21 13.11
C ILE A 254 -26.03 -0.83 12.86
N LEU A 255 -25.66 -1.57 13.90
CA LEU A 255 -24.58 -2.56 13.82
C LEU A 255 -25.01 -3.70 12.90
N LYS A 256 -26.28 -4.08 12.98
CA LYS A 256 -26.88 -5.00 12.02
C LYS A 256 -26.75 -4.53 10.60
N ARG A 257 -26.91 -3.24 10.35
CA ARG A 257 -26.65 -2.72 9.01
C ARG A 257 -25.19 -2.89 8.62
N ALA A 258 -24.29 -2.62 9.56
CA ALA A 258 -22.88 -2.71 9.25
C ALA A 258 -22.52 -4.18 9.02
N GLY A 259 -23.09 -5.05 9.85
CA GLY A 259 -22.87 -6.49 9.74
C GLY A 259 -23.39 -7.07 8.43
N ASP A 260 -24.50 -6.54 7.94
CA ASP A 260 -25.04 -7.00 6.66
C ASP A 260 -24.02 -6.80 5.54
N ILE A 261 -23.36 -5.66 5.57
CA ILE A 261 -22.40 -5.27 4.57
C ILE A 261 -21.24 -6.22 4.67
N MET A 262 -20.82 -6.57 5.89
CA MET A 262 -19.67 -7.44 6.12
C MET A 262 -19.98 -8.81 5.56
N VAL A 263 -21.16 -9.31 5.91
CA VAL A 263 -21.60 -10.61 5.45
C VAL A 263 -21.65 -10.67 3.92
N ARG A 264 -22.32 -9.72 3.27
CA ARG A 264 -22.44 -9.75 1.79
C ARG A 264 -21.09 -9.62 1.09
N LEU A 265 -20.11 -8.95 1.72
CA LEU A 265 -18.76 -8.84 1.13
C LEU A 265 -17.80 -9.93 1.64
N SER A 266 -18.34 -10.99 2.24
CA SER A 266 -17.53 -12.12 2.70
C SER A 266 -17.62 -13.29 1.70
N PRO A 267 -16.54 -14.11 1.58
CA PRO A 267 -16.57 -15.20 0.61
C PRO A 267 -17.39 -16.46 1.01
N GLU A 268 -17.86 -16.55 2.26
CA GLU A 268 -18.77 -17.60 2.67
C GLU A 268 -19.98 -16.92 3.31
N PRO A 269 -20.78 -16.21 2.49
CA PRO A 269 -21.81 -15.37 3.09
C PRO A 269 -22.89 -16.13 3.80
N ASP A 270 -23.21 -17.36 3.39
CA ASP A 270 -24.22 -18.13 4.12
C ASP A 270 -23.69 -18.56 5.48
N LEU A 271 -22.40 -18.88 5.57
CA LEU A 271 -21.83 -19.31 6.85
C LEU A 271 -21.57 -18.12 7.75
N ALA A 272 -21.16 -17.01 7.14
CA ALA A 272 -20.87 -15.79 7.88
C ALA A 272 -22.15 -15.16 8.49
N ARG A 273 -23.27 -15.26 7.77
CA ARG A 273 -24.56 -14.75 8.25
C ARG A 273 -24.96 -15.35 9.60
N VAL A 274 -24.72 -16.64 9.73
CA VAL A 274 -25.01 -17.33 11.01
C VAL A 274 -24.17 -16.75 12.18
N VAL A 275 -22.90 -16.47 11.93
CA VAL A 275 -21.98 -15.96 12.95
C VAL A 275 -22.33 -14.51 13.33
N MET A 276 -22.64 -13.68 12.33
CA MET A 276 -23.00 -12.27 12.56
C MET A 276 -24.31 -12.18 13.34
N ASP A 277 -25.30 -12.99 12.97
CA ASP A 277 -26.53 -13.07 13.77
C ASP A 277 -26.23 -13.43 15.23
N ASP A 278 -25.36 -14.41 15.44
CA ASP A 278 -24.97 -14.75 16.82
C ASP A 278 -24.26 -13.60 17.52
N LEU A 279 -23.41 -12.88 16.80
CA LEU A 279 -22.68 -11.78 17.38
C LEU A 279 -23.61 -10.64 17.77
N LEU A 280 -24.65 -10.40 16.98
CA LEU A 280 -25.47 -9.26 17.25
C LEU A 280 -26.72 -9.57 18.07
N ALA A 281 -27.05 -10.84 18.28
CA ALA A 281 -28.22 -11.18 19.13
C ALA A 281 -27.95 -10.77 20.59
N PRO A 282 -29.00 -10.62 21.41
CA PRO A 282 -28.75 -10.14 22.77
C PRO A 282 -27.56 -10.86 23.42
N SER A 283 -26.66 -10.12 24.02
CA SER A 283 -25.39 -10.67 24.42
C SER A 283 -25.39 -11.13 25.85
N LEU A 284 -24.71 -12.24 26.07
CA LEU A 284 -24.53 -12.85 27.38
C LEU A 284 -23.14 -12.45 27.93
N LEU A 285 -23.12 -11.69 29.03
CA LEU A 285 -21.89 -11.17 29.60
C LEU A 285 -21.72 -11.68 31.03
N ASP A 286 -20.64 -12.41 31.26
CA ASP A 286 -20.33 -12.98 32.57
C ASP A 286 -19.66 -11.91 33.42
N VAL A 287 -20.33 -11.44 34.45
CA VAL A 287 -19.78 -10.44 35.37
C VAL A 287 -19.30 -11.06 36.68
N GLY A 288 -19.24 -12.39 36.74
CA GLY A 288 -18.75 -13.11 37.89
C GLY A 288 -19.86 -13.89 38.54
N ASP A 289 -20.66 -13.17 39.32
CA ASP A 289 -21.78 -13.78 40.03
C ASP A 289 -22.84 -14.32 39.06
N TYR A 290 -23.02 -13.56 37.97
CA TYR A 290 -24.11 -13.76 37.05
C TYR A 290 -23.62 -13.54 35.62
N LYS A 291 -24.20 -14.28 34.66
CA LYS A 291 -24.18 -13.89 33.25
C LYS A 291 -25.43 -13.07 33.00
N ILE A 292 -25.26 -11.84 32.54
CA ILE A 292 -26.40 -10.96 32.30
C ILE A 292 -26.61 -10.75 30.81
N VAL A 293 -27.80 -10.27 30.46
CA VAL A 293 -28.19 -10.14 29.06
C VAL A 293 -28.11 -8.70 28.68
N VAL A 294 -27.37 -8.42 27.61
CA VAL A 294 -27.26 -7.06 27.13
C VAL A 294 -27.65 -6.96 25.67
N GLU A 295 -28.79 -6.31 25.48
CA GLU A 295 -29.47 -6.27 24.21
C GLU A 295 -28.92 -5.20 23.31
N GLU A 296 -28.30 -4.19 23.90
CA GLU A 296 -27.91 -3.02 23.15
C GLU A 296 -26.44 -2.68 23.33
N GLY A 297 -25.95 -1.72 22.56
CA GLY A 297 -24.53 -1.34 22.57
C GLY A 297 -23.68 -2.32 21.77
N LEU A 298 -22.38 -2.02 21.72
CA LEU A 298 -21.40 -2.87 20.99
C LEU A 298 -20.89 -4.04 21.82
N PRO A 299 -21.13 -5.28 21.38
CA PRO A 299 -20.47 -6.42 21.99
C PRO A 299 -19.05 -6.52 21.43
N SER A 300 -18.08 -6.02 22.20
CA SER A 300 -16.75 -5.72 21.66
C SER A 300 -15.67 -6.76 21.94
N GLY A 301 -16.03 -8.03 22.00
CA GLY A 301 -15.00 -9.03 22.18
C GLY A 301 -14.18 -9.40 20.94
N CYS A 302 -14.86 -9.73 19.85
CA CYS A 302 -14.25 -10.52 18.77
CA CYS A 302 -14.23 -10.50 18.77
C CYS A 302 -13.31 -9.71 17.87
N PRO A 303 -12.48 -10.40 17.04
CA PRO A 303 -11.47 -9.72 16.21
C PRO A 303 -12.01 -8.69 15.20
N CYS A 304 -13.08 -9.06 14.52
CA CYS A 304 -13.69 -8.21 13.49
C CYS A 304 -14.47 -7.01 14.05
N THR A 305 -14.62 -6.89 15.38
CA THR A 305 -15.52 -5.88 15.92
C THR A 305 -15.03 -4.45 15.70
N THR A 306 -13.72 -4.24 15.66
CA THR A 306 -13.20 -2.90 15.34
C THR A 306 -13.64 -2.45 13.95
N GLN A 307 -13.64 -3.38 12.99
CA GLN A 307 -14.08 -3.08 11.64
C GLN A 307 -15.58 -2.82 11.60
N LEU A 308 -16.33 -3.64 12.31
CA LEU A 308 -17.77 -3.51 12.37
C LEU A 308 -18.14 -2.17 13.02
N ASN A 309 -17.49 -1.85 14.12
CA ASN A 309 -17.70 -0.59 14.81
C ASN A 309 -17.33 0.58 13.92
N SER A 310 -16.19 0.48 13.25
CA SER A 310 -15.73 1.49 12.32
C SER A 310 -16.75 1.73 11.21
N LEU A 311 -17.32 0.65 10.73
CA LEU A 311 -18.28 0.73 9.66
C LEU A 311 -19.56 1.41 10.17
N ALA A 312 -19.98 1.07 11.38
CA ALA A 312 -21.17 1.68 11.97
C ALA A 312 -20.94 3.18 12.17
N HIS A 313 -19.70 3.54 12.52
CA HIS A 313 -19.27 4.91 12.64
C HIS A 313 -19.47 5.62 11.31
N TRP A 314 -18.98 5.00 10.25
CA TRP A 314 -19.12 5.53 8.91
C TRP A 314 -20.58 5.76 8.54
N ILE A 315 -21.46 4.82 8.84
CA ILE A 315 -22.89 4.98 8.53
C ILE A 315 -23.50 6.19 9.25
N LEU A 316 -23.13 6.40 10.51
CA LEU A 316 -23.78 7.42 11.31
C LEU A 316 -23.26 8.77 10.95
N THR A 317 -21.94 8.89 10.81
CA THR A 317 -21.36 10.14 10.38
C THR A 317 -22.00 10.61 9.05
N LEU A 318 -22.11 9.70 8.09
CA LEU A 318 -22.64 10.04 6.80
C LEU A 318 -24.14 10.33 6.86
N CYS A 319 -24.89 9.60 7.69
CA CYS A 319 -26.33 9.87 7.83
C CYS A 319 -26.49 11.30 8.37
N ALA A 320 -25.73 11.64 9.41
CA ALA A 320 -25.82 12.97 9.96
C ALA A 320 -25.51 14.05 8.91
N MET A 321 -24.45 13.85 8.14
CA MET A 321 -24.05 14.84 7.14
C MET A 321 -25.08 15.02 6.02
N VAL A 322 -25.77 13.95 5.66
CA VAL A 322 -26.81 13.97 4.62
C VAL A 322 -28.10 14.56 5.15
N GLU A 323 -28.39 14.28 6.41
CA GLU A 323 -29.55 14.83 7.05
C GLU A 323 -29.53 16.36 7.02
N VAL A 324 -28.37 16.90 7.30
CA VAL A 324 -28.14 18.32 7.50
C VAL A 324 -27.91 19.07 6.19
N THR A 325 -27.09 18.49 5.31
CA THR A 325 -26.70 19.16 4.07
C THR A 325 -27.68 18.84 2.97
N ARG A 326 -28.46 17.79 3.15
CA ARG A 326 -29.41 17.29 2.16
C ARG A 326 -28.80 16.99 0.79
N VAL A 327 -27.48 16.76 0.77
CA VAL A 327 -26.72 16.31 -0.38
C VAL A 327 -26.74 14.78 -0.37
N ASP A 328 -26.65 14.15 -1.53
CA ASP A 328 -26.60 12.68 -1.61
C ASP A 328 -25.29 12.11 -1.03
N PRO A 329 -25.37 10.91 -0.42
CA PRO A 329 -24.25 10.24 0.24
C PRO A 329 -23.03 10.21 -0.64
N ASP A 330 -23.26 9.83 -1.88
CA ASP A 330 -22.19 9.71 -2.85
C ASP A 330 -21.54 11.05 -3.15
N ILE A 331 -22.31 12.14 -3.06
CA ILE A 331 -21.74 13.49 -3.26
C ILE A 331 -20.98 13.91 -2.03
N VAL A 332 -21.57 13.66 -0.87
CA VAL A 332 -20.86 13.95 0.38
C VAL A 332 -19.50 13.26 0.33
N MET A 333 -19.48 12.03 -0.17
CA MET A 333 -18.25 11.25 -0.21
C MET A 333 -17.33 11.78 -1.28
N GLN A 334 -17.89 12.33 -2.34
CA GLN A 334 -17.05 12.99 -3.34
C GLN A 334 -16.40 14.21 -2.73
N GLU A 335 -17.13 14.90 -1.86
CA GLU A 335 -16.64 16.14 -1.29
C GLU A 335 -15.97 16.03 0.10
N SER A 336 -15.61 14.79 0.51
CA SER A 336 -15.06 14.54 1.86
C SER A 336 -13.99 13.43 1.91
N GLU A 337 -13.21 13.46 2.98
CA GLU A 337 -12.31 12.38 3.36
C GLU A 337 -12.55 12.05 4.85
N PHE A 338 -12.82 10.78 5.11
CA PHE A 338 -13.08 10.32 6.46
C PHE A 338 -11.95 9.41 6.89
N SER A 339 -11.70 9.41 8.20
CA SER A 339 -10.88 8.41 8.83
C SER A 339 -11.61 7.85 10.07
N PHE A 340 -11.73 6.54 10.15
CA PHE A 340 -12.42 5.94 11.28
C PHE A 340 -11.56 4.81 11.79
N TYR A 341 -11.50 4.72 13.12
CA TYR A 341 -10.93 3.58 13.82
C TYR A 341 -11.74 3.31 15.08
N GLY A 342 -12.80 2.52 14.95
CA GLY A 342 -13.67 2.31 16.08
C GLY A 342 -14.33 3.64 16.35
N ASP A 343 -14.25 4.15 17.56
CA ASP A 343 -14.89 5.45 17.89
C ASP A 343 -14.11 6.67 17.41
N ASP A 344 -12.82 6.48 17.13
CA ASP A 344 -11.93 7.57 16.75
C ASP A 344 -12.22 8.06 15.32
N GLU A 345 -12.29 9.36 15.12
CA GLU A 345 -12.58 9.88 13.78
C GLU A 345 -11.72 11.05 13.43
N VAL A 346 -11.53 11.24 12.13
CA VAL A 346 -11.21 12.55 11.56
C VAL A 346 -12.15 12.78 10.39
N VAL A 347 -12.84 13.91 10.38
CA VAL A 347 -13.75 14.25 9.31
C VAL A 347 -13.38 15.55 8.61
N SER A 348 -12.97 15.42 7.35
CA SER A 348 -12.63 16.53 6.49
C SER A 348 -13.65 16.65 5.37
N THR A 349 -14.17 17.85 5.11
CA THR A 349 -15.14 18.04 4.04
C THR A 349 -15.07 19.43 3.40
N ASN A 350 -15.54 19.55 2.17
CA ASN A 350 -15.63 20.86 1.50
C ASN A 350 -17.00 21.47 1.71
N LEU A 351 -17.95 20.66 2.19
CA LEU A 351 -19.30 21.12 2.43
C LEU A 351 -19.30 22.09 3.61
N GLU A 352 -20.20 23.07 3.57
CA GLU A 352 -20.35 24.00 4.69
C GLU A 352 -21.40 23.43 5.60
N LEU A 353 -20.96 22.70 6.61
CA LEU A 353 -21.90 22.05 7.49
C LEU A 353 -22.50 23.03 8.46
N ASP A 354 -23.81 22.95 8.66
CA ASP A 354 -24.42 23.66 9.76
C ASP A 354 -24.08 22.89 11.02
N MET A 355 -23.10 23.38 11.77
CA MET A 355 -22.58 22.65 12.92
C MET A 355 -23.60 22.41 14.04
N VAL A 356 -24.44 23.40 14.31
CA VAL A 356 -25.52 23.24 15.27
C VAL A 356 -26.48 22.12 14.83
N LYS A 357 -26.88 22.13 13.56
CA LYS A 357 -27.76 21.05 13.05
C LYS A 357 -27.07 19.65 13.00
N TYR A 358 -25.79 19.61 12.64
CA TYR A 358 -25.02 18.38 12.69
C TYR A 358 -25.00 17.80 14.11
N THR A 359 -24.54 18.60 15.05
CA THR A 359 -24.47 18.16 16.43
C THR A 359 -25.79 17.58 16.93
N MET A 360 -26.92 18.23 16.61
CA MET A 360 -28.22 17.83 17.09
C MET A 360 -28.59 16.47 16.53
N ALA A 361 -28.22 16.21 15.29
CA ALA A 361 -28.56 14.92 14.64
C ALA A 361 -27.79 13.74 15.30
N LEU A 362 -26.50 13.95 15.50
CA LEU A 362 -25.64 13.00 16.22
C LEU A 362 -26.24 12.70 17.58
N ARG A 363 -26.60 13.77 18.30
CA ARG A 363 -27.26 13.63 19.59
C ARG A 363 -28.61 12.92 19.48
N ARG A 364 -29.37 13.22 18.46
CA ARG A 364 -30.63 12.51 18.26
CA ARG A 364 -30.63 12.51 18.25
C ARG A 364 -30.42 11.00 18.03
N TYR A 365 -29.28 10.62 17.46
CA TYR A 365 -28.97 9.20 17.26
C TYR A 365 -28.50 8.52 18.56
N GLY A 366 -28.35 9.29 19.63
CA GLY A 366 -27.98 8.73 20.94
C GLY A 366 -26.50 8.82 21.24
N LEU A 367 -25.75 9.45 20.34
CA LEU A 367 -24.34 9.62 20.49
C LEU A 367 -24.04 10.81 21.39
N LEU A 368 -22.79 10.91 21.82
CA LEU A 368 -22.38 11.86 22.82
C LEU A 368 -21.14 12.57 22.36
N PRO A 369 -21.25 13.40 21.29
CA PRO A 369 -20.16 14.25 20.82
C PRO A 369 -19.80 15.28 21.87
N THR A 370 -18.54 15.64 21.94
CA THR A 370 -18.08 16.63 22.92
C THR A 370 -17.12 17.61 22.31
N ARG A 371 -17.34 18.88 22.65
CA ARG A 371 -16.46 19.96 22.30
C ARG A 371 -15.17 19.81 23.07
N ALA A 372 -14.10 20.41 22.54
CA ALA A 372 -12.80 20.44 23.18
C ALA A 372 -12.83 21.07 24.58
N ASP A 373 -13.70 22.05 24.78
CA ASP A 373 -13.85 22.70 26.09
C ASP A 373 -14.88 21.99 26.99
N LYS A 374 -15.40 20.86 26.53
CA LYS A 374 -16.42 20.11 27.26
C LYS A 374 -17.66 20.91 27.63
N GLU A 375 -17.83 22.11 27.07
CA GLU A 375 -19.01 22.92 27.34
C GLU A 375 -20.15 22.45 26.46
N GLU A 376 -21.35 22.96 26.73
CA GLU A 376 -22.49 22.67 25.90
C GLU A 376 -22.41 23.53 24.64
N GLY A 377 -23.28 23.23 23.68
CA GLY A 377 -23.19 23.87 22.39
C GLY A 377 -22.69 22.95 21.28
N PRO A 378 -22.57 23.52 20.07
CA PRO A 378 -22.31 22.78 18.87
C PRO A 378 -20.84 22.45 18.71
N LEU A 379 -20.56 21.32 18.07
CA LEU A 379 -19.21 20.92 17.71
C LEU A 379 -18.61 21.97 16.83
N GLU A 380 -17.28 22.09 16.89
CA GLU A 380 -16.57 23.12 16.13
C GLU A 380 -15.80 22.51 14.95
N ARG A 381 -15.40 23.35 14.01
CA ARG A 381 -14.56 22.93 12.88
C ARG A 381 -13.47 23.96 12.63
N ARG A 382 -12.37 23.51 12.04
CA ARG A 382 -11.27 24.40 11.70
C ARG A 382 -10.95 24.22 10.23
N GLN A 383 -10.07 25.07 9.73
CA GLN A 383 -9.70 25.05 8.33
C GLN A 383 -8.22 24.73 8.19
N THR A 384 -7.73 23.97 9.15
CA THR A 384 -6.46 23.28 9.03
C THR A 384 -6.60 21.92 9.70
N LEU A 385 -5.92 20.93 9.15
CA LEU A 385 -5.99 19.60 9.71
C LEU A 385 -5.18 19.61 11.00
N GLN A 386 -4.16 20.47 11.04
CA GLN A 386 -3.21 20.44 12.14
C GLN A 386 -3.92 20.57 13.46
N GLY A 387 -3.48 19.77 14.43
CA GLY A 387 -4.02 19.76 15.79
C GLY A 387 -5.16 18.76 16.06
N ILE A 388 -5.81 18.26 15.02
CA ILE A 388 -6.79 17.19 15.20
C ILE A 388 -6.00 15.93 15.49
N SER A 389 -6.57 15.03 16.29
CA SER A 389 -5.87 13.82 16.64
C SER A 389 -6.52 12.55 16.09
N PHE A 390 -5.68 11.54 15.91
CA PHE A 390 -6.10 10.24 15.44
C PHE A 390 -5.12 9.20 16.02
N LEU A 391 -5.63 8.11 16.58
CA LEU A 391 -4.80 7.07 17.21
C LEU A 391 -3.77 7.67 18.18
N ARG A 392 -4.24 8.60 18.98
CA ARG A 392 -3.45 9.25 20.05
C ARG A 392 -2.28 10.06 19.52
N ARG A 393 -2.33 10.52 18.27
CA ARG A 393 -1.31 11.44 17.75
C ARG A 393 -1.94 12.72 17.29
N ALA A 394 -1.26 13.81 17.54
CA ALA A 394 -1.65 15.08 16.94
C ALA A 394 -1.18 15.02 15.49
N ILE A 395 -2.03 15.46 14.57
CA ILE A 395 -1.66 15.53 13.17
C ILE A 395 -0.91 16.83 12.99
N VAL A 396 0.27 16.75 12.40
CA VAL A 396 1.12 17.93 12.23
C VAL A 396 1.57 18.06 10.79
N GLY A 397 1.50 19.28 10.28
CA GLY A 397 1.99 19.64 8.95
C GLY A 397 3.23 20.50 8.95
N ASP A 398 4.20 20.17 8.11
CA ASP A 398 5.36 21.01 7.92
C ASP A 398 5.83 21.00 6.45
N GLN A 399 6.98 21.63 6.22
CA GLN A 399 7.61 21.72 4.89
C GLN A 399 7.74 20.36 4.16
N PHE A 400 7.92 19.28 4.91
CA PHE A 400 8.07 17.95 4.30
C PHE A 400 6.74 17.23 4.06
N GLY A 401 5.69 17.67 4.72
CA GLY A 401 4.39 17.07 4.60
C GLY A 401 3.77 16.78 5.96
N TRP A 402 2.65 16.05 5.95
CA TRP A 402 1.89 15.76 7.16
C TRP A 402 2.36 14.49 7.85
N TYR A 403 2.10 14.43 9.15
CA TYR A 403 2.47 13.27 9.95
C TYR A 403 1.76 13.27 11.29
N GLY A 404 1.86 12.14 11.99
CA GLY A 404 1.25 11.99 13.30
C GLY A 404 2.33 12.08 14.37
N ARG A 405 2.13 13.01 15.30
CA ARG A 405 3.09 13.18 16.39
C ARG A 405 2.46 12.92 17.73
N LEU A 406 3.13 12.08 18.49
CA LEU A 406 2.78 11.80 19.84
C LEU A 406 3.09 12.99 20.72
N ASP A 407 2.13 13.38 21.56
CA ASP A 407 2.31 14.55 22.40
C ASP A 407 3.40 14.31 23.43
N ARG A 408 4.03 15.40 23.85
CA ARG A 408 5.12 15.36 24.85
C ARG A 408 4.70 14.63 26.12
N ALA A 409 3.50 14.92 26.59
CA ALA A 409 2.98 14.32 27.81
C ALA A 409 2.97 12.79 27.73
N SER A 410 2.56 12.24 26.58
CA SER A 410 2.55 10.78 26.39
C SER A 410 3.97 10.26 26.34
N ILE A 411 4.86 11.03 25.72
CA ILE A 411 6.28 10.65 25.70
C ILE A 411 6.87 10.65 27.12
N ASP A 412 6.56 11.68 27.91
CA ASP A 412 7.04 11.75 29.31
C ASP A 412 6.61 10.45 30.01
N ARG A 413 5.32 10.16 29.90
CA ARG A 413 4.70 9.04 30.60
C ARG A 413 5.43 7.72 30.35
N GLN A 414 5.82 7.47 29.10
CA GLN A 414 6.53 6.24 28.78
C GLN A 414 7.92 6.18 29.39
N LEU A 415 8.43 7.33 29.84
CA LEU A 415 9.70 7.38 30.59
C LEU A 415 9.48 7.05 32.06
N LEU A 416 8.39 7.56 32.63
CA LEU A 416 8.02 7.28 34.04
C LEU A 416 7.59 5.83 34.32
N TRP A 417 7.09 5.14 33.30
CA TRP A 417 6.61 3.77 33.48
C TRP A 417 7.13 2.80 32.45
N THR A 418 7.25 1.54 32.86
CA THR A 418 7.59 0.43 31.98
C THR A 418 6.71 -0.79 32.31
N LYS A 419 6.39 -1.56 31.28
CA LYS A 419 5.58 -2.73 31.42
C LYS A 419 6.45 -3.89 31.87
N GLY A 420 5.88 -4.74 32.72
CA GLY A 420 6.54 -5.95 33.22
C GLY A 420 5.48 -6.88 33.79
N PRO A 421 5.88 -7.89 34.57
CA PRO A 421 4.87 -8.80 35.08
C PRO A 421 3.89 -8.08 35.98
N ASN A 422 2.75 -8.68 36.21
CA ASN A 422 1.77 -8.06 37.09
C ASN A 422 2.25 -8.05 38.54
N HIS A 423 1.94 -6.96 39.23
CA HIS A 423 2.26 -6.80 40.63
C HIS A 423 1.22 -5.89 41.26
N GLN A 424 1.26 -5.80 42.59
CA GLN A 424 0.21 -5.16 43.38
C GLN A 424 0.50 -3.68 43.67
N ASN A 425 1.77 -3.32 43.72
CA ASN A 425 2.12 -1.95 44.00
C ASN A 425 2.75 -1.23 42.80
N PRO A 426 1.98 -0.34 42.15
CA PRO A 426 2.48 0.41 41.01
C PRO A 426 3.84 1.07 41.23
N PHE A 427 4.07 1.65 42.41
CA PHE A 427 5.25 2.50 42.63
C PHE A 427 6.56 1.74 42.78
N GLU A 428 6.46 0.44 42.86
CA GLU A 428 7.60 -0.43 42.94
C GLU A 428 8.34 -0.35 41.61
N THR A 429 9.67 -0.19 41.65
CA THR A 429 10.47 -0.17 40.44
C THR A 429 10.86 -1.58 40.02
N LEU A 430 10.95 -1.76 38.71
CA LEU A 430 11.29 -3.04 38.15
C LEU A 430 12.81 -3.11 38.11
N PRO A 431 13.41 -4.14 38.75
CA PRO A 431 14.85 -4.35 38.55
C PRO A 431 15.19 -4.83 37.12
N GLY A 432 16.43 -4.60 36.68
CA GLY A 432 17.00 -5.37 35.56
C GLY A 432 17.11 -4.74 34.18
N HIS A 433 17.33 -3.43 34.12
CA HIS A 433 17.70 -2.76 32.87
C HIS A 433 18.68 -1.62 33.16
N ARG A 436 14.79 -2.31 27.52
CA ARG A 436 13.77 -2.14 26.47
C ARG A 436 14.32 -1.32 25.30
N PRO A 437 15.28 -1.87 24.54
CA PRO A 437 16.01 -1.12 23.50
C PRO A 437 15.15 -0.57 22.36
N SER A 438 14.43 -1.44 21.63
CA SER A 438 13.61 -1.01 20.48
C SER A 438 12.60 0.06 20.86
N GLN A 439 12.02 -0.10 22.05
CA GLN A 439 11.08 0.86 22.61
C GLN A 439 11.76 2.20 22.97
N LEU A 440 13.04 2.16 23.31
CA LEU A 440 13.80 3.41 23.51
C LEU A 440 14.05 4.11 22.17
N MET A 441 14.44 3.35 21.16
CA MET A 441 14.66 3.89 19.81
C MET A 441 13.38 4.48 19.23
N ALA A 442 12.24 3.86 19.53
CA ALA A 442 10.96 4.43 19.10
C ALA A 442 10.69 5.75 19.82
N LEU A 443 10.99 5.81 21.11
CA LEU A 443 10.69 7.00 21.91
C LEU A 443 11.49 8.19 21.43
N LEU A 444 12.72 7.93 21.03
CA LEU A 444 13.62 8.95 20.51
C LEU A 444 13.05 9.53 19.23
N GLY A 445 12.60 8.63 18.36
CA GLY A 445 11.83 9.01 17.18
C GLY A 445 10.76 10.04 17.49
N GLU A 446 9.85 9.70 18.40
CA GLU A 446 8.74 10.61 18.73
C GLU A 446 9.27 11.91 19.34
N ALA A 447 10.29 11.80 20.18
CA ALA A 447 10.86 12.98 20.80
C ALA A 447 11.40 13.90 19.73
N ALA A 448 12.08 13.29 18.75
CA ALA A 448 12.72 14.02 17.65
C ALA A 448 11.73 14.90 16.90
N MET A 449 10.53 14.41 16.69
CA MET A 449 9.54 15.16 15.96
C MET A 449 9.13 16.46 16.66
N HIS A 450 9.67 16.70 17.86
CA HIS A 450 9.38 17.94 18.59
C HIS A 450 10.57 18.94 18.55
N GLY A 451 11.63 18.59 17.83
CA GLY A 451 12.77 19.50 17.68
C GLY A 451 14.00 19.01 18.43
N GLU A 452 15.14 19.64 18.16
CA GLU A 452 16.41 19.22 18.73
C GLU A 452 16.45 19.41 20.25
N LYS A 453 15.84 20.50 20.72
CA LYS A 453 15.80 20.87 22.14
C LYS A 453 15.13 19.81 23.03
N TYR A 454 13.86 19.50 22.73
CA TYR A 454 13.14 18.47 23.47
C TYR A 454 13.78 17.10 23.25
N TYR A 455 14.16 16.83 22.01
CA TYR A 455 14.87 15.58 21.73
C TYR A 455 16.05 15.37 22.68
N ARG A 456 16.82 16.42 22.92
CA ARG A 456 18.02 16.32 23.76
C ARG A 456 17.67 16.05 25.23
N THR A 457 16.60 16.69 25.75
CA THR A 457 16.17 16.43 27.15
C THR A 457 15.79 14.96 27.36
N VAL A 458 15.04 14.40 26.39
CA VAL A 458 14.67 12.99 26.38
C VAL A 458 15.87 12.08 26.18
N ALA A 459 16.81 12.53 25.34
CA ALA A 459 18.01 11.76 25.05
C ALA A 459 18.92 11.55 26.27
N SER A 460 19.00 12.53 27.17
CA SER A 460 19.75 12.34 28.43
C SER A 460 19.04 11.29 29.29
N ARG A 461 17.75 11.52 29.50
CA ARG A 461 16.91 10.60 30.27
C ARG A 461 17.11 9.19 29.74
N VAL A 462 17.12 9.02 28.42
CA VAL A 462 17.33 7.70 27.81
C VAL A 462 18.72 7.10 28.10
N SER A 463 19.78 7.92 28.04
CA SER A 463 21.15 7.40 28.20
C SER A 463 21.35 6.60 29.50
N LYS A 464 20.58 6.95 30.53
CA LYS A 464 20.64 6.29 31.82
C LYS A 464 19.84 4.99 31.78
N GLU A 465 20.43 3.81 32.06
CA GLU A 465 21.82 3.63 32.54
C GLU A 465 22.90 3.13 31.54
N ALA A 466 22.62 2.20 30.63
CA ALA A 466 21.39 1.44 30.51
C ALA A 466 21.73 0.02 30.11
N VAL A 474 24.22 3.95 22.26
CA VAL A 474 24.12 4.17 20.82
C VAL A 474 23.11 5.31 20.53
N VAL A 475 23.35 6.48 21.14
CA VAL A 475 22.37 7.58 21.18
C VAL A 475 22.45 8.54 19.97
N PRO A 476 21.58 8.35 18.96
CA PRO A 476 21.80 9.02 17.68
C PRO A 476 21.53 10.52 17.70
N ARG A 477 22.01 11.21 16.67
CA ARG A 477 21.87 12.65 16.57
C ARG A 477 20.45 12.98 16.17
N HIS A 478 20.01 14.17 16.54
CA HIS A 478 18.65 14.57 16.28
C HIS A 478 18.35 14.44 14.80
N ARG A 479 19.18 15.10 13.99
CA ARG A 479 18.94 15.21 12.56
C ARG A 479 18.81 13.83 11.93
N SER A 480 19.66 12.90 12.33
CA SER A 480 19.61 11.54 11.79
C SER A 480 18.27 10.89 12.13
N VAL A 481 17.99 10.81 13.43
CA VAL A 481 16.82 10.07 13.88
C VAL A 481 15.54 10.65 13.28
N LEU A 482 15.48 11.98 13.18
CA LEU A 482 14.38 12.68 12.53
C LEU A 482 14.16 12.19 11.10
N ARG A 483 15.25 12.12 10.37
CA ARG A 483 15.21 11.63 9.00
C ARG A 483 14.69 10.18 8.92
N TRP A 484 15.19 9.32 9.81
CA TRP A 484 14.71 7.92 9.87
C TRP A 484 13.20 7.86 10.12
N VAL A 485 12.73 8.60 11.12
CA VAL A 485 11.32 8.49 11.49
C VAL A 485 10.42 9.17 10.45
N ARG A 486 10.89 10.25 9.84
CA ARG A 486 10.06 10.97 8.89
C ARG A 486 10.03 10.34 7.50
N PHE A 487 11.17 9.78 7.08
CA PHE A 487 11.37 9.37 5.68
C PHE A 487 11.80 7.91 5.43
N GLY A 488 12.66 7.36 6.29
CA GLY A 488 13.30 6.07 6.02
C GLY A 488 12.36 4.90 6.18
N PRO B 3 47.75 16.56 -36.96
CA PRO B 3 47.14 17.22 -38.12
C PRO B 3 45.61 17.51 -37.97
N ARG B 4 45.23 18.11 -36.83
CA ARG B 4 43.80 18.16 -36.44
C ARG B 4 43.00 19.17 -37.26
N PRO B 5 41.86 18.73 -37.85
CA PRO B 5 41.08 19.63 -38.68
C PRO B 5 40.49 20.80 -37.89
N SER B 6 39.90 21.74 -38.60
CA SER B 6 39.51 23.02 -38.06
C SER B 6 38.34 23.53 -38.86
N GLY B 7 37.58 24.44 -38.29
CA GLY B 7 36.43 25.00 -38.96
C GLY B 7 35.22 24.93 -38.10
N THR B 8 34.07 25.19 -38.72
CA THR B 8 32.81 25.12 -38.05
C THR B 8 31.96 24.05 -38.75
N TYR B 9 31.25 23.26 -37.97
CA TYR B 9 30.31 22.29 -38.49
C TYR B 9 29.03 22.61 -37.77
N ALA B 10 27.98 22.88 -38.55
CA ALA B 10 26.68 23.27 -38.02
C ALA B 10 26.79 24.31 -36.89
N GLY B 11 27.58 25.35 -37.14
CA GLY B 11 27.67 26.49 -36.23
C GLY B 11 28.64 26.30 -35.08
N LEU B 12 29.33 25.16 -35.01
CA LEU B 12 30.12 24.81 -33.85
C LEU B 12 31.56 24.45 -34.22
N PRO B 13 32.52 24.72 -33.33
CA PRO B 13 33.92 24.48 -33.70
C PRO B 13 34.27 23.00 -33.92
N ILE B 14 35.10 22.74 -34.92
CA ILE B 14 35.64 21.41 -35.13
C ILE B 14 36.90 21.26 -34.28
N ALA B 15 37.05 20.10 -33.66
CA ALA B 15 38.17 19.76 -32.83
C ALA B 15 38.91 18.53 -33.34
N ASP B 16 38.22 17.59 -33.98
CA ASP B 16 38.89 16.40 -34.50
C ASP B 16 38.05 15.69 -35.54
N TYR B 17 38.57 14.59 -36.07
CA TYR B 17 37.82 13.67 -36.94
C TYR B 17 36.95 12.78 -36.06
N GLY B 18 35.81 12.36 -36.61
CA GLY B 18 34.83 11.60 -35.86
C GLY B 18 35.04 10.11 -36.04
N ASP B 19 34.60 9.36 -35.04
CA ASP B 19 34.67 7.92 -35.09
C ASP B 19 33.31 7.26 -34.94
N ALA B 20 32.24 8.07 -34.98
CA ALA B 20 30.90 7.56 -34.81
C ALA B 20 30.52 6.67 -35.99
N PRO B 21 29.75 5.62 -35.71
CA PRO B 21 29.30 4.84 -36.84
C PRO B 21 28.17 5.59 -37.50
N PRO B 22 27.79 5.18 -38.71
CA PRO B 22 26.69 5.82 -39.40
C PRO B 22 25.38 5.87 -38.62
N LEU B 23 24.56 6.86 -38.91
CA LEU B 23 23.29 7.00 -38.23
C LEU B 23 22.34 5.88 -38.69
N SER B 24 21.48 5.45 -37.78
CA SER B 24 20.62 4.29 -38.01
C SER B 24 19.61 4.60 -39.09
N THR B 25 19.34 3.62 -39.94
CA THR B 25 18.36 3.79 -41.03
C THR B 25 17.18 2.87 -40.79
N LYS B 26 17.02 2.38 -39.57
CA LYS B 26 15.96 1.44 -39.28
C LYS B 26 15.13 1.85 -38.07
N THR B 27 13.98 1.21 -37.90
CA THR B 27 13.16 1.45 -36.71
C THR B 27 12.83 0.14 -36.02
N MET B 28 12.56 0.19 -34.72
CA MET B 28 12.11 -0.98 -33.96
C MET B 28 10.59 -1.15 -34.06
N PHE B 29 9.89 -0.16 -34.63
CA PHE B 29 8.42 -0.18 -34.62
C PHE B 29 7.83 -0.91 -35.80
N TRP B 30 6.89 -1.81 -35.52
CA TRP B 30 6.18 -2.59 -36.55
C TRP B 30 4.68 -2.36 -36.43
N ARG B 31 3.97 -2.43 -37.55
CA ARG B 31 2.51 -2.35 -37.52
C ARG B 31 1.92 -3.62 -36.96
N THR B 32 0.82 -3.48 -36.23
CA THR B 32 0.07 -4.61 -35.69
C THR B 32 -1.03 -5.12 -36.68
N SER B 33 -1.12 -4.55 -37.88
CA SER B 33 -2.10 -4.95 -38.88
C SER B 33 -1.70 -4.33 -40.23
N PRO B 34 -2.05 -4.99 -41.36
CA PRO B 34 -1.70 -4.44 -42.70
C PRO B 34 -2.61 -3.31 -43.16
N GLU B 35 -3.69 -3.07 -42.44
CA GLU B 35 -4.64 -2.04 -42.84
C GLU B 35 -4.00 -0.67 -42.86
N LYS B 36 -4.54 0.19 -43.71
CA LYS B 36 -4.15 1.58 -43.82
C LYS B 36 -4.26 2.27 -42.45
N LEU B 37 -3.30 3.11 -42.11
CA LEU B 37 -3.39 3.90 -40.89
C LEU B 37 -4.51 4.93 -41.03
N PRO B 38 -5.12 5.30 -39.92
CA PRO B 38 -6.02 6.44 -39.95
C PRO B 38 -5.30 7.72 -40.41
N PRO B 39 -6.04 8.67 -40.97
CA PRO B 39 -5.50 10.00 -41.26
C PRO B 39 -4.87 10.65 -40.04
N GLY B 40 -3.74 11.32 -40.25
CA GLY B 40 -3.01 11.97 -39.16
C GLY B 40 -2.27 11.03 -38.19
N ALA B 41 -2.24 9.73 -38.46
CA ALA B 41 -1.57 8.77 -37.54
C ALA B 41 -0.08 9.05 -37.40
N TRP B 42 0.42 8.96 -36.18
CA TRP B 42 1.86 9.03 -35.93
C TRP B 42 2.54 7.84 -36.61
N GLU B 43 3.79 8.03 -37.00
CA GLU B 43 4.59 6.97 -37.60
C GLU B 43 6.01 7.10 -37.06
N PRO B 44 6.85 6.09 -37.29
CA PRO B 44 8.22 6.24 -36.86
C PRO B 44 8.90 7.38 -37.57
N ALA B 45 9.77 8.10 -36.86
CA ALA B 45 10.56 9.17 -37.45
C ALA B 45 11.32 8.72 -38.68
N TYR B 46 11.65 9.72 -39.49
CA TYR B 46 12.38 9.57 -40.76
C TYR B 46 13.64 8.74 -40.61
N LEU B 47 13.82 7.86 -41.59
CA LEU B 47 14.91 6.90 -41.59
C LEU B 47 16.00 7.18 -42.63
N GLY B 48 15.95 8.33 -43.31
CA GLY B 48 17.06 8.70 -44.21
C GLY B 48 16.86 8.44 -45.68
N SER B 49 17.97 8.37 -46.42
CA SER B 49 17.93 8.36 -47.88
C SER B 49 17.22 7.13 -48.44
N LYS B 50 17.18 6.03 -47.70
CA LYS B 50 16.45 4.80 -48.10
C LYS B 50 15.04 4.69 -47.50
N ASP B 51 14.49 5.77 -46.97
CA ASP B 51 13.15 5.70 -46.41
C ASP B 51 12.20 5.83 -47.60
N GLU B 52 11.44 4.77 -47.85
CA GLU B 52 10.53 4.68 -48.97
C GLU B 52 9.25 5.51 -48.79
N ARG B 53 9.08 6.15 -47.64
CA ARG B 53 7.88 6.92 -47.39
C ARG B 53 7.95 8.31 -47.99
N VAL B 54 9.15 8.86 -48.10
CA VAL B 54 9.30 10.24 -48.47
C VAL B 54 10.73 10.50 -48.93
N ASP B 55 10.89 11.47 -49.81
CA ASP B 55 12.22 11.88 -50.30
C ASP B 55 12.71 13.04 -49.44
N GLY B 56 13.66 12.73 -48.56
CA GLY B 56 14.09 13.67 -47.54
C GLY B 56 15.56 13.99 -47.63
N PRO B 57 16.04 14.90 -46.78
CA PRO B 57 17.47 15.20 -46.76
C PRO B 57 18.24 14.06 -46.15
N SER B 58 19.56 14.17 -46.04
CA SER B 58 20.38 13.13 -45.43
C SER B 58 20.15 13.13 -43.92
N LEU B 59 20.44 12.03 -43.24
CA LEU B 59 20.30 12.05 -41.78
C LEU B 59 21.31 13.01 -41.14
N GLN B 60 22.46 13.20 -41.78
CA GLN B 60 23.43 14.17 -41.28
C GLN B 60 22.87 15.59 -41.31
N GLN B 61 22.11 15.96 -42.34
CA GLN B 61 21.54 17.30 -42.38
C GLN B 61 20.54 17.46 -41.24
N VAL B 62 19.65 16.49 -41.09
CA VAL B 62 18.64 16.48 -40.02
C VAL B 62 19.32 16.65 -38.64
N MET B 63 20.45 15.99 -38.46
CA MET B 63 21.25 16.19 -37.27
C MET B 63 21.85 17.60 -37.18
N ARG B 64 22.28 18.17 -38.30
CA ARG B 64 22.81 19.54 -38.26
C ARG B 64 21.73 20.50 -37.77
N ASP B 65 20.50 20.34 -38.23
CA ASP B 65 19.39 21.17 -37.74
C ASP B 65 19.22 21.08 -36.23
N GLN B 66 19.37 19.87 -35.67
CA GLN B 66 19.21 19.66 -34.23
C GLN B 66 20.29 20.39 -33.43
N LEU B 67 21.42 20.65 -34.06
CA LEU B 67 22.56 21.25 -33.37
C LEU B 67 22.51 22.79 -33.30
N LYS B 68 21.64 23.41 -34.07
CA LYS B 68 21.58 24.86 -34.16
C LYS B 68 21.47 25.60 -32.79
N PRO B 69 20.54 25.19 -31.92
CA PRO B 69 20.31 25.86 -30.63
C PRO B 69 21.53 25.94 -29.71
N TYR B 70 22.43 24.97 -29.83
CA TYR B 70 23.65 24.94 -29.06
C TYR B 70 24.60 26.07 -29.41
N SER B 71 24.36 26.79 -30.52
CA SER B 71 25.25 27.89 -30.91
C SER B 71 24.61 29.22 -30.65
N GLU B 72 23.33 29.21 -30.27
CA GLU B 72 22.65 30.45 -29.94
C GLU B 72 23.24 31.02 -28.65
N PRO B 73 23.22 32.35 -28.51
CA PRO B 73 23.57 33.00 -27.23
C PRO B 73 22.79 32.42 -26.02
N ARG B 74 23.46 32.21 -24.90
CA ARG B 74 22.81 31.89 -23.64
C ARG B 74 21.97 33.06 -23.17
N GLY B 75 20.99 32.78 -22.30
CA GLY B 75 20.23 33.82 -21.61
C GLY B 75 21.09 34.34 -20.48
N LEU B 76 20.52 35.17 -19.62
CA LEU B 76 21.29 35.76 -18.51
C LEU B 76 21.24 34.85 -17.28
N LEU B 77 22.29 34.83 -16.47
CA LEU B 77 22.19 34.25 -15.15
C LEU B 77 21.09 34.96 -14.38
N PRO B 78 20.49 34.27 -13.41
CA PRO B 78 19.61 34.97 -12.49
C PRO B 78 20.42 35.92 -11.62
N PRO B 79 19.79 36.93 -11.01
CA PRO B 79 20.56 37.90 -10.22
C PRO B 79 21.31 37.20 -9.12
N GLN B 80 22.60 37.47 -8.99
CA GLN B 80 23.50 36.68 -8.17
C GLN B 80 23.05 36.36 -6.73
N GLU B 81 22.33 37.30 -6.12
CA GLU B 81 21.95 37.17 -4.69
C GLU B 81 20.86 36.12 -4.57
N ILE B 82 19.90 36.19 -5.49
CA ILE B 82 18.84 35.22 -5.60
C ILE B 82 19.45 33.85 -5.91
N LEU B 83 20.32 33.80 -6.91
CA LEU B 83 20.92 32.54 -7.30
C LEU B 83 21.61 31.91 -6.11
N ASP B 84 22.43 32.68 -5.41
CA ASP B 84 23.22 32.15 -4.29
C ASP B 84 22.33 31.60 -3.16
N ALA B 85 21.19 32.25 -2.95
CA ALA B 85 20.30 31.96 -1.83
C ALA B 85 19.49 30.71 -2.13
N VAL B 86 18.98 30.67 -3.36
CA VAL B 86 18.23 29.56 -3.88
C VAL B 86 19.06 28.28 -3.86
N CYS B 87 20.28 28.34 -4.35
CA CYS B 87 21.13 27.17 -4.28
C CYS B 87 21.42 26.77 -2.84
N ASP B 88 21.47 27.75 -1.92
CA ASP B 88 21.72 27.48 -0.49
C ASP B 88 20.51 26.77 0.10
N ALA B 89 19.32 27.29 -0.17
CA ALA B 89 18.11 26.68 0.29
C ALA B 89 17.96 25.22 -0.20
N ILE B 90 18.19 25.00 -1.50
CA ILE B 90 18.10 23.67 -2.08
C ILE B 90 19.12 22.72 -1.48
N GLU B 91 20.36 23.16 -1.33
CA GLU B 91 21.39 22.29 -0.77
C GLU B 91 21.04 21.88 0.65
N ASN B 92 20.35 22.76 1.37
CA ASN B 92 20.00 22.54 2.76
C ASN B 92 18.87 21.54 2.87
N ARG B 93 17.81 21.74 2.12
CA ARG B 93 16.74 20.77 2.10
C ARG B 93 17.27 19.37 1.80
N LEU B 94 18.24 19.27 0.89
CA LEU B 94 18.80 17.98 0.52
C LEU B 94 19.67 17.44 1.65
N GLU B 95 20.43 18.31 2.29
CA GLU B 95 21.25 17.90 3.41
C GLU B 95 20.38 17.29 4.51
N ASN B 96 19.24 17.94 4.78
CA ASN B 96 18.27 17.44 5.73
C ASN B 96 17.56 16.15 5.37
N THR B 97 17.31 15.89 4.09
CA THR B 97 16.37 14.84 3.70
C THR B 97 17.00 13.55 3.23
N LEU B 98 18.19 13.63 2.65
CA LEU B 98 18.83 12.48 2.08
C LEU B 98 19.58 11.72 3.16
N GLU B 99 19.58 10.40 3.03
CA GLU B 99 20.36 9.52 3.88
C GLU B 99 21.75 9.39 3.27
N PRO B 100 22.79 9.58 4.08
CA PRO B 100 24.14 9.36 3.56
C PRO B 100 24.31 7.96 3.04
N GLN B 101 25.26 7.81 2.10
CA GLN B 101 25.48 6.54 1.41
C GLN B 101 26.95 6.15 1.46
N LYS B 102 27.21 4.85 1.32
CA LYS B 102 28.57 4.38 1.17
C LYS B 102 28.97 4.56 -0.29
N PRO B 103 30.27 4.70 -0.58
CA PRO B 103 30.71 4.81 -1.97
C PRO B 103 30.28 3.63 -2.83
N TRP B 104 30.19 3.83 -4.14
CA TRP B 104 29.91 2.73 -5.07
C TRP B 104 31.24 2.11 -5.49
N THR B 105 31.34 0.79 -5.49
CA THR B 105 32.51 0.14 -6.00
C THR B 105 32.49 0.12 -7.52
N PHE B 106 33.66 -0.05 -8.11
CA PHE B 106 33.77 -0.41 -9.51
C PHE B 106 32.78 -1.51 -9.92
N LYS B 107 32.71 -2.55 -9.11
CA LYS B 107 31.82 -3.67 -9.42
C LYS B 107 30.36 -3.22 -9.50
N LYS B 108 29.92 -2.43 -8.54
CA LYS B 108 28.56 -1.90 -8.56
C LYS B 108 28.29 -1.00 -9.78
N ALA B 109 29.21 -0.08 -10.07
CA ALA B 109 29.05 0.81 -11.22
C ALA B 109 28.93 0.02 -12.51
N CYS B 110 29.74 -1.03 -12.63
CA CYS B 110 29.65 -1.90 -13.78
C CYS B 110 28.28 -2.59 -13.85
N GLU B 111 27.80 -3.13 -12.74
CA GLU B 111 26.49 -3.84 -12.70
C GLU B 111 25.33 -2.95 -13.14
N SER B 112 25.40 -1.70 -12.73
CA SER B 112 24.30 -0.72 -12.89
C SER B 112 24.06 -0.24 -14.34
N LEU B 113 25.06 -0.40 -15.18
CA LEU B 113 24.98 0.08 -16.55
C LEU B 113 24.02 -0.78 -17.36
N ASP B 114 23.26 -0.16 -18.26
CA ASP B 114 22.36 -0.90 -19.14
C ASP B 114 23.21 -1.56 -20.22
N LYS B 115 23.10 -2.89 -20.29
CA LYS B 115 23.92 -3.65 -21.19
C LYS B 115 23.34 -3.74 -22.61
N ASN B 116 22.09 -3.35 -22.80
CA ASN B 116 21.48 -3.44 -24.14
C ASN B 116 21.74 -2.22 -25.01
N THR B 117 22.58 -1.32 -24.53
CA THR B 117 22.97 -0.12 -25.27
C THR B 117 24.48 -0.08 -25.54
N SER B 118 24.87 0.88 -26.38
CA SER B 118 26.22 0.98 -26.92
C SER B 118 27.23 1.47 -25.89
N SER B 119 28.46 0.98 -26.03
CA SER B 119 29.60 1.43 -25.24
C SER B 119 30.07 2.83 -25.64
N GLY B 120 29.61 3.32 -26.78
CA GLY B 120 30.04 4.63 -27.29
C GLY B 120 31.53 4.63 -27.61
N TYR B 121 32.14 5.81 -27.61
CA TYR B 121 33.56 5.92 -27.95
C TYR B 121 34.44 5.06 -27.03
N PRO B 122 35.43 4.33 -27.60
CA PRO B 122 35.79 4.21 -29.02
C PRO B 122 35.27 2.94 -29.70
N TYR B 123 34.69 2.02 -28.96
CA TYR B 123 34.39 0.69 -29.52
C TYR B 123 33.02 0.58 -30.15
N HIS B 124 32.08 1.41 -29.70
CA HIS B 124 30.74 1.40 -30.29
C HIS B 124 30.16 0.01 -30.37
N LYS B 125 30.26 -0.75 -29.29
CA LYS B 125 29.61 -2.06 -29.24
C LYS B 125 28.60 -2.11 -28.10
N GLN B 126 27.52 -2.83 -28.35
CA GLN B 126 26.57 -3.15 -27.30
C GLN B 126 27.34 -3.67 -26.07
N LYS B 127 27.08 -3.08 -24.93
CA LYS B 127 27.88 -3.39 -23.74
C LYS B 127 27.89 -4.88 -23.39
N SER B 128 26.82 -5.59 -23.77
CA SER B 128 26.69 -7.00 -23.50
C SER B 128 27.74 -7.86 -24.18
N LYS B 129 28.30 -7.41 -25.30
CA LYS B 129 29.23 -8.25 -26.03
C LYS B 129 30.53 -8.49 -25.26
N ASP B 130 30.85 -7.65 -24.29
CA ASP B 130 32.04 -7.89 -23.45
C ASP B 130 31.65 -8.11 -22.01
N TRP B 131 30.42 -8.56 -21.76
CA TRP B 131 29.94 -8.80 -20.39
C TRP B 131 29.78 -10.29 -20.08
N THR B 132 30.36 -10.72 -18.95
CA THR B 132 30.41 -12.15 -18.54
C THR B 132 29.25 -12.61 -17.68
N GLY B 133 28.42 -11.67 -17.24
CA GLY B 133 27.47 -11.90 -16.17
C GLY B 133 27.81 -11.03 -14.97
N SER B 134 29.11 -10.87 -14.71
CA SER B 134 29.60 -10.20 -13.50
C SER B 134 30.62 -9.06 -13.75
N ALA B 135 31.27 -9.06 -14.91
CA ALA B 135 32.41 -8.16 -15.19
C ALA B 135 32.60 -7.91 -16.67
N PHE B 136 33.23 -6.78 -17.00
CA PHE B 136 33.57 -6.50 -18.39
C PHE B 136 34.91 -7.12 -18.65
N ILE B 137 35.08 -7.69 -19.85
CA ILE B 137 36.34 -8.27 -20.30
C ILE B 137 36.60 -7.73 -21.68
N GLY B 138 37.65 -8.21 -22.33
CA GLY B 138 37.96 -7.78 -23.68
C GLY B 138 38.17 -6.28 -23.69
N ASP B 139 37.82 -5.65 -24.82
CA ASP B 139 37.96 -4.22 -25.04
C ASP B 139 37.31 -3.37 -23.95
N LEU B 140 36.06 -3.67 -23.64
CA LEU B 140 35.32 -2.89 -22.66
C LEU B 140 35.89 -3.06 -21.29
N GLY B 141 36.50 -4.20 -21.01
CA GLY B 141 37.20 -4.40 -19.76
C GLY B 141 38.36 -3.43 -19.65
N ASP B 142 39.21 -3.42 -20.67
CA ASP B 142 40.32 -2.47 -20.74
C ASP B 142 39.82 -1.05 -20.48
N GLN B 143 38.77 -0.65 -21.20
CA GLN B 143 38.22 0.70 -21.09
C GLN B 143 37.65 1.00 -19.69
N ALA B 144 36.94 0.04 -19.11
CA ALA B 144 36.36 0.21 -17.79
C ALA B 144 37.42 0.28 -16.71
N THR B 145 38.39 -0.64 -16.77
CA THR B 145 39.49 -0.70 -15.79
C THR B 145 40.21 0.65 -15.80
N HIS B 146 40.75 1.03 -16.95
CA HIS B 146 41.49 2.28 -17.07
C HIS B 146 40.72 3.47 -16.49
N ALA B 147 39.45 3.63 -16.89
CA ALA B 147 38.62 4.74 -16.37
C ALA B 147 38.45 4.70 -14.87
N ASN B 148 38.35 3.50 -14.33
CA ASN B 148 38.19 3.31 -12.92
C ASN B 148 39.46 3.69 -12.16
N ASN B 149 40.61 3.27 -12.69
CA ASN B 149 41.89 3.71 -12.17
C ASN B 149 42.02 5.22 -12.20
N MET B 150 41.61 5.83 -13.30
CA MET B 150 41.63 7.29 -13.39
C MET B 150 40.73 7.90 -12.32
N TYR B 151 39.56 7.30 -12.11
CA TYR B 151 38.63 7.81 -11.12
C TYR B 151 39.27 7.76 -9.73
N GLU B 152 39.89 6.64 -9.40
CA GLU B 152 40.56 6.48 -8.11
C GLU B 152 41.76 7.45 -7.90
N MET B 153 42.58 7.70 -8.94
CA MET B 153 43.71 8.66 -8.84
C MET B 153 43.27 10.11 -8.99
N GLY B 154 41.97 10.37 -9.05
CA GLY B 154 41.48 11.74 -9.17
C GLY B 154 41.95 12.47 -10.41
N LYS B 155 42.19 11.72 -11.49
CA LYS B 155 42.74 12.29 -12.72
C LYS B 155 41.65 12.49 -13.78
N SER B 156 41.77 13.58 -14.53
CA SER B 156 40.75 13.94 -15.52
C SER B 156 40.74 13.05 -16.76
N MET B 157 39.56 12.87 -17.35
CA MET B 157 39.44 12.28 -18.70
C MET B 157 38.45 13.10 -19.46
N ARG B 158 38.74 13.32 -20.73
CA ARG B 158 37.86 14.10 -21.59
C ARG B 158 36.70 13.23 -22.10
N PRO B 159 35.47 13.45 -21.61
CA PRO B 159 34.36 12.69 -22.21
C PRO B 159 34.23 12.91 -23.72
N ILE B 160 33.85 11.86 -24.44
CA ILE B 160 33.55 11.98 -25.86
C ILE B 160 32.17 11.43 -26.08
N TYR B 161 31.22 12.30 -26.40
CA TYR B 161 29.87 11.86 -26.68
C TYR B 161 29.75 11.48 -28.14
N THR B 162 28.74 10.68 -28.42
CA THR B 162 28.43 10.26 -29.77
C THR B 162 26.98 10.65 -30.04
N ALA B 163 26.73 11.37 -31.12
CA ALA B 163 25.41 11.88 -31.41
C ALA B 163 24.59 10.83 -32.12
N ALA B 164 23.29 10.79 -31.85
CA ALA B 164 22.38 9.91 -32.55
C ALA B 164 21.05 10.59 -32.70
N LEU B 165 20.17 9.96 -33.46
CA LEU B 165 18.82 10.44 -33.65
C LEU B 165 17.84 9.40 -33.09
N LYS B 166 16.81 9.87 -32.38
CA LYS B 166 15.90 8.99 -31.66
C LYS B 166 14.88 8.28 -32.56
N ASP B 167 14.89 6.95 -32.50
CA ASP B 167 13.80 6.16 -33.14
C ASP B 167 12.59 6.20 -32.24
N GLU B 168 11.61 7.00 -32.60
CA GLU B 168 10.35 7.07 -31.86
C GLU B 168 9.22 7.42 -32.81
N LEU B 169 8.00 7.24 -32.36
CA LEU B 169 6.85 7.66 -33.13
C LEU B 169 6.71 9.17 -33.02
N VAL B 170 6.29 9.80 -34.12
CA VAL B 170 6.18 11.25 -34.21
C VAL B 170 4.98 11.61 -35.06
N LYS B 171 4.44 12.81 -34.86
CA LYS B 171 3.35 13.26 -35.72
C LYS B 171 3.80 13.31 -37.17
N PRO B 172 2.88 13.05 -38.11
CA PRO B 172 3.26 12.87 -39.50
C PRO B 172 3.90 14.11 -40.17
N ASP B 173 3.54 15.30 -39.72
CA ASP B 173 4.18 16.52 -40.20
C ASP B 173 5.71 16.49 -40.09
N LYS B 174 6.24 15.78 -39.09
CA LYS B 174 7.70 15.65 -38.92
C LYS B 174 8.30 14.60 -39.85
N ILE B 175 7.46 13.96 -40.66
CA ILE B 175 7.94 13.08 -41.72
C ILE B 175 7.64 13.63 -43.12
N TYR B 176 6.41 14.08 -43.34
CA TYR B 176 5.94 14.47 -44.67
C TYR B 176 5.96 15.98 -44.85
N GLY B 177 6.21 16.71 -43.77
CA GLY B 177 6.47 18.14 -43.80
C GLY B 177 7.96 18.40 -43.59
N LYS B 178 8.28 19.38 -42.75
CA LYS B 178 9.64 19.67 -42.37
C LYS B 178 10.16 18.53 -41.45
N ILE B 179 11.11 17.77 -41.96
CA ILE B 179 11.59 16.60 -41.28
C ILE B 179 12.40 16.99 -40.07
N LYS B 180 12.03 16.39 -38.93
CA LYS B 180 12.74 16.58 -37.69
C LYS B 180 12.92 15.25 -36.98
N LYS B 181 14.01 15.15 -36.23
CA LYS B 181 14.32 13.93 -35.49
C LYS B 181 15.22 14.30 -34.31
N ARG B 182 14.95 13.70 -33.16
CA ARG B 182 15.52 14.13 -31.90
C ARG B 182 16.97 13.77 -31.71
N LEU B 183 17.78 14.74 -31.32
CA LEU B 183 19.19 14.52 -31.00
C LEU B 183 19.34 13.78 -29.70
N LEU B 184 20.16 12.73 -29.74
CA LEU B 184 20.55 11.99 -28.53
C LEU B 184 22.03 12.08 -28.38
N TRP B 185 22.46 12.22 -27.14
CA TRP B 185 23.85 12.23 -26.79
C TRP B 185 24.20 10.91 -26.13
N GLY B 186 25.05 10.11 -26.74
CA GLY B 186 25.51 8.87 -26.17
C GLY B 186 26.85 9.06 -25.52
N SER B 187 26.93 8.70 -24.24
CA SER B 187 28.13 8.83 -23.45
C SER B 187 29.12 7.69 -23.78
N ASP B 188 30.39 7.88 -23.45
CA ASP B 188 31.37 6.82 -23.64
C ASP B 188 31.45 5.98 -22.37
N LEU B 189 31.82 4.72 -22.49
CA LEU B 189 31.79 3.82 -21.33
C LEU B 189 32.69 4.29 -20.15
N GLY B 190 33.88 4.83 -20.46
CA GLY B 190 34.75 5.38 -19.42
C GLY B 190 34.01 6.38 -18.57
N THR B 191 33.34 7.30 -19.24
CA THR B 191 32.62 8.34 -18.55
C THR B 191 31.40 7.78 -17.81
N MET B 192 30.77 6.74 -18.35
CA MET B 192 29.65 6.13 -17.67
C MET B 192 30.15 5.55 -16.37
N ILE B 193 31.33 4.91 -16.40
CA ILE B 193 31.89 4.29 -15.18
C ILE B 193 32.26 5.32 -14.13
N ARG B 194 32.92 6.39 -14.53
CA ARG B 194 33.29 7.42 -13.58
C ARG B 194 32.08 8.10 -12.99
N ALA B 195 31.11 8.44 -13.81
CA ALA B 195 29.92 9.15 -13.33
C ALA B 195 29.03 8.25 -12.44
N ALA B 196 28.94 6.97 -12.79
CA ALA B 196 28.24 5.98 -11.98
C ALA B 196 28.84 5.87 -10.58
N ARG B 197 30.14 5.56 -10.49
CA ARG B 197 30.81 5.56 -9.16
C ARG B 197 30.68 6.88 -8.44
N ALA B 198 30.93 7.97 -9.15
CA ALA B 198 30.97 9.27 -8.52
C ALA B 198 29.59 9.68 -8.00
N PHE B 199 28.55 9.44 -8.79
CA PHE B 199 27.23 10.00 -8.50
C PHE B 199 26.11 9.02 -8.23
N GLY B 200 26.34 7.73 -8.48
CA GLY B 200 25.36 6.68 -8.14
C GLY B 200 24.74 6.82 -6.74
N PRO B 201 25.59 7.02 -5.73
CA PRO B 201 25.09 7.15 -4.37
C PRO B 201 24.10 8.29 -4.25
N PHE B 202 24.50 9.48 -4.68
CA PHE B 202 23.62 10.62 -4.58
C PHE B 202 22.33 10.34 -5.34
N CYS B 203 22.42 9.69 -6.49
CA CYS B 203 21.18 9.44 -7.27
C CYS B 203 20.28 8.44 -6.55
N ASP B 204 20.88 7.45 -5.89
CA ASP B 204 20.14 6.50 -5.04
C ASP B 204 19.45 7.19 -3.87
N ALA B 205 20.16 8.11 -3.21
CA ALA B 205 19.61 8.80 -2.07
C ALA B 205 18.41 9.61 -2.48
N LEU B 206 18.55 10.36 -3.57
CA LEU B 206 17.46 11.17 -4.15
C LEU B 206 16.24 10.33 -4.55
N LYS B 207 16.49 9.16 -5.14
CA LYS B 207 15.44 8.24 -5.56
C LYS B 207 14.62 7.80 -4.35
N GLU B 208 15.28 7.53 -3.23
CA GLU B 208 14.58 7.19 -1.98
C GLU B 208 13.69 8.30 -1.42
N THR B 209 13.90 9.55 -1.85
CA THR B 209 13.09 10.69 -1.40
C THR B 209 12.24 11.26 -2.52
N CYS B 210 12.00 10.46 -3.56
CA CYS B 210 11.23 10.96 -4.68
C CYS B 210 9.84 11.47 -4.30
N ILE B 211 9.26 11.05 -3.18
CA ILE B 211 7.90 11.53 -2.82
C ILE B 211 7.86 12.85 -2.04
N PHE B 212 8.82 13.11 -1.16
CA PHE B 212 8.81 14.37 -0.44
C PHE B 212 9.80 15.41 -0.97
N ASN B 213 10.75 15.00 -1.81
CA ASN B 213 11.52 15.97 -2.61
C ASN B 213 11.00 16.08 -4.06
N PRO B 214 11.22 17.24 -4.70
CA PRO B 214 10.59 17.49 -5.99
C PRO B 214 11.25 16.79 -7.19
N ILE B 215 12.44 16.26 -7.04
CA ILE B 215 13.03 15.54 -8.15
C ILE B 215 12.42 14.14 -8.14
N ARG B 216 11.44 13.93 -9.02
CA ARG B 216 10.68 12.69 -9.01
C ARG B 216 11.35 11.49 -9.70
N VAL B 217 12.61 11.64 -10.11
CA VAL B 217 13.28 10.56 -10.79
C VAL B 217 13.22 9.29 -9.93
N GLY B 218 12.81 8.19 -10.54
CA GLY B 218 12.66 6.91 -9.84
C GLY B 218 11.27 6.63 -9.29
N MET B 219 10.36 7.59 -9.42
CA MET B 219 8.98 7.39 -9.00
C MET B 219 8.29 6.30 -9.83
N SER B 220 7.28 5.68 -9.25
CA SER B 220 6.38 4.80 -9.96
C SER B 220 5.07 5.53 -10.09
N MET B 221 4.57 5.68 -11.31
CA MET B 221 3.39 6.48 -11.53
C MET B 221 2.19 5.90 -10.79
N ASN B 222 2.02 4.58 -10.85
CA ASN B 222 0.85 3.97 -10.25
C ASN B 222 0.95 3.87 -8.73
N GLU B 223 2.12 3.54 -8.20
CA GLU B 223 2.27 3.46 -6.74
C GLU B 223 2.45 4.83 -6.08
N ASP B 224 3.29 5.69 -6.64
CA ASP B 224 3.65 6.93 -5.99
C ASP B 224 2.83 8.14 -6.44
N GLY B 225 2.21 8.05 -7.61
CA GLY B 225 1.46 9.18 -8.20
C GLY B 225 0.34 9.70 -7.34
N PRO B 226 -0.48 8.80 -6.81
CA PRO B 226 -1.58 9.28 -5.98
C PRO B 226 -1.15 10.12 -4.80
N PHE B 227 0.00 9.81 -4.20
CA PHE B 227 0.45 10.52 -3.03
C PHE B 227 1.09 11.83 -3.53
N ILE B 228 2.01 11.75 -4.48
CA ILE B 228 2.63 12.96 -5.05
C ILE B 228 1.59 14.02 -5.49
N PHE B 229 0.53 13.60 -6.16
CA PHE B 229 -0.45 14.55 -6.67
C PHE B 229 -1.35 15.05 -5.55
N ALA B 230 -1.67 14.21 -4.56
CA ALA B 230 -2.39 14.69 -3.38
C ALA B 230 -1.62 15.79 -2.69
N ARG B 231 -0.31 15.64 -2.54
CA ARG B 231 0.50 16.73 -2.01
C ARG B 231 0.39 18.00 -2.83
N HIS B 232 0.51 17.91 -4.18
CA HIS B 232 0.36 19.12 -5.01
C HIS B 232 -0.99 19.75 -4.77
N ALA B 233 -1.99 18.92 -4.58
CA ALA B 233 -3.35 19.41 -4.50
C ALA B 233 -3.59 20.22 -3.22
N ASN B 234 -2.71 20.08 -2.24
CA ASN B 234 -2.80 20.90 -1.02
C ASN B 234 -2.44 22.37 -1.20
N PHE B 235 -2.06 22.75 -2.41
CA PHE B 235 -1.70 24.14 -2.71
C PHE B 235 -2.73 24.76 -3.62
N ARG B 236 -2.74 26.07 -3.64
CA ARG B 236 -3.85 26.82 -4.23
C ARG B 236 -3.81 26.86 -5.75
N TYR B 237 -2.63 27.17 -6.28
CA TYR B 237 -2.48 27.45 -7.71
C TYR B 237 -1.54 26.45 -8.34
N HIS B 238 -1.86 26.07 -9.57
CA HIS B 238 -1.04 25.11 -10.34
C HIS B 238 -0.74 25.57 -11.77
N MET B 239 0.44 25.20 -12.24
CA MET B 239 0.87 25.53 -13.59
C MET B 239 1.96 24.61 -14.13
N ASP B 240 2.08 24.63 -15.45
CA ASP B 240 3.11 23.91 -16.18
C ASP B 240 3.66 24.85 -17.25
N ALA B 241 4.92 25.22 -17.14
CA ALA B 241 5.56 26.08 -18.15
C ALA B 241 5.71 25.44 -19.54
N ASP B 242 5.62 24.10 -19.61
CA ASP B 242 5.68 23.39 -20.91
C ASP B 242 6.78 23.90 -21.86
N TYR B 243 8.03 23.70 -21.47
CA TYR B 243 9.16 24.30 -22.15
C TYR B 243 9.51 23.60 -23.47
N THR B 244 9.93 24.44 -24.44
CA THR B 244 10.51 24.01 -25.71
C THR B 244 12.04 23.91 -25.60
N ARG B 245 12.61 22.82 -26.11
CA ARG B 245 14.06 22.68 -26.21
C ARG B 245 14.79 23.01 -24.91
N TRP B 246 14.34 22.41 -23.82
CA TRP B 246 14.93 22.68 -22.51
C TRP B 246 16.41 22.43 -22.48
N ASP B 247 16.81 21.27 -22.95
CA ASP B 247 18.19 20.80 -22.80
C ASP B 247 19.19 21.73 -23.48
N SER B 248 18.83 22.20 -24.67
CA SER B 248 19.73 22.98 -25.49
C SER B 248 19.71 24.43 -25.09
N THR B 249 18.69 24.87 -24.34
CA THR B 249 18.67 26.24 -23.81
C THR B 249 19.37 26.36 -22.45
N GLN B 250 19.92 25.29 -21.92
CA GLN B 250 20.56 25.35 -20.61
C GLN B 250 21.87 26.12 -20.61
N GLN B 251 22.18 26.74 -19.47
CA GLN B 251 23.45 27.41 -19.26
C GLN B 251 24.34 26.52 -18.44
N ARG B 252 25.58 26.34 -18.88
CA ARG B 252 26.53 25.55 -18.11
C ARG B 252 26.89 26.16 -16.77
N ALA B 253 26.70 27.47 -16.60
CA ALA B 253 26.94 28.07 -15.28
C ALA B 253 25.87 27.61 -14.27
N ILE B 254 24.63 27.48 -14.73
CA ILE B 254 23.57 26.93 -13.87
C ILE B 254 23.89 25.45 -13.56
N LEU B 255 24.12 24.64 -14.60
CA LEU B 255 24.43 23.23 -14.40
C LEU B 255 25.63 23.04 -13.46
N LYS B 256 26.53 24.01 -13.43
CA LYS B 256 27.68 23.97 -12.55
C LYS B 256 27.24 24.05 -11.08
N ARG B 257 26.26 24.91 -10.83
CA ARG B 257 25.70 25.10 -9.49
C ARG B 257 24.97 23.84 -9.05
N ALA B 258 24.12 23.29 -9.93
CA ALA B 258 23.52 21.97 -9.69
C ALA B 258 24.57 20.94 -9.39
N GLY B 259 25.60 20.90 -10.22
CA GLY B 259 26.65 19.89 -10.07
C GLY B 259 27.41 20.03 -8.78
N ASP B 260 27.61 21.28 -8.34
CA ASP B 260 28.34 21.58 -7.10
C ASP B 260 27.67 20.90 -5.92
N ILE B 261 26.35 21.01 -5.91
CA ILE B 261 25.52 20.40 -4.90
C ILE B 261 25.68 18.87 -4.93
N MET B 262 25.64 18.26 -6.11
CA MET B 262 25.75 16.82 -6.20
C MET B 262 27.10 16.37 -5.69
N VAL B 263 28.13 17.14 -6.02
CA VAL B 263 29.47 16.80 -5.59
C VAL B 263 29.56 16.83 -4.06
N ARG B 264 29.11 17.92 -3.44
CA ARG B 264 29.22 18.12 -1.99
C ARG B 264 28.40 17.10 -1.20
N LEU B 265 27.29 16.65 -1.79
CA LEU B 265 26.46 15.68 -1.15
C LEU B 265 26.81 14.26 -1.54
N SER B 266 27.98 14.05 -2.16
CA SER B 266 28.45 12.70 -2.47
C SER B 266 29.43 12.22 -1.40
N PRO B 267 29.59 10.89 -1.27
CA PRO B 267 30.53 10.31 -0.31
C PRO B 267 32.04 10.39 -0.64
N GLU B 268 32.41 10.61 -1.90
CA GLU B 268 33.81 10.84 -2.27
C GLU B 268 33.90 12.12 -3.08
N PRO B 269 33.67 13.27 -2.42
CA PRO B 269 33.48 14.54 -3.12
C PRO B 269 34.69 15.06 -3.87
N ASP B 270 35.88 14.56 -3.59
CA ASP B 270 37.04 15.05 -4.28
C ASP B 270 37.17 14.28 -5.58
N LEU B 271 37.04 12.96 -5.49
CA LEU B 271 36.94 12.10 -6.66
C LEU B 271 35.78 12.52 -7.58
N ALA B 272 34.66 12.88 -6.97
CA ALA B 272 33.46 13.30 -7.70
C ALA B 272 33.59 14.64 -8.38
N ARG B 273 34.44 15.50 -7.83
CA ARG B 273 34.61 16.86 -8.33
C ARG B 273 35.40 16.75 -9.65
N VAL B 274 36.43 15.93 -9.68
CA VAL B 274 37.11 15.70 -10.94
C VAL B 274 36.11 15.25 -12.01
N VAL B 275 35.24 14.31 -11.66
CA VAL B 275 34.31 13.78 -12.64
C VAL B 275 33.35 14.86 -13.14
N MET B 276 32.82 15.66 -12.22
CA MET B 276 31.81 16.66 -12.60
C MET B 276 32.43 17.76 -13.46
N ASP B 277 33.68 18.11 -13.18
CA ASP B 277 34.38 19.13 -13.96
C ASP B 277 34.51 18.67 -15.41
N ASP B 278 34.85 17.39 -15.58
CA ASP B 278 34.92 16.77 -16.89
C ASP B 278 33.55 16.75 -17.61
N LEU B 279 32.49 16.44 -16.89
CA LEU B 279 31.18 16.39 -17.52
C LEU B 279 30.75 17.76 -17.98
N LEU B 280 31.13 18.80 -17.24
CA LEU B 280 30.65 20.15 -17.54
C LEU B 280 31.61 21.01 -18.37
N ALA B 281 32.83 20.52 -18.58
CA ALA B 281 33.75 21.17 -19.50
C ALA B 281 33.16 21.13 -20.92
N PRO B 282 33.65 21.99 -21.83
CA PRO B 282 33.13 21.95 -23.18
C PRO B 282 33.18 20.53 -23.74
N SER B 283 32.07 20.12 -24.35
CA SER B 283 31.84 18.71 -24.64
C SER B 283 32.23 18.38 -26.07
N LEU B 284 33.05 17.36 -26.20
CA LEU B 284 33.42 16.82 -27.48
C LEU B 284 32.28 15.92 -27.94
N LEU B 285 31.61 16.28 -29.04
CA LEU B 285 30.48 15.51 -29.57
C LEU B 285 30.82 15.00 -30.95
N ASP B 286 30.79 13.68 -31.12
CA ASP B 286 31.21 12.99 -32.36
C ASP B 286 30.00 12.84 -33.26
N VAL B 287 29.99 13.57 -34.37
CA VAL B 287 28.85 13.58 -35.28
C VAL B 287 29.14 12.77 -36.52
N GLY B 288 30.19 11.97 -36.48
CA GLY B 288 30.55 11.13 -37.63
C GLY B 288 31.83 11.63 -38.30
N ASP B 289 31.70 12.62 -39.14
CA ASP B 289 32.85 13.15 -39.87
C ASP B 289 33.76 13.90 -38.93
N TYR B 290 33.20 14.56 -37.93
CA TYR B 290 34.01 15.33 -37.00
C TYR B 290 33.53 15.14 -35.58
N LYS B 291 34.45 15.31 -34.64
CA LYS B 291 34.08 15.66 -33.29
C LYS B 291 34.01 17.20 -33.19
N ILE B 292 32.90 17.71 -32.68
CA ILE B 292 32.73 19.14 -32.48
C ILE B 292 32.65 19.53 -31.00
N VAL B 293 32.94 20.78 -30.71
CA VAL B 293 32.98 21.29 -29.35
C VAL B 293 31.66 21.97 -29.07
N VAL B 294 30.97 21.51 -28.03
CA VAL B 294 29.69 22.08 -27.65
C VAL B 294 29.89 22.65 -26.27
N GLU B 295 29.91 23.98 -26.19
CA GLU B 295 30.28 24.69 -24.97
C GLU B 295 29.12 24.88 -24.01
N GLU B 296 27.91 24.99 -24.56
CA GLU B 296 26.73 25.35 -23.78
C GLU B 296 25.61 24.30 -23.91
N GLY B 297 24.55 24.43 -23.12
CA GLY B 297 23.49 23.42 -23.13
C GLY B 297 23.82 22.21 -22.27
N LEU B 298 22.88 21.27 -22.22
CA LEU B 298 23.04 20.09 -21.38
C LEU B 298 23.68 18.95 -22.15
N PRO B 299 24.83 18.47 -21.67
CA PRO B 299 25.44 17.27 -22.22
C PRO B 299 24.78 16.05 -21.61
N SER B 300 23.76 15.54 -22.30
CA SER B 300 22.78 14.63 -21.70
C SER B 300 23.07 13.15 -21.91
N GLY B 301 24.31 12.74 -21.68
CA GLY B 301 24.69 11.35 -21.92
C GLY B 301 24.83 10.42 -20.72
N CYS B 302 25.37 10.92 -19.60
CA CYS B 302 25.73 10.05 -18.46
C CYS B 302 24.51 9.64 -17.61
N PRO B 303 24.66 8.62 -16.74
CA PRO B 303 23.50 8.14 -15.96
C PRO B 303 22.76 9.24 -15.16
N CYS B 304 23.55 10.11 -14.53
CA CYS B 304 23.05 11.12 -13.61
C CYS B 304 22.54 12.41 -14.26
N THR B 305 22.50 12.49 -15.60
CA THR B 305 22.19 13.79 -16.22
C THR B 305 20.76 14.19 -15.91
N THR B 306 19.87 13.23 -15.75
CA THR B 306 18.48 13.58 -15.50
C THR B 306 18.32 14.26 -14.17
N GLN B 307 19.07 13.78 -13.17
CA GLN B 307 18.97 14.33 -11.84
C GLN B 307 19.61 15.71 -11.87
N LEU B 308 20.78 15.78 -12.48
CA LEU B 308 21.49 17.06 -12.64
C LEU B 308 20.57 18.13 -13.25
N ASN B 309 19.84 17.74 -14.28
CA ASN B 309 18.99 18.60 -15.07
C ASN B 309 17.78 18.95 -14.27
N SER B 310 17.30 18.00 -13.48
CA SER B 310 16.13 18.25 -12.62
C SER B 310 16.48 19.28 -11.54
N LEU B 311 17.68 19.14 -11.03
CA LEU B 311 18.23 20.06 -10.08
C LEU B 311 18.39 21.47 -10.67
N ALA B 312 18.87 21.55 -11.89
CA ALA B 312 18.92 22.84 -12.59
C ALA B 312 17.54 23.42 -12.77
N HIS B 313 16.58 22.57 -13.13
CA HIS B 313 15.20 23.00 -13.34
C HIS B 313 14.63 23.64 -12.04
N TRP B 314 14.98 23.05 -10.90
CA TRP B 314 14.51 23.46 -9.59
C TRP B 314 15.15 24.82 -9.23
N ILE B 315 16.46 24.95 -9.47
CA ILE B 315 17.15 26.24 -9.30
C ILE B 315 16.49 27.37 -10.11
N LEU B 316 16.24 27.13 -11.40
CA LEU B 316 15.67 28.18 -12.26
C LEU B 316 14.23 28.56 -11.91
N THR B 317 13.40 27.54 -11.68
CA THR B 317 12.03 27.76 -11.28
C THR B 317 12.00 28.55 -9.98
N LEU B 318 12.80 28.14 -9.01
CA LEU B 318 12.81 28.86 -7.73
C LEU B 318 13.28 30.32 -7.91
N CYS B 319 14.39 30.53 -8.65
CA CYS B 319 14.90 31.89 -8.94
C CYS B 319 13.83 32.75 -9.56
N ALA B 320 13.14 32.21 -10.56
CA ALA B 320 12.10 32.97 -11.20
C ALA B 320 11.08 33.41 -10.17
N MET B 321 10.68 32.47 -9.30
CA MET B 321 9.70 32.75 -8.26
C MET B 321 10.18 33.75 -7.19
N VAL B 322 11.42 33.62 -6.76
CA VAL B 322 11.96 34.59 -5.82
C VAL B 322 12.09 35.97 -6.45
N GLU B 323 12.32 36.01 -7.77
CA GLU B 323 12.40 37.29 -8.49
C GLU B 323 11.05 38.01 -8.53
N VAL B 324 10.00 37.30 -8.93
CA VAL B 324 8.69 37.93 -9.08
C VAL B 324 8.04 38.36 -7.76
N THR B 325 8.35 37.63 -6.68
CA THR B 325 7.67 37.82 -5.41
C THR B 325 8.51 38.58 -4.38
N ARG B 326 9.83 38.41 -4.45
CA ARG B 326 10.80 38.97 -3.48
C ARG B 326 10.81 38.24 -2.14
N VAL B 327 10.03 37.16 -2.04
CA VAL B 327 10.00 36.33 -0.85
C VAL B 327 11.28 35.50 -0.78
N ASP B 328 11.80 35.28 0.42
CA ASP B 328 12.94 34.40 0.59
C ASP B 328 12.64 32.95 0.07
N PRO B 329 13.69 32.23 -0.36
CA PRO B 329 13.55 30.91 -0.96
C PRO B 329 12.90 29.89 -0.07
N ASP B 330 13.37 29.83 1.18
CA ASP B 330 12.80 28.92 2.14
C ASP B 330 11.28 29.13 2.27
N ILE B 331 10.82 30.38 2.25
CA ILE B 331 9.38 30.62 2.38
C ILE B 331 8.65 30.17 1.13
N VAL B 332 9.24 30.41 -0.04
CA VAL B 332 8.58 29.99 -1.29
C VAL B 332 8.40 28.48 -1.30
N MET B 333 9.42 27.77 -0.83
CA MET B 333 9.42 26.31 -0.77
C MET B 333 8.34 25.81 0.17
N GLN B 334 8.20 26.46 1.32
CA GLN B 334 7.08 26.15 2.23
C GLN B 334 5.72 26.42 1.61
N GLU B 335 5.62 27.37 0.70
CA GLU B 335 4.32 27.69 0.11
C GLU B 335 4.06 26.99 -1.22
N SER B 336 4.91 26.02 -1.57
CA SER B 336 4.85 25.41 -2.87
C SER B 336 5.20 23.93 -2.84
N GLU B 337 4.74 23.19 -3.85
CA GLU B 337 5.15 21.80 -4.10
C GLU B 337 5.51 21.72 -5.58
N PHE B 338 6.72 21.28 -5.86
CA PHE B 338 7.18 21.11 -7.22
C PHE B 338 7.29 19.62 -7.58
N SER B 339 7.08 19.30 -8.85
CA SER B 339 7.65 18.08 -9.42
C SER B 339 8.49 18.43 -10.65
N PHE B 340 9.69 17.84 -10.70
CA PHE B 340 10.57 17.96 -11.83
C PHE B 340 11.07 16.59 -12.21
N TYR B 341 11.09 16.33 -13.52
CA TYR B 341 11.74 15.17 -14.11
C TYR B 341 12.39 15.71 -15.38
N GLY B 342 13.65 16.10 -15.27
CA GLY B 342 14.32 16.82 -16.35
C GLY B 342 13.59 18.10 -16.70
N ASP B 343 13.10 18.21 -17.92
CA ASP B 343 12.35 19.38 -18.36
C ASP B 343 10.88 19.36 -17.97
N ASP B 344 10.38 18.20 -17.55
CA ASP B 344 8.95 18.08 -17.24
C ASP B 344 8.70 18.67 -15.85
N GLU B 345 7.62 19.39 -15.66
CA GLU B 345 7.38 20.00 -14.38
C GLU B 345 5.93 19.99 -14.08
N VAL B 346 5.65 20.06 -12.80
CA VAL B 346 4.39 20.59 -12.30
C VAL B 346 4.80 21.55 -11.19
N VAL B 347 4.22 22.74 -11.18
CA VAL B 347 4.49 23.74 -10.14
C VAL B 347 3.18 24.16 -9.46
N SER B 348 3.11 23.90 -8.15
CA SER B 348 1.93 24.20 -7.35
C SER B 348 2.37 25.15 -6.26
N THR B 349 1.56 26.18 -6.02
CA THR B 349 1.89 27.18 -4.99
C THR B 349 0.67 27.88 -4.41
N ASN B 350 0.84 28.38 -3.21
CA ASN B 350 -0.14 29.31 -2.63
C ASN B 350 0.12 30.76 -3.00
N LEU B 351 1.36 31.06 -3.38
CA LEU B 351 1.73 32.41 -3.80
C LEU B 351 1.03 32.74 -5.11
N GLU B 352 0.18 33.76 -5.11
CA GLU B 352 -0.44 34.24 -6.34
C GLU B 352 0.57 35.03 -7.17
N LEU B 353 1.23 34.35 -8.12
CA LEU B 353 2.31 34.95 -8.92
C LEU B 353 1.76 35.86 -9.98
N ASP B 354 2.48 36.97 -10.22
CA ASP B 354 2.30 37.82 -11.41
C ASP B 354 2.80 37.02 -12.62
N MET B 355 1.86 36.39 -13.33
CA MET B 355 2.23 35.45 -14.40
C MET B 355 2.99 36.09 -15.56
N VAL B 356 2.67 37.36 -15.87
CA VAL B 356 3.42 38.12 -16.88
C VAL B 356 4.88 38.19 -16.46
N LYS B 357 5.12 38.63 -15.24
CA LYS B 357 6.47 38.89 -14.78
C LYS B 357 7.25 37.58 -14.63
N TYR B 358 6.53 36.50 -14.28
CA TYR B 358 7.12 35.16 -14.11
C TYR B 358 7.55 34.65 -15.48
N THR B 359 6.64 34.69 -16.45
CA THR B 359 6.98 34.31 -17.81
C THR B 359 8.19 35.11 -18.33
N MET B 360 8.14 36.44 -18.19
CA MET B 360 9.25 37.29 -18.59
C MET B 360 10.59 36.93 -17.93
N ALA B 361 10.57 36.45 -16.70
CA ALA B 361 11.84 36.13 -16.01
C ALA B 361 12.43 34.81 -16.50
N LEU B 362 11.56 33.86 -16.83
CA LEU B 362 12.00 32.60 -17.43
C LEU B 362 12.65 32.91 -18.77
N ARG B 363 11.92 33.66 -19.61
CA ARG B 363 12.41 34.07 -20.93
C ARG B 363 13.75 34.78 -20.83
N ARG B 364 13.87 35.66 -19.86
CA ARG B 364 15.13 36.35 -19.62
CA ARG B 364 15.13 36.36 -19.61
C ARG B 364 16.27 35.35 -19.40
N TYR B 365 15.96 34.20 -18.79
CA TYR B 365 17.01 33.21 -18.46
C TYR B 365 17.46 32.37 -19.65
N GLY B 366 16.76 32.47 -20.77
CA GLY B 366 17.07 31.69 -21.99
C GLY B 366 16.00 30.66 -22.29
N LEU B 367 15.09 30.45 -21.35
CA LEU B 367 14.20 29.33 -21.41
C LEU B 367 13.06 29.68 -22.32
N LEU B 368 12.36 28.67 -22.84
CA LEU B 368 11.27 28.89 -23.77
C LEU B 368 9.94 28.32 -23.27
N PRO B 369 9.36 28.95 -22.24
CA PRO B 369 8.01 28.56 -21.82
C PRO B 369 7.03 28.70 -22.96
N THR B 370 6.00 27.88 -22.97
CA THR B 370 4.94 27.98 -23.96
C THR B 370 3.58 27.75 -23.35
N ARG B 371 2.63 28.58 -23.76
CA ARG B 371 1.24 28.40 -23.41
C ARG B 371 0.71 27.22 -24.21
N ALA B 372 -0.43 26.68 -23.78
CA ALA B 372 -1.05 25.55 -24.47
C ALA B 372 -1.44 25.91 -25.91
N ASP B 373 -1.98 27.11 -26.10
CA ASP B 373 -2.32 27.63 -27.42
C ASP B 373 -1.10 28.09 -28.26
N LYS B 374 0.11 27.95 -27.73
CA LYS B 374 1.35 28.29 -28.44
C LYS B 374 1.45 29.76 -28.85
N GLU B 375 0.51 30.58 -28.37
CA GLU B 375 0.48 32.00 -28.68
C GLU B 375 1.48 32.71 -27.81
N GLU B 376 1.76 33.97 -28.14
CA GLU B 376 2.54 34.83 -27.26
C GLU B 376 1.66 35.24 -26.07
N GLY B 377 2.27 35.88 -25.10
CA GLY B 377 1.60 36.20 -23.84
C GLY B 377 2.17 35.38 -22.70
N PRO B 378 1.51 35.44 -21.53
CA PRO B 378 2.07 34.84 -20.34
C PRO B 378 1.52 33.45 -20.04
N LEU B 379 2.25 32.71 -19.23
CA LEU B 379 1.80 31.40 -18.81
C LEU B 379 0.47 31.56 -18.07
N GLU B 380 -0.39 30.58 -18.24
CA GLU B 380 -1.62 30.54 -17.50
C GLU B 380 -1.47 29.74 -16.20
N ARG B 381 -2.43 29.99 -15.31
CA ARG B 381 -2.42 29.48 -13.97
C ARG B 381 -3.84 29.04 -13.68
N ARG B 382 -3.98 27.98 -12.90
CA ARG B 382 -5.30 27.45 -12.55
C ARG B 382 -5.34 27.12 -11.07
N GLN B 383 -6.53 27.17 -10.49
CA GLN B 383 -6.72 26.84 -9.07
C GLN B 383 -7.12 25.37 -8.91
N THR B 384 -7.16 24.64 -10.02
CA THR B 384 -7.36 23.21 -9.98
C THR B 384 -6.19 22.51 -10.66
N LEU B 385 -5.85 21.33 -10.13
CA LEU B 385 -4.76 20.52 -10.61
C LEU B 385 -5.18 19.64 -11.79
N GLN B 386 -6.40 19.11 -11.80
CA GLN B 386 -6.86 18.30 -12.95
C GLN B 386 -6.55 19.02 -14.26
N GLY B 387 -5.98 18.27 -15.20
CA GLY B 387 -5.72 18.75 -16.54
C GLY B 387 -4.24 18.97 -16.81
N ILE B 388 -3.47 19.20 -15.75
CA ILE B 388 -2.03 19.35 -15.91
C ILE B 388 -1.44 17.97 -16.15
N SER B 389 -0.34 17.92 -16.90
CA SER B 389 0.33 16.68 -17.26
C SER B 389 1.71 16.55 -16.65
N PHE B 390 2.16 15.30 -16.49
CA PHE B 390 3.47 14.99 -15.96
C PHE B 390 3.85 13.55 -16.35
N LEU B 391 5.02 13.38 -16.93
CA LEU B 391 5.48 12.08 -17.44
C LEU B 391 4.46 11.47 -18.37
N ARG B 392 3.86 12.32 -19.19
CA ARG B 392 2.91 11.97 -20.27
C ARG B 392 1.50 11.52 -19.81
N ARG B 393 1.23 11.64 -18.51
CA ARG B 393 -0.08 11.35 -17.95
C ARG B 393 -0.77 12.62 -17.58
N ALA B 394 -2.08 12.66 -17.76
CA ALA B 394 -2.90 13.71 -17.18
C ALA B 394 -3.13 13.39 -15.69
N ILE B 395 -3.10 14.42 -14.86
CA ILE B 395 -3.40 14.26 -13.47
C ILE B 395 -4.89 14.36 -13.33
N VAL B 396 -5.49 13.38 -12.66
CA VAL B 396 -6.92 13.28 -12.55
C VAL B 396 -7.26 12.99 -11.10
N GLY B 397 -8.39 13.52 -10.65
CA GLY B 397 -8.83 13.30 -9.27
C GLY B 397 -10.31 12.94 -9.19
N ASP B 398 -10.66 12.10 -8.22
CA ASP B 398 -12.04 11.64 -8.00
C ASP B 398 -12.24 11.22 -6.54
N GLN B 399 -13.32 10.53 -6.22
CA GLN B 399 -13.62 10.11 -4.82
C GLN B 399 -12.48 9.31 -4.19
N PHE B 400 -11.82 8.51 -5.02
CA PHE B 400 -10.78 7.66 -4.48
C PHE B 400 -9.43 8.35 -4.31
N GLY B 401 -9.28 9.55 -4.88
CA GLY B 401 -7.99 10.26 -4.85
C GLY B 401 -7.47 10.67 -6.24
N TRP B 402 -6.17 10.92 -6.30
CA TRP B 402 -5.53 11.38 -7.54
C TRP B 402 -4.74 10.29 -8.22
N TYR B 403 -4.61 10.43 -9.54
CA TYR B 403 -3.85 9.48 -10.32
C TYR B 403 -3.44 10.03 -11.67
N GLY B 404 -2.50 9.32 -12.30
CA GLY B 404 -2.02 9.68 -13.62
C GLY B 404 -2.67 8.79 -14.65
N ARG B 405 -3.31 9.41 -15.65
CA ARG B 405 -3.92 8.67 -16.74
C ARG B 405 -3.29 9.02 -18.09
N LEU B 406 -2.80 7.98 -18.76
CA LEU B 406 -2.30 8.13 -20.11
C LEU B 406 -3.44 8.53 -21.04
N ASP B 407 -3.21 9.56 -21.87
CA ASP B 407 -4.20 10.01 -22.83
C ASP B 407 -4.58 8.91 -23.87
N ARG B 408 -5.80 9.02 -24.38
CA ARG B 408 -6.39 8.08 -25.33
C ARG B 408 -5.58 7.95 -26.62
N ALA B 409 -5.10 9.09 -27.11
CA ALA B 409 -4.29 9.09 -28.32
C ALA B 409 -3.08 8.20 -28.13
N SER B 410 -2.41 8.32 -26.97
CA SER B 410 -1.25 7.48 -26.65
C SER B 410 -1.62 6.00 -26.56
N ILE B 411 -2.76 5.72 -25.94
CA ILE B 411 -3.22 4.34 -25.85
C ILE B 411 -3.49 3.79 -27.24
N ASP B 412 -4.19 4.57 -28.07
CA ASP B 412 -4.62 4.11 -29.38
C ASP B 412 -3.38 3.79 -30.23
N ARG B 413 -2.41 4.68 -30.15
CA ARG B 413 -1.16 4.56 -30.85
C ARG B 413 -0.36 3.30 -30.48
N GLN B 414 -0.33 2.93 -29.20
CA GLN B 414 0.31 1.66 -28.82
C GLN B 414 -0.41 0.41 -29.31
N LEU B 415 -1.67 0.57 -29.72
CA LEU B 415 -2.41 -0.53 -30.33
C LEU B 415 -2.07 -0.65 -31.79
N LEU B 416 -1.65 0.46 -32.41
CA LEU B 416 -1.30 0.46 -33.84
C LEU B 416 0.13 -0.01 -34.13
N TRP B 417 1.02 0.09 -33.15
CA TRP B 417 2.43 -0.27 -33.33
C TRP B 417 2.95 -1.22 -32.23
N THR B 418 3.95 -2.04 -32.54
CA THR B 418 4.62 -2.86 -31.53
C THR B 418 6.14 -2.89 -31.74
N LYS B 419 6.89 -3.18 -30.68
CA LYS B 419 8.35 -3.21 -30.81
C LYS B 419 8.84 -4.58 -31.28
N GLY B 420 9.78 -4.57 -32.20
CA GLY B 420 10.46 -5.79 -32.63
C GLY B 420 11.85 -5.48 -33.08
N PRO B 421 12.46 -6.41 -33.84
CA PRO B 421 13.79 -6.16 -34.34
C PRO B 421 13.80 -5.02 -35.32
N ASN B 422 14.96 -4.40 -35.49
CA ASN B 422 15.09 -3.31 -36.42
C ASN B 422 14.80 -3.78 -37.85
N HIS B 423 14.06 -2.96 -38.57
CA HIS B 423 13.76 -3.16 -39.96
C HIS B 423 13.57 -1.83 -40.68
N GLN B 424 13.48 -1.89 -42.00
CA GLN B 424 13.52 -0.73 -42.87
C GLN B 424 12.14 -0.18 -43.20
N ASN B 425 11.13 -1.06 -43.29
CA ASN B 425 9.78 -0.65 -43.62
C ASN B 425 8.85 -0.73 -42.40
N PRO B 426 8.50 0.44 -41.83
CA PRO B 426 7.62 0.47 -40.67
C PRO B 426 6.29 -0.27 -40.86
N PHE B 427 5.73 -0.21 -42.08
CA PHE B 427 4.37 -0.75 -42.30
C PHE B 427 4.32 -2.28 -42.38
N GLU B 428 5.47 -2.95 -42.35
CA GLU B 428 5.48 -4.38 -42.24
C GLU B 428 4.93 -4.85 -40.91
N THR B 429 4.24 -5.96 -40.92
CA THR B 429 3.82 -6.59 -39.69
C THR B 429 4.78 -7.74 -39.32
N LEU B 430 4.79 -8.07 -38.04
CA LEU B 430 5.65 -9.10 -37.46
C LEU B 430 5.03 -10.44 -37.80
N PRO B 431 5.80 -11.36 -38.41
CA PRO B 431 5.13 -12.56 -38.95
C PRO B 431 4.57 -13.51 -37.89
N GLY B 432 5.13 -13.44 -36.68
CA GLY B 432 4.63 -14.23 -35.54
C GLY B 432 3.58 -13.50 -34.74
N HIS B 433 3.44 -12.19 -35.00
CA HIS B 433 2.44 -11.32 -34.36
C HIS B 433 2.76 -11.00 -32.88
N GLN B 435 2.80 -10.47 -29.77
CA GLN B 435 3.14 -11.41 -28.69
C GLN B 435 3.49 -10.67 -27.37
N ARG B 436 2.54 -9.87 -26.86
CA ARG B 436 2.82 -8.95 -25.74
C ARG B 436 1.68 -8.91 -24.71
N PRO B 437 1.42 -10.05 -24.06
CA PRO B 437 0.29 -10.10 -23.14
C PRO B 437 0.39 -9.03 -22.05
N SER B 438 1.60 -8.78 -21.57
CA SER B 438 1.82 -7.85 -20.46
C SER B 438 1.35 -6.43 -20.80
N GLN B 439 1.78 -5.93 -21.95
CA GLN B 439 1.47 -4.57 -22.38
C GLN B 439 0.00 -4.43 -22.68
N LEU B 440 -0.58 -5.42 -23.37
CA LEU B 440 -2.01 -5.45 -23.61
C LEU B 440 -2.81 -5.23 -22.29
N MET B 441 -2.40 -5.87 -21.21
CA MET B 441 -3.12 -5.77 -19.94
C MET B 441 -2.96 -4.36 -19.37
N ALA B 442 -1.73 -3.86 -19.39
CA ALA B 442 -1.45 -2.47 -19.01
C ALA B 442 -2.34 -1.49 -19.81
N LEU B 443 -2.41 -1.68 -21.11
CA LEU B 443 -3.24 -0.86 -21.97
C LEU B 443 -4.70 -0.93 -21.55
N LEU B 444 -5.18 -2.14 -21.27
CA LEU B 444 -6.51 -2.31 -20.72
C LEU B 444 -6.64 -1.50 -19.44
N GLY B 445 -5.64 -1.57 -18.58
CA GLY B 445 -5.62 -0.77 -17.34
C GLY B 445 -5.76 0.71 -17.61
N GLU B 446 -4.98 1.21 -18.56
CA GLU B 446 -5.00 2.63 -18.90
C GLU B 446 -6.35 3.06 -19.48
N ALA B 447 -6.93 2.20 -20.30
CA ALA B 447 -8.22 2.46 -20.95
C ALA B 447 -9.36 2.45 -19.94
N ALA B 448 -9.25 1.57 -18.95
CA ALA B 448 -10.26 1.47 -17.92
C ALA B 448 -10.46 2.82 -17.23
N MET B 449 -9.38 3.54 -17.01
CA MET B 449 -9.45 4.80 -16.31
C MET B 449 -10.20 5.89 -17.11
N HIS B 450 -10.49 5.63 -18.37
CA HIS B 450 -11.29 6.57 -19.20
C HIS B 450 -12.79 6.22 -19.19
N GLY B 451 -13.17 5.14 -18.53
CA GLY B 451 -14.58 4.81 -18.38
C GLY B 451 -14.93 3.66 -19.27
N GLU B 452 -16.06 3.04 -18.97
CA GLU B 452 -16.45 1.78 -19.60
C GLU B 452 -16.54 1.89 -21.12
N LYS B 453 -17.07 3.01 -21.58
CA LYS B 453 -17.33 3.18 -22.99
C LYS B 453 -16.03 3.09 -23.78
N TYR B 454 -14.99 3.86 -23.40
CA TYR B 454 -13.72 3.81 -24.12
C TYR B 454 -13.03 2.48 -23.87
N TYR B 455 -13.16 1.95 -22.65
CA TYR B 455 -12.60 0.66 -22.31
C TYR B 455 -13.11 -0.41 -23.26
N ARG B 456 -14.39 -0.35 -23.61
CA ARG B 456 -15.01 -1.35 -24.49
C ARG B 456 -14.38 -1.33 -25.88
N THR B 457 -14.10 -0.13 -26.38
CA THR B 457 -13.45 -0.01 -27.69
C THR B 457 -12.03 -0.61 -27.67
N VAL B 458 -11.29 -0.35 -26.59
CA VAL B 458 -9.92 -0.88 -26.48
C VAL B 458 -9.94 -2.40 -26.25
N ALA B 459 -10.80 -2.86 -25.36
CA ALA B 459 -10.91 -4.30 -25.08
C ALA B 459 -11.25 -5.06 -26.35
N SER B 460 -12.14 -4.46 -27.14
CA SER B 460 -12.46 -5.02 -28.42
C SER B 460 -11.19 -5.17 -29.27
N ARG B 461 -10.39 -4.12 -29.37
CA ARG B 461 -9.16 -4.21 -30.18
C ARG B 461 -8.14 -5.17 -29.56
N VAL B 462 -8.02 -5.17 -28.23
CA VAL B 462 -7.07 -6.06 -27.54
C VAL B 462 -7.37 -7.54 -27.77
N SER B 463 -8.66 -7.86 -27.86
CA SER B 463 -9.10 -9.22 -28.18
C SER B 463 -8.81 -9.57 -29.63
N LYS B 464 -8.97 -8.62 -30.54
CA LYS B 464 -8.58 -8.85 -31.94
C LYS B 464 -7.07 -9.14 -32.09
N GLU B 465 -6.22 -8.49 -31.29
CA GLU B 465 -4.77 -8.74 -31.35
C GLU B 465 -4.43 -10.08 -30.68
N ALA B 466 -4.98 -10.33 -29.50
CA ALA B 466 -4.69 -11.58 -28.78
C ALA B 466 -5.18 -12.76 -29.61
N ALA B 467 -6.36 -12.63 -30.20
CA ALA B 467 -6.95 -13.70 -31.03
C ALA B 467 -5.96 -14.08 -32.11
N GLN B 468 -5.53 -13.08 -32.86
CA GLN B 468 -4.57 -13.28 -33.94
C GLN B 468 -3.16 -13.67 -33.44
N SER B 469 -2.99 -14.02 -32.17
CA SER B 469 -1.67 -14.41 -31.64
C SER B 469 -1.63 -15.52 -30.56
N GLY B 470 -2.79 -15.96 -30.04
CA GLY B 470 -2.81 -16.95 -28.95
C GLY B 470 -4.01 -16.81 -28.02
N VAL B 474 -10.05 -14.28 -21.18
CA VAL B 474 -8.77 -13.60 -21.19
C VAL B 474 -8.98 -12.09 -20.93
N VAL B 475 -10.00 -11.51 -21.56
CA VAL B 475 -10.22 -10.04 -21.54
C VAL B 475 -11.24 -9.58 -20.47
N PRO B 476 -10.75 -8.97 -19.36
CA PRO B 476 -11.58 -8.83 -18.16
C PRO B 476 -12.68 -7.80 -18.23
N ARG B 477 -13.49 -7.74 -17.18
CA ARG B 477 -14.56 -6.74 -17.08
C ARG B 477 -13.97 -5.42 -16.61
N HIS B 478 -14.57 -4.32 -17.07
CA HIS B 478 -14.19 -2.97 -16.68
C HIS B 478 -14.01 -2.78 -15.18
N ARG B 479 -14.98 -3.22 -14.37
CA ARG B 479 -14.92 -3.02 -12.92
C ARG B 479 -13.68 -3.67 -12.27
N SER B 480 -13.33 -4.86 -12.72
CA SER B 480 -12.18 -5.59 -12.17
C SER B 480 -10.88 -4.94 -12.57
N VAL B 481 -10.78 -4.58 -13.84
CA VAL B 481 -9.54 -4.04 -14.33
C VAL B 481 -9.29 -2.67 -13.68
N LEU B 482 -10.35 -1.87 -13.62
CA LEU B 482 -10.29 -0.55 -13.02
C LEU B 482 -9.80 -0.65 -11.60
N ARG B 483 -10.35 -1.61 -10.87
CA ARG B 483 -9.99 -1.85 -9.47
C ARG B 483 -8.52 -2.21 -9.32
N TRP B 484 -8.07 -3.09 -10.20
CA TRP B 484 -6.69 -3.59 -10.21
C TRP B 484 -5.73 -2.44 -10.51
N VAL B 485 -6.05 -1.68 -11.55
CA VAL B 485 -5.16 -0.61 -11.96
C VAL B 485 -5.14 0.50 -10.89
N ARG B 486 -6.30 0.86 -10.35
CA ARG B 486 -6.38 2.00 -9.40
C ARG B 486 -5.87 1.68 -8.01
N PHE B 487 -6.08 0.44 -7.55
CA PHE B 487 -5.79 0.05 -6.16
C PHE B 487 -4.84 -1.13 -6.00
N GLY B 488 -5.07 -2.20 -6.77
CA GLY B 488 -4.20 -3.38 -6.73
C GLY B 488 -2.85 -3.10 -7.36
N PRO C 3 -12.98 18.28 -69.54
CA PRO C 3 -12.27 18.79 -68.36
C PRO C 3 -13.21 19.49 -67.35
N ARG C 4 -13.21 19.04 -66.10
CA ARG C 4 -14.02 19.68 -65.08
C ARG C 4 -13.47 21.08 -64.80
N PRO C 5 -14.36 22.10 -64.69
CA PRO C 5 -13.91 23.47 -64.47
C PRO C 5 -13.18 23.60 -63.13
N SER C 6 -12.41 24.67 -62.99
CA SER C 6 -11.54 24.81 -61.83
C SER C 6 -11.50 26.25 -61.45
N GLY C 7 -10.95 26.49 -60.29
CA GLY C 7 -10.78 27.83 -59.81
C GLY C 7 -11.50 28.02 -58.50
N THR C 8 -11.97 29.24 -58.31
CA THR C 8 -12.39 29.73 -57.03
C THR C 8 -13.66 30.53 -57.27
N TYR C 9 -14.71 30.25 -56.48
CA TYR C 9 -15.98 31.00 -56.56
C TYR C 9 -16.43 31.41 -55.18
N ALA C 10 -16.52 32.72 -54.95
CA ALA C 10 -16.86 33.26 -53.64
C ALA C 10 -15.95 32.76 -52.53
N GLY C 11 -14.67 32.63 -52.84
CA GLY C 11 -13.66 32.21 -51.86
C GLY C 11 -13.48 30.71 -51.72
N LEU C 12 -14.24 29.92 -52.48
CA LEU C 12 -14.29 28.46 -52.33
C LEU C 12 -14.00 27.73 -53.65
N PRO C 13 -13.43 26.51 -53.58
CA PRO C 13 -13.01 25.82 -54.79
C PRO C 13 -14.17 25.32 -55.64
N ILE C 14 -14.00 25.47 -56.94
CA ILE C 14 -14.92 24.98 -57.93
C ILE C 14 -14.58 23.53 -58.24
N ALA C 15 -15.57 22.65 -58.15
CA ALA C 15 -15.39 21.25 -58.47
C ALA C 15 -16.13 20.83 -59.72
N ASP C 16 -17.17 21.56 -60.10
CA ASP C 16 -17.95 21.23 -61.32
C ASP C 16 -18.86 22.36 -61.78
N TYR C 17 -19.41 22.20 -62.98
CA TYR C 17 -20.53 23.03 -63.43
C TYR C 17 -21.76 22.75 -62.59
N GLY C 18 -22.57 23.77 -62.38
CA GLY C 18 -23.79 23.62 -61.59
C GLY C 18 -25.02 23.31 -62.45
N ASP C 19 -26.02 22.67 -61.85
CA ASP C 19 -27.27 22.34 -62.51
C ASP C 19 -28.48 23.05 -61.85
N ALA C 20 -28.21 23.93 -60.89
CA ALA C 20 -29.28 24.53 -60.10
C ALA C 20 -30.13 25.48 -60.95
N PRO C 21 -31.44 25.51 -60.73
CA PRO C 21 -32.25 26.48 -61.47
C PRO C 21 -32.01 27.89 -60.93
N PRO C 22 -32.43 28.92 -61.66
CA PRO C 22 -32.14 30.28 -61.20
C PRO C 22 -32.84 30.62 -59.89
N LEU C 23 -32.26 31.52 -59.11
CA LEU C 23 -32.81 31.84 -57.82
C LEU C 23 -34.17 32.50 -57.96
N SER C 24 -35.02 32.30 -56.95
CA SER C 24 -36.38 32.80 -56.99
C SER C 24 -36.38 34.30 -56.99
N THR C 25 -37.31 34.86 -57.74
CA THR C 25 -37.48 36.31 -57.81
C THR C 25 -38.87 36.68 -57.30
N LYS C 26 -39.48 35.78 -56.54
CA LYS C 26 -40.83 36.01 -56.05
C LYS C 26 -40.95 35.82 -54.55
N THR C 27 -42.05 36.31 -53.99
CA THR C 27 -42.36 36.10 -52.57
C THR C 27 -43.76 35.49 -52.40
N MET C 28 -43.95 34.74 -51.33
CA MET C 28 -45.27 34.21 -50.95
C MET C 28 -46.08 35.22 -50.13
N PHE C 29 -45.50 36.37 -49.80
CA PHE C 29 -46.13 37.28 -48.84
C PHE C 29 -46.92 38.36 -49.56
N TRP C 30 -48.16 38.55 -49.12
CA TRP C 30 -49.06 39.59 -49.67
C TRP C 30 -49.53 40.55 -48.57
N ARG C 31 -49.67 41.83 -48.90
CA ARG C 31 -50.26 42.79 -47.94
C ARG C 31 -51.71 42.46 -47.66
N THR C 32 -52.13 42.68 -46.42
CA THR C 32 -53.53 42.46 -46.08
C THR C 32 -54.36 43.73 -46.26
N SER C 33 -53.80 44.74 -46.93
CA SER C 33 -54.48 46.00 -47.14
C SER C 33 -53.66 46.82 -48.13
N PRO C 34 -54.31 47.71 -48.91
CA PRO C 34 -53.57 48.57 -49.85
C PRO C 34 -53.01 49.85 -49.21
N GLU C 35 -53.32 50.07 -47.94
CA GLU C 35 -52.81 51.24 -47.23
C GLU C 35 -51.30 51.21 -47.05
N LYS C 36 -50.75 52.42 -46.93
CA LYS C 36 -49.34 52.61 -46.70
C LYS C 36 -48.92 51.88 -45.43
N LEU C 37 -47.69 51.37 -45.46
CA LEU C 37 -47.11 50.61 -44.38
C LEU C 37 -46.54 51.61 -43.37
N PRO C 38 -46.65 51.28 -42.07
CA PRO C 38 -46.02 52.10 -41.03
C PRO C 38 -44.54 52.32 -41.27
N PRO C 39 -43.99 53.43 -40.76
CA PRO C 39 -42.56 53.62 -40.98
C PRO C 39 -41.77 52.53 -40.26
N GLY C 40 -40.67 52.09 -40.86
CA GLY C 40 -39.84 51.02 -40.29
C GLY C 40 -40.38 49.60 -40.37
N ALA C 41 -41.50 49.37 -41.08
CA ALA C 41 -42.08 48.04 -41.21
C ALA C 41 -41.24 47.03 -42.01
N TRP C 42 -41.32 45.77 -41.60
CA TRP C 42 -40.62 44.70 -42.27
C TRP C 42 -41.34 44.40 -43.59
N GLU C 43 -40.57 43.89 -44.54
CA GLU C 43 -41.07 43.52 -45.85
C GLU C 43 -40.34 42.27 -46.32
N PRO C 44 -40.91 41.56 -47.31
CA PRO C 44 -40.21 40.43 -47.88
C PRO C 44 -38.82 40.80 -48.37
N ALA C 45 -37.86 39.91 -48.16
CA ALA C 45 -36.51 40.11 -48.62
C ALA C 45 -36.44 40.35 -50.11
N TYR C 46 -35.38 41.02 -50.48
CA TYR C 46 -35.06 41.41 -51.83
C TYR C 46 -35.27 40.29 -52.84
N LEU C 47 -35.79 40.69 -54.01
CA LEU C 47 -36.22 39.80 -55.05
C LEU C 47 -35.39 39.89 -56.32
N GLY C 48 -34.33 40.70 -56.32
CA GLY C 48 -33.39 40.75 -57.44
C GLY C 48 -33.58 41.86 -58.48
N SER C 49 -33.24 41.55 -59.74
CA SER C 49 -33.28 42.52 -60.86
C SER C 49 -34.61 43.20 -60.99
N LYS C 50 -35.66 42.39 -60.95
CA LYS C 50 -37.03 42.84 -61.14
C LYS C 50 -37.67 43.48 -59.90
N ASP C 51 -37.00 43.45 -58.76
CA ASP C 51 -37.59 44.03 -57.55
C ASP C 51 -37.83 45.52 -57.77
N GLU C 52 -39.10 45.90 -57.80
CA GLU C 52 -39.49 47.26 -58.08
C GLU C 52 -39.22 48.25 -56.93
N ARG C 53 -38.94 47.76 -55.73
CA ARG C 53 -38.75 48.64 -54.56
C ARG C 53 -37.37 49.30 -54.49
N VAL C 54 -36.37 48.71 -55.14
CA VAL C 54 -34.99 49.11 -54.99
C VAL C 54 -34.20 48.58 -56.19
N ASP C 55 -33.15 49.30 -56.59
CA ASP C 55 -32.22 48.82 -57.61
C ASP C 55 -31.03 48.25 -56.82
N GLY C 56 -30.80 46.94 -56.93
CA GLY C 56 -29.83 46.26 -56.09
C GLY C 56 -28.91 45.35 -56.88
N PRO C 57 -28.06 44.55 -56.19
CA PRO C 57 -27.16 43.60 -56.87
C PRO C 57 -27.94 42.48 -57.48
N SER C 58 -27.24 41.59 -58.17
CA SER C 58 -27.84 40.35 -58.65
C SER C 58 -28.13 39.44 -57.45
N LEU C 59 -29.06 38.52 -57.60
CA LEU C 59 -29.27 37.58 -56.51
C LEU C 59 -28.03 36.68 -56.34
N GLN C 60 -27.34 36.38 -57.44
CA GLN C 60 -26.14 35.55 -57.37
C GLN C 60 -25.05 36.24 -56.53
N GLN C 61 -24.99 37.57 -56.58
CA GLN C 61 -24.03 38.31 -55.75
C GLN C 61 -24.46 38.29 -54.30
N VAL C 62 -25.78 38.39 -54.05
CA VAL C 62 -26.29 38.36 -52.68
C VAL C 62 -25.93 37.02 -52.07
N MET C 63 -26.06 35.96 -52.87
CA MET C 63 -25.61 34.64 -52.44
C MET C 63 -24.09 34.56 -52.20
N ARG C 64 -23.27 35.16 -53.08
CA ARG C 64 -21.81 35.11 -52.89
C ARG C 64 -21.40 35.71 -51.56
N ASP C 65 -22.07 36.82 -51.19
CA ASP C 65 -21.91 37.46 -49.88
C ASP C 65 -22.18 36.53 -48.69
N GLN C 66 -23.22 35.70 -48.82
CA GLN C 66 -23.54 34.74 -47.78
C GLN C 66 -22.46 33.68 -47.69
N LEU C 67 -21.79 33.37 -48.80
CA LEU C 67 -20.81 32.28 -48.79
C LEU C 67 -19.51 32.63 -48.07
N LYS C 68 -19.20 33.91 -47.93
CA LYS C 68 -17.92 34.36 -47.38
C LYS C 68 -17.49 33.66 -46.11
N PRO C 69 -18.38 33.56 -45.11
CA PRO C 69 -18.02 33.00 -43.80
C PRO C 69 -17.52 31.55 -43.87
N TYR C 70 -17.93 30.82 -44.89
CA TYR C 70 -17.47 29.46 -45.08
C TYR C 70 -15.99 29.33 -45.50
N SER C 71 -15.40 30.37 -46.08
CA SER C 71 -13.95 30.35 -46.40
C SER C 71 -13.08 30.90 -45.24
N GLU C 72 -13.69 31.50 -44.24
CA GLU C 72 -12.96 31.94 -43.06
C GLU C 72 -12.30 30.79 -42.30
N PRO C 73 -11.17 31.08 -41.60
CA PRO C 73 -10.52 30.04 -40.77
C PRO C 73 -11.37 29.59 -39.58
N ARG C 74 -11.38 28.29 -39.32
CA ARG C 74 -12.03 27.76 -38.12
C ARG C 74 -11.35 28.28 -36.86
N GLY C 75 -12.12 28.38 -35.78
CA GLY C 75 -11.60 28.56 -34.45
C GLY C 75 -11.04 27.24 -33.98
N LEU C 76 -10.73 27.16 -32.69
CA LEU C 76 -10.01 26.02 -32.13
C LEU C 76 -10.93 25.00 -31.52
N LEU C 77 -10.61 23.72 -31.73
CA LEU C 77 -11.18 22.65 -30.91
C LEU C 77 -10.98 22.93 -29.41
N PRO C 78 -11.98 22.60 -28.59
CA PRO C 78 -11.72 22.54 -27.16
C PRO C 78 -10.64 21.52 -26.83
N PRO C 79 -10.05 21.62 -25.64
CA PRO C 79 -9.02 20.64 -25.27
C PRO C 79 -9.55 19.22 -25.33
N GLN C 80 -8.76 18.33 -25.90
CA GLN C 80 -9.19 16.99 -26.22
C GLN C 80 -9.80 16.26 -25.02
N GLU C 81 -9.22 16.43 -23.82
CA GLU C 81 -9.72 15.69 -22.66
C GLU C 81 -11.04 16.24 -22.18
N ILE C 82 -11.23 17.55 -22.28
CA ILE C 82 -12.53 18.13 -21.98
C ILE C 82 -13.57 17.64 -23.01
N LEU C 83 -13.21 17.69 -24.27
CA LEU C 83 -14.09 17.28 -25.35
C LEU C 83 -14.55 15.84 -25.18
N ASP C 84 -13.63 14.94 -24.86
CA ASP C 84 -13.97 13.51 -24.70
C ASP C 84 -14.91 13.28 -23.53
N ALA C 85 -14.65 13.95 -22.41
CA ALA C 85 -15.49 13.79 -21.24
C ALA C 85 -16.93 14.30 -21.50
N VAL C 86 -17.02 15.38 -22.24
CA VAL C 86 -18.28 16.03 -22.54
C VAL C 86 -19.12 15.13 -23.43
N CYS C 87 -18.51 14.61 -24.49
CA CYS C 87 -19.21 13.76 -25.42
C CYS C 87 -19.71 12.50 -24.76
N ASP C 88 -18.84 11.86 -23.99
CA ASP C 88 -19.24 10.74 -23.14
C ASP C 88 -20.41 11.09 -22.22
N ALA C 89 -20.36 12.25 -21.59
CA ALA C 89 -21.41 12.57 -20.63
C ALA C 89 -22.76 12.71 -21.34
N ILE C 90 -22.72 13.29 -22.54
CA ILE C 90 -23.95 13.61 -23.28
C ILE C 90 -24.51 12.31 -23.82
N GLU C 91 -23.64 11.50 -24.37
CA GLU C 91 -24.02 10.18 -24.87
C GLU C 91 -24.63 9.36 -23.74
N ASN C 92 -24.06 9.48 -22.56
CA ASN C 92 -24.53 8.69 -21.46
C ASN C 92 -25.92 9.13 -21.04
N ARG C 93 -26.12 10.45 -21.00
CA ARG C 93 -27.43 10.97 -20.66
C ARG C 93 -28.48 10.52 -21.68
N LEU C 94 -28.13 10.52 -22.96
CA LEU C 94 -29.08 10.07 -23.98
C LEU C 94 -29.32 8.57 -23.84
N GLU C 95 -28.28 7.79 -23.58
CA GLU C 95 -28.47 6.35 -23.35
C GLU C 95 -29.47 6.08 -22.22
N ASN C 96 -29.44 6.92 -21.19
CA ASN C 96 -30.28 6.75 -20.01
C ASN C 96 -31.72 7.19 -20.17
N THR C 97 -32.01 7.92 -21.25
CA THR C 97 -33.31 8.54 -21.43
C THR C 97 -34.04 8.13 -22.71
N LEU C 98 -33.34 7.78 -23.78
CA LEU C 98 -33.98 7.47 -25.06
C LEU C 98 -34.49 6.05 -25.12
N GLU C 99 -35.72 5.89 -25.60
CA GLU C 99 -36.30 4.57 -25.84
C GLU C 99 -35.74 4.00 -27.14
N PRO C 100 -35.14 2.80 -27.07
CA PRO C 100 -34.65 2.17 -28.29
C PRO C 100 -35.74 2.06 -29.34
N GLN C 101 -35.36 2.18 -30.61
CA GLN C 101 -36.33 2.22 -31.72
C GLN C 101 -36.08 1.14 -32.75
N LYS C 102 -37.13 0.80 -33.50
CA LYS C 102 -36.98 -0.06 -34.67
C LYS C 102 -36.39 0.74 -35.81
N PRO C 103 -35.71 0.05 -36.74
CA PRO C 103 -35.29 0.73 -37.96
C PRO C 103 -36.48 1.28 -38.73
N TRP C 104 -36.18 2.20 -39.62
CA TRP C 104 -37.17 2.82 -40.47
C TRP C 104 -37.09 2.12 -41.81
N THR C 105 -38.23 1.78 -42.36
CA THR C 105 -38.30 1.22 -43.68
C THR C 105 -38.08 2.33 -44.71
N PHE C 106 -37.87 1.92 -45.94
CA PHE C 106 -37.93 2.81 -47.10
C PHE C 106 -39.26 3.54 -47.13
N LYS C 107 -40.32 2.79 -46.90
CA LYS C 107 -41.66 3.29 -47.04
C LYS C 107 -41.87 4.40 -46.03
N LYS C 108 -41.50 4.14 -44.79
CA LYS C 108 -41.53 5.13 -43.71
C LYS C 108 -40.69 6.40 -44.07
N ALA C 109 -39.46 6.20 -44.52
CA ALA C 109 -38.60 7.29 -44.89
C ALA C 109 -39.23 8.21 -45.96
N CYS C 110 -39.72 7.58 -47.02
CA CYS C 110 -40.44 8.28 -48.06
C CYS C 110 -41.61 9.06 -47.50
N GLU C 111 -42.39 8.44 -46.62
CA GLU C 111 -43.57 9.10 -46.08
C GLU C 111 -43.20 10.37 -45.34
N SER C 112 -42.11 10.31 -44.57
CA SER C 112 -41.71 11.38 -43.64
C SER C 112 -41.32 12.69 -44.34
N LEU C 113 -40.99 12.60 -45.63
CA LEU C 113 -40.53 13.72 -46.40
C LEU C 113 -41.63 14.74 -46.66
N ASP C 114 -41.24 16.01 -46.60
CA ASP C 114 -42.10 17.14 -46.97
C ASP C 114 -42.26 17.12 -48.47
N LYS C 115 -43.49 16.91 -48.92
CA LYS C 115 -43.75 16.74 -50.34
C LYS C 115 -43.90 18.06 -51.07
N ASN C 116 -44.03 19.16 -50.32
CA ASN C 116 -44.21 20.49 -50.91
C ASN C 116 -42.91 21.25 -51.15
N THR C 117 -41.78 20.57 -51.06
CA THR C 117 -40.48 21.20 -51.31
C THR C 117 -39.78 20.52 -52.47
N SER C 118 -38.71 21.14 -52.95
CA SER C 118 -37.96 20.60 -54.07
C SER C 118 -37.21 19.26 -53.80
N SER C 119 -37.09 18.45 -54.85
CA SER C 119 -36.30 17.23 -54.81
C SER C 119 -34.79 17.52 -54.85
N GLY C 120 -34.42 18.73 -55.27
CA GLY C 120 -33.01 19.12 -55.39
C GLY C 120 -32.36 18.36 -56.54
N TYR C 121 -31.05 18.18 -56.48
CA TYR C 121 -30.31 17.50 -57.56
C TYR C 121 -30.87 16.12 -57.79
N PRO C 122 -31.05 15.69 -59.04
CA PRO C 122 -30.83 16.36 -60.32
C PRO C 122 -32.09 16.95 -60.94
N TYR C 123 -33.26 16.49 -60.51
CA TYR C 123 -34.50 16.84 -61.21
C TYR C 123 -35.09 18.15 -60.75
N HIS C 124 -34.79 18.59 -59.53
CA HIS C 124 -35.26 19.89 -59.09
C HIS C 124 -36.76 20.06 -59.35
N LYS C 125 -37.57 19.15 -58.83
CA LYS C 125 -39.02 19.26 -58.96
C LYS C 125 -39.63 19.08 -57.59
N GLN C 126 -40.80 19.66 -57.38
CA GLN C 126 -41.57 19.43 -56.16
C GLN C 126 -41.76 17.92 -56.00
N LYS C 127 -41.50 17.42 -54.81
CA LYS C 127 -41.57 15.99 -54.57
C LYS C 127 -42.96 15.43 -54.88
N SER C 128 -43.99 16.22 -54.59
CA SER C 128 -45.37 15.82 -54.84
C SER C 128 -45.62 15.40 -56.29
N LYS C 129 -44.85 15.94 -57.23
CA LYS C 129 -45.07 15.67 -58.67
C LYS C 129 -44.88 14.19 -59.06
N ASP C 130 -44.15 13.44 -58.23
CA ASP C 130 -43.87 12.03 -58.49
C ASP C 130 -44.29 11.21 -57.30
N TRP C 131 -45.18 11.75 -56.46
CA TRP C 131 -45.70 11.04 -55.30
C TRP C 131 -47.11 10.58 -55.61
N THR C 132 -47.38 9.30 -55.34
CA THR C 132 -48.68 8.69 -55.64
C THR C 132 -49.60 8.66 -54.44
N GLY C 133 -49.10 9.15 -53.31
CA GLY C 133 -49.84 9.09 -52.06
C GLY C 133 -49.23 8.07 -51.11
N SER C 134 -48.50 7.12 -51.69
CA SER C 134 -47.85 6.00 -50.95
C SER C 134 -46.39 5.74 -51.39
N ALA C 135 -46.00 6.18 -52.59
CA ALA C 135 -44.66 5.92 -53.06
C ALA C 135 -44.27 6.91 -54.14
N PHE C 136 -42.95 6.99 -54.34
CA PHE C 136 -42.35 7.77 -55.40
C PHE C 136 -42.25 6.92 -56.62
N ILE C 137 -42.59 7.52 -57.75
CA ILE C 137 -42.53 6.87 -59.02
C ILE C 137 -41.84 7.80 -59.99
N GLY C 138 -41.75 7.40 -61.26
CA GLY C 138 -41.14 8.23 -62.29
C GLY C 138 -39.69 8.49 -61.94
N ASP C 139 -39.22 9.72 -62.19
CA ASP C 139 -37.82 10.08 -61.94
C ASP C 139 -37.42 9.96 -60.46
N LEU C 140 -38.20 10.61 -59.61
CA LEU C 140 -37.94 10.58 -58.20
C LEU C 140 -38.02 9.17 -57.63
N GLY C 141 -38.91 8.32 -58.14
CA GLY C 141 -38.89 6.91 -57.74
C GLY C 141 -37.54 6.23 -58.03
N ASP C 142 -36.99 6.51 -59.20
CA ASP C 142 -35.70 5.94 -59.60
C ASP C 142 -34.59 6.42 -58.67
N GLN C 143 -34.53 7.73 -58.45
CA GLN C 143 -33.60 8.31 -57.48
C GLN C 143 -33.78 7.71 -56.09
N ALA C 144 -35.03 7.58 -55.63
CA ALA C 144 -35.27 7.10 -54.25
C ALA C 144 -34.89 5.63 -54.04
N THR C 145 -35.24 4.79 -55.01
CA THR C 145 -34.89 3.38 -55.02
C THR C 145 -33.36 3.17 -55.01
N HIS C 146 -32.67 3.84 -55.94
CA HIS C 146 -31.24 3.69 -56.02
C HIS C 146 -30.56 4.06 -54.72
N ALA C 147 -31.02 5.15 -54.07
CA ALA C 147 -30.39 5.63 -52.84
C ALA C 147 -30.67 4.68 -51.72
N ASN C 148 -31.83 4.06 -51.78
CA ASN C 148 -32.22 3.14 -50.74
C ASN C 148 -31.44 1.83 -50.86
N ASN C 149 -31.14 1.41 -52.11
CA ASN C 149 -30.26 0.27 -52.37
C ASN C 149 -28.85 0.54 -51.86
N MET C 150 -28.31 1.71 -52.18
CA MET C 150 -27.00 2.14 -51.68
C MET C 150 -26.93 2.08 -50.16
N TYR C 151 -28.01 2.54 -49.53
CA TYR C 151 -28.12 2.52 -48.08
C TYR C 151 -28.04 1.13 -47.48
N GLU C 152 -28.83 0.22 -48.03
CA GLU C 152 -28.85 -1.18 -47.55
C GLU C 152 -27.55 -1.95 -47.83
N MET C 153 -26.81 -1.54 -48.86
CA MET C 153 -25.45 -2.05 -49.13
C MET C 153 -24.34 -1.29 -48.39
N GLY C 154 -24.69 -0.33 -47.54
CA GLY C 154 -23.66 0.47 -46.86
C GLY C 154 -22.69 1.09 -47.84
N LYS C 155 -23.19 1.55 -48.96
CA LYS C 155 -22.37 2.20 -49.97
C LYS C 155 -22.58 3.71 -49.94
N SER C 156 -21.51 4.41 -50.27
CA SER C 156 -21.41 5.83 -50.12
C SER C 156 -21.94 6.55 -51.36
N MET C 157 -22.56 7.71 -51.13
CA MET C 157 -23.01 8.58 -52.22
C MET C 157 -22.67 10.02 -51.85
N ARG C 158 -22.14 10.77 -52.80
CA ARG C 158 -21.75 12.14 -52.52
C ARG C 158 -23.03 13.01 -52.55
N PRO C 159 -23.39 13.65 -51.42
CA PRO C 159 -24.58 14.54 -51.50
C PRO C 159 -24.32 15.73 -52.37
N ILE C 160 -25.35 16.18 -53.08
CA ILE C 160 -25.30 17.47 -53.78
C ILE C 160 -26.37 18.36 -53.20
N TYR C 161 -25.92 19.50 -52.70
CA TYR C 161 -26.81 20.49 -52.12
C TYR C 161 -27.06 21.54 -53.15
N THR C 162 -28.25 22.12 -53.10
CA THR C 162 -28.59 23.22 -53.97
C THR C 162 -28.80 24.45 -53.10
N ALA C 163 -28.15 25.54 -53.43
CA ALA C 163 -28.24 26.75 -52.61
C ALA C 163 -29.43 27.57 -53.06
N ALA C 164 -30.16 28.12 -52.11
CA ALA C 164 -31.17 29.11 -52.36
C ALA C 164 -31.10 30.22 -51.33
N LEU C 165 -31.94 31.23 -51.52
CA LEU C 165 -32.13 32.32 -50.56
C LEU C 165 -33.54 32.34 -49.96
N LYS C 166 -33.63 32.70 -48.69
CA LYS C 166 -34.88 32.56 -47.95
C LYS C 166 -35.83 33.74 -48.16
N ASP C 167 -37.00 33.41 -48.69
CA ASP C 167 -38.13 34.32 -48.77
C ASP C 167 -38.75 34.46 -47.40
N GLU C 168 -38.53 35.59 -46.76
CA GLU C 168 -39.07 35.83 -45.43
C GLU C 168 -39.19 37.32 -45.23
N LEU C 169 -40.02 37.71 -44.28
CA LEU C 169 -40.07 39.10 -43.86
C LEU C 169 -38.75 39.46 -43.20
N VAL C 170 -38.19 40.60 -43.60
CA VAL C 170 -36.97 41.12 -42.97
C VAL C 170 -37.13 42.59 -42.66
N LYS C 171 -36.26 43.08 -41.78
CA LYS C 171 -36.30 44.48 -41.42
C LYS C 171 -35.77 45.29 -42.61
N PRO C 172 -36.31 46.50 -42.80
CA PRO C 172 -36.09 47.33 -44.00
C PRO C 172 -34.64 47.70 -44.36
N ASP C 173 -33.75 47.81 -43.38
CA ASP C 173 -32.36 48.07 -43.72
C ASP C 173 -31.82 47.00 -44.68
N LYS C 174 -32.37 45.77 -44.59
CA LYS C 174 -31.88 44.65 -45.41
C LYS C 174 -32.44 44.66 -46.79
N ILE C 175 -33.26 45.66 -47.09
CA ILE C 175 -33.76 45.87 -48.42
C ILE C 175 -33.28 47.19 -49.01
N TYR C 176 -33.39 48.26 -48.22
CA TYR C 176 -33.13 49.63 -48.68
C TYR C 176 -31.75 50.13 -48.30
N GLY C 177 -31.07 49.41 -47.43
CA GLY C 177 -29.65 49.64 -47.17
C GLY C 177 -28.82 48.53 -47.77
N LYS C 178 -27.99 47.93 -46.92
CA LYS C 178 -27.13 46.84 -47.34
C LYS C 178 -27.97 45.55 -47.44
N ILE C 179 -28.16 45.07 -48.67
CA ILE C 179 -29.09 43.99 -48.91
C ILE C 179 -28.51 42.66 -48.50
N LYS C 180 -29.30 41.93 -47.73
CA LYS C 180 -28.96 40.60 -47.30
C LYS C 180 -30.17 39.70 -47.40
N LYS C 181 -29.93 38.44 -47.72
CA LYS C 181 -30.94 37.43 -47.78
C LYS C 181 -30.29 36.11 -47.37
N ARG C 182 -30.97 35.29 -46.58
CA ARG C 182 -30.33 34.14 -45.97
C ARG C 182 -30.16 32.92 -46.86
N LEU C 183 -28.99 32.32 -46.77
CA LEU C 183 -28.63 31.14 -47.54
C LEU C 183 -29.36 29.91 -47.00
N LEU C 184 -29.95 29.14 -47.90
CA LEU C 184 -30.50 27.84 -47.56
C LEU C 184 -29.79 26.78 -48.38
N TRP C 185 -29.63 25.64 -47.73
CA TRP C 185 -29.01 24.46 -48.30
C TRP C 185 -30.15 23.50 -48.54
N GLY C 186 -30.32 23.06 -49.77
CA GLY C 186 -31.38 22.14 -50.10
C GLY C 186 -30.70 20.85 -50.46
N SER C 187 -31.01 19.81 -49.71
CA SER C 187 -30.48 18.48 -49.95
C SER C 187 -31.09 17.81 -51.21
N ASP C 188 -30.38 16.85 -51.78
CA ASP C 188 -30.89 16.06 -52.89
C ASP C 188 -31.73 14.94 -52.31
N LEU C 189 -32.71 14.47 -53.09
CA LEU C 189 -33.67 13.47 -52.60
C LEU C 189 -32.99 12.21 -52.12
N GLY C 190 -31.96 11.78 -52.84
CA GLY C 190 -31.20 10.60 -52.47
C GLY C 190 -30.71 10.75 -51.06
N THR C 191 -30.05 11.86 -50.79
CA THR C 191 -29.52 12.09 -49.45
C THR C 191 -30.64 12.07 -48.39
N MET C 192 -31.76 12.73 -48.68
CA MET C 192 -32.87 12.78 -47.73
C MET C 192 -33.38 11.40 -47.37
N ILE C 193 -33.45 10.50 -48.36
CA ILE C 193 -33.94 9.14 -48.11
C ILE C 193 -32.99 8.39 -47.19
N ARG C 194 -31.70 8.38 -47.54
CA ARG C 194 -30.71 7.68 -46.73
C ARG C 194 -30.62 8.25 -45.33
N ALA C 195 -30.68 9.59 -45.24
CA ALA C 195 -30.61 10.31 -43.94
C ALA C 195 -31.83 10.01 -43.10
N ALA C 196 -32.98 10.07 -43.74
CA ALA C 196 -34.24 9.74 -43.04
C ALA C 196 -34.28 8.28 -42.56
N ARG C 197 -33.82 7.32 -43.37
CA ARG C 197 -33.78 5.93 -42.89
C ARG C 197 -32.81 5.86 -41.73
N ALA C 198 -31.65 6.46 -41.90
CA ALA C 198 -30.59 6.29 -40.93
C ALA C 198 -30.96 6.88 -39.58
N PHE C 199 -31.48 8.11 -39.58
CA PHE C 199 -31.59 8.90 -38.37
C PHE C 199 -33.01 9.28 -37.96
N GLY C 200 -34.00 8.93 -38.77
CA GLY C 200 -35.39 9.06 -38.32
C GLY C 200 -35.60 8.46 -36.93
N PRO C 201 -35.14 7.23 -36.72
CA PRO C 201 -35.39 6.62 -35.41
C PRO C 201 -34.85 7.44 -34.23
N PHE C 202 -33.57 7.78 -34.23
CA PHE C 202 -32.98 8.64 -33.17
C PHE C 202 -33.70 9.98 -32.98
N CYS C 203 -34.04 10.62 -34.09
CA CYS C 203 -34.74 11.90 -34.07
C CYS C 203 -36.14 11.75 -33.47
N ASP C 204 -36.84 10.67 -33.78
CA ASP C 204 -38.12 10.38 -33.12
C ASP C 204 -37.89 10.14 -31.64
N ALA C 205 -36.86 9.36 -31.33
CA ALA C 205 -36.55 9.06 -29.95
C ALA C 205 -36.28 10.32 -29.15
N LEU C 206 -35.50 11.21 -29.74
CA LEU C 206 -35.09 12.44 -29.09
C LEU C 206 -36.25 13.45 -28.94
N LYS C 207 -37.16 13.47 -29.90
CA LYS C 207 -38.36 14.29 -29.83
C LYS C 207 -39.24 13.90 -28.63
N GLU C 208 -39.37 12.59 -28.38
CA GLU C 208 -40.16 12.09 -27.24
C GLU C 208 -39.61 12.52 -25.87
N THR C 209 -38.36 12.95 -25.81
CA THR C 209 -37.75 13.39 -24.55
C THR C 209 -37.46 14.86 -24.54
N CYS C 210 -38.11 15.63 -25.39
CA CYS C 210 -37.76 17.05 -25.53
C CYS C 210 -37.98 17.88 -24.26
N ILE C 211 -38.70 17.36 -23.29
CA ILE C 211 -38.80 18.03 -21.97
C ILE C 211 -37.67 17.63 -21.00
N PHE C 212 -37.21 16.38 -21.07
CA PHE C 212 -36.22 15.83 -20.15
C PHE C 212 -34.78 16.01 -20.61
N ASN C 213 -34.60 16.30 -21.89
CA ASN C 213 -33.30 16.54 -22.49
C ASN C 213 -33.24 17.91 -23.15
N PRO C 214 -32.02 18.48 -23.25
CA PRO C 214 -31.94 19.87 -23.63
C PRO C 214 -32.17 20.14 -25.10
N ILE C 215 -32.23 19.09 -25.91
CA ILE C 215 -32.58 19.30 -27.29
C ILE C 215 -34.10 19.36 -27.42
N ARG C 216 -34.60 20.57 -27.67
CA ARG C 216 -36.03 20.86 -27.63
C ARG C 216 -36.79 20.64 -28.94
N VAL C 217 -36.18 20.02 -29.94
CA VAL C 217 -36.80 19.91 -31.25
C VAL C 217 -38.04 19.04 -31.10
N GLY C 218 -39.16 19.51 -31.61
CA GLY C 218 -40.43 18.79 -31.41
C GLY C 218 -41.27 19.23 -30.23
N MET C 219 -40.76 20.16 -29.43
CA MET C 219 -41.57 20.74 -28.39
C MET C 219 -42.71 21.54 -29.02
N SER C 220 -43.78 21.66 -28.26
CA SER C 220 -44.87 22.57 -28.54
C SER C 220 -44.75 23.70 -27.53
N MET C 221 -44.67 24.94 -28.01
CA MET C 221 -44.49 26.08 -27.10
C MET C 221 -45.66 26.23 -26.13
N ASN C 222 -46.86 25.92 -26.59
CA ASN C 222 -48.05 26.03 -25.74
C ASN C 222 -48.15 24.94 -24.66
N GLU C 223 -47.91 23.70 -25.06
CA GLU C 223 -48.08 22.54 -24.17
C GLU C 223 -46.83 22.24 -23.33
N ASP C 224 -45.65 22.39 -23.92
CA ASP C 224 -44.40 22.01 -23.29
C ASP C 224 -43.64 23.16 -22.64
N GLY C 225 -43.79 24.36 -23.16
CA GLY C 225 -43.03 25.50 -22.69
C GLY C 225 -43.18 25.69 -21.20
N PRO C 226 -44.41 25.59 -20.70
CA PRO C 226 -44.57 25.88 -19.28
C PRO C 226 -43.77 24.95 -18.35
N PHE C 227 -43.67 23.67 -18.68
CA PHE C 227 -42.87 22.75 -17.85
C PHE C 227 -41.36 22.99 -18.07
N ILE C 228 -40.95 23.24 -19.31
CA ILE C 228 -39.55 23.53 -19.62
C ILE C 228 -39.05 24.80 -18.95
N PHE C 229 -39.83 25.87 -19.05
CA PHE C 229 -39.40 27.12 -18.44
C PHE C 229 -39.41 27.01 -16.92
N ALA C 230 -40.39 26.31 -16.36
CA ALA C 230 -40.42 26.03 -14.91
C ALA C 230 -39.18 25.29 -14.43
N ARG C 231 -38.71 24.34 -15.24
CA ARG C 231 -37.44 23.66 -14.95
C ARG C 231 -36.27 24.63 -14.95
N HIS C 232 -36.22 25.53 -15.93
CA HIS C 232 -35.14 26.52 -16.00
C HIS C 232 -35.11 27.39 -14.77
N ALA C 233 -36.28 27.78 -14.30
CA ALA C 233 -36.45 28.70 -13.19
C ALA C 233 -36.03 28.11 -11.84
N ASN C 234 -35.80 26.80 -11.80
CA ASN C 234 -35.22 26.15 -10.60
C ASN C 234 -33.76 26.48 -10.36
N PHE C 235 -33.15 27.20 -11.30
CA PHE C 235 -31.71 27.43 -11.25
C PHE C 235 -31.51 28.92 -11.10
N ARG C 236 -30.33 29.30 -10.63
CA ARG C 236 -30.15 30.62 -10.10
C ARG C 236 -29.83 31.66 -11.15
N TYR C 237 -28.94 31.30 -12.08
CA TYR C 237 -28.49 32.19 -13.15
C TYR C 237 -29.04 31.77 -14.53
N HIS C 238 -29.23 32.74 -15.41
CA HIS C 238 -29.81 32.49 -16.72
C HIS C 238 -29.09 33.34 -17.73
N MET C 239 -28.96 32.84 -18.95
CA MET C 239 -28.28 33.56 -20.02
C MET C 239 -28.65 33.03 -21.38
N ASP C 240 -28.24 33.80 -22.38
CA ASP C 240 -28.46 33.46 -23.76
C ASP C 240 -27.35 34.12 -24.54
N ALA C 241 -26.48 33.31 -25.14
CA ALA C 241 -25.33 33.85 -25.85
C ALA C 241 -25.67 34.51 -27.22
N ASP C 242 -26.89 34.32 -27.71
CA ASP C 242 -27.34 34.97 -28.95
C ASP C 242 -26.28 35.06 -30.05
N TYR C 243 -25.97 33.91 -30.68
CA TYR C 243 -24.86 33.80 -31.64
C TYR C 243 -25.16 34.41 -33.01
N THR C 244 -24.11 34.88 -33.68
CA THR C 244 -24.18 35.36 -35.05
C THR C 244 -23.62 34.28 -35.99
N ARG C 245 -24.30 34.06 -37.12
CA ARG C 245 -23.81 33.11 -38.12
C ARG C 245 -23.32 31.81 -37.47
N TRP C 246 -24.14 31.24 -36.60
CA TRP C 246 -23.87 29.97 -35.95
C TRP C 246 -23.45 28.89 -36.96
N ASP C 247 -24.29 28.72 -37.98
CA ASP C 247 -24.14 27.59 -38.89
C ASP C 247 -22.78 27.62 -39.59
N SER C 248 -22.43 28.79 -40.12
CA SER C 248 -21.26 28.92 -40.97
C SER C 248 -19.98 28.93 -40.18
N THR C 249 -20.07 29.21 -38.87
CA THR C 249 -18.92 29.18 -37.96
C THR C 249 -18.66 27.80 -37.29
N GLN C 250 -19.51 26.81 -37.52
CA GLN C 250 -19.27 25.50 -36.95
C GLN C 250 -18.03 24.83 -37.52
N GLN C 251 -17.45 23.92 -36.75
CA GLN C 251 -16.31 23.14 -37.18
C GLN C 251 -16.80 21.75 -37.49
N ARG C 252 -16.40 21.22 -38.63
CA ARG C 252 -16.82 19.87 -38.98
C ARG C 252 -16.39 18.86 -37.95
N ALA C 253 -15.33 19.16 -37.20
CA ALA C 253 -14.79 18.21 -36.22
C ALA C 253 -15.71 18.09 -35.04
N ILE C 254 -16.33 19.19 -34.65
CA ILE C 254 -17.36 19.15 -33.61
C ILE C 254 -18.62 18.40 -34.09
N LEU C 255 -19.13 18.78 -35.26
CA LEU C 255 -20.29 18.12 -35.86
C LEU C 255 -20.02 16.63 -35.99
N LYS C 256 -18.79 16.28 -36.34
CA LYS C 256 -18.40 14.88 -36.48
C LYS C 256 -18.60 14.15 -35.15
N ARG C 257 -18.31 14.84 -34.05
CA ARG C 257 -18.48 14.28 -32.73
C ARG C 257 -19.95 14.14 -32.41
N ALA C 258 -20.75 15.10 -32.87
CA ALA C 258 -22.20 15.04 -32.70
C ALA C 258 -22.75 13.89 -33.52
N GLY C 259 -22.33 13.85 -34.77
CA GLY C 259 -22.59 12.72 -35.65
C GLY C 259 -22.28 11.36 -35.05
N ASP C 260 -21.15 11.23 -34.35
CA ASP C 260 -20.76 9.94 -33.76
C ASP C 260 -21.78 9.47 -32.73
N ILE C 261 -22.22 10.41 -31.92
CA ILE C 261 -23.23 10.11 -30.92
C ILE C 261 -24.53 9.66 -31.60
N MET C 262 -24.93 10.32 -32.68
CA MET C 262 -26.19 9.97 -33.34
C MET C 262 -26.12 8.58 -33.99
N VAL C 263 -24.97 8.28 -34.59
CA VAL C 263 -24.77 6.95 -35.17
C VAL C 263 -24.85 5.87 -34.08
N ARG C 264 -24.14 6.08 -32.97
CA ARG C 264 -24.08 5.04 -31.95
C ARG C 264 -25.45 4.73 -31.40
N LEU C 265 -26.34 5.71 -31.39
CA LEU C 265 -27.66 5.53 -30.82
C LEU C 265 -28.74 5.25 -31.89
N SER C 266 -28.34 4.84 -33.08
CA SER C 266 -29.30 4.44 -34.12
C SER C 266 -29.44 2.92 -34.18
N PRO C 267 -30.56 2.42 -34.70
CA PRO C 267 -30.75 0.98 -34.71
C PRO C 267 -29.96 0.24 -35.78
N GLU C 268 -29.54 0.93 -36.84
CA GLU C 268 -28.66 0.35 -37.88
C GLU C 268 -27.36 1.18 -37.91
N PRO C 269 -26.51 1.06 -36.87
CA PRO C 269 -25.33 1.94 -36.76
C PRO C 269 -24.35 1.85 -37.91
N ASP C 270 -24.09 0.66 -38.43
CA ASP C 270 -23.11 0.51 -39.51
C ASP C 270 -23.59 1.23 -40.76
N LEU C 271 -24.87 1.03 -41.05
CA LEU C 271 -25.50 1.69 -42.19
C LEU C 271 -25.52 3.20 -41.97
N ALA C 272 -25.94 3.59 -40.77
CA ALA C 272 -25.96 5.01 -40.36
C ALA C 272 -24.59 5.72 -40.49
N ARG C 273 -23.52 4.97 -40.26
CA ARG C 273 -22.15 5.51 -40.27
C ARG C 273 -21.76 5.95 -41.67
N VAL C 274 -22.11 5.13 -42.66
CA VAL C 274 -21.90 5.46 -44.03
C VAL C 274 -22.65 6.74 -44.43
N VAL C 275 -23.88 6.91 -43.95
CA VAL C 275 -24.65 8.12 -44.24
C VAL C 275 -24.01 9.34 -43.56
N MET C 276 -23.73 9.26 -42.26
CA MET C 276 -23.08 10.39 -41.56
C MET C 276 -21.73 10.80 -42.13
N ASP C 277 -20.87 9.83 -42.47
CA ASP C 277 -19.59 10.15 -43.14
C ASP C 277 -19.87 10.97 -44.40
N ASP C 278 -20.84 10.54 -45.21
CA ASP C 278 -21.18 11.29 -46.43
C ASP C 278 -21.72 12.68 -46.11
N LEU C 279 -22.54 12.77 -45.08
CA LEU C 279 -23.09 14.04 -44.71
C LEU C 279 -22.01 15.06 -44.33
N LEU C 280 -20.99 14.62 -43.64
CA LEU C 280 -20.01 15.54 -43.07
C LEU C 280 -18.75 15.69 -43.91
N ALA C 281 -18.59 14.86 -44.93
CA ALA C 281 -17.46 15.02 -45.86
C ALA C 281 -17.59 16.37 -46.57
N PRO C 282 -16.49 16.87 -47.15
CA PRO C 282 -16.55 18.18 -47.81
C PRO C 282 -17.75 18.31 -48.76
N SER C 283 -18.50 19.40 -48.63
CA SER C 283 -19.84 19.46 -49.21
C SER C 283 -19.85 20.05 -50.62
N LEU C 284 -20.53 19.40 -51.54
CA LEU C 284 -20.73 19.90 -52.89
C LEU C 284 -21.99 20.77 -52.90
N LEU C 285 -21.83 22.09 -53.11
CA LEU C 285 -22.94 23.05 -53.09
C LEU C 285 -23.13 23.68 -54.47
N ASP C 286 -24.31 23.46 -55.05
CA ASP C 286 -24.64 23.97 -56.38
C ASP C 286 -25.18 25.40 -56.30
N VAL C 287 -24.41 26.34 -56.82
CA VAL C 287 -24.79 27.74 -56.81
C VAL C 287 -25.22 28.24 -58.18
N GLY C 288 -25.55 27.32 -59.08
CA GLY C 288 -26.01 27.69 -60.43
C GLY C 288 -24.94 27.43 -61.47
N ASP C 289 -24.07 28.40 -61.68
CA ASP C 289 -22.98 28.25 -62.64
C ASP C 289 -22.00 27.13 -62.28
N TYR C 290 -21.80 26.90 -60.97
CA TYR C 290 -20.88 25.87 -60.49
C TYR C 290 -21.41 25.07 -59.29
N LYS C 291 -20.89 23.85 -59.12
CA LYS C 291 -20.86 23.22 -57.81
C LYS C 291 -19.54 23.59 -57.14
N ILE C 292 -19.61 24.10 -55.92
CA ILE C 292 -18.41 24.43 -55.16
C ILE C 292 -18.24 23.54 -53.94
N VAL C 293 -17.02 23.50 -53.40
CA VAL C 293 -16.68 22.63 -52.26
C VAL C 293 -16.65 23.45 -50.99
N VAL C 294 -17.48 23.08 -50.03
CA VAL C 294 -17.49 23.78 -48.75
C VAL C 294 -17.15 22.75 -47.69
N GLU C 295 -15.93 22.91 -47.20
CA GLU C 295 -15.27 21.96 -46.35
C GLU C 295 -15.74 22.14 -44.94
N GLU C 296 -16.08 23.37 -44.56
CA GLU C 296 -16.41 23.70 -43.17
C GLU C 296 -17.80 24.30 -43.02
N GLY C 297 -18.24 24.39 -41.78
CA GLY C 297 -19.57 24.89 -41.45
C GLY C 297 -20.59 23.77 -41.50
N LEU C 298 -21.83 24.11 -41.15
CA LEU C 298 -22.95 23.18 -41.17
C LEU C 298 -23.54 23.02 -42.58
N PRO C 299 -23.50 21.79 -43.12
CA PRO C 299 -24.28 21.49 -44.32
C PRO C 299 -25.71 21.23 -43.87
N SER C 300 -26.57 22.23 -44.04
CA SER C 300 -27.87 22.27 -43.33
C SER C 300 -29.05 21.77 -44.16
N GLY C 301 -28.78 20.85 -45.07
CA GLY C 301 -29.81 20.39 -45.97
C GLY C 301 -30.81 19.40 -45.39
N CYS C 302 -30.33 18.45 -44.61
CA CYS C 302 -31.08 17.20 -44.39
C CYS C 302 -32.06 17.29 -43.22
N PRO C 303 -32.97 16.30 -43.10
CA PRO C 303 -33.97 16.39 -42.02
C PRO C 303 -33.36 16.52 -40.61
N CYS C 304 -32.46 15.60 -40.32
CA CYS C 304 -31.85 15.48 -39.01
C CYS C 304 -30.83 16.57 -38.66
N THR C 305 -30.59 17.54 -39.55
CA THR C 305 -29.53 18.49 -39.27
C THR C 305 -29.83 19.35 -38.06
N THR C 306 -31.10 19.67 -37.82
CA THR C 306 -31.44 20.51 -36.68
C THR C 306 -31.10 19.81 -35.36
N GLN C 307 -31.21 18.48 -35.33
CA GLN C 307 -30.85 17.70 -34.15
C GLN C 307 -29.31 17.63 -34.04
N LEU C 308 -28.68 17.36 -35.17
CA LEU C 308 -27.24 17.35 -35.25
C LEU C 308 -26.67 18.66 -34.74
N ASN C 309 -27.19 19.76 -35.27
CA ASN C 309 -26.74 21.10 -34.92
C ASN C 309 -26.97 21.37 -33.44
N SER C 310 -28.10 20.90 -32.95
CA SER C 310 -28.44 21.08 -31.56
C SER C 310 -27.44 20.36 -30.63
N LEU C 311 -26.98 19.21 -31.09
CA LEU C 311 -26.07 18.36 -30.32
C LEU C 311 -24.69 19.02 -30.27
N ALA C 312 -24.26 19.53 -31.40
CA ALA C 312 -23.04 20.26 -31.46
C ALA C 312 -23.13 21.43 -30.51
N HIS C 313 -24.29 22.05 -30.45
CA HIS C 313 -24.46 23.23 -29.60
C HIS C 313 -24.25 22.81 -28.13
N TRP C 314 -24.83 21.66 -27.77
CA TRP C 314 -24.74 21.10 -26.43
C TRP C 314 -23.29 20.83 -26.12
N ILE C 315 -22.61 20.13 -27.00
CA ILE C 315 -21.18 19.86 -26.84
C ILE C 315 -20.42 21.15 -26.58
N LEU C 316 -20.59 22.12 -27.46
CA LEU C 316 -19.84 23.35 -27.32
C LEU C 316 -20.14 24.11 -26.02
N THR C 317 -21.40 24.15 -25.61
CA THR C 317 -21.75 24.93 -24.45
C THR C 317 -21.22 24.23 -23.21
N LEU C 318 -21.36 22.90 -23.20
CA LEU C 318 -20.88 22.13 -22.08
C LEU C 318 -19.36 22.19 -22.04
N CYS C 319 -18.67 22.10 -23.19
CA CYS C 319 -17.19 22.25 -23.17
C CYS C 319 -16.79 23.57 -22.52
N ALA C 320 -17.33 24.68 -23.00
CA ALA C 320 -16.93 26.00 -22.50
C ALA C 320 -17.16 26.12 -21.00
N MET C 321 -18.30 25.63 -20.52
CA MET C 321 -18.59 25.66 -19.10
C MET C 321 -17.62 24.79 -18.26
N VAL C 322 -17.14 23.70 -18.84
CA VAL C 322 -16.21 22.83 -18.13
C VAL C 322 -14.85 23.52 -18.11
N GLU C 323 -14.40 24.03 -19.26
CA GLU C 323 -13.16 24.80 -19.33
C GLU C 323 -13.06 25.85 -18.24
N VAL C 324 -14.13 26.59 -18.01
CA VAL C 324 -14.10 27.73 -17.09
C VAL C 324 -14.30 27.33 -15.62
N THR C 325 -15.31 26.53 -15.34
CA THR C 325 -15.59 26.15 -13.96
C THR C 325 -14.70 25.03 -13.47
N ARG C 326 -14.11 24.27 -14.40
CA ARG C 326 -13.32 23.07 -14.11
C ARG C 326 -14.10 22.02 -13.31
N VAL C 327 -15.42 22.03 -13.45
CA VAL C 327 -16.29 21.02 -12.84
C VAL C 327 -16.61 19.99 -13.91
N ASP C 328 -16.74 18.73 -13.50
CA ASP C 328 -16.97 17.66 -14.46
C ASP C 328 -18.30 17.88 -15.21
N PRO C 329 -18.35 17.47 -16.47
CA PRO C 329 -19.55 17.69 -17.28
C PRO C 329 -20.83 17.21 -16.62
N ASP C 330 -20.80 15.97 -16.13
CA ASP C 330 -21.94 15.37 -15.40
C ASP C 330 -22.43 16.24 -14.25
N ILE C 331 -21.49 16.85 -13.51
CA ILE C 331 -21.84 17.70 -12.37
C ILE C 331 -22.46 19.01 -12.88
N VAL C 332 -21.91 19.56 -13.95
CA VAL C 332 -22.46 20.77 -14.56
C VAL C 332 -23.93 20.53 -14.94
N MET C 333 -24.24 19.32 -15.39
CA MET C 333 -25.61 19.01 -15.79
C MET C 333 -26.55 18.73 -14.65
N GLN C 334 -26.00 18.37 -13.50
CA GLN C 334 -26.81 18.28 -12.28
C GLN C 334 -27.15 19.67 -11.78
N GLU C 335 -26.29 20.64 -12.10
CA GLU C 335 -26.45 22.01 -11.61
C GLU C 335 -26.92 22.97 -12.70
N SER C 336 -27.51 22.43 -13.77
CA SER C 336 -27.98 23.25 -14.90
C SER C 336 -29.20 22.66 -15.63
N GLU C 337 -29.85 23.53 -16.41
CA GLU C 337 -30.85 23.13 -17.38
C GLU C 337 -30.55 23.86 -18.68
N PHE C 338 -30.46 23.10 -19.76
CA PHE C 338 -30.19 23.67 -21.05
C PHE C 338 -31.39 23.51 -21.97
N SER C 339 -31.48 24.42 -22.91
CA SER C 339 -32.43 24.33 -23.98
C SER C 339 -31.68 24.71 -25.24
N PHE C 340 -31.64 23.80 -26.20
CA PHE C 340 -31.07 24.09 -27.50
C PHE C 340 -32.06 23.80 -28.60
N TYR C 341 -32.04 24.62 -29.65
CA TYR C 341 -32.78 24.34 -30.85
C TYR C 341 -31.96 24.96 -31.96
N GLY C 342 -31.08 24.15 -32.54
CA GLY C 342 -30.16 24.67 -33.53
C GLY C 342 -29.29 25.69 -32.85
N ASP C 343 -29.33 26.94 -33.32
CA ASP C 343 -28.45 27.98 -32.79
C ASP C 343 -29.04 28.64 -31.54
N ASP C 344 -30.29 28.34 -31.23
CA ASP C 344 -31.02 29.06 -30.18
C ASP C 344 -30.85 28.36 -28.85
N GLU C 345 -30.67 29.13 -27.78
CA GLU C 345 -30.39 28.55 -26.49
C GLU C 345 -31.00 29.34 -25.36
N VAL C 346 -31.24 28.62 -24.28
CA VAL C 346 -31.39 29.19 -22.97
C VAL C 346 -30.51 28.32 -22.10
N VAL C 347 -29.57 28.94 -21.38
CA VAL C 347 -28.74 28.23 -20.40
C VAL C 347 -28.97 28.74 -18.99
N SER C 348 -29.48 27.86 -18.12
CA SER C 348 -29.68 28.20 -16.71
C SER C 348 -28.76 27.37 -15.83
N THR C 349 -28.15 28.01 -14.84
CA THR C 349 -27.21 27.29 -13.97
C THR C 349 -27.02 27.88 -12.55
N ASN C 350 -26.84 26.96 -11.60
CA ASN C 350 -26.46 27.30 -10.24
C ASN C 350 -25.00 27.70 -10.09
N LEU C 351 -24.15 27.29 -11.02
CA LEU C 351 -22.71 27.55 -10.92
C LEU C 351 -22.42 29.01 -11.12
N GLU C 352 -21.46 29.53 -10.34
CA GLU C 352 -20.86 30.84 -10.59
C GLU C 352 -20.02 30.72 -11.83
N LEU C 353 -20.51 31.29 -12.91
CA LEU C 353 -19.79 31.22 -14.15
C LEU C 353 -19.07 32.55 -14.27
N ASP C 354 -17.76 32.47 -14.42
CA ASP C 354 -16.94 33.63 -14.73
C ASP C 354 -17.24 33.98 -16.19
N MET C 355 -18.13 34.95 -16.36
CA MET C 355 -18.65 35.30 -17.69
C MET C 355 -17.62 35.79 -18.69
N VAL C 356 -16.53 36.40 -18.21
CA VAL C 356 -15.48 36.93 -19.10
C VAL C 356 -14.73 35.78 -19.75
N LYS C 357 -14.29 34.83 -18.93
CA LYS C 357 -13.64 33.61 -19.44
C LYS C 357 -14.60 32.77 -20.30
N TYR C 358 -15.88 32.74 -19.91
CA TYR C 358 -16.88 31.97 -20.66
C TYR C 358 -17.02 32.52 -22.08
N THR C 359 -17.23 33.82 -22.18
CA THR C 359 -17.30 34.49 -23.48
C THR C 359 -16.04 34.25 -24.31
N MET C 360 -14.86 34.25 -23.68
CA MET C 360 -13.61 34.06 -24.41
C MET C 360 -13.42 32.66 -24.95
N ALA C 361 -13.86 31.65 -24.21
CA ALA C 361 -13.77 30.25 -24.66
C ALA C 361 -14.66 30.02 -25.91
N LEU C 362 -15.89 30.48 -25.84
CA LEU C 362 -16.76 30.46 -27.01
C LEU C 362 -16.10 31.10 -28.23
N ARG C 363 -15.48 32.27 -28.05
CA ARG C 363 -14.81 32.94 -29.18
C ARG C 363 -13.56 32.18 -29.64
N ARG C 364 -12.86 31.54 -28.71
CA ARG C 364 -11.72 30.71 -29.10
C ARG C 364 -12.20 29.59 -30.02
N TYR C 365 -13.41 29.10 -29.75
CA TYR C 365 -14.01 28.05 -30.57
C TYR C 365 -14.52 28.54 -31.91
N GLY C 366 -14.47 29.84 -32.17
CA GLY C 366 -14.87 30.44 -33.45
C GLY C 366 -16.32 30.93 -33.48
N LEU C 367 -16.99 30.81 -32.35
CA LEU C 367 -18.36 31.23 -32.24
C LEU C 367 -18.39 32.73 -32.02
N LEU C 368 -19.55 33.30 -32.32
CA LEU C 368 -19.76 34.73 -32.31
C LEU C 368 -20.93 35.08 -31.41
N PRO C 369 -20.75 34.93 -30.09
CA PRO C 369 -21.75 35.43 -29.14
C PRO C 369 -21.85 36.94 -29.18
N THR C 370 -23.00 37.48 -28.79
CA THR C 370 -23.20 38.90 -28.77
C THR C 370 -24.09 39.31 -27.60
N ARG C 371 -23.78 40.46 -27.03
CA ARG C 371 -24.54 41.01 -25.92
C ARG C 371 -25.87 41.53 -26.43
N ALA C 372 -26.87 41.58 -25.55
CA ALA C 372 -28.17 42.12 -25.91
C ALA C 372 -28.02 43.51 -26.49
N ASP C 373 -27.19 44.33 -25.83
CA ASP C 373 -26.90 45.70 -26.28
C ASP C 373 -25.96 45.81 -27.49
N LYS C 374 -25.41 44.69 -27.93
CA LYS C 374 -24.65 44.59 -29.19
C LYS C 374 -23.27 45.24 -29.14
N GLU C 375 -22.86 45.71 -27.97
CA GLU C 375 -21.52 46.31 -27.82
C GLU C 375 -20.48 45.23 -27.55
N GLU C 376 -19.23 45.64 -27.43
CA GLU C 376 -18.15 44.74 -27.02
C GLU C 376 -18.30 44.40 -25.54
N GLY C 377 -17.51 43.44 -25.08
CA GLY C 377 -17.55 43.02 -23.67
C GLY C 377 -18.18 41.65 -23.50
N PRO C 378 -18.06 41.07 -22.30
CA PRO C 378 -18.46 39.69 -22.09
C PRO C 378 -19.98 39.59 -22.05
N LEU C 379 -20.49 38.38 -21.97
CA LEU C 379 -21.91 38.16 -21.89
C LEU C 379 -22.38 38.34 -20.47
N GLU C 380 -23.69 38.42 -20.31
CA GLU C 380 -24.29 38.65 -19.01
C GLU C 380 -25.17 37.49 -18.61
N ARG C 381 -25.10 37.18 -17.32
CA ARG C 381 -26.04 36.28 -16.68
C ARG C 381 -27.01 37.16 -15.92
N ARG C 382 -28.16 36.61 -15.58
CA ARG C 382 -29.19 37.30 -14.82
C ARG C 382 -29.72 36.33 -13.76
N GLN C 383 -30.30 36.85 -12.68
CA GLN C 383 -30.96 35.99 -11.69
C GLN C 383 -32.46 35.87 -11.96
N THR C 384 -32.89 36.36 -13.11
CA THR C 384 -34.28 36.27 -13.50
C THR C 384 -34.40 35.73 -14.93
N LEU C 385 -35.29 34.77 -15.08
CA LEU C 385 -35.52 34.14 -16.37
C LEU C 385 -36.36 35.02 -17.28
N GLN C 386 -37.13 35.94 -16.70
CA GLN C 386 -38.07 36.78 -17.47
C GLN C 386 -37.33 37.73 -18.38
N GLY C 387 -37.72 37.72 -19.67
CA GLY C 387 -37.11 38.60 -20.68
C GLY C 387 -36.26 37.82 -21.67
N ILE C 388 -35.86 36.62 -21.29
CA ILE C 388 -35.03 35.80 -22.14
C ILE C 388 -35.92 35.16 -23.19
N SER C 389 -35.37 34.97 -24.38
CA SER C 389 -36.13 34.51 -25.53
C SER C 389 -35.72 33.14 -26.03
N PHE C 390 -36.68 32.42 -26.58
CA PHE C 390 -36.46 31.12 -27.16
C PHE C 390 -37.56 30.83 -28.18
N LEU C 391 -37.17 30.34 -29.36
CA LEU C 391 -38.11 30.14 -30.49
C LEU C 391 -38.97 31.37 -30.68
N ARG C 392 -38.28 32.51 -30.74
CA ARG C 392 -38.86 33.85 -30.88
C ARG C 392 -40.03 34.18 -29.92
N ARG C 393 -40.00 33.65 -28.69
CA ARG C 393 -40.93 34.10 -27.62
C ARG C 393 -40.13 34.59 -26.42
N ALA C 394 -40.63 35.63 -25.76
CA ALA C 394 -40.12 36.07 -24.46
C ALA C 394 -40.63 35.09 -23.43
N ILE C 395 -39.80 34.74 -22.47
CA ILE C 395 -40.24 33.84 -21.42
C ILE C 395 -40.85 34.72 -20.33
N VAL C 396 -42.07 34.39 -19.93
CA VAL C 396 -42.81 35.22 -18.99
C VAL C 396 -43.39 34.36 -17.87
N GLY C 397 -43.32 34.88 -16.64
CA GLY C 397 -43.81 34.14 -15.49
C GLY C 397 -44.86 34.92 -14.75
N ASP C 398 -45.98 34.27 -14.44
CA ASP C 398 -46.98 34.89 -13.59
C ASP C 398 -47.48 33.87 -12.58
N GLN C 399 -48.51 34.22 -11.83
CA GLN C 399 -48.91 33.38 -10.71
C GLN C 399 -49.49 32.04 -11.14
N PHE C 400 -49.80 31.88 -12.44
CA PHE C 400 -50.23 30.58 -12.95
C PHE C 400 -49.08 29.74 -13.48
N GLY C 401 -47.91 30.36 -13.62
CA GLY C 401 -46.73 29.64 -14.10
C GLY C 401 -45.98 30.38 -15.18
N TRP C 402 -45.14 29.64 -15.89
CA TRP C 402 -44.28 30.18 -16.93
C TRP C 402 -44.86 29.86 -18.29
N TYR C 403 -44.52 30.69 -19.27
CA TYR C 403 -45.02 30.54 -20.64
C TYR C 403 -44.28 31.43 -21.63
N GLY C 404 -44.35 31.07 -22.90
CA GLY C 404 -43.66 31.80 -23.93
C GLY C 404 -44.58 32.75 -24.62
N ARG C 405 -44.20 34.02 -24.68
CA ARG C 405 -45.05 35.03 -25.29
C ARG C 405 -44.42 35.66 -26.50
N LEU C 406 -45.17 35.67 -27.59
CA LEU C 406 -44.78 36.31 -28.83
C LEU C 406 -44.82 37.81 -28.63
N ASP C 407 -43.78 38.52 -29.04
CA ASP C 407 -43.74 39.98 -28.92
C ASP C 407 -44.82 40.62 -29.81
N ARG C 408 -45.16 41.87 -29.50
CA ARG C 408 -46.23 42.56 -30.19
C ARG C 408 -45.89 42.91 -31.62
N ALA C 409 -44.62 43.23 -31.88
CA ALA C 409 -44.18 43.51 -33.23
C ALA C 409 -44.48 42.30 -34.13
N SER C 410 -44.13 41.10 -33.67
CA SER C 410 -44.40 39.89 -34.47
C SER C 410 -45.88 39.66 -34.67
N ILE C 411 -46.70 39.96 -33.67
CA ILE C 411 -48.15 39.79 -33.79
C ILE C 411 -48.69 40.80 -34.82
N ASP C 412 -48.36 42.06 -34.62
CA ASP C 412 -48.81 43.10 -35.55
C ASP C 412 -48.33 42.82 -36.98
N ARG C 413 -47.16 42.20 -37.12
CA ARG C 413 -46.59 41.92 -38.44
C ARG C 413 -47.40 40.93 -39.23
N GLN C 414 -47.89 39.89 -38.56
CA GLN C 414 -48.75 38.90 -39.20
C GLN C 414 -50.13 39.42 -39.53
N LEU C 415 -50.50 40.57 -38.98
CA LEU C 415 -51.78 41.20 -39.34
C LEU C 415 -51.60 42.03 -40.61
N LEU C 416 -50.37 42.46 -40.85
CA LEU C 416 -50.03 43.22 -42.05
C LEU C 416 -49.78 42.35 -43.28
N TRP C 417 -49.37 41.09 -43.09
CA TRP C 417 -49.04 40.20 -44.23
C TRP C 417 -49.72 38.85 -44.16
N THR C 418 -50.00 38.26 -45.32
CA THR C 418 -50.55 36.92 -45.40
C THR C 418 -49.85 36.11 -46.48
N LYS C 419 -49.77 34.80 -46.29
CA LYS C 419 -49.15 33.94 -47.28
C LYS C 419 -50.11 33.56 -48.40
N GLY C 420 -49.56 33.39 -49.58
CA GLY C 420 -50.34 33.05 -50.73
C GLY C 420 -49.38 32.59 -51.80
N PRO C 421 -49.90 32.41 -53.03
CA PRO C 421 -49.05 32.01 -54.13
C PRO C 421 -47.95 33.00 -54.31
N ASN C 422 -46.88 32.57 -54.95
CA ASN C 422 -45.77 33.45 -55.20
C ASN C 422 -46.11 34.49 -56.26
N HIS C 423 -45.61 35.69 -56.05
CA HIS C 423 -45.83 36.80 -56.95
C HIS C 423 -44.72 37.82 -56.84
N GLN C 424 -44.65 38.75 -57.79
CA GLN C 424 -43.48 39.65 -57.95
C GLN C 424 -43.56 40.91 -57.08
N ASN C 425 -44.77 41.42 -56.88
CA ASN C 425 -44.97 42.66 -56.12
C ASN C 425 -45.62 42.39 -54.77
N PRO C 426 -44.87 42.62 -53.69
CA PRO C 426 -45.32 42.32 -52.33
C PRO C 426 -46.54 43.12 -51.89
N PHE C 427 -46.68 44.33 -52.39
CA PHE C 427 -47.72 45.26 -51.93
C PHE C 427 -49.12 44.96 -52.49
N GLU C 428 -49.24 43.97 -53.36
CA GLU C 428 -50.55 43.54 -53.86
C GLU C 428 -51.31 42.85 -52.78
N THR C 429 -52.62 43.05 -52.75
CA THR C 429 -53.45 42.34 -51.80
C THR C 429 -54.02 41.10 -52.49
N LEU C 430 -54.36 40.08 -51.71
CA LEU C 430 -55.07 38.90 -52.22
C LEU C 430 -56.50 39.30 -52.52
N PRO C 431 -56.97 39.07 -53.75
CA PRO C 431 -58.29 39.58 -54.12
C PRO C 431 -59.44 38.84 -53.47
N GLY C 432 -59.17 37.60 -53.08
CA GLY C 432 -60.12 36.78 -52.40
C GLY C 432 -59.88 36.97 -50.94
N HIS C 433 -60.91 37.39 -50.24
CA HIS C 433 -60.78 37.66 -48.83
C HIS C 433 -61.00 36.34 -48.09
N ALA C 434 -59.98 35.48 -48.12
CA ALA C 434 -59.93 34.22 -47.36
C ALA C 434 -58.83 34.14 -46.33
N GLN C 435 -58.95 33.18 -45.41
CA GLN C 435 -58.08 33.11 -44.25
C GLN C 435 -57.49 31.73 -44.12
N ARG C 436 -56.82 31.40 -43.00
CA ARG C 436 -56.45 32.27 -41.87
C ARG C 436 -57.43 32.17 -40.67
N PRO C 437 -58.48 31.41 -40.80
CA PRO C 437 -59.41 31.30 -39.70
C PRO C 437 -58.75 30.70 -38.48
N SER C 438 -57.97 29.64 -38.58
CA SER C 438 -57.23 29.17 -37.43
C SER C 438 -56.15 30.16 -37.04
N GLN C 439 -55.47 30.66 -38.04
CA GLN C 439 -54.35 31.51 -37.85
C GLN C 439 -54.77 32.75 -37.15
N LEU C 440 -55.95 33.25 -37.45
CA LEU C 440 -56.49 34.35 -36.69
C LEU C 440 -56.71 33.92 -35.24
N MET C 441 -57.08 32.67 -35.04
CA MET C 441 -57.32 32.15 -33.72
C MET C 441 -56.09 32.15 -32.82
N ALA C 442 -55.00 31.64 -33.35
CA ALA C 442 -53.73 31.65 -32.64
C ALA C 442 -53.25 33.07 -32.37
N LEU C 443 -53.44 33.98 -33.33
CA LEU C 443 -53.05 35.38 -33.15
C LEU C 443 -53.78 36.02 -31.98
N LEU C 444 -55.10 35.81 -31.94
CA LEU C 444 -55.91 36.28 -30.82
C LEU C 444 -55.41 35.63 -29.54
N GLY C 445 -55.13 34.34 -29.61
CA GLY C 445 -54.42 33.62 -28.56
C GLY C 445 -53.22 34.38 -28.08
N GLU C 446 -52.32 34.71 -29.01
CA GLU C 446 -51.07 35.38 -28.69
C GLU C 446 -51.30 36.79 -28.16
N ALA C 447 -52.31 37.47 -28.69
CA ALA C 447 -52.68 38.81 -28.22
C ALA C 447 -53.23 38.78 -26.79
N ALA C 448 -54.07 37.79 -26.51
CA ALA C 448 -54.63 37.60 -25.17
C ALA C 448 -53.58 37.61 -24.06
N MET C 449 -52.43 37.01 -24.32
CA MET C 449 -51.39 36.92 -23.30
C MET C 449 -50.76 38.29 -22.95
N HIS C 450 -51.03 39.30 -23.78
CA HIS C 450 -50.51 40.65 -23.52
C HIS C 450 -51.49 41.56 -22.76
N GLY C 451 -52.66 41.03 -22.38
CA GLY C 451 -53.65 41.80 -21.60
C GLY C 451 -54.88 42.26 -22.39
N GLU C 452 -55.89 42.72 -21.68
CA GLU C 452 -57.19 43.03 -22.28
C GLU C 452 -57.11 44.15 -23.31
N LYS C 453 -56.41 45.23 -22.97
CA LYS C 453 -56.28 46.37 -23.86
C LYS C 453 -55.71 45.91 -25.20
N TYR C 454 -54.49 45.34 -25.17
CA TYR C 454 -53.87 44.88 -26.42
C TYR C 454 -54.80 43.92 -27.14
N TYR C 455 -55.36 42.96 -26.42
CA TYR C 455 -56.21 41.96 -27.05
C TYR C 455 -57.33 42.57 -27.85
N ARG C 456 -57.90 43.67 -27.37
CA ARG C 456 -59.08 44.25 -28.01
C ARG C 456 -58.72 45.02 -29.28
N THR C 457 -57.61 45.75 -29.28
CA THR C 457 -57.12 46.38 -30.51
C THR C 457 -56.87 45.34 -31.62
N VAL C 458 -56.29 44.20 -31.26
CA VAL C 458 -56.05 43.12 -32.21
C VAL C 458 -57.39 42.50 -32.64
N ALA C 459 -58.27 42.29 -31.66
CA ALA C 459 -59.64 41.82 -31.92
C ALA C 459 -60.38 42.72 -32.92
N SER C 460 -60.16 44.04 -32.83
CA SER C 460 -60.68 45.00 -33.82
C SER C 460 -60.22 44.62 -35.21
N ARG C 461 -58.91 44.57 -35.36
CA ARG C 461 -58.28 44.35 -36.66
C ARG C 461 -58.66 42.97 -37.18
N VAL C 462 -58.61 41.96 -36.31
CA VAL C 462 -59.04 40.61 -36.70
C VAL C 462 -60.50 40.59 -37.14
N SER C 463 -61.22 41.65 -36.82
CA SER C 463 -62.61 41.76 -37.21
C SER C 463 -62.81 42.55 -38.47
N LYS C 464 -61.92 43.50 -38.73
CA LYS C 464 -62.03 44.34 -39.93
C LYS C 464 -61.73 43.52 -41.19
N GLU C 465 -61.23 42.31 -40.99
CA GLU C 465 -60.90 41.43 -42.11
C GLU C 465 -62.13 40.66 -42.59
N VAL C 474 -68.13 36.51 -33.49
CA VAL C 474 -67.13 35.51 -33.83
C VAL C 474 -65.85 35.70 -33.00
N VAL C 475 -65.50 36.97 -32.75
CA VAL C 475 -64.31 37.32 -31.97
C VAL C 475 -64.50 37.03 -30.48
N PRO C 476 -63.97 35.87 -29.99
CA PRO C 476 -64.27 35.48 -28.60
C PRO C 476 -63.75 36.47 -27.59
N ARG C 477 -64.37 36.52 -26.42
CA ARG C 477 -63.97 37.49 -25.42
C ARG C 477 -62.67 37.08 -24.76
N HIS C 478 -62.02 38.08 -24.16
CA HIS C 478 -60.66 37.97 -23.64
C HIS C 478 -60.44 36.81 -22.66
N ARG C 479 -61.19 36.84 -21.56
CA ARG C 479 -61.06 35.81 -20.51
C ARG C 479 -61.07 34.40 -21.11
N SER C 480 -61.94 34.17 -22.09
CA SER C 480 -62.11 32.84 -22.69
C SER C 480 -60.88 32.38 -23.42
N VAL C 481 -60.37 33.23 -24.30
CA VAL C 481 -59.24 32.87 -25.13
C VAL C 481 -57.96 32.78 -24.29
N LEU C 482 -57.87 33.59 -23.24
CA LEU C 482 -56.75 33.52 -22.31
C LEU C 482 -56.69 32.14 -21.64
N ARG C 483 -57.86 31.69 -21.19
CA ARG C 483 -58.01 30.38 -20.57
C ARG C 483 -57.76 29.26 -21.58
N TRP C 484 -58.30 29.45 -22.79
CA TRP C 484 -58.02 28.55 -23.91
C TRP C 484 -56.50 28.39 -24.16
N VAL C 485 -55.77 29.50 -24.25
CA VAL C 485 -54.37 29.47 -24.71
C VAL C 485 -53.39 29.05 -23.59
N ARG C 486 -53.68 29.38 -22.34
CA ARG C 486 -52.79 29.03 -21.24
C ARG C 486 -52.99 27.60 -20.75
N PHE C 487 -54.24 27.20 -20.54
CA PHE C 487 -54.55 25.96 -19.84
C PHE C 487 -55.30 24.94 -20.70
N GLY C 488 -56.26 25.39 -21.49
CA GLY C 488 -57.04 24.51 -22.35
C GLY C 488 -56.17 23.86 -23.41
N ARG D 4 -88.07 6.99 16.85
CA ARG D 4 -87.97 8.06 17.90
C ARG D 4 -87.22 7.68 19.20
N PRO D 5 -86.23 6.75 19.15
CA PRO D 5 -85.43 6.63 20.37
C PRO D 5 -84.56 7.86 20.54
N SER D 6 -84.08 8.08 21.76
CA SER D 6 -83.48 9.35 22.19
C SER D 6 -82.25 9.03 23.00
N GLY D 7 -81.41 10.02 23.29
CA GLY D 7 -80.21 9.77 24.07
C GLY D 7 -78.91 10.21 23.41
N THR D 8 -77.80 9.72 23.97
CA THR D 8 -76.46 9.98 23.50
C THR D 8 -75.84 8.63 23.14
N TYR D 9 -75.06 8.60 22.07
CA TYR D 9 -74.26 7.42 21.73
C TYR D 9 -72.90 7.91 21.30
N ALA D 10 -71.88 7.37 21.95
CA ALA D 10 -70.50 7.79 21.81
C ALA D 10 -70.38 9.31 21.73
N GLY D 11 -71.04 10.00 22.67
CA GLY D 11 -70.98 11.46 22.79
C GLY D 11 -71.87 12.22 21.82
N LEU D 12 -72.69 11.50 21.04
CA LEU D 12 -73.43 12.12 19.93
C LEU D 12 -74.91 11.83 20.02
N PRO D 13 -75.77 12.78 19.57
CA PRO D 13 -77.21 12.58 19.73
C PRO D 13 -77.73 11.43 18.90
N ILE D 14 -78.63 10.64 19.47
CA ILE D 14 -79.28 9.56 18.76
C ILE D 14 -80.48 10.14 18.07
N ALA D 15 -80.73 9.70 16.84
CA ALA D 15 -81.89 10.18 16.11
C ALA D 15 -82.86 9.06 15.78
N ASP D 16 -82.37 7.84 15.61
CA ASP D 16 -83.25 6.75 15.22
C ASP D 16 -82.54 5.46 15.44
N TYR D 17 -83.25 4.34 15.19
CA TYR D 17 -82.62 3.02 15.17
C TYR D 17 -81.83 2.87 13.89
N GLY D 18 -80.72 2.14 13.97
CA GLY D 18 -79.88 1.86 12.81
C GLY D 18 -80.40 0.70 11.97
N ASP D 19 -79.95 0.67 10.73
CA ASP D 19 -80.23 -0.39 9.77
C ASP D 19 -78.98 -1.01 9.17
N ALA D 20 -77.79 -0.49 9.53
CA ALA D 20 -76.51 -0.97 8.98
C ALA D 20 -76.27 -2.44 9.30
N PRO D 21 -75.71 -3.19 8.34
CA PRO D 21 -75.39 -4.56 8.69
C PRO D 21 -74.21 -4.57 9.64
N PRO D 22 -73.90 -5.74 10.23
CA PRO D 22 -72.77 -5.88 11.14
C PRO D 22 -71.45 -5.48 10.50
N LEU D 23 -70.51 -5.01 11.32
CA LEU D 23 -69.20 -4.65 10.81
C LEU D 23 -68.44 -5.88 10.33
N SER D 24 -67.57 -5.69 9.36
CA SER D 24 -66.91 -6.79 8.73
C SER D 24 -65.90 -7.43 9.70
N THR D 25 -65.93 -8.75 9.78
CA THR D 25 -64.99 -9.51 10.57
C THR D 25 -63.88 -10.11 9.70
N LYS D 26 -63.65 -9.58 8.50
CA LYS D 26 -62.72 -10.19 7.54
C LYS D 26 -61.81 -9.20 6.84
N THR D 27 -60.73 -9.74 6.29
CA THR D 27 -59.76 -8.95 5.54
C THR D 27 -59.58 -9.50 4.13
N MET D 28 -59.11 -8.63 3.24
CA MET D 28 -58.89 -8.97 1.84
C MET D 28 -57.40 -9.30 1.62
N PHE D 29 -56.57 -9.10 2.64
CA PHE D 29 -55.15 -9.29 2.48
C PHE D 29 -54.76 -10.73 2.83
N TRP D 30 -53.95 -11.35 1.97
CA TRP D 30 -53.43 -12.70 2.16
C TRP D 30 -51.92 -12.65 2.11
N ARG D 31 -51.25 -13.41 2.97
CA ARG D 31 -49.80 -13.49 2.91
C ARG D 31 -49.40 -14.17 1.60
N THR D 32 -48.31 -13.72 1.02
CA THR D 32 -47.76 -14.32 -0.19
C THR D 32 -46.84 -15.52 0.11
N SER D 33 -46.52 -15.73 1.39
CA SER D 33 -45.64 -16.84 1.81
C SER D 33 -45.99 -17.34 3.20
N PRO D 34 -45.72 -18.62 3.48
CA PRO D 34 -46.10 -19.19 4.79
C PRO D 34 -45.18 -18.80 5.96
N GLU D 35 -44.00 -18.26 5.67
CA GLU D 35 -43.02 -17.95 6.70
C GLU D 35 -43.54 -16.88 7.65
N LYS D 36 -42.94 -16.78 8.84
CA LYS D 36 -43.30 -15.73 9.80
C LYS D 36 -42.89 -14.43 9.18
N LEU D 37 -43.57 -13.35 9.55
CA LEU D 37 -43.20 -12.02 9.10
C LEU D 37 -42.00 -11.59 9.91
N PRO D 38 -41.24 -10.63 9.38
CA PRO D 38 -40.18 -10.04 10.18
C PRO D 38 -40.77 -9.33 11.40
N PRO D 39 -39.95 -9.07 12.42
CA PRO D 39 -40.48 -8.34 13.56
C PRO D 39 -40.94 -6.94 13.16
N GLY D 40 -42.02 -6.48 13.78
CA GLY D 40 -42.56 -5.15 13.50
C GLY D 40 -43.21 -4.99 12.12
N ALA D 41 -43.59 -6.09 11.49
CA ALA D 41 -44.21 -6.05 10.18
C ALA D 41 -45.66 -5.61 10.32
N TRP D 42 -46.14 -4.85 9.34
CA TRP D 42 -47.54 -4.45 9.30
C TRP D 42 -48.42 -5.65 9.02
N GLU D 43 -49.66 -5.54 9.47
CA GLU D 43 -50.65 -6.61 9.28
C GLU D 43 -52.04 -5.99 9.07
N PRO D 44 -52.99 -6.77 8.55
CA PRO D 44 -54.33 -6.28 8.41
C PRO D 44 -54.94 -5.86 9.74
N ALA D 45 -55.70 -4.77 9.72
CA ALA D 45 -56.22 -4.16 10.93
C ALA D 45 -57.16 -5.12 11.67
N TYR D 46 -57.29 -4.90 12.98
CA TYR D 46 -58.06 -5.80 13.84
C TYR D 46 -59.39 -6.21 13.26
N LEU D 47 -59.80 -7.45 13.51
CA LEU D 47 -60.95 -8.05 12.87
C LEU D 47 -62.15 -8.39 13.79
N GLY D 48 -62.07 -8.04 15.07
CA GLY D 48 -63.17 -8.26 15.98
C GLY D 48 -62.96 -9.47 16.88
N SER D 49 -64.04 -9.90 17.52
CA SER D 49 -64.01 -10.93 18.56
C SER D 49 -63.44 -12.23 18.01
N LYS D 50 -63.74 -12.52 16.75
CA LYS D 50 -63.23 -13.70 16.04
C LYS D 50 -61.76 -13.64 15.60
N ASP D 51 -61.08 -12.51 15.79
CA ASP D 51 -59.69 -12.38 15.35
C ASP D 51 -58.79 -13.25 16.24
N GLU D 52 -58.17 -14.25 15.63
CA GLU D 52 -57.38 -15.25 16.37
C GLU D 52 -56.07 -14.66 16.91
N ARG D 53 -55.65 -13.54 16.38
CA ARG D 53 -54.37 -12.95 16.72
C ARG D 53 -54.32 -12.25 18.08
N VAL D 54 -55.46 -11.75 18.53
CA VAL D 54 -55.49 -10.96 19.77
C VAL D 54 -56.91 -10.92 20.32
N ASP D 55 -57.02 -10.78 21.65
CA ASP D 55 -58.31 -10.59 22.32
C ASP D 55 -58.48 -9.10 22.53
N GLY D 56 -59.35 -8.48 21.73
CA GLY D 56 -59.55 -7.04 21.79
C GLY D 56 -61.00 -6.65 22.07
N PRO D 57 -61.29 -5.36 21.97
CA PRO D 57 -62.67 -4.97 22.18
C PRO D 57 -63.56 -5.42 21.01
N SER D 58 -64.85 -5.22 21.18
CA SER D 58 -65.81 -5.37 20.09
C SER D 58 -65.51 -4.35 18.99
N LEU D 59 -65.92 -4.64 17.77
CA LEU D 59 -65.73 -3.67 16.67
C LEU D 59 -66.55 -2.41 16.92
N GLN D 60 -67.71 -2.57 17.54
CA GLN D 60 -68.54 -1.44 17.89
C GLN D 60 -67.80 -0.49 18.86
N GLN D 61 -67.05 -1.03 19.81
CA GLN D 61 -66.29 -0.17 20.72
C GLN D 61 -65.18 0.56 19.99
N VAL D 62 -64.56 -0.14 19.04
CA VAL D 62 -63.49 0.43 18.20
C VAL D 62 -64.04 1.64 17.42
N MET D 63 -65.24 1.47 16.90
CA MET D 63 -65.90 2.56 16.22
C MET D 63 -66.26 3.70 17.16
N ARG D 64 -66.78 3.37 18.35
CA ARG D 64 -67.13 4.41 19.32
C ARG D 64 -65.91 5.27 19.55
N ASP D 65 -64.73 4.65 19.68
CA ASP D 65 -63.45 5.39 19.83
C ASP D 65 -63.19 6.36 18.66
N GLN D 66 -63.54 5.93 17.44
CA GLN D 66 -63.35 6.78 16.25
C GLN D 66 -64.32 7.95 16.24
N LEU D 67 -65.47 7.78 16.87
CA LEU D 67 -66.50 8.80 16.84
C LEU D 67 -66.22 9.96 17.78
N LYS D 68 -65.32 9.76 18.73
CA LYS D 68 -65.06 10.73 19.78
C LYS D 68 -64.69 12.13 19.31
N PRO D 69 -63.80 12.25 18.33
CA PRO D 69 -63.37 13.60 17.94
C PRO D 69 -64.47 14.50 17.36
N TYR D 70 -65.55 13.89 16.90
CA TYR D 70 -66.69 14.64 16.37
C TYR D 70 -67.52 15.31 17.48
N SER D 71 -67.34 14.86 18.72
CA SER D 71 -68.01 15.45 19.90
C SER D 71 -67.21 16.66 20.39
N GLU D 72 -65.91 16.70 20.10
CA GLU D 72 -65.05 17.77 20.59
C GLU D 72 -65.52 19.13 20.10
N PRO D 73 -65.25 20.19 20.87
CA PRO D 73 -65.61 21.50 20.36
C PRO D 73 -64.74 21.93 19.18
N ARG D 74 -65.35 22.69 18.27
CA ARG D 74 -64.64 23.18 17.12
C ARG D 74 -63.59 24.18 17.54
N GLY D 75 -62.61 24.40 16.68
CA GLY D 75 -61.75 25.56 16.82
C GLY D 75 -62.58 26.75 16.38
N LEU D 76 -61.89 27.87 16.19
CA LEU D 76 -62.53 29.12 15.85
C LEU D 76 -62.49 29.32 14.36
N LEU D 77 -63.40 30.14 13.85
CA LEU D 77 -63.31 30.57 12.48
C LEU D 77 -62.13 31.51 12.36
N PRO D 78 -61.43 31.52 11.22
CA PRO D 78 -60.44 32.57 10.99
C PRO D 78 -61.11 33.94 10.93
N PRO D 79 -60.33 35.03 11.06
CA PRO D 79 -61.01 36.32 11.09
C PRO D 79 -61.87 36.53 9.85
N GLN D 80 -63.08 37.04 10.05
CA GLN D 80 -64.08 37.16 9.00
C GLN D 80 -63.56 37.85 7.73
N GLU D 81 -62.74 38.88 7.90
CA GLU D 81 -62.27 39.67 6.75
C GLU D 81 -61.20 38.95 5.95
N ILE D 82 -60.32 38.25 6.64
CA ILE D 82 -59.37 37.33 6.03
C ILE D 82 -60.14 36.19 5.32
N LEU D 83 -61.10 35.60 6.05
CA LEU D 83 -61.89 34.50 5.51
C LEU D 83 -62.60 34.93 4.22
N ASP D 84 -63.22 36.11 4.24
CA ASP D 84 -63.91 36.66 3.07
C ASP D 84 -62.96 36.92 1.94
N ALA D 85 -61.79 37.47 2.27
CA ALA D 85 -60.83 37.84 1.26
C ALA D 85 -60.22 36.61 0.63
N VAL D 86 -59.98 35.59 1.45
CA VAL D 86 -59.39 34.34 0.98
C VAL D 86 -60.34 33.58 0.06
N CYS D 87 -61.62 33.52 0.42
CA CYS D 87 -62.59 32.81 -0.41
C CYS D 87 -62.80 33.51 -1.72
N ASP D 88 -62.75 34.84 -1.71
CA ASP D 88 -62.88 35.62 -2.96
C ASP D 88 -61.75 35.34 -3.90
N ALA D 89 -60.54 35.35 -3.36
CA ALA D 89 -59.35 35.10 -4.15
C ALA D 89 -59.36 33.68 -4.73
N ILE D 90 -59.85 32.72 -3.95
CA ILE D 90 -59.85 31.31 -4.38
C ILE D 90 -60.89 31.15 -5.46
N GLU D 91 -62.12 31.59 -5.19
CA GLU D 91 -63.16 31.56 -6.21
C GLU D 91 -62.67 32.19 -7.50
N ASN D 92 -62.18 33.42 -7.41
CA ASN D 92 -61.74 34.16 -8.58
C ASN D 92 -60.70 33.37 -9.39
N ARG D 93 -59.70 32.85 -8.71
CA ARG D 93 -58.69 32.04 -9.36
C ARG D 93 -59.31 30.89 -10.13
N LEU D 94 -60.32 30.26 -9.54
CA LEU D 94 -60.99 29.14 -10.20
C LEU D 94 -61.80 29.59 -11.42
N GLU D 95 -62.53 30.70 -11.29
CA GLU D 95 -63.19 31.34 -12.45
C GLU D 95 -62.21 31.52 -13.62
N ASN D 96 -61.01 32.01 -13.35
CA ASN D 96 -60.00 32.23 -14.39
C ASN D 96 -59.42 30.97 -15.01
N THR D 97 -59.54 29.82 -14.35
CA THR D 97 -58.86 28.59 -14.83
C THR D 97 -59.79 27.51 -15.35
N LEU D 98 -60.95 27.34 -14.73
CA LEU D 98 -61.80 26.17 -15.02
C LEU D 98 -62.55 26.33 -16.34
N GLU D 99 -62.54 25.29 -17.17
CA GLU D 99 -63.33 25.32 -18.41
C GLU D 99 -64.80 25.02 -18.10
N PRO D 100 -65.72 25.90 -18.52
CA PRO D 100 -67.13 25.61 -18.21
C PRO D 100 -67.56 24.26 -18.78
N GLN D 101 -68.49 23.60 -18.10
CA GLN D 101 -68.82 22.20 -18.38
C GLN D 101 -70.27 21.98 -18.72
N LYS D 102 -70.55 20.95 -19.52
CA LYS D 102 -71.94 20.54 -19.74
C LYS D 102 -72.43 19.92 -18.44
N PRO D 103 -73.71 20.11 -18.10
CA PRO D 103 -74.28 19.39 -16.96
C PRO D 103 -74.21 17.88 -17.15
N TRP D 104 -74.25 17.14 -16.05
CA TRP D 104 -74.20 15.69 -16.12
C TRP D 104 -75.61 15.13 -16.17
N THR D 105 -75.80 14.08 -16.96
CA THR D 105 -77.08 13.40 -17.08
C THR D 105 -77.20 12.33 -16.02
N PHE D 106 -78.42 11.84 -15.85
CA PHE D 106 -78.67 10.70 -14.96
C PHE D 106 -77.82 9.50 -15.39
N LYS D 107 -77.81 9.24 -16.68
CA LYS D 107 -77.00 8.17 -17.24
C LYS D 107 -75.53 8.33 -16.86
N LYS D 108 -74.97 9.51 -17.08
CA LYS D 108 -73.58 9.74 -16.72
C LYS D 108 -73.33 9.55 -15.21
N ALA D 109 -74.21 10.11 -14.39
CA ALA D 109 -74.04 9.97 -12.96
C ALA D 109 -74.01 8.50 -12.59
N CYS D 110 -74.91 7.72 -13.19
CA CYS D 110 -75.00 6.29 -12.90
C CYS D 110 -73.76 5.51 -13.34
N GLU D 111 -73.19 5.91 -14.47
CA GLU D 111 -72.05 5.20 -15.01
C GLU D 111 -70.84 5.46 -14.16
N SER D 112 -70.71 6.70 -13.68
CA SER D 112 -69.54 7.11 -12.93
C SER D 112 -69.39 6.40 -11.61
N LEU D 113 -70.49 5.89 -11.07
CA LEU D 113 -70.49 5.19 -9.78
C LEU D 113 -69.68 3.89 -9.84
N ASP D 114 -68.85 3.69 -8.82
CA ASP D 114 -68.10 2.44 -8.65
C ASP D 114 -69.08 1.33 -8.33
N LYS D 115 -69.16 0.34 -9.21
CA LYS D 115 -70.12 -0.76 -9.06
C LYS D 115 -69.69 -1.84 -8.08
N ASN D 116 -68.43 -1.82 -7.65
CA ASN D 116 -67.96 -2.83 -6.70
C ASN D 116 -68.05 -2.43 -5.23
N THR D 117 -68.71 -1.34 -4.93
CA THR D 117 -68.93 -0.93 -3.53
C THR D 117 -70.38 -1.06 -3.19
N SER D 118 -70.72 -0.82 -1.94
CA SER D 118 -72.09 -0.93 -1.43
C SER D 118 -73.00 0.22 -1.90
N SER D 119 -74.29 -0.08 -2.03
CA SER D 119 -75.31 0.92 -2.35
C SER D 119 -75.65 1.75 -1.13
N GLY D 120 -75.29 1.22 0.04
CA GLY D 120 -75.52 1.87 1.30
C GLY D 120 -76.99 1.76 1.68
N TYR D 121 -77.44 2.72 2.48
CA TYR D 121 -78.82 2.73 2.94
C TYR D 121 -79.76 2.87 1.75
N PRO D 122 -80.89 2.15 1.76
CA PRO D 122 -81.35 1.12 2.68
C PRO D 122 -81.05 -0.30 2.23
N TYR D 123 -80.57 -0.51 1.02
CA TYR D 123 -80.45 -1.90 0.51
C TYR D 123 -79.16 -2.62 0.85
N HIS D 124 -78.10 -1.85 1.12
CA HIS D 124 -76.80 -2.42 1.44
C HIS D 124 -76.34 -3.56 0.55
N LYS D 125 -76.50 -3.41 -0.77
CA LYS D 125 -75.98 -4.40 -1.71
C LYS D 125 -74.90 -3.80 -2.60
N GLN D 126 -74.03 -4.67 -3.12
CA GLN D 126 -73.05 -4.22 -4.10
C GLN D 126 -73.81 -3.60 -5.27
N LYS D 127 -73.33 -2.46 -5.75
CA LYS D 127 -74.05 -1.74 -6.79
C LYS D 127 -74.22 -2.62 -8.04
N SER D 128 -73.24 -3.45 -8.35
CA SER D 128 -73.28 -4.28 -9.56
C SER D 128 -74.41 -5.31 -9.59
N LYS D 129 -74.93 -5.68 -8.43
CA LYS D 129 -76.02 -6.65 -8.35
C LYS D 129 -77.31 -6.19 -9.07
N ASP D 130 -77.46 -4.88 -9.26
CA ASP D 130 -78.67 -4.32 -9.89
C ASP D 130 -78.28 -3.49 -11.12
N TRP D 131 -77.10 -3.75 -11.65
CA TRP D 131 -76.63 -3.03 -12.81
C TRP D 131 -76.57 -3.97 -13.99
N THR D 132 -77.23 -3.55 -15.06
CA THR D 132 -77.40 -4.35 -16.25
C THR D 132 -76.23 -4.24 -17.19
N GLY D 133 -75.31 -3.33 -16.91
CA GLY D 133 -74.28 -2.95 -17.88
C GLY D 133 -74.49 -1.53 -18.41
N SER D 134 -75.73 -1.04 -18.35
CA SER D 134 -76.13 0.29 -18.86
C SER D 134 -77.05 1.11 -17.93
N ALA D 135 -77.73 0.46 -16.99
CA ALA D 135 -78.64 1.14 -16.09
C ALA D 135 -78.84 0.33 -14.82
N PHE D 136 -79.35 0.99 -13.78
CA PHE D 136 -79.74 0.31 -12.57
C PHE D 136 -81.17 -0.20 -12.74
N ILE D 137 -81.45 -1.37 -12.20
CA ILE D 137 -82.80 -1.88 -12.20
C ILE D 137 -83.10 -2.42 -10.82
N GLY D 138 -84.26 -3.06 -10.66
CA GLY D 138 -84.66 -3.56 -9.34
C GLY D 138 -84.65 -2.44 -8.31
N ASP D 139 -84.29 -2.79 -7.09
CA ASP D 139 -84.31 -1.89 -5.95
C ASP D 139 -83.48 -0.64 -6.19
N LEU D 140 -82.22 -0.85 -6.56
CA LEU D 140 -81.29 0.24 -6.80
C LEU D 140 -81.76 1.15 -7.94
N GLY D 141 -82.50 0.59 -8.89
CA GLY D 141 -83.10 1.39 -9.95
C GLY D 141 -84.17 2.34 -9.42
N ASP D 142 -85.07 1.80 -8.61
CA ASP D 142 -86.08 2.59 -7.92
C ASP D 142 -85.43 3.68 -7.07
N GLN D 143 -84.45 3.31 -6.24
CA GLN D 143 -83.74 4.30 -5.46
C GLN D 143 -83.08 5.36 -6.33
N ALA D 144 -82.40 4.97 -7.40
CA ALA D 144 -81.65 5.93 -8.20
C ALA D 144 -82.58 6.88 -8.96
N THR D 145 -83.68 6.33 -9.45
CA THR D 145 -84.67 7.10 -10.21
C THR D 145 -85.37 8.11 -9.31
N HIS D 146 -85.79 7.67 -8.12
CA HIS D 146 -86.46 8.56 -7.21
C HIS D 146 -85.56 9.75 -6.87
N ALA D 147 -84.30 9.49 -6.57
CA ALA D 147 -83.38 10.55 -6.17
C ALA D 147 -83.05 11.46 -7.33
N ASN D 148 -82.97 10.90 -8.53
CA ASN D 148 -82.85 11.74 -9.72
C ASN D 148 -84.05 12.68 -9.91
N ASN D 149 -85.26 12.18 -9.65
CA ASN D 149 -86.46 13.01 -9.80
C ASN D 149 -86.42 14.16 -8.82
N MET D 150 -86.07 13.81 -7.58
CA MET D 150 -85.94 14.81 -6.51
C MET D 150 -84.90 15.84 -6.91
N TYR D 151 -83.80 15.37 -7.52
CA TYR D 151 -82.74 16.26 -7.98
C TYR D 151 -83.30 17.32 -8.88
N GLU D 152 -83.94 16.86 -9.94
CA GLU D 152 -84.50 17.72 -10.99
C GLU D 152 -85.58 18.66 -10.49
N MET D 153 -86.30 18.23 -9.46
CA MET D 153 -87.34 19.07 -8.87
C MET D 153 -86.79 19.96 -7.76
N GLY D 154 -85.49 19.90 -7.51
CA GLY D 154 -84.87 20.78 -6.52
C GLY D 154 -85.35 20.51 -5.12
N LYS D 155 -85.69 19.25 -4.83
CA LYS D 155 -86.24 18.91 -3.52
C LYS D 155 -85.17 18.24 -2.67
N SER D 156 -85.26 18.48 -1.38
CA SER D 156 -84.24 18.03 -0.46
C SER D 156 -84.44 16.56 -0.01
N MET D 157 -83.34 15.83 0.18
CA MET D 157 -83.40 14.50 0.79
C MET D 157 -82.34 14.43 1.86
N ARG D 158 -82.64 13.73 2.95
CA ARG D 158 -81.70 13.61 4.07
C ARG D 158 -80.71 12.48 3.76
N PRO D 159 -79.44 12.81 3.52
CA PRO D 159 -78.51 11.69 3.31
C PRO D 159 -78.40 10.79 4.55
N ILE D 160 -78.35 9.48 4.35
CA ILE D 160 -78.05 8.54 5.43
C ILE D 160 -76.76 7.81 5.13
N TYR D 161 -75.76 8.12 5.95
CA TYR D 161 -74.45 7.50 5.83
C TYR D 161 -74.40 6.25 6.69
N THR D 162 -73.58 5.30 6.28
CA THR D 162 -73.40 4.06 7.00
C THR D 162 -71.93 3.94 7.41
N ALA D 163 -71.67 3.77 8.70
CA ALA D 163 -70.31 3.71 9.22
C ALA D 163 -69.67 2.35 8.98
N ALA D 164 -68.42 2.34 8.52
CA ALA D 164 -67.62 1.12 8.49
C ALA D 164 -66.23 1.42 9.05
N LEU D 165 -65.39 0.40 9.09
CA LEU D 165 -64.02 0.53 9.54
C LEU D 165 -63.10 -0.04 8.47
N LYS D 166 -62.00 0.65 8.18
CA LYS D 166 -61.20 0.37 7.02
C LYS D 166 -60.31 -0.91 7.13
N ASP D 167 -60.47 -1.83 6.18
CA ASP D 167 -59.59 -3.00 6.00
C ASP D 167 -58.32 -2.59 5.30
N GLU D 168 -57.28 -2.36 6.09
CA GLU D 168 -56.04 -1.94 5.52
C GLU D 168 -54.90 -2.52 6.37
N LEU D 169 -53.71 -2.48 5.80
CA LEU D 169 -52.52 -2.90 6.50
C LEU D 169 -52.19 -1.76 7.45
N VAL D 170 -51.88 -2.10 8.71
CA VAL D 170 -51.46 -1.08 9.69
C VAL D 170 -50.27 -1.56 10.52
N LYS D 171 -49.65 -0.62 11.23
CA LYS D 171 -48.54 -0.96 12.09
C LYS D 171 -49.00 -1.85 13.25
N PRO D 172 -48.17 -2.82 13.66
CA PRO D 172 -48.67 -3.83 14.62
C PRO D 172 -49.13 -3.32 16.02
N ASP D 173 -48.58 -2.20 16.49
CA ASP D 173 -49.06 -1.59 17.72
C ASP D 173 -50.58 -1.41 17.65
N LYS D 174 -51.10 -1.04 16.48
CA LYS D 174 -52.56 -0.84 16.29
C LYS D 174 -53.35 -2.14 16.33
N ILE D 175 -52.67 -3.28 16.38
CA ILE D 175 -53.35 -4.56 16.55
C ILE D 175 -53.05 -5.18 17.93
N TYR D 176 -51.79 -5.15 18.36
CA TYR D 176 -51.34 -5.86 19.57
C TYR D 176 -51.21 -4.93 20.77
N GLY D 177 -51.18 -3.62 20.52
CA GLY D 177 -51.26 -2.63 21.58
C GLY D 177 -52.66 -2.07 21.68
N LYS D 178 -52.76 -0.73 21.70
CA LYS D 178 -54.06 -0.01 21.66
C LYS D 178 -54.69 -0.15 20.27
N ILE D 179 -55.81 -0.85 20.21
CA ILE D 179 -56.43 -1.17 18.92
C ILE D 179 -57.12 0.03 18.27
N LYS D 180 -56.80 0.27 17.00
CA LYS D 180 -57.43 1.31 16.22
C LYS D 180 -57.78 0.83 14.82
N LYS D 181 -58.88 1.34 14.29
CA LYS D 181 -59.29 0.97 12.93
C LYS D 181 -60.06 2.18 12.39
N ARG D 182 -59.70 2.64 11.19
CA ARG D 182 -60.13 3.99 10.74
C ARG D 182 -61.59 4.06 10.32
N LEU D 183 -62.25 5.15 10.70
CA LEU D 183 -63.68 5.32 10.40
C LEU D 183 -63.87 5.64 8.93
N LEU D 184 -64.86 5.00 8.33
CA LEU D 184 -65.29 5.31 6.96
C LEU D 184 -66.77 5.61 6.94
N TRP D 185 -67.15 6.58 6.12
CA TRP D 185 -68.53 6.97 5.92
C TRP D 185 -68.99 6.46 4.57
N GLY D 186 -69.97 5.56 4.56
CA GLY D 186 -70.49 5.05 3.31
C GLY D 186 -71.76 5.81 3.03
N SER D 187 -71.77 6.52 1.92
CA SER D 187 -72.95 7.27 1.49
C SER D 187 -74.03 6.34 0.93
N ASP D 188 -75.28 6.79 0.89
CA ASP D 188 -76.38 6.03 0.26
C ASP D 188 -76.49 6.38 -1.23
N LEU D 189 -76.93 5.43 -2.04
CA LEU D 189 -76.94 5.56 -3.49
C LEU D 189 -77.67 6.83 -3.95
N GLY D 190 -78.80 7.11 -3.30
CA GLY D 190 -79.59 8.31 -3.63
C GLY D 190 -78.70 9.54 -3.58
N THR D 191 -77.98 9.69 -2.48
CA THR D 191 -77.09 10.84 -2.32
C THR D 191 -75.99 10.87 -3.38
N MET D 192 -75.39 9.71 -3.63
CA MET D 192 -74.32 9.61 -4.65
C MET D 192 -74.79 10.06 -6.04
N ILE D 193 -75.99 9.63 -6.45
CA ILE D 193 -76.54 10.06 -7.75
C ILE D 193 -76.75 11.60 -7.80
N ARG D 194 -77.42 12.14 -6.79
CA ARG D 194 -77.64 13.56 -6.72
C ARG D 194 -76.33 14.35 -6.71
N ALA D 195 -75.35 13.88 -5.93
CA ALA D 195 -74.07 14.58 -5.81
C ALA D 195 -73.23 14.43 -7.06
N ALA D 196 -73.30 13.26 -7.70
CA ALA D 196 -72.60 13.08 -8.97
C ALA D 196 -73.16 14.00 -10.06
N ARG D 197 -74.48 14.08 -10.19
CA ARG D 197 -75.06 14.99 -11.18
C ARG D 197 -74.71 16.44 -10.85
N ALA D 198 -74.76 16.78 -9.58
CA ALA D 198 -74.56 18.14 -9.17
C ALA D 198 -73.10 18.59 -9.34
N PHE D 199 -72.16 17.73 -8.97
CA PHE D 199 -70.76 18.17 -8.82
C PHE D 199 -69.75 17.50 -9.70
N GLY D 200 -70.19 16.43 -10.38
CA GLY D 200 -69.38 15.81 -11.43
C GLY D 200 -68.69 16.79 -12.37
N PRO D 201 -69.43 17.80 -12.87
CA PRO D 201 -68.83 18.79 -13.79
C PRO D 201 -67.70 19.58 -13.16
N PHE D 202 -67.98 20.14 -12.00
CA PHE D 202 -66.98 20.91 -11.29
C PHE D 202 -65.73 20.06 -11.10
N CYS D 203 -65.92 18.81 -10.64
CA CYS D 203 -64.79 17.98 -10.29
C CYS D 203 -63.96 17.67 -11.52
N ASP D 204 -64.61 17.44 -12.66
CA ASP D 204 -63.89 17.23 -13.92
C ASP D 204 -63.07 18.43 -14.35
N ALA D 205 -63.66 19.61 -14.23
CA ALA D 205 -62.99 20.86 -14.57
C ALA D 205 -61.71 21.03 -13.78
N LEU D 206 -61.84 20.81 -12.48
CA LEU D 206 -60.72 20.87 -11.53
C LEU D 206 -59.65 19.82 -11.85
N LYS D 207 -60.08 18.61 -12.16
CA LYS D 207 -59.18 17.55 -12.56
C LYS D 207 -58.37 18.02 -13.75
N GLU D 208 -59.04 18.61 -14.73
CA GLU D 208 -58.36 19.07 -15.93
C GLU D 208 -57.35 20.17 -15.65
N THR D 209 -57.44 20.82 -14.49
CA THR D 209 -56.48 21.84 -14.11
C THR D 209 -55.57 21.37 -12.99
N CYS D 210 -55.42 20.07 -12.78
CA CYS D 210 -54.68 19.60 -11.60
C CYS D 210 -53.18 19.96 -11.60
N ILE D 211 -52.61 20.36 -12.74
CA ILE D 211 -51.24 20.91 -12.73
C ILE D 211 -51.14 22.40 -12.34
N PHE D 212 -52.02 23.24 -12.86
CA PHE D 212 -51.97 24.72 -12.65
C PHE D 212 -52.66 25.16 -11.34
N ASN D 213 -53.58 24.34 -10.85
CA ASN D 213 -54.28 24.63 -9.64
C ASN D 213 -53.86 23.71 -8.51
N PRO D 214 -54.04 24.14 -7.26
CA PRO D 214 -53.48 23.40 -6.13
C PRO D 214 -54.25 22.16 -5.72
N ILE D 215 -55.51 22.02 -6.15
CA ILE D 215 -56.25 20.80 -5.86
C ILE D 215 -55.79 19.76 -6.85
N ARG D 216 -55.11 18.76 -6.32
CA ARG D 216 -54.35 17.84 -7.09
C ARG D 216 -55.11 16.58 -7.46
N VAL D 217 -56.36 16.47 -7.02
CA VAL D 217 -57.13 15.25 -7.27
C VAL D 217 -57.17 14.95 -8.76
N GLY D 218 -57.03 13.67 -9.09
CA GLY D 218 -57.00 13.24 -10.47
C GLY D 218 -55.65 13.32 -11.16
N MET D 219 -54.63 13.77 -10.44
CA MET D 219 -53.28 13.78 -11.00
C MET D 219 -52.73 12.37 -11.16
N SER D 220 -51.81 12.23 -12.11
CA SER D 220 -50.99 11.03 -12.23
C SER D 220 -49.65 11.31 -11.59
N MET D 221 -49.24 10.52 -10.61
CA MET D 221 -47.94 10.74 -9.98
C MET D 221 -46.80 10.63 -11.01
N ASN D 222 -46.82 9.61 -11.88
CA ASN D 222 -45.66 9.40 -12.75
C ASN D 222 -45.57 10.44 -13.88
N GLU D 223 -46.71 10.84 -14.43
CA GLU D 223 -46.78 11.82 -15.54
C GLU D 223 -46.80 13.29 -15.08
N ASP D 224 -47.64 13.63 -14.11
CA ASP D 224 -47.83 15.02 -13.71
C ASP D 224 -46.90 15.40 -12.55
N GLY D 225 -46.40 14.39 -11.85
CA GLY D 225 -45.56 14.61 -10.68
C GLY D 225 -44.37 15.48 -10.95
N PRO D 226 -43.62 15.17 -12.01
CA PRO D 226 -42.41 15.95 -12.27
C PRO D 226 -42.68 17.45 -12.50
N PHE D 227 -43.75 17.76 -13.23
CA PHE D 227 -44.15 19.15 -13.46
C PHE D 227 -44.59 19.75 -12.15
N ILE D 228 -45.48 19.08 -11.44
CA ILE D 228 -45.96 19.60 -10.18
C ILE D 228 -44.81 19.97 -9.22
N PHE D 229 -43.85 19.07 -9.05
CA PHE D 229 -42.82 19.27 -8.05
C PHE D 229 -41.81 20.31 -8.54
N ALA D 230 -41.62 20.36 -9.85
CA ALA D 230 -40.74 21.37 -10.44
C ALA D 230 -41.30 22.75 -10.14
N ARG D 231 -42.62 22.89 -10.17
CA ARG D 231 -43.27 24.17 -9.82
C ARG D 231 -43.06 24.55 -8.36
N HIS D 232 -43.19 23.60 -7.44
CA HIS D 232 -42.84 23.84 -6.05
C HIS D 232 -41.38 24.23 -5.92
N ALA D 233 -40.50 23.59 -6.71
CA ALA D 233 -39.07 23.82 -6.55
C ALA D 233 -38.65 25.26 -6.85
N ASN D 234 -39.45 25.99 -7.61
CA ASN D 234 -39.17 27.40 -7.90
C ASN D 234 -39.37 28.34 -6.71
N PHE D 235 -39.88 27.85 -5.59
CA PHE D 235 -40.11 28.69 -4.43
C PHE D 235 -39.12 28.39 -3.34
N ARG D 236 -38.83 29.39 -2.52
CA ARG D 236 -37.72 29.32 -1.59
C ARG D 236 -37.90 28.30 -0.48
N TYR D 237 -39.01 28.41 0.25
CA TYR D 237 -39.21 27.60 1.47
C TYR D 237 -40.30 26.53 1.29
N HIS D 238 -40.17 25.43 2.03
CA HIS D 238 -41.06 24.27 1.87
C HIS D 238 -41.43 23.67 3.20
N MET D 239 -42.67 23.21 3.29
CA MET D 239 -43.15 22.62 4.52
C MET D 239 -44.34 21.72 4.29
N ASP D 240 -44.62 20.91 5.30
CA ASP D 240 -45.77 20.05 5.32
C ASP D 240 -46.29 20.00 6.75
N ALA D 241 -47.52 20.43 6.98
CA ALA D 241 -48.07 20.51 8.34
C ALA D 241 -48.50 19.15 8.94
N ASP D 242 -48.55 18.12 8.10
CA ASP D 242 -48.76 16.74 8.55
C ASP D 242 -49.86 16.63 9.63
N TYR D 243 -51.08 16.99 9.22
CA TYR D 243 -52.22 17.09 10.12
C TYR D 243 -52.69 15.78 10.70
N THR D 244 -53.04 15.79 11.99
CA THR D 244 -53.71 14.65 12.61
C THR D 244 -55.24 14.81 12.52
N ARG D 245 -55.95 13.70 12.37
CA ARG D 245 -57.42 13.71 12.36
C ARG D 245 -58.04 14.90 11.61
N TRP D 246 -57.52 15.18 10.42
CA TRP D 246 -58.00 16.29 9.62
C TRP D 246 -59.53 16.31 9.52
N ASP D 247 -60.09 15.17 9.08
CA ASP D 247 -61.51 15.08 8.73
C ASP D 247 -62.38 15.43 9.91
N SER D 248 -62.07 14.83 11.07
CA SER D 248 -62.88 15.04 12.27
C SER D 248 -62.71 16.40 12.94
N THR D 249 -61.67 17.15 12.57
CA THR D 249 -61.48 18.51 13.11
C THR D 249 -61.99 19.62 12.19
N GLN D 250 -62.65 19.25 11.09
CA GLN D 250 -63.21 20.28 10.22
C GLN D 250 -64.41 20.97 10.83
N GLN D 251 -64.53 22.24 10.51
CA GLN D 251 -65.69 23.03 10.85
C GLN D 251 -66.63 23.04 9.66
N ARG D 252 -67.90 22.70 9.88
CA ARG D 252 -68.94 22.83 8.86
C ARG D 252 -69.01 24.19 8.21
N ALA D 253 -68.74 25.25 8.95
CA ALA D 253 -68.86 26.58 8.39
C ALA D 253 -67.77 26.80 7.35
N ILE D 254 -66.64 26.15 7.52
CA ILE D 254 -65.55 26.31 6.56
C ILE D 254 -65.92 25.51 5.33
N LEU D 255 -66.37 24.30 5.57
CA LEU D 255 -66.84 23.40 4.53
C LEU D 255 -67.96 24.02 3.72
N LYS D 256 -68.78 24.84 4.38
CA LYS D 256 -69.87 25.57 3.76
C LYS D 256 -69.33 26.63 2.80
N ARG D 257 -68.24 27.29 3.18
CA ARG D 257 -67.60 28.22 2.28
C ARG D 257 -67.04 27.46 1.06
N ALA D 258 -66.44 26.30 1.27
CA ALA D 258 -65.95 25.49 0.14
C ALA D 258 -67.11 25.09 -0.75
N GLY D 259 -68.19 24.64 -0.15
CA GLY D 259 -69.37 24.22 -0.90
C GLY D 259 -70.07 25.30 -1.71
N ASP D 260 -70.00 26.54 -1.22
CA ASP D 260 -70.59 27.70 -1.90
C ASP D 260 -69.84 27.94 -3.18
N ILE D 261 -68.53 27.78 -3.12
CA ILE D 261 -67.70 27.93 -4.32
C ILE D 261 -68.05 26.87 -5.36
N MET D 262 -68.23 25.63 -4.92
CA MET D 262 -68.51 24.55 -5.88
C MET D 262 -69.87 24.77 -6.52
N VAL D 263 -70.83 25.21 -5.73
CA VAL D 263 -72.17 25.51 -6.25
C VAL D 263 -72.14 26.63 -7.28
N ARG D 264 -71.59 27.80 -6.91
CA ARG D 264 -71.48 28.93 -7.86
C ARG D 264 -70.75 28.54 -9.12
N LEU D 265 -69.88 27.54 -9.07
CA LEU D 265 -69.11 27.14 -10.24
C LEU D 265 -69.60 25.82 -10.91
N SER D 266 -70.81 25.38 -10.59
CA SER D 266 -71.41 24.22 -11.25
C SER D 266 -72.38 24.69 -12.35
N PRO D 267 -72.63 23.84 -13.36
CA PRO D 267 -73.53 24.29 -14.42
C PRO D 267 -75.01 24.41 -14.02
N GLU D 268 -75.46 23.72 -12.97
CA GLU D 268 -76.85 23.80 -12.50
C GLU D 268 -76.84 24.25 -11.06
N PRO D 269 -76.46 25.52 -10.84
CA PRO D 269 -76.23 25.98 -9.48
C PRO D 269 -77.44 25.92 -8.58
N ASP D 270 -78.65 25.98 -9.14
CA ASP D 270 -79.85 25.99 -8.30
C ASP D 270 -80.18 24.60 -7.75
N LEU D 271 -79.96 23.58 -8.57
CA LEU D 271 -80.15 22.20 -8.16
C LEU D 271 -78.97 21.76 -7.26
N ALA D 272 -77.77 22.10 -7.67
CA ALA D 272 -76.57 21.80 -6.89
C ALA D 272 -76.66 22.38 -5.51
N ARG D 273 -77.16 23.61 -5.40
CA ARG D 273 -77.35 24.29 -4.13
C ARG D 273 -78.16 23.38 -3.21
N VAL D 274 -79.27 22.84 -3.72
CA VAL D 274 -80.09 21.98 -2.88
C VAL D 274 -79.28 20.80 -2.40
N VAL D 275 -78.42 20.24 -3.26
CA VAL D 275 -77.64 19.04 -2.90
C VAL D 275 -76.58 19.37 -1.84
N MET D 276 -75.88 20.49 -2.02
CA MET D 276 -74.85 20.90 -1.07
C MET D 276 -75.41 21.15 0.32
N ASP D 277 -76.52 21.88 0.41
CA ASP D 277 -77.15 22.11 1.71
C ASP D 277 -77.46 20.78 2.42
N ASP D 278 -77.91 19.78 1.66
CA ASP D 278 -78.20 18.45 2.23
C ASP D 278 -76.91 17.74 2.68
N LEU D 279 -75.86 17.87 1.88
CA LEU D 279 -74.58 17.24 2.21
C LEU D 279 -74.00 17.82 3.48
N LEU D 280 -74.16 19.11 3.71
CA LEU D 280 -73.59 19.78 4.86
C LEU D 280 -74.52 20.00 6.06
N ALA D 281 -75.79 19.61 5.96
CA ALA D 281 -76.69 19.62 7.11
C ALA D 281 -76.20 18.58 8.11
N PRO D 282 -76.59 18.71 9.38
CA PRO D 282 -76.18 17.73 10.37
C PRO D 282 -76.46 16.31 9.88
N SER D 283 -75.45 15.47 9.96
CA SER D 283 -75.43 14.21 9.22
C SER D 283 -76.00 13.02 10.01
N LEU D 284 -76.76 12.17 9.32
CA LEU D 284 -77.31 10.96 9.88
C LEU D 284 -76.31 9.83 9.60
N LEU D 285 -75.66 9.34 10.65
CA LEU D 285 -74.69 8.26 10.54
C LEU D 285 -75.20 7.02 11.27
N ASP D 286 -75.40 5.97 10.48
CA ASP D 286 -75.93 4.72 10.94
C ASP D 286 -74.78 3.85 11.48
N VAL D 287 -74.81 3.54 12.78
CA VAL D 287 -73.75 2.74 13.41
C VAL D 287 -74.25 1.35 13.82
N GLY D 288 -75.26 0.86 13.13
CA GLY D 288 -75.91 -0.41 13.49
C GLY D 288 -77.06 -0.25 14.46
N ASP D 289 -76.76 -0.03 15.74
CA ASP D 289 -77.83 0.05 16.74
C ASP D 289 -78.66 1.31 16.55
N TYR D 290 -78.00 2.43 16.28
CA TYR D 290 -78.68 3.70 16.14
C TYR D 290 -78.23 4.46 14.90
N LYS D 291 -79.04 5.42 14.47
CA LYS D 291 -78.53 6.47 13.63
C LYS D 291 -78.28 7.67 14.52
N ILE D 292 -77.11 8.26 14.40
CA ILE D 292 -76.73 9.41 15.21
C ILE D 292 -76.48 10.64 14.35
N VAL D 293 -76.59 11.79 15.00
CA VAL D 293 -76.55 13.06 14.35
C VAL D 293 -75.15 13.56 14.56
N VAL D 294 -74.45 13.92 13.48
CA VAL D 294 -73.10 14.46 13.61
C VAL D 294 -72.99 15.77 12.83
N GLU D 295 -72.92 16.84 13.62
CA GLU D 295 -73.09 18.17 13.14
C GLU D 295 -71.80 18.73 12.63
N GLU D 296 -70.69 18.19 13.10
CA GLU D 296 -69.40 18.75 12.80
C GLU D 296 -68.44 17.76 12.14
N GLY D 297 -67.32 18.27 11.66
CA GLY D 297 -66.38 17.47 10.87
C GLY D 297 -66.85 17.20 9.45
N LEU D 298 -66.09 16.39 8.75
CA LEU D 298 -66.33 16.14 7.35
C LEU D 298 -67.13 14.87 7.14
N PRO D 299 -68.29 14.99 6.49
CA PRO D 299 -69.04 13.84 6.06
C PRO D 299 -68.55 13.37 4.69
N SER D 300 -67.65 12.39 4.70
CA SER D 300 -67.04 11.84 3.47
C SER D 300 -68.00 10.83 2.79
N GLY D 301 -67.48 10.04 1.86
CA GLY D 301 -68.29 8.99 1.24
C GLY D 301 -69.03 9.41 -0.03
N CYS D 302 -69.08 10.71 -0.31
CA CYS D 302 -69.55 11.16 -1.62
C CYS D 302 -68.41 11.40 -2.58
N PRO D 303 -68.65 11.17 -3.90
CA PRO D 303 -67.55 11.30 -4.87
C PRO D 303 -66.77 12.60 -4.70
N CYS D 304 -67.52 13.69 -4.55
CA CYS D 304 -67.00 15.05 -4.55
C CYS D 304 -66.36 15.49 -3.22
N THR D 305 -66.36 14.65 -2.19
CA THR D 305 -65.86 15.10 -0.89
C THR D 305 -64.36 15.34 -0.86
N THR D 306 -63.58 14.58 -1.60
CA THR D 306 -62.15 14.85 -1.61
C THR D 306 -61.86 16.23 -2.15
N GLN D 307 -62.66 16.67 -3.11
CA GLN D 307 -62.48 18.01 -3.67
C GLN D 307 -62.99 19.10 -2.72
N LEU D 308 -64.10 18.83 -2.07
CA LEU D 308 -64.65 19.73 -1.09
C LEU D 308 -63.65 19.93 0.02
N ASN D 309 -63.12 18.81 0.49
CA ASN D 309 -62.15 18.81 1.58
C ASN D 309 -60.85 19.51 1.16
N SER D 310 -60.43 19.24 -0.07
CA SER D 310 -59.23 19.85 -0.61
C SER D 310 -59.37 21.37 -0.67
N LEU D 311 -60.59 21.83 -0.94
CA LEU D 311 -60.89 23.26 -1.04
C LEU D 311 -60.88 23.87 0.35
N ALA D 312 -61.47 23.18 1.30
CA ALA D 312 -61.46 23.63 2.70
C ALA D 312 -60.03 23.81 3.18
N HIS D 313 -59.18 22.82 2.86
CA HIS D 313 -57.76 22.84 3.18
C HIS D 313 -57.12 24.10 2.62
N TRP D 314 -57.34 24.34 1.33
CA TRP D 314 -56.83 25.52 0.67
C TRP D 314 -57.23 26.79 1.43
N ILE D 315 -58.47 26.84 1.91
CA ILE D 315 -58.98 28.04 2.59
C ILE D 315 -58.30 28.26 3.92
N LEU D 316 -58.16 27.19 4.69
CA LEU D 316 -57.50 27.22 6.01
C LEU D 316 -56.01 27.56 5.91
N THR D 317 -55.33 26.91 4.99
CA THR D 317 -53.93 27.20 4.74
C THR D 317 -53.74 28.66 4.32
N LEU D 318 -54.58 29.12 3.41
CA LEU D 318 -54.41 30.47 2.91
C LEU D 318 -54.73 31.51 3.99
N CYS D 319 -55.74 31.22 4.83
CA CYS D 319 -56.12 32.13 5.91
C CYS D 319 -54.95 32.27 6.90
N ALA D 320 -54.41 31.13 7.31
CA ALA D 320 -53.31 31.12 8.27
C ALA D 320 -52.14 31.97 7.78
N MET D 321 -51.75 31.80 6.52
CA MET D 321 -50.63 32.55 5.95
C MET D 321 -50.91 34.05 5.87
N VAL D 322 -52.16 34.41 5.58
CA VAL D 322 -52.55 35.80 5.50
C VAL D 322 -52.57 36.43 6.89
N GLU D 323 -53.17 35.73 7.85
CA GLU D 323 -53.21 36.15 9.24
C GLU D 323 -51.83 36.48 9.79
N VAL D 324 -50.83 35.69 9.39
CA VAL D 324 -49.48 35.81 9.93
C VAL D 324 -48.65 36.82 9.15
N THR D 325 -48.63 36.71 7.83
CA THR D 325 -47.82 37.60 7.00
C THR D 325 -48.46 38.98 6.83
N ARG D 326 -49.78 39.06 6.94
CA ARG D 326 -50.52 40.31 6.72
C ARG D 326 -50.57 40.71 5.23
N VAL D 327 -50.05 39.85 4.37
CA VAL D 327 -50.04 40.07 2.93
C VAL D 327 -51.39 39.65 2.33
N ASP D 328 -51.79 40.27 1.23
CA ASP D 328 -53.05 39.92 0.59
C ASP D 328 -53.06 38.50 -0.01
N PRO D 329 -54.21 37.83 0.07
CA PRO D 329 -54.35 36.48 -0.46
C PRO D 329 -53.80 36.35 -1.88
N ASP D 330 -54.16 37.28 -2.75
CA ASP D 330 -53.70 37.26 -4.16
C ASP D 330 -52.19 37.27 -4.24
N ILE D 331 -51.58 38.08 -3.37
CA ILE D 331 -50.13 38.17 -3.33
C ILE D 331 -49.53 36.88 -2.73
N VAL D 332 -50.09 36.39 -1.63
CA VAL D 332 -49.63 35.12 -1.08
C VAL D 332 -49.55 34.04 -2.17
N MET D 333 -50.58 33.95 -2.98
CA MET D 333 -50.63 32.93 -4.02
C MET D 333 -49.62 33.19 -5.13
N GLN D 334 -49.37 34.46 -5.43
CA GLN D 334 -48.26 34.85 -6.35
C GLN D 334 -46.92 34.36 -5.85
N GLU D 335 -46.75 34.34 -4.54
CA GLU D 335 -45.48 34.00 -3.97
C GLU D 335 -45.47 32.59 -3.41
N SER D 336 -46.40 31.76 -3.88
CA SER D 336 -46.54 30.42 -3.35
C SER D 336 -46.97 29.38 -4.39
N GLU D 337 -46.68 28.12 -4.09
CA GLU D 337 -47.28 27.00 -4.78
C GLU D 337 -47.79 26.04 -3.71
N PHE D 338 -49.05 25.67 -3.82
CA PHE D 338 -49.64 24.69 -2.92
C PHE D 338 -49.96 23.39 -3.64
N SER D 339 -49.91 22.29 -2.90
CA SER D 339 -50.59 21.09 -3.32
C SER D 339 -51.48 20.55 -2.22
N PHE D 340 -52.73 20.26 -2.55
CA PHE D 340 -53.65 19.60 -1.61
C PHE D 340 -54.28 18.38 -2.24
N TYR D 341 -54.45 17.34 -1.45
CA TYR D 341 -55.26 16.18 -1.81
C TYR D 341 -55.94 15.78 -0.52
N GLY D 342 -57.05 16.43 -0.23
CA GLY D 342 -57.71 16.28 1.06
C GLY D 342 -56.79 16.79 2.15
N ASP D 343 -56.46 15.92 3.12
CA ASP D 343 -55.58 16.30 4.22
C ASP D 343 -54.12 16.45 3.83
N ASP D 344 -53.70 15.82 2.74
CA ASP D 344 -52.29 15.83 2.33
C ASP D 344 -51.97 17.20 1.77
N GLU D 345 -50.81 17.72 2.12
CA GLU D 345 -50.36 18.96 1.55
C GLU D 345 -48.87 18.94 1.28
N VAL D 346 -48.46 19.90 0.46
CA VAL D 346 -47.09 20.38 0.37
C VAL D 346 -47.28 21.89 0.19
N VAL D 347 -46.61 22.68 1.02
CA VAL D 347 -46.71 24.12 0.86
C VAL D 347 -45.37 24.76 0.62
N SER D 348 -45.26 25.45 -0.52
CA SER D 348 -44.04 26.13 -0.90
C SER D 348 -44.29 27.63 -1.08
N THR D 349 -43.40 28.44 -0.52
CA THR D 349 -43.58 29.89 -0.58
C THR D 349 -42.28 30.64 -0.57
N ASN D 350 -42.29 31.85 -1.10
CA ASN D 350 -41.16 32.78 -0.99
C ASN D 350 -41.23 33.67 0.24
N LEU D 351 -42.35 33.66 0.95
CA LEU D 351 -42.56 34.55 2.08
C LEU D 351 -41.82 34.02 3.30
N GLU D 352 -41.33 34.95 4.11
CA GLU D 352 -40.67 34.64 5.37
C GLU D 352 -41.76 34.35 6.37
N LEU D 353 -42.09 33.09 6.55
CA LEU D 353 -43.17 32.73 7.44
C LEU D 353 -42.68 32.63 8.86
N ASP D 354 -43.29 33.42 9.75
CA ASP D 354 -43.13 33.20 11.18
C ASP D 354 -43.80 31.87 11.54
N MET D 355 -43.01 30.80 11.60
CA MET D 355 -43.54 29.46 11.82
C MET D 355 -44.27 29.31 13.14
N VAL D 356 -43.85 30.06 14.16
CA VAL D 356 -44.48 30.00 15.48
C VAL D 356 -45.92 30.49 15.38
N LYS D 357 -46.10 31.66 14.78
CA LYS D 357 -47.45 32.20 14.66
C LYS D 357 -48.30 31.36 13.71
N TYR D 358 -47.68 30.96 12.60
CA TYR D 358 -48.32 30.07 11.63
C TYR D 358 -48.91 28.85 12.31
N THR D 359 -48.13 28.22 13.18
CA THR D 359 -48.57 27.01 13.87
C THR D 359 -49.67 27.27 14.90
N MET D 360 -49.58 28.41 15.59
CA MET D 360 -50.59 28.76 16.59
C MET D 360 -51.91 29.05 15.91
N ALA D 361 -51.83 29.69 14.74
CA ALA D 361 -53.01 30.00 13.95
C ALA D 361 -53.80 28.74 13.54
N LEU D 362 -53.09 27.75 13.02
CA LEU D 362 -53.76 26.54 12.55
C LEU D 362 -54.44 25.84 13.69
N ARG D 363 -53.76 25.85 14.86
CA ARG D 363 -54.33 25.27 16.08
C ARG D 363 -55.56 26.04 16.57
N ARG D 364 -55.53 27.36 16.45
CA ARG D 364 -56.67 28.24 16.74
C ARG D 364 -57.89 27.84 15.90
N TYR D 365 -57.64 27.37 14.67
CA TYR D 365 -58.72 26.88 13.80
C TYR D 365 -59.16 25.45 14.17
N GLY D 366 -58.52 24.85 15.16
CA GLY D 366 -58.88 23.51 15.60
C GLY D 366 -58.16 22.38 14.87
N LEU D 367 -57.22 22.73 14.00
CA LEU D 367 -56.49 21.71 13.26
C LEU D 367 -55.40 21.15 14.17
N LEU D 368 -54.87 19.99 13.82
CA LEU D 368 -53.88 19.30 14.66
C LEU D 368 -52.58 19.02 13.88
N PRO D 369 -51.83 20.07 13.54
CA PRO D 369 -50.56 19.94 12.84
C PRO D 369 -49.54 19.26 13.71
N THR D 370 -48.67 18.45 13.12
CA THR D 370 -47.62 17.75 13.86
C THR D 370 -46.26 17.91 13.22
N ARG D 371 -45.25 18.02 14.07
CA ARG D 371 -43.87 18.12 13.61
C ARG D 371 -43.45 16.73 13.21
N ALA D 372 -42.40 16.65 12.38
CA ALA D 372 -41.85 15.34 12.00
C ALA D 372 -41.44 14.54 13.24
N ASP D 373 -40.82 15.23 14.21
CA ASP D 373 -40.36 14.58 15.43
C ASP D 373 -41.47 14.33 16.49
N LYS D 374 -42.67 14.86 16.27
CA LYS D 374 -43.83 14.63 17.15
C LYS D 374 -43.80 15.39 18.49
N GLU D 375 -42.73 16.14 18.75
CA GLU D 375 -42.62 16.94 19.96
C GLU D 375 -43.51 18.17 19.87
N GLU D 376 -43.53 18.94 20.96
CA GLU D 376 -44.27 20.19 20.98
C GLU D 376 -43.50 21.22 20.16
N GLY D 377 -44.09 22.39 20.00
CA GLY D 377 -43.41 23.48 19.34
C GLY D 377 -43.87 23.68 17.90
N PRO D 378 -43.31 24.70 17.25
CA PRO D 378 -43.76 25.09 15.93
C PRO D 378 -43.37 24.09 14.86
N LEU D 379 -44.00 24.21 13.69
CA LEU D 379 -43.64 23.39 12.52
C LEU D 379 -42.32 23.84 11.94
N GLU D 380 -41.68 22.95 11.21
CA GLU D 380 -40.42 23.25 10.56
C GLU D 380 -40.68 23.66 9.11
N ARG D 381 -39.97 24.68 8.64
CA ARG D 381 -39.88 24.93 7.20
C ARG D 381 -38.46 24.59 6.79
N ARG D 382 -38.29 24.31 5.51
CA ARG D 382 -37.07 23.72 4.99
C ARG D 382 -36.76 24.49 3.71
N GLN D 383 -35.50 24.55 3.32
CA GLN D 383 -35.14 25.35 2.17
C GLN D 383 -34.91 24.47 0.96
N THR D 384 -35.20 23.19 1.11
CA THR D 384 -35.25 22.29 -0.02
C THR D 384 -36.49 21.41 0.04
N LEU D 385 -36.86 20.89 -1.12
CA LEU D 385 -38.09 20.14 -1.29
C LEU D 385 -37.84 18.67 -1.05
N GLN D 386 -36.61 18.21 -1.27
CA GLN D 386 -36.28 16.81 -1.05
C GLN D 386 -36.53 16.43 0.41
N GLY D 387 -37.22 15.30 0.61
CA GLY D 387 -37.56 14.83 1.94
C GLY D 387 -39.02 15.03 2.30
N ILE D 388 -39.74 15.81 1.50
CA ILE D 388 -41.16 16.06 1.71
C ILE D 388 -42.00 15.03 0.98
N SER D 389 -43.07 14.58 1.62
CA SER D 389 -43.91 13.54 1.07
C SER D 389 -45.23 14.07 0.57
N PHE D 390 -45.78 13.39 -0.43
CA PHE D 390 -47.10 13.66 -0.96
C PHE D 390 -47.63 12.37 -1.57
N LEU D 391 -48.88 12.02 -1.26
CA LEU D 391 -49.52 10.79 -1.75
C LEU D 391 -48.68 9.53 -1.50
N ARG D 392 -48.04 9.48 -0.33
CA ARG D 392 -47.21 8.34 0.11
C ARG D 392 -45.86 8.25 -0.59
N ARG D 393 -45.47 9.26 -1.33
CA ARG D 393 -44.19 9.23 -2.02
C ARG D 393 -43.30 10.29 -1.45
N ALA D 394 -42.00 10.04 -1.44
CA ALA D 394 -41.06 11.10 -1.18
C ALA D 394 -40.80 11.84 -2.49
N ILE D 395 -40.67 13.16 -2.39
CA ILE D 395 -40.37 14.00 -3.54
C ILE D 395 -38.87 13.98 -3.72
N VAL D 396 -38.42 13.55 -4.89
CA VAL D 396 -37.01 13.40 -5.19
C VAL D 396 -36.64 14.17 -6.45
N GLY D 397 -35.43 14.70 -6.45
CA GLY D 397 -34.91 15.45 -7.57
C GLY D 397 -33.58 14.91 -8.04
N ASP D 398 -33.40 14.90 -9.36
CA ASP D 398 -32.09 14.62 -9.92
C ASP D 398 -31.85 15.38 -11.23
N GLN D 399 -30.79 14.98 -11.92
CA GLN D 399 -30.40 15.49 -13.23
CA GLN D 399 -30.39 15.49 -13.22
C GLN D 399 -31.58 15.62 -14.16
N PHE D 400 -32.46 14.64 -14.13
CA PHE D 400 -33.52 14.57 -15.12
C PHE D 400 -34.75 15.31 -14.66
N GLY D 401 -34.83 15.64 -13.38
CA GLY D 401 -35.93 16.44 -12.85
C GLY D 401 -36.43 15.91 -11.53
N TRP D 402 -37.70 16.15 -11.25
CA TRP D 402 -38.30 15.80 -9.99
C TRP D 402 -39.19 14.62 -10.19
N TYR D 403 -39.35 13.81 -9.15
CA TYR D 403 -40.33 12.73 -9.19
C TYR D 403 -40.73 12.28 -7.80
N GLY D 404 -41.77 11.45 -7.76
CA GLY D 404 -42.31 10.89 -6.54
C GLY D 404 -41.91 9.42 -6.41
N ARG D 405 -41.27 9.05 -5.30
CA ARG D 405 -40.79 7.71 -5.08
C ARG D 405 -41.43 7.09 -3.85
N LEU D 406 -41.97 5.89 -4.02
CA LEU D 406 -42.66 5.17 -2.97
C LEU D 406 -41.53 4.62 -2.08
N ASP D 407 -41.68 4.80 -0.78
CA ASP D 407 -40.71 4.29 0.19
C ASP D 407 -40.56 2.76 0.10
N ARG D 408 -39.39 2.29 0.52
CA ARG D 408 -39.04 0.88 0.42
C ARG D 408 -39.93 0.00 1.27
N ALA D 409 -40.21 0.43 2.51
CA ALA D 409 -41.17 -0.27 3.36
C ALA D 409 -42.51 -0.54 2.70
N SER D 410 -43.00 0.40 1.90
CA SER D 410 -44.28 0.22 1.20
C SER D 410 -44.11 -0.76 0.07
N ILE D 411 -43.00 -0.64 -0.65
CA ILE D 411 -42.68 -1.61 -1.67
C ILE D 411 -42.56 -2.99 -1.01
N ASP D 412 -41.73 -3.13 0.03
CA ASP D 412 -41.57 -4.45 0.69
C ASP D 412 -42.92 -5.04 1.08
N ARG D 413 -43.76 -4.19 1.64
CA ARG D 413 -45.04 -4.61 2.20
C ARG D 413 -45.93 -5.27 1.15
N GLN D 414 -45.97 -4.68 -0.04
CA GLN D 414 -46.72 -5.26 -1.15
C GLN D 414 -46.16 -6.60 -1.65
N LEU D 415 -44.90 -6.90 -1.39
CA LEU D 415 -44.39 -8.24 -1.68
C LEU D 415 -44.88 -9.26 -0.66
N LEU D 416 -45.13 -8.79 0.55
CA LEU D 416 -45.53 -9.67 1.66
C LEU D 416 -47.00 -10.02 1.65
N TRP D 417 -47.83 -9.17 1.05
CA TRP D 417 -49.28 -9.32 1.04
C TRP D 417 -49.87 -9.15 -0.35
N THR D 418 -50.99 -9.81 -0.63
CA THR D 418 -51.70 -9.66 -1.90
C THR D 418 -53.19 -9.62 -1.56
N LYS D 419 -53.98 -8.95 -2.40
CA LYS D 419 -55.42 -8.83 -2.18
C LYS D 419 -56.13 -10.02 -2.82
N GLY D 420 -57.19 -10.50 -2.18
CA GLY D 420 -57.98 -11.64 -2.67
C GLY D 420 -59.36 -11.65 -2.00
N PRO D 421 -60.12 -12.74 -2.15
CA PRO D 421 -61.40 -12.86 -1.48
C PRO D 421 -61.31 -12.63 0.03
N ASN D 422 -62.36 -12.10 0.62
CA ASN D 422 -62.32 -11.84 2.05
C ASN D 422 -62.19 -13.13 2.81
N HIS D 423 -61.36 -13.11 3.84
CA HIS D 423 -61.19 -14.25 4.75
C HIS D 423 -60.81 -13.84 6.17
N GLN D 424 -60.93 -14.80 7.08
CA GLN D 424 -60.85 -14.54 8.51
C GLN D 424 -59.40 -14.53 9.02
N ASN D 425 -58.55 -15.38 8.44
CA ASN D 425 -57.17 -15.50 8.92
C ASN D 425 -56.17 -14.89 7.95
N PRO D 426 -55.61 -13.76 8.26
CA PRO D 426 -54.76 -13.06 7.32
C PRO D 426 -53.57 -13.88 6.91
N PHE D 427 -53.11 -14.72 7.81
CA PHE D 427 -51.93 -15.48 7.58
C PHE D 427 -52.02 -16.58 6.53
N GLU D 428 -53.20 -17.01 6.14
CA GLU D 428 -53.35 -17.96 5.06
C GLU D 428 -52.76 -17.40 3.80
N THR D 429 -52.27 -18.24 2.93
CA THR D 429 -51.72 -17.83 1.68
C THR D 429 -52.69 -18.28 0.67
N LEU D 430 -52.74 -17.59 -0.45
CA LEU D 430 -53.59 -17.99 -1.57
C LEU D 430 -53.12 -19.29 -2.23
N PRO D 431 -54.06 -20.15 -2.61
CA PRO D 431 -53.72 -21.43 -3.25
C PRO D 431 -53.01 -21.21 -4.59
N GLY D 432 -53.58 -20.34 -5.43
CA GLY D 432 -53.00 -20.06 -6.73
C GLY D 432 -51.68 -19.31 -6.63
N GLN D 435 -51.67 -14.56 -9.42
CA GLN D 435 -52.13 -13.88 -10.63
C GLN D 435 -51.97 -12.37 -10.47
N ARG D 436 -50.73 -11.90 -10.62
CA ARG D 436 -50.36 -10.56 -10.20
C ARG D 436 -49.40 -9.82 -11.15
N PRO D 437 -49.32 -10.24 -12.43
CA PRO D 437 -48.23 -9.79 -13.30
C PRO D 437 -48.02 -8.26 -13.36
N SER D 438 -49.08 -7.50 -13.59
CA SER D 438 -48.89 -6.05 -13.79
C SER D 438 -48.55 -5.33 -12.48
N GLN D 439 -49.05 -5.86 -11.36
CA GLN D 439 -48.75 -5.28 -10.05
C GLN D 439 -47.27 -5.47 -9.77
N LEU D 440 -46.75 -6.67 -10.06
CA LEU D 440 -45.32 -6.94 -9.93
C LEU D 440 -44.47 -5.98 -10.76
N MET D 441 -44.92 -5.70 -11.98
CA MET D 441 -44.20 -4.79 -12.88
C MET D 441 -44.13 -3.36 -12.32
N ALA D 442 -45.24 -2.91 -11.77
CA ALA D 442 -45.26 -1.59 -11.16
C ALA D 442 -44.29 -1.54 -9.99
N LEU D 443 -44.26 -2.59 -9.18
CA LEU D 443 -43.33 -2.67 -8.05
C LEU D 443 -41.89 -2.69 -8.49
N LEU D 444 -41.61 -3.47 -9.54
CA LEU D 444 -40.28 -3.41 -10.15
C LEU D 444 -39.96 -1.96 -10.46
N GLY D 445 -40.92 -1.28 -11.10
CA GLY D 445 -40.77 0.14 -11.42
C GLY D 445 -40.44 1.05 -10.24
N GLU D 446 -41.19 0.88 -9.16
CA GLU D 446 -40.94 1.63 -7.93
C GLU D 446 -39.57 1.31 -7.36
N ALA D 447 -39.20 0.03 -7.39
CA ALA D 447 -37.90 -0.42 -6.86
C ALA D 447 -36.76 0.17 -7.65
N ALA D 448 -36.89 0.22 -8.98
CA ALA D 448 -35.81 0.76 -9.85
C ALA D 448 -35.41 2.14 -9.42
N MET D 449 -36.36 2.95 -8.99
CA MET D 449 -36.06 4.33 -8.58
C MET D 449 -35.21 4.44 -7.32
N HIS D 450 -35.06 3.34 -6.58
CA HIS D 450 -34.20 3.31 -5.41
C HIS D 450 -32.75 2.90 -5.75
N GLY D 451 -32.52 2.49 -7.00
CA GLY D 451 -31.18 2.10 -7.44
C GLY D 451 -31.02 0.61 -7.65
N GLU D 452 -29.96 0.25 -8.39
CA GLU D 452 -29.74 -1.14 -8.83
C GLU D 452 -29.69 -2.10 -7.66
N LYS D 453 -28.94 -1.73 -6.64
CA LYS D 453 -28.76 -2.65 -5.50
C LYS D 453 -30.13 -3.04 -4.90
N TYR D 454 -30.97 -2.05 -4.58
CA TYR D 454 -32.31 -2.38 -4.06
C TYR D 454 -33.19 -3.09 -5.10
N TYR D 455 -33.10 -2.66 -6.36
CA TYR D 455 -33.84 -3.30 -7.46
C TYR D 455 -33.58 -4.80 -7.53
N ARG D 456 -32.32 -5.18 -7.31
CA ARG D 456 -31.92 -6.57 -7.42
C ARG D 456 -32.60 -7.38 -6.33
N THR D 457 -32.62 -6.84 -5.12
CA THR D 457 -33.29 -7.50 -4.02
C THR D 457 -34.76 -7.73 -4.37
N VAL D 458 -35.43 -6.72 -4.91
CA VAL D 458 -36.84 -6.85 -5.28
C VAL D 458 -36.97 -7.77 -6.48
N ALA D 459 -36.12 -7.60 -7.48
CA ALA D 459 -36.10 -8.48 -8.66
C ALA D 459 -36.11 -9.96 -8.29
N SER D 460 -35.27 -10.37 -7.34
CA SER D 460 -35.27 -11.77 -6.88
C SER D 460 -36.62 -12.13 -6.32
N ARG D 461 -37.04 -11.40 -5.27
CA ARG D 461 -38.31 -11.69 -4.60
CA ARG D 461 -38.31 -11.67 -4.59
C ARG D 461 -39.43 -11.80 -5.62
N VAL D 462 -39.48 -10.86 -6.54
CA VAL D 462 -40.50 -10.90 -7.60
C VAL D 462 -40.37 -12.18 -8.41
N SER D 463 -39.15 -12.48 -8.83
CA SER D 463 -38.87 -13.64 -9.68
C SER D 463 -39.51 -14.91 -9.11
N LYS D 464 -39.36 -15.09 -7.79
CA LYS D 464 -39.87 -16.29 -7.11
C LYS D 464 -41.40 -16.38 -7.12
N GLU D 465 -42.07 -15.28 -6.80
CA GLU D 465 -43.54 -15.25 -6.85
C GLU D 465 -44.09 -15.62 -8.23
N ALA D 466 -43.38 -15.20 -9.28
CA ALA D 466 -43.78 -15.56 -10.65
C ALA D 466 -43.68 -17.07 -10.89
N ALA D 467 -42.57 -17.67 -10.45
CA ALA D 467 -42.33 -19.11 -10.62
C ALA D 467 -43.53 -19.96 -10.20
N GLN D 468 -44.24 -19.51 -9.17
CA GLN D 468 -45.45 -20.19 -8.70
C GLN D 468 -46.72 -19.55 -9.30
N SER D 469 -46.67 -19.17 -10.57
CA SER D 469 -47.75 -18.44 -11.24
C SER D 469 -49.07 -19.22 -11.27
N VAL D 474 -39.29 -13.55 -16.63
CA VAL D 474 -39.11 -12.46 -17.60
C VAL D 474 -38.92 -11.12 -16.87
N VAL D 475 -37.80 -11.01 -16.14
CA VAL D 475 -37.54 -9.83 -15.29
C VAL D 475 -36.44 -8.92 -15.87
N PRO D 476 -36.81 -7.70 -16.27
CA PRO D 476 -35.90 -6.89 -17.06
C PRO D 476 -34.73 -6.29 -16.28
N ARG D 477 -33.78 -5.78 -17.05
CA ARG D 477 -32.61 -5.15 -16.55
C ARG D 477 -33.06 -3.86 -15.84
N HIS D 478 -32.44 -3.59 -14.69
CA HIS D 478 -32.66 -2.34 -13.94
C HIS D 478 -32.72 -1.09 -14.82
N ARG D 479 -31.79 -1.00 -15.75
CA ARG D 479 -31.61 0.18 -16.57
C ARG D 479 -32.84 0.42 -17.47
N SER D 480 -33.40 -0.66 -18.02
CA SER D 480 -34.61 -0.58 -18.83
C SER D 480 -35.81 -0.11 -18.02
N VAL D 481 -36.02 -0.69 -16.85
CA VAL D 481 -37.24 -0.37 -16.12
C VAL D 481 -37.15 1.06 -15.54
N LEU D 482 -35.96 1.48 -15.15
CA LEU D 482 -35.77 2.83 -14.65
C LEU D 482 -36.16 3.85 -15.72
N ARG D 483 -35.69 3.60 -16.92
CA ARG D 483 -36.01 4.42 -18.08
C ARG D 483 -37.51 4.43 -18.33
N TRP D 484 -38.10 3.24 -18.32
CA TRP D 484 -39.52 3.10 -18.52
C TRP D 484 -40.29 3.90 -17.44
N VAL D 485 -39.93 3.74 -16.17
CA VAL D 485 -40.76 4.36 -15.15
C VAL D 485 -40.59 5.89 -15.08
N ARG D 486 -39.39 6.41 -15.33
CA ARG D 486 -39.15 7.87 -15.26
C ARG D 486 -39.57 8.63 -16.53
N PHE D 487 -39.52 7.98 -17.69
CA PHE D 487 -39.71 8.66 -18.98
C PHE D 487 -40.67 7.93 -19.92
N GLY D 488 -40.40 6.65 -20.21
CA GLY D 488 -41.05 5.91 -21.31
C GLY D 488 -42.56 6.00 -21.39
N ARG E 4 4.08 -28.88 61.29
CA ARG E 4 5.37 -28.25 60.86
C ARG E 4 6.55 -29.08 61.39
N PRO E 5 6.89 -30.19 60.71
CA PRO E 5 7.75 -31.23 61.30
C PRO E 5 9.18 -30.76 61.60
N SER E 6 9.88 -31.48 62.47
CA SER E 6 11.15 -30.99 62.98
C SER E 6 12.02 -32.11 63.47
N GLY E 7 13.27 -31.77 63.71
CA GLY E 7 14.27 -32.70 64.22
C GLY E 7 15.42 -32.85 63.23
N THR E 8 15.81 -34.09 62.98
CA THR E 8 17.12 -34.43 62.39
C THR E 8 17.02 -35.72 61.60
N TYR E 9 17.44 -35.71 60.33
CA TYR E 9 17.26 -36.92 59.50
C TYR E 9 18.49 -37.78 59.33
N ALA E 10 19.59 -37.18 58.88
CA ALA E 10 20.88 -37.88 58.85
C ALA E 10 21.95 -36.84 59.10
N GLY E 11 21.97 -36.35 60.32
CA GLY E 11 22.85 -35.26 60.73
C GLY E 11 22.29 -33.89 60.43
N LEU E 12 21.18 -33.82 59.67
CA LEU E 12 20.69 -32.54 59.15
C LEU E 12 19.31 -32.12 59.65
N PRO E 13 19.11 -30.81 59.83
CA PRO E 13 17.81 -30.33 60.31
C PRO E 13 16.67 -30.54 59.29
N ILE E 14 15.52 -30.97 59.78
CA ILE E 14 14.32 -31.17 58.95
C ILE E 14 13.55 -29.87 58.87
N ALA E 15 13.01 -29.59 57.68
CA ALA E 15 12.23 -28.37 57.45
C ALA E 15 10.78 -28.68 57.08
N ASP E 16 10.53 -29.92 56.65
CA ASP E 16 9.21 -30.27 56.14
C ASP E 16 9.20 -31.71 55.68
N TYR E 17 8.00 -32.14 55.29
CA TYR E 17 7.76 -33.44 54.73
C TYR E 17 8.19 -33.37 53.30
N GLY E 18 8.52 -34.54 52.74
CA GLY E 18 9.02 -34.59 51.38
C GLY E 18 7.97 -35.03 50.38
N ASP E 19 8.24 -34.74 49.11
CA ASP E 19 7.36 -35.07 47.99
C ASP E 19 8.08 -35.86 46.89
N ALA E 20 9.32 -36.30 47.16
CA ALA E 20 10.14 -36.96 46.16
C ALA E 20 9.58 -38.33 45.87
N PRO E 21 9.70 -38.83 44.63
CA PRO E 21 9.36 -40.24 44.34
C PRO E 21 10.34 -41.18 44.95
N PRO E 22 10.02 -42.48 44.93
CA PRO E 22 10.97 -43.45 45.42
C PRO E 22 12.24 -43.39 44.59
N LEU E 23 13.38 -43.74 45.19
CA LEU E 23 14.65 -43.81 44.48
C LEU E 23 14.59 -44.94 43.47
N SER E 24 15.34 -44.80 42.37
CA SER E 24 15.25 -45.73 41.25
C SER E 24 15.77 -47.06 41.68
N THR E 25 15.19 -48.13 41.15
CA THR E 25 15.68 -49.46 41.42
C THR E 25 16.09 -50.17 40.16
N LYS E 26 16.41 -49.40 39.12
CA LYS E 26 16.84 -49.97 37.85
C LYS E 26 18.13 -49.35 37.33
N THR E 27 18.72 -50.02 36.35
CA THR E 27 19.90 -49.55 35.63
C THR E 27 19.67 -49.48 34.12
N MET E 28 20.38 -48.54 33.49
CA MET E 28 20.40 -48.34 32.04
C MET E 28 21.39 -49.25 31.30
N PHE E 29 22.18 -50.04 32.02
CA PHE E 29 23.31 -50.78 31.40
C PHE E 29 22.97 -52.24 31.10
N TRP E 30 23.45 -52.76 29.96
CA TRP E 30 23.16 -54.11 29.51
C TRP E 30 24.44 -54.71 29.06
N ARG E 31 24.57 -56.02 29.20
CA ARG E 31 25.74 -56.72 28.67
C ARG E 31 25.66 -56.81 27.18
N THR E 32 26.81 -56.83 26.54
CA THR E 32 26.89 -57.00 25.10
C THR E 32 27.05 -58.48 24.73
N SER E 33 27.13 -59.35 25.73
CA SER E 33 27.24 -60.78 25.52
C SER E 33 26.67 -61.52 26.73
N PRO E 34 26.20 -62.76 26.53
CA PRO E 34 25.52 -63.49 27.61
C PRO E 34 26.49 -64.16 28.59
N GLU E 35 27.77 -64.13 28.25
CA GLU E 35 28.83 -64.82 28.99
C GLU E 35 29.10 -64.20 30.36
N LYS E 36 29.92 -64.91 31.13
CA LYS E 36 30.27 -64.50 32.49
C LYS E 36 31.34 -63.40 32.43
N LEU E 37 31.29 -62.50 33.39
CA LEU E 37 32.27 -61.41 33.47
C LEU E 37 33.62 -61.91 33.98
N PRO E 38 34.70 -61.35 33.42
CA PRO E 38 36.04 -61.56 33.97
C PRO E 38 36.14 -61.34 35.49
N PRO E 39 37.28 -61.74 36.09
CA PRO E 39 37.57 -61.57 37.50
C PRO E 39 37.34 -60.18 38.11
N GLY E 40 37.82 -59.13 37.46
CA GLY E 40 37.77 -57.79 38.05
C GLY E 40 36.48 -57.00 37.79
N ALA E 41 35.70 -57.47 36.81
CA ALA E 41 34.77 -56.64 36.05
C ALA E 41 33.86 -55.70 36.84
N TRP E 42 33.84 -54.45 36.43
CA TRP E 42 32.94 -53.44 37.00
C TRP E 42 31.49 -53.82 36.67
N GLU E 43 30.55 -53.25 37.41
CA GLU E 43 29.14 -53.57 37.29
C GLU E 43 28.30 -52.40 37.72
N PRO E 44 27.01 -52.40 37.37
CA PRO E 44 26.21 -51.28 37.79
C PRO E 44 25.99 -51.21 39.31
N ALA E 45 26.03 -49.98 39.85
CA ALA E 45 25.66 -49.70 41.22
C ALA E 45 24.38 -50.39 41.72
N TYR E 46 24.36 -50.58 43.03
CA TYR E 46 23.33 -51.32 43.75
C TYR E 46 21.94 -50.80 43.45
N LEU E 47 21.01 -51.73 43.25
CA LEU E 47 19.65 -51.40 42.83
C LEU E 47 18.65 -51.40 43.98
N GLY E 48 19.08 -51.83 45.16
CA GLY E 48 18.25 -51.71 46.35
C GLY E 48 17.52 -52.98 46.75
N SER E 49 16.46 -52.81 47.52
CA SER E 49 15.65 -53.95 47.98
C SER E 49 15.63 -55.10 46.97
N LYS E 50 15.27 -54.81 45.72
CA LYS E 50 15.06 -55.84 44.69
C LYS E 50 16.33 -56.41 44.01
N ASP E 51 17.52 -55.97 44.40
CA ASP E 51 18.72 -56.31 43.64
C ASP E 51 19.04 -57.80 43.79
N GLU E 52 19.05 -58.51 42.66
CA GLU E 52 19.23 -59.96 42.65
C GLU E 52 20.64 -60.40 43.00
N ARG E 53 21.61 -59.53 42.78
CA ARG E 53 23.04 -59.89 42.90
C ARG E 53 23.53 -59.97 44.34
N VAL E 54 22.83 -59.32 45.27
CA VAL E 54 23.26 -59.28 46.66
C VAL E 54 22.14 -58.73 47.55
N ASP E 55 22.18 -59.05 48.83
CA ASP E 55 21.19 -58.52 49.76
C ASP E 55 21.87 -57.44 50.60
N GLY E 56 21.59 -56.18 50.27
CA GLY E 56 22.20 -55.04 50.93
C GLY E 56 21.17 -54.16 51.63
N PRO E 57 21.59 -53.00 52.08
CA PRO E 57 20.68 -52.11 52.80
C PRO E 57 19.61 -51.44 51.91
N SER E 58 18.80 -50.58 52.54
CA SER E 58 17.77 -49.89 51.82
C SER E 58 18.46 -48.74 51.09
N LEU E 59 17.95 -48.37 49.93
CA LEU E 59 18.55 -47.32 49.14
C LEU E 59 18.51 -46.07 49.98
N GLN E 60 17.44 -45.91 50.76
CA GLN E 60 17.30 -44.73 51.58
C GLN E 60 18.45 -44.58 52.59
N GLN E 61 18.97 -45.72 53.07
CA GLN E 61 20.11 -45.80 54.00
C GLN E 61 21.40 -45.48 53.27
N VAL E 62 21.58 -46.10 52.10
CA VAL E 62 22.66 -45.71 51.19
C VAL E 62 22.68 -44.21 50.93
N MET E 63 21.52 -43.58 50.88
CA MET E 63 21.47 -42.14 50.69
C MET E 63 21.81 -41.37 51.97
N ARG E 64 21.41 -41.92 53.12
CA ARG E 64 21.83 -41.34 54.41
C ARG E 64 23.36 -41.37 54.57
N ASP E 65 24.02 -42.48 54.16
CA ASP E 65 25.49 -42.56 54.13
C ASP E 65 26.04 -41.34 53.39
N GLN E 66 25.57 -41.13 52.16
CA GLN E 66 26.07 -40.08 51.30
C GLN E 66 25.87 -38.72 51.88
N LEU E 67 24.90 -38.56 52.79
CA LEU E 67 24.67 -37.23 53.38
C LEU E 67 25.57 -36.86 54.58
N LYS E 68 26.29 -37.82 55.16
CA LYS E 68 27.14 -37.56 56.36
C LYS E 68 28.08 -36.35 56.20
N PRO E 69 28.95 -36.38 55.16
CA PRO E 69 29.92 -35.32 54.91
C PRO E 69 29.35 -33.93 55.01
N TYR E 70 28.07 -33.79 54.67
CA TYR E 70 27.46 -32.47 54.62
C TYR E 70 27.17 -31.88 56.02
N SER E 71 27.28 -32.73 57.05
CA SER E 71 27.13 -32.26 58.44
C SER E 71 28.49 -32.10 59.12
N GLU E 72 29.55 -32.61 58.49
CA GLU E 72 30.91 -32.43 59.01
C GLU E 72 31.20 -30.94 59.11
N PRO E 73 31.99 -30.54 60.12
CA PRO E 73 32.32 -29.11 60.19
C PRO E 73 33.16 -28.65 58.98
N ARG E 74 33.01 -27.39 58.63
CA ARG E 74 33.77 -26.83 57.52
C ARG E 74 35.24 -26.60 57.90
N GLY E 75 36.10 -26.60 56.88
CA GLY E 75 37.48 -26.19 57.02
C GLY E 75 37.43 -24.69 57.13
N LEU E 76 38.60 -24.05 57.26
CA LEU E 76 38.67 -22.61 57.42
C LEU E 76 38.63 -21.89 56.09
N LEU E 77 37.94 -20.75 56.02
CA LEU E 77 38.12 -19.87 54.89
C LEU E 77 39.63 -19.54 54.79
N PRO E 78 40.16 -19.38 53.57
CA PRO E 78 41.53 -18.86 53.47
C PRO E 78 41.65 -17.44 54.01
N PRO E 79 42.86 -17.00 54.36
CA PRO E 79 42.94 -15.71 55.00
C PRO E 79 42.34 -14.60 54.16
N GLN E 80 41.65 -13.67 54.82
CA GLN E 80 40.84 -12.67 54.15
C GLN E 80 41.63 -11.92 53.10
N GLU E 81 42.81 -11.45 53.48
CA GLU E 81 43.58 -10.58 52.60
C GLU E 81 43.95 -11.36 51.32
N ILE E 82 44.22 -12.65 51.48
CA ILE E 82 44.60 -13.50 50.35
C ILE E 82 43.40 -13.81 49.45
N LEU E 83 42.36 -14.34 50.09
CA LEU E 83 41.08 -14.62 49.44
C LEU E 83 40.55 -13.43 48.63
N ASP E 84 40.71 -12.22 49.17
CA ASP E 84 40.27 -11.01 48.47
C ASP E 84 41.11 -10.65 47.25
N ALA E 85 42.41 -10.87 47.35
CA ALA E 85 43.30 -10.57 46.25
C ALA E 85 43.15 -11.63 45.17
N VAL E 86 43.00 -12.87 45.60
CA VAL E 86 42.77 -13.95 44.66
C VAL E 86 41.49 -13.73 43.84
N CYS E 87 40.34 -13.57 44.49
CA CYS E 87 39.06 -13.36 43.80
C CYS E 87 39.13 -12.19 42.83
N ASP E 88 39.67 -11.09 43.32
CA ASP E 88 39.92 -9.90 42.49
C ASP E 88 40.71 -10.22 41.25
N ALA E 89 41.76 -11.00 41.41
CA ALA E 89 42.62 -11.32 40.30
C ALA E 89 41.87 -12.17 39.31
N ILE E 90 41.10 -13.14 39.81
CA ILE E 90 40.36 -14.04 38.93
C ILE E 90 39.28 -13.26 38.14
N GLU E 91 38.60 -12.35 38.81
CA GLU E 91 37.54 -11.56 38.21
C GLU E 91 38.10 -10.66 37.15
N ASN E 92 39.19 -9.98 37.47
CA ASN E 92 39.88 -9.11 36.52
C ASN E 92 40.27 -9.88 35.27
N ARG E 93 40.76 -11.10 35.45
CA ARG E 93 41.16 -11.90 34.33
C ARG E 93 39.96 -12.23 33.42
N LEU E 94 38.84 -12.61 34.00
CA LEU E 94 37.67 -12.96 33.18
C LEU E 94 37.12 -11.72 32.50
N GLU E 95 37.18 -10.58 33.17
CA GLU E 95 36.82 -9.31 32.54
C GLU E 95 37.61 -9.01 31.27
N ASN E 96 38.88 -9.41 31.25
CA ASN E 96 39.74 -9.15 30.10
C ASN E 96 39.67 -10.22 29.04
N THR E 97 39.10 -11.38 29.37
CA THR E 97 39.01 -12.47 28.40
C THR E 97 37.61 -12.65 27.80
N LEU E 98 36.56 -12.38 28.59
CA LEU E 98 35.17 -12.66 28.21
C LEU E 98 34.53 -11.61 27.32
N GLU E 99 33.93 -12.09 26.24
CA GLU E 99 33.07 -11.29 25.38
C GLU E 99 31.77 -10.97 26.14
N PRO E 100 31.41 -9.68 26.23
CA PRO E 100 30.11 -9.31 26.82
C PRO E 100 28.94 -9.90 26.05
N GLN E 101 27.90 -10.27 26.78
CA GLN E 101 26.79 -11.06 26.24
C GLN E 101 25.45 -10.35 26.39
N LYS E 102 24.54 -10.61 25.45
CA LYS E 102 23.16 -10.19 25.56
C LYS E 102 22.46 -11.08 26.58
N PRO E 103 21.51 -10.54 27.34
CA PRO E 103 20.68 -11.35 28.23
C PRO E 103 20.00 -12.53 27.52
N TRP E 104 19.63 -13.55 28.27
CA TRP E 104 18.88 -14.68 27.71
C TRP E 104 17.41 -14.41 27.90
N THR E 105 16.63 -14.73 26.87
CA THR E 105 15.17 -14.74 26.98
C THR E 105 14.69 -15.97 27.73
N PHE E 106 13.43 -15.94 28.11
CA PHE E 106 12.71 -17.09 28.62
C PHE E 106 12.74 -18.20 27.61
N LYS E 107 12.50 -17.82 26.38
CA LYS E 107 12.51 -18.77 25.27
C LYS E 107 13.87 -19.51 25.18
N LYS E 108 14.95 -18.74 25.14
CA LYS E 108 16.31 -19.32 25.04
C LYS E 108 16.61 -20.24 26.23
N ALA E 109 16.28 -19.76 27.42
CA ALA E 109 16.39 -20.55 28.66
C ALA E 109 15.62 -21.86 28.61
N CYS E 110 14.38 -21.82 28.13
CA CYS E 110 13.60 -23.05 28.01
C CYS E 110 14.22 -23.98 26.97
N GLU E 111 14.65 -23.43 25.83
CA GLU E 111 15.35 -24.23 24.82
C GLU E 111 16.59 -24.93 25.33
N SER E 112 17.35 -24.24 26.18
CA SER E 112 18.66 -24.75 26.66
C SER E 112 18.56 -25.99 27.53
N LEU E 113 17.39 -26.21 28.15
CA LEU E 113 17.21 -27.33 29.07
C LEU E 113 17.18 -28.71 28.41
N ASP E 114 17.91 -29.65 29.00
CA ASP E 114 17.80 -31.04 28.62
C ASP E 114 16.37 -31.48 28.87
N LYS E 115 15.70 -31.94 27.84
CA LYS E 115 14.30 -32.33 27.95
C LYS E 115 14.12 -33.79 28.41
N ASN E 116 15.18 -34.61 28.32
CA ASN E 116 15.12 -36.01 28.73
C ASN E 116 15.43 -36.25 30.22
N THR E 117 15.39 -35.21 31.03
CA THR E 117 15.59 -35.41 32.47
C THR E 117 14.35 -34.97 33.19
N SER E 118 14.27 -35.23 34.49
CA SER E 118 13.09 -34.88 35.26
C SER E 118 12.94 -33.39 35.54
N SER E 119 11.69 -32.99 35.79
CA SER E 119 11.39 -31.61 36.13
C SER E 119 11.63 -31.36 37.61
N GLY E 120 11.87 -32.41 38.38
CA GLY E 120 11.93 -32.32 39.85
C GLY E 120 10.67 -31.74 40.48
N TYR E 121 10.80 -31.17 41.67
CA TYR E 121 9.65 -30.62 42.38
C TYR E 121 8.89 -29.58 41.54
N PRO E 122 7.54 -29.60 41.59
CA PRO E 122 6.68 -30.58 42.25
C PRO E 122 6.27 -31.74 41.38
N TYR E 123 6.42 -31.64 40.06
CA TYR E 123 5.79 -32.61 39.12
C TYR E 123 6.60 -33.87 38.87
N HIS E 124 7.92 -33.82 39.04
CA HIS E 124 8.73 -35.01 38.80
C HIS E 124 8.34 -35.77 37.53
N LYS E 125 8.16 -35.07 36.43
CA LYS E 125 7.98 -35.74 35.14
C LYS E 125 9.05 -35.30 34.19
N GLN E 126 9.32 -36.17 33.23
CA GLN E 126 10.29 -35.92 32.20
C GLN E 126 9.91 -34.64 31.44
N LYS E 127 10.89 -33.75 31.24
CA LYS E 127 10.60 -32.39 30.75
C LYS E 127 9.89 -32.35 29.38
N SER E 128 10.26 -33.31 28.55
CA SER E 128 9.74 -33.46 27.21
C SER E 128 8.20 -33.60 27.16
N LYS E 129 7.61 -34.10 28.23
CA LYS E 129 6.20 -34.44 28.28
C LYS E 129 5.29 -33.25 28.25
N ASP E 130 5.83 -32.08 28.56
CA ASP E 130 5.09 -30.84 28.46
C ASP E 130 5.72 -29.88 27.46
N TRP E 131 6.61 -30.38 26.63
CA TRP E 131 7.36 -29.56 25.66
C TRP E 131 6.75 -29.71 24.27
N THR E 132 6.35 -28.59 23.66
CA THR E 132 5.71 -28.55 22.34
C THR E 132 6.72 -28.49 21.20
N GLY E 133 8.00 -28.39 21.52
CA GLY E 133 9.04 -28.11 20.52
C GLY E 133 9.51 -26.67 20.65
N SER E 134 8.64 -25.79 21.14
CA SER E 134 8.97 -24.36 21.27
C SER E 134 8.76 -23.82 22.70
N ALA E 135 7.92 -24.47 23.48
CA ALA E 135 7.60 -23.99 24.80
C ALA E 135 7.09 -25.11 25.69
N PHE E 136 7.09 -24.85 26.98
CA PHE E 136 6.45 -25.70 27.97
C PHE E 136 4.99 -25.30 28.06
N ILE E 137 4.12 -26.30 28.19
CA ILE E 137 2.69 -26.09 28.42
C ILE E 137 2.24 -26.96 29.58
N GLY E 138 0.95 -26.94 29.92
CA GLY E 138 0.46 -27.78 31.01
C GLY E 138 1.15 -27.45 32.32
N ASP E 139 1.36 -28.45 33.16
CA ASP E 139 2.00 -28.21 34.46
C ASP E 139 3.38 -27.53 34.37
N LEU E 140 4.27 -28.15 33.62
CA LEU E 140 5.61 -27.58 33.46
C LEU E 140 5.53 -26.14 32.98
N GLY E 141 4.56 -25.86 32.11
CA GLY E 141 4.33 -24.49 31.64
C GLY E 141 3.95 -23.52 32.73
N ASP E 142 3.07 -23.94 33.63
CA ASP E 142 2.65 -23.08 34.75
C ASP E 142 3.87 -22.82 35.62
N GLN E 143 4.62 -23.88 35.88
CA GLN E 143 5.81 -23.80 36.72
C GLN E 143 6.83 -22.86 36.13
N ALA E 144 7.11 -23.01 34.84
CA ALA E 144 8.13 -22.23 34.18
C ALA E 144 7.75 -20.77 34.05
N THR E 145 6.49 -20.52 33.70
CA THR E 145 6.00 -19.15 33.54
C THR E 145 6.00 -18.43 34.89
N HIS E 146 5.72 -19.14 35.97
CA HIS E 146 5.77 -18.51 37.29
C HIS E 146 7.21 -18.20 37.73
N ALA E 147 8.12 -19.17 37.58
CA ALA E 147 9.52 -18.95 37.86
C ALA E 147 10.04 -17.77 37.05
N ASN E 148 9.65 -17.71 35.78
CA ASN E 148 10.11 -16.62 34.92
C ASN E 148 9.64 -15.25 35.38
N ASN E 149 8.39 -15.15 35.85
CA ASN E 149 7.90 -13.83 36.30
C ASN E 149 8.65 -13.41 37.55
N MET E 150 8.93 -14.36 38.43
CA MET E 150 9.64 -14.06 39.67
C MET E 150 11.04 -13.53 39.32
N TYR E 151 11.67 -14.23 38.39
CA TYR E 151 12.95 -13.81 37.87
C TYR E 151 12.93 -12.38 37.40
N GLU E 152 11.94 -12.02 36.60
CA GLU E 152 11.90 -10.67 36.02
C GLU E 152 11.58 -9.62 37.06
N MET E 153 10.90 -10.03 38.13
CA MET E 153 10.52 -9.09 39.19
C MET E 153 11.63 -9.02 40.26
N GLY E 154 12.70 -9.80 40.08
CA GLY E 154 13.77 -9.83 41.05
C GLY E 154 13.26 -10.34 42.37
N LYS E 155 12.52 -11.44 42.35
CA LYS E 155 11.93 -11.97 43.58
C LYS E 155 12.39 -13.36 43.87
N SER E 156 12.56 -13.62 45.15
CA SER E 156 13.19 -14.81 45.63
C SER E 156 12.26 -16.01 45.57
N MET E 157 12.83 -17.18 45.29
CA MET E 157 12.10 -18.44 45.36
C MET E 157 13.04 -19.46 45.94
N ARG E 158 12.52 -20.32 46.81
CA ARG E 158 13.30 -21.30 47.48
C ARG E 158 13.47 -22.53 46.62
N PRO E 159 14.70 -22.81 46.16
CA PRO E 159 14.90 -24.03 45.39
C PRO E 159 14.56 -25.25 46.18
N ILE E 160 13.96 -26.23 45.53
CA ILE E 160 13.84 -27.53 46.14
C ILE E 160 14.58 -28.45 45.23
N TYR E 161 15.65 -29.03 45.74
CA TYR E 161 16.42 -30.03 45.03
C TYR E 161 15.78 -31.30 45.42
N THR E 162 16.01 -32.33 44.62
CA THR E 162 15.44 -33.64 44.82
C THR E 162 16.59 -34.57 44.69
N ALA E 163 16.78 -35.43 45.68
CA ALA E 163 17.94 -36.28 45.76
C ALA E 163 17.72 -37.60 45.07
N ALA E 164 18.80 -38.14 44.52
CA ALA E 164 18.75 -39.39 43.78
C ALA E 164 20.13 -39.98 43.95
N LEU E 165 20.33 -41.18 43.42
CA LEU E 165 21.61 -41.85 43.46
C LEU E 165 21.99 -42.22 42.06
N LYS E 166 23.28 -42.19 41.76
CA LYS E 166 23.73 -42.27 40.38
C LYS E 166 23.81 -43.70 39.92
N ASP E 167 23.07 -44.00 38.86
CA ASP E 167 23.23 -45.24 38.09
C ASP E 167 24.48 -45.15 37.24
N GLU E 168 25.45 -46.01 37.52
CA GLU E 168 26.73 -45.97 36.78
C GLU E 168 27.52 -47.24 37.06
N LEU E 169 28.45 -47.56 36.20
CA LEU E 169 29.39 -48.65 36.45
C LEU E 169 30.31 -48.32 37.63
N VAL E 170 30.46 -49.28 38.55
CA VAL E 170 31.32 -49.13 39.73
C VAL E 170 32.16 -50.38 39.88
N LYS E 171 33.29 -50.26 40.54
CA LYS E 171 34.11 -51.45 40.83
C LYS E 171 33.39 -52.33 41.87
N PRO E 172 33.54 -53.68 41.76
CA PRO E 172 32.74 -54.65 42.51
C PRO E 172 32.58 -54.46 44.03
N ASP E 173 33.67 -54.11 44.73
CA ASP E 173 33.62 -53.91 46.18
C ASP E 173 32.56 -52.86 46.55
N LYS E 174 32.21 -51.98 45.62
CA LYS E 174 31.14 -50.99 45.84
C LYS E 174 29.72 -51.58 45.78
N ILE E 175 29.63 -52.82 45.27
CA ILE E 175 28.39 -53.62 45.33
C ILE E 175 28.47 -54.79 46.34
N TYR E 176 29.54 -55.59 46.24
CA TYR E 176 29.78 -56.80 47.06
C TYR E 176 30.77 -56.50 48.18
N GLY E 177 30.45 -55.53 49.03
CA GLY E 177 31.39 -54.90 49.94
C GLY E 177 30.66 -53.79 50.64
N LYS E 178 31.35 -52.82 51.21
CA LYS E 178 30.60 -51.68 51.76
C LYS E 178 29.98 -50.97 50.55
N ILE E 179 28.65 -50.96 50.51
CA ILE E 179 27.92 -50.53 49.32
C ILE E 179 27.93 -49.03 49.22
N LYS E 180 28.30 -48.53 48.05
CA LYS E 180 28.23 -47.10 47.77
C LYS E 180 27.57 -46.81 46.42
N LYS E 181 26.83 -45.70 46.41
CA LYS E 181 26.18 -45.20 45.21
C LYS E 181 26.17 -43.69 45.40
N ARG E 182 26.45 -42.92 44.35
CA ARG E 182 26.74 -41.49 44.55
C ARG E 182 25.49 -40.63 44.56
N LEU E 183 25.42 -39.72 45.51
CA LEU E 183 24.34 -38.74 45.60
C LEU E 183 24.29 -37.88 44.35
N LEU E 184 23.08 -37.58 43.87
CA LEU E 184 22.89 -36.58 42.82
C LEU E 184 21.88 -35.59 43.31
N TRP E 185 22.11 -34.32 43.03
CA TRP E 185 21.13 -33.30 43.32
C TRP E 185 20.36 -32.99 42.04
N GLY E 186 19.04 -33.14 42.06
CA GLY E 186 18.20 -32.79 40.91
C GLY E 186 17.51 -31.49 41.23
N SER E 187 17.71 -30.49 40.41
CA SER E 187 17.09 -29.20 40.67
C SER E 187 15.63 -29.27 40.23
N ASP E 188 14.85 -28.28 40.66
CA ASP E 188 13.48 -28.13 40.18
C ASP E 188 13.48 -27.19 39.00
N LEU E 189 12.48 -27.37 38.12
CA LEU E 189 12.45 -26.70 36.83
C LEU E 189 12.40 -25.21 36.98
N GLY E 190 11.71 -24.75 38.00
CA GLY E 190 11.62 -23.31 38.25
C GLY E 190 13.01 -22.73 38.46
N THR E 191 13.81 -23.46 39.24
CA THR E 191 15.16 -23.01 39.51
C THR E 191 16.03 -23.11 38.24
N MET E 192 15.91 -24.23 37.51
CA MET E 192 16.58 -24.39 36.22
C MET E 192 16.34 -23.19 35.31
N ILE E 193 15.08 -22.85 35.15
CA ILE E 193 14.71 -21.74 34.30
C ILE E 193 15.40 -20.47 34.77
N ARG E 194 15.39 -20.22 36.08
CA ARG E 194 15.93 -18.95 36.60
C ARG E 194 17.46 -18.89 36.48
N ALA E 195 18.11 -20.01 36.76
CA ALA E 195 19.55 -20.11 36.66
C ALA E 195 20.04 -20.05 35.20
N ALA E 196 19.33 -20.72 34.29
CA ALA E 196 19.67 -20.66 32.86
C ALA E 196 19.55 -19.24 32.36
N ARG E 197 18.45 -18.60 32.69
CA ARG E 197 18.28 -17.21 32.27
C ARG E 197 19.36 -16.28 32.83
N ALA E 198 19.75 -16.52 34.08
CA ALA E 198 20.68 -15.64 34.79
C ALA E 198 22.15 -15.88 34.41
N PHE E 199 22.53 -17.15 34.31
CA PHE E 199 23.94 -17.51 34.13
C PHE E 199 24.30 -18.14 32.79
N GLY E 200 23.28 -18.43 31.98
CA GLY E 200 23.46 -18.91 30.60
C GLY E 200 24.44 -18.06 29.79
N PRO E 201 24.27 -16.74 29.83
CA PRO E 201 25.18 -15.83 29.15
C PRO E 201 26.63 -15.95 29.65
N PHE E 202 26.84 -15.92 30.96
CA PHE E 202 28.20 -16.06 31.54
C PHE E 202 28.77 -17.42 31.16
N CYS E 203 27.95 -18.45 31.26
CA CYS E 203 28.42 -19.79 30.96
C CYS E 203 28.82 -19.95 29.49
N ASP E 204 28.10 -19.30 28.57
CA ASP E 204 28.46 -19.29 27.16
C ASP E 204 29.77 -18.51 26.87
N ALA E 205 29.90 -17.31 27.42
CA ALA E 205 31.12 -16.50 27.30
C ALA E 205 32.35 -17.26 27.80
N LEU E 206 32.17 -18.06 28.84
CA LEU E 206 33.26 -18.83 29.45
C LEU E 206 33.62 -20.09 28.68
N LYS E 207 32.63 -20.68 28.01
CA LYS E 207 32.87 -21.85 27.18
C LYS E 207 33.76 -21.47 25.97
N GLU E 208 33.61 -20.25 25.48
CA GLU E 208 34.43 -19.74 24.36
C GLU E 208 35.90 -19.44 24.70
N THR E 209 36.22 -19.33 25.99
CA THR E 209 37.60 -19.15 26.39
C THR E 209 38.20 -20.38 27.06
N CYS E 210 37.62 -21.55 26.83
CA CYS E 210 38.04 -22.74 27.54
C CYS E 210 39.47 -23.18 27.24
N ILE E 211 40.07 -22.60 26.20
CA ILE E 211 41.46 -22.92 25.83
C ILE E 211 42.45 -21.97 26.49
N PHE E 212 42.10 -20.70 26.66
CA PHE E 212 43.00 -19.74 27.28
C PHE E 212 42.61 -19.33 28.70
N ASN E 213 41.49 -19.84 29.20
CA ASN E 213 41.17 -19.76 30.63
C ASN E 213 41.07 -21.15 31.21
N PRO E 214 41.28 -21.27 32.54
CA PRO E 214 41.47 -22.59 33.15
C PRO E 214 40.20 -23.34 33.44
N ILE E 215 39.05 -22.68 33.37
CA ILE E 215 37.78 -23.41 33.39
C ILE E 215 37.54 -24.03 32.02
N ARG E 216 37.74 -25.34 31.99
CA ARG E 216 37.84 -26.10 30.79
C ARG E 216 36.48 -26.61 30.30
N VAL E 217 35.37 -26.14 30.87
CA VAL E 217 34.07 -26.73 30.56
C VAL E 217 33.68 -26.30 29.15
N GLY E 218 33.33 -27.26 28.32
CA GLY E 218 33.03 -27.00 26.91
C GLY E 218 34.16 -27.42 25.97
N MET E 219 35.34 -27.71 26.50
CA MET E 219 36.42 -28.18 25.65
C MET E 219 36.02 -29.47 24.92
N SER E 220 36.64 -29.70 23.78
CA SER E 220 36.60 -31.01 23.13
C SER E 220 37.97 -31.67 23.32
N MET E 221 37.97 -32.87 23.89
CA MET E 221 39.23 -33.57 24.14
C MET E 221 40.05 -33.76 22.87
N ASN E 222 39.38 -34.16 21.78
CA ASN E 222 40.05 -34.42 20.49
C ASN E 222 40.57 -33.16 19.87
N GLU E 223 39.76 -32.10 19.90
CA GLU E 223 40.08 -30.88 19.19
C GLU E 223 40.85 -29.86 20.03
N ASP E 224 40.47 -29.69 21.29
CA ASP E 224 41.07 -28.67 22.14
C ASP E 224 42.19 -29.20 23.04
N GLY E 225 42.14 -30.49 23.33
CA GLY E 225 43.11 -31.11 24.21
C GLY E 225 44.54 -30.80 23.82
N PRO E 226 44.90 -31.12 22.57
CA PRO E 226 46.32 -31.02 22.22
C PRO E 226 46.93 -29.65 22.51
N PHE E 227 46.14 -28.61 22.43
CA PHE E 227 46.63 -27.28 22.67
C PHE E 227 46.64 -27.01 24.17
N ILE E 228 45.62 -27.50 24.87
CA ILE E 228 45.54 -27.29 26.30
C ILE E 228 46.72 -27.98 26.92
N PHE E 229 46.96 -29.24 26.56
CA PHE E 229 48.04 -30.01 27.17
C PHE E 229 49.45 -29.51 26.78
N ALA E 230 49.59 -28.92 25.60
CA ALA E 230 50.87 -28.41 25.16
C ALA E 230 51.19 -27.11 25.90
N ARG E 231 50.16 -26.34 26.22
CA ARG E 231 50.31 -25.19 27.11
C ARG E 231 50.83 -25.63 28.49
N HIS E 232 50.18 -26.63 29.10
CA HIS E 232 50.66 -27.20 30.37
C HIS E 232 52.12 -27.60 30.32
N ALA E 233 52.51 -28.29 29.25
CA ALA E 233 53.87 -28.76 29.08
C ALA E 233 54.92 -27.65 29.03
N ASN E 234 54.52 -26.39 28.79
CA ASN E 234 55.48 -25.28 28.88
C ASN E 234 56.08 -24.99 30.29
N PHE E 235 55.54 -25.63 31.32
CA PHE E 235 55.92 -25.33 32.67
C PHE E 235 56.70 -26.48 33.27
N ARG E 236 57.41 -26.18 34.34
CA ARG E 236 58.40 -27.12 34.85
C ARG E 236 57.75 -28.20 35.69
N TYR E 237 56.81 -27.82 36.57
CA TYR E 237 56.22 -28.78 37.50
C TYR E 237 54.76 -29.08 37.23
N HIS E 238 54.37 -30.32 37.46
CA HIS E 238 53.02 -30.77 37.21
C HIS E 238 52.47 -31.57 38.38
N MET E 239 51.21 -31.29 38.72
CA MET E 239 50.56 -31.98 39.82
C MET E 239 49.03 -32.08 39.72
N ASP E 240 48.50 -32.99 40.54
CA ASP E 240 47.07 -33.26 40.60
C ASP E 240 46.71 -33.69 42.02
N ALA E 241 45.92 -32.88 42.71
CA ALA E 241 45.58 -33.14 44.11
C ALA E 241 44.58 -34.30 44.28
N ASP E 242 43.89 -34.66 43.20
CA ASP E 242 42.99 -35.82 43.17
C ASP E 242 42.05 -35.91 44.41
N TYR E 243 41.24 -34.91 44.57
CA TYR E 243 40.45 -34.74 45.76
C TYR E 243 39.40 -35.83 45.98
N THR E 244 39.27 -36.26 47.24
CA THR E 244 38.19 -37.13 47.69
C THR E 244 37.01 -36.25 48.11
N ARG E 245 35.81 -36.57 47.64
CA ARG E 245 34.58 -35.93 48.11
C ARG E 245 34.57 -34.43 47.96
N TRP E 246 35.12 -33.96 46.84
CA TRP E 246 35.17 -32.52 46.56
C TRP E 246 33.87 -31.82 46.89
N ASP E 247 32.76 -32.27 46.31
CA ASP E 247 31.48 -31.53 46.43
C ASP E 247 31.04 -31.34 47.87
N SER E 248 31.11 -32.43 48.65
CA SER E 248 30.63 -32.40 50.05
C SER E 248 31.55 -31.62 50.98
N THR E 249 32.80 -31.40 50.57
CA THR E 249 33.74 -30.62 51.39
C THR E 249 33.74 -29.13 51.14
N GLN E 250 32.87 -28.64 50.27
CA GLN E 250 32.91 -27.20 49.94
C GLN E 250 32.30 -26.30 50.99
N GLN E 251 32.70 -25.03 50.95
CA GLN E 251 32.23 -24.03 51.87
C GLN E 251 31.33 -23.12 51.09
N ARG E 252 30.12 -22.89 51.59
CA ARG E 252 29.24 -21.96 50.96
C ARG E 252 29.86 -20.60 50.77
N ALA E 253 30.74 -20.20 51.70
CA ALA E 253 31.36 -18.86 51.60
C ALA E 253 32.33 -18.79 50.42
N ILE E 254 32.96 -19.90 50.08
CA ILE E 254 33.80 -19.94 48.87
C ILE E 254 32.87 -19.84 47.63
N LEU E 255 31.81 -20.65 47.61
CA LEU E 255 30.84 -20.63 46.49
C LEU E 255 30.19 -19.25 46.33
N LYS E 256 30.05 -18.53 47.44
CA LYS E 256 29.51 -17.19 47.39
C LYS E 256 30.48 -16.22 46.75
N ARG E 257 31.78 -16.51 46.84
CA ARG E 257 32.76 -15.65 46.18
C ARG E 257 32.76 -15.96 44.69
N ALA E 258 32.77 -17.25 44.36
CA ALA E 258 32.56 -17.66 42.97
C ALA E 258 31.27 -17.00 42.43
N GLY E 259 30.17 -17.19 43.17
CA GLY E 259 28.89 -16.60 42.82
C GLY E 259 28.95 -15.13 42.53
N ASP E 260 29.65 -14.36 43.36
CA ASP E 260 29.74 -12.91 43.18
C ASP E 260 30.37 -12.59 41.84
N ILE E 261 31.30 -13.43 41.41
CA ILE E 261 32.01 -13.17 40.15
C ILE E 261 31.06 -13.46 38.98
N MET E 262 30.28 -14.53 39.07
CA MET E 262 29.28 -14.85 38.03
C MET E 262 28.27 -13.72 37.85
N VAL E 263 27.71 -13.28 38.96
CA VAL E 263 26.74 -12.19 38.96
C VAL E 263 27.32 -10.90 38.37
N ARG E 264 28.46 -10.46 38.88
CA ARG E 264 29.00 -9.17 38.43
C ARG E 264 29.35 -9.24 36.97
N LEU E 265 29.65 -10.44 36.47
CA LEU E 265 29.96 -10.62 35.04
C LEU E 265 28.77 -11.10 34.19
N SER E 266 27.55 -10.85 34.63
CA SER E 266 26.37 -11.26 33.89
C SER E 266 25.70 -10.02 33.32
N PRO E 267 24.89 -10.17 32.27
CA PRO E 267 24.23 -8.99 31.70
C PRO E 267 23.04 -8.50 32.52
N GLU E 268 22.50 -9.31 33.43
CA GLU E 268 21.37 -8.88 34.26
C GLU E 268 21.78 -9.11 35.71
N PRO E 269 22.74 -8.32 36.22
CA PRO E 269 23.34 -8.61 37.53
C PRO E 269 22.38 -8.51 38.71
N ASP E 270 21.56 -7.45 38.75
CA ASP E 270 20.60 -7.29 39.86
C ASP E 270 19.67 -8.46 39.93
N LEU E 271 19.18 -8.89 38.76
CA LEU E 271 18.37 -10.11 38.61
C LEU E 271 19.14 -11.36 39.00
N ALA E 272 20.35 -11.48 38.45
CA ALA E 272 21.17 -12.68 38.68
C ALA E 272 21.53 -12.83 40.16
N ARG E 273 21.82 -11.70 40.82
CA ARG E 273 22.04 -11.66 42.27
C ARG E 273 20.95 -12.41 43.05
N VAL E 274 19.68 -12.16 42.70
CA VAL E 274 18.59 -12.78 43.44
C VAL E 274 18.67 -14.29 43.33
N VAL E 275 18.96 -14.77 42.12
CA VAL E 275 18.97 -16.21 41.84
C VAL E 275 20.13 -16.90 42.55
N MET E 276 21.32 -16.32 42.46
CA MET E 276 22.52 -16.88 43.15
C MET E 276 22.32 -16.88 44.65
N ASP E 277 21.77 -15.80 45.18
CA ASP E 277 21.47 -15.81 46.62
C ASP E 277 20.53 -16.98 46.93
N ASP E 278 19.52 -17.24 46.10
CA ASP E 278 18.64 -18.42 46.33
C ASP E 278 19.38 -19.73 46.19
N LEU E 279 20.29 -19.80 45.22
CA LEU E 279 21.04 -21.04 44.98
C LEU E 279 21.97 -21.41 46.12
N LEU E 280 22.57 -20.40 46.75
CA LEU E 280 23.57 -20.63 47.82
C LEU E 280 23.00 -20.59 49.24
N ALA E 281 21.85 -19.95 49.42
CA ALA E 281 21.13 -20.02 50.71
C ALA E 281 21.00 -21.48 51.14
N PRO E 282 20.82 -21.72 52.45
CA PRO E 282 20.72 -23.12 52.92
C PRO E 282 19.75 -23.91 52.06
N SER E 283 20.17 -25.09 51.62
CA SER E 283 19.46 -25.82 50.56
C SER E 283 18.42 -26.80 51.07
N LEU E 284 17.20 -26.68 50.54
CA LEU E 284 16.14 -27.66 50.83
C LEU E 284 16.28 -28.87 49.93
N LEU E 285 16.68 -29.99 50.52
CA LEU E 285 16.93 -31.19 49.75
C LEU E 285 15.88 -32.21 50.08
N ASP E 286 15.06 -32.58 49.08
CA ASP E 286 13.98 -33.53 49.26
C ASP E 286 14.53 -34.95 49.20
N VAL E 287 14.58 -35.61 50.35
CA VAL E 287 15.07 -36.98 50.42
C VAL E 287 13.96 -38.04 50.44
N GLY E 288 12.71 -37.62 50.24
CA GLY E 288 11.55 -38.54 50.23
C GLY E 288 10.62 -38.27 51.41
N ASP E 289 10.96 -38.83 52.58
CA ASP E 289 10.19 -38.63 53.79
C ASP E 289 10.25 -37.18 54.25
N TYR E 290 11.41 -36.54 54.05
CA TYR E 290 11.58 -35.16 54.48
C TYR E 290 12.27 -34.32 53.41
N LYS E 291 12.02 -33.02 53.49
CA LYS E 291 12.91 -32.03 52.92
C LYS E 291 13.83 -31.59 54.06
N ILE E 292 15.15 -31.79 53.90
CA ILE E 292 16.14 -31.41 54.93
C ILE E 292 16.99 -30.21 54.54
N VAL E 293 17.34 -29.39 55.53
CA VAL E 293 18.09 -28.18 55.29
C VAL E 293 19.56 -28.54 55.24
N VAL E 294 20.19 -28.41 54.08
CA VAL E 294 21.63 -28.62 53.99
C VAL E 294 22.32 -27.30 53.64
N GLU E 295 23.04 -26.83 54.65
CA GLU E 295 23.52 -25.48 54.73
C GLU E 295 24.89 -25.35 54.06
N GLU E 296 25.59 -26.47 53.91
CA GLU E 296 26.97 -26.50 53.41
C GLU E 296 27.15 -27.50 52.28
N GLY E 297 28.34 -27.49 51.66
CA GLY E 297 28.63 -28.37 50.53
C GLY E 297 28.09 -27.77 49.23
N LEU E 298 28.35 -28.44 48.12
CA LEU E 298 27.89 -27.96 46.81
C LEU E 298 26.47 -28.49 46.50
N PRO E 299 25.51 -27.58 46.31
CA PRO E 299 24.17 -27.93 45.82
C PRO E 299 24.21 -28.06 44.30
N SER E 300 24.48 -29.27 43.84
CA SER E 300 24.90 -29.53 42.46
C SER E 300 23.74 -29.84 41.48
N GLY E 301 22.68 -29.05 41.53
CA GLY E 301 21.52 -29.35 40.69
C GLY E 301 21.47 -28.62 39.35
N CYS E 302 21.90 -27.37 39.39
CA CYS E 302 21.66 -26.47 38.26
CA CYS E 302 21.69 -26.40 38.30
C CYS E 302 22.66 -26.56 37.11
N PRO E 303 22.30 -25.99 35.93
CA PRO E 303 23.20 -26.13 34.75
C PRO E 303 24.58 -25.49 34.95
N CYS E 304 24.57 -24.31 35.57
CA CYS E 304 25.74 -23.51 35.84
C CYS E 304 26.65 -24.03 36.98
N THR E 305 26.36 -25.20 37.55
CA THR E 305 27.06 -25.58 38.77
C THR E 305 28.42 -26.13 38.47
N THR E 306 28.61 -26.78 37.32
CA THR E 306 29.93 -27.24 36.96
C THR E 306 30.88 -26.04 36.83
N GLN E 307 30.40 -24.94 36.26
CA GLN E 307 31.19 -23.73 36.15
C GLN E 307 31.43 -23.12 37.50
N LEU E 308 30.38 -23.09 38.32
CA LEU E 308 30.45 -22.44 39.64
C LEU E 308 31.50 -23.11 40.48
N ASN E 309 31.46 -24.43 40.40
CA ASN E 309 32.28 -25.29 41.17
C ASN E 309 33.71 -25.22 40.69
N SER E 310 33.87 -25.09 39.37
CA SER E 310 35.18 -24.96 38.73
C SER E 310 35.83 -23.65 39.13
N LEU E 311 35.02 -22.62 39.23
CA LEU E 311 35.45 -21.31 39.66
C LEU E 311 35.73 -21.30 41.16
N ALA E 312 35.06 -22.16 41.92
CA ALA E 312 35.39 -22.30 43.34
C ALA E 312 36.73 -23.01 43.46
N HIS E 313 36.93 -24.02 42.62
CA HIS E 313 38.15 -24.82 42.59
C HIS E 313 39.35 -23.90 42.24
N TRP E 314 39.14 -22.94 41.35
CA TRP E 314 40.17 -21.98 40.97
C TRP E 314 40.56 -21.07 42.15
N ILE E 315 39.55 -20.57 42.85
CA ILE E 315 39.77 -19.74 44.03
C ILE E 315 40.58 -20.49 45.09
N LEU E 316 40.21 -21.74 45.31
CA LEU E 316 40.83 -22.53 46.36
C LEU E 316 42.30 -22.76 46.03
N THR E 317 42.54 -23.19 44.79
CA THR E 317 43.86 -23.55 44.32
C THR E 317 44.79 -22.32 44.27
N LEU E 318 44.28 -21.20 43.79
CA LEU E 318 45.09 -20.00 43.72
C LEU E 318 45.36 -19.48 45.15
N CYS E 319 44.37 -19.57 46.04
CA CYS E 319 44.54 -19.22 47.46
C CYS E 319 45.66 -20.02 48.15
N ALA E 320 45.65 -21.33 47.99
CA ALA E 320 46.70 -22.18 48.52
C ALA E 320 48.06 -21.78 47.95
N MET E 321 48.14 -21.52 46.66
CA MET E 321 49.42 -21.23 46.02
C MET E 321 50.00 -19.90 46.47
N VAL E 322 49.14 -18.90 46.65
CA VAL E 322 49.57 -17.61 47.14
C VAL E 322 50.02 -17.70 48.60
N GLU E 323 49.25 -18.44 49.38
CA GLU E 323 49.52 -18.60 50.79
C GLU E 323 50.94 -19.16 50.95
N VAL E 324 51.23 -20.20 50.21
CA VAL E 324 52.55 -20.84 50.20
C VAL E 324 53.67 -19.97 49.59
N THR E 325 53.49 -19.44 48.38
CA THR E 325 54.58 -18.72 47.70
C THR E 325 54.63 -17.24 48.09
N ARG E 326 53.54 -16.75 48.64
CA ARG E 326 53.43 -15.35 49.02
C ARG E 326 53.84 -14.41 47.89
N VAL E 327 53.43 -14.76 46.68
CA VAL E 327 53.51 -13.85 45.52
C VAL E 327 52.08 -13.39 45.11
N ASP E 328 51.97 -12.22 44.46
CA ASP E 328 50.70 -11.77 43.85
C ASP E 328 50.05 -12.89 43.04
N PRO E 329 48.73 -13.07 43.19
CA PRO E 329 48.00 -14.05 42.39
C PRO E 329 48.26 -13.89 40.88
N ASP E 330 48.26 -12.66 40.42
CA ASP E 330 48.60 -12.32 39.03
C ASP E 330 49.96 -12.88 38.64
N ILE E 331 50.93 -12.84 39.55
CA ILE E 331 52.23 -13.45 39.28
C ILE E 331 52.09 -14.96 39.25
N VAL E 332 51.34 -15.54 40.18
CA VAL E 332 51.18 -16.98 40.16
C VAL E 332 50.62 -17.46 38.81
N MET E 333 49.64 -16.73 38.28
CA MET E 333 49.00 -17.13 37.02
C MET E 333 49.91 -16.86 35.81
N GLN E 334 50.79 -15.85 35.87
CA GLN E 334 51.86 -15.71 34.87
C GLN E 334 52.78 -16.91 34.85
N GLU E 335 53.02 -17.51 36.01
CA GLU E 335 53.98 -18.60 36.11
C GLU E 335 53.32 -19.98 36.17
N SER E 336 52.01 -20.06 35.92
CA SER E 336 51.34 -21.36 35.94
C SER E 336 50.28 -21.52 34.83
N GLU E 337 49.95 -22.77 34.53
CA GLU E 337 48.77 -23.11 33.76
C GLU E 337 47.85 -24.06 34.57
N PHE E 338 46.59 -23.69 34.70
CA PHE E 338 45.61 -24.52 35.42
C PHE E 338 44.58 -25.11 34.46
N SER E 339 44.09 -26.28 34.82
CA SER E 339 42.89 -26.83 34.20
C SER E 339 41.98 -27.33 35.30
N PHE E 340 40.76 -26.82 35.31
CA PHE E 340 39.69 -27.24 36.21
C PHE E 340 38.45 -27.63 35.45
N TYR E 341 37.87 -28.75 35.83
CA TYR E 341 36.53 -29.13 35.42
C TYR E 341 35.82 -29.69 36.64
N GLY E 342 35.10 -28.85 37.36
CA GLY E 342 34.55 -29.29 38.63
C GLY E 342 35.71 -29.60 39.57
N ASP E 343 35.79 -30.85 40.01
CA ASP E 343 36.78 -31.29 40.98
C ASP E 343 38.04 -31.77 40.30
N ASP E 344 37.98 -31.95 38.99
CA ASP E 344 39.12 -32.47 38.22
C ASP E 344 40.11 -31.33 37.98
N GLU E 345 41.40 -31.62 38.08
CA GLU E 345 42.40 -30.56 37.90
C GLU E 345 43.67 -31.05 37.27
N VAL E 346 44.38 -30.12 36.66
CA VAL E 346 45.78 -30.30 36.36
C VAL E 346 46.40 -28.98 36.74
N VAL E 347 47.46 -29.03 37.53
CA VAL E 347 48.17 -27.82 37.90
C VAL E 347 49.61 -27.92 37.46
N SER E 348 50.03 -26.94 36.68
CA SER E 348 51.36 -26.86 36.13
C SER E 348 51.90 -25.50 36.50
N THR E 349 53.14 -25.47 36.94
CA THR E 349 53.73 -24.21 37.37
C THR E 349 55.26 -24.25 37.26
N ASN E 350 55.83 -23.06 37.11
CA ASN E 350 57.27 -22.86 37.22
C ASN E 350 57.69 -22.59 38.66
N LEU E 351 56.76 -22.17 39.50
CA LEU E 351 57.06 -21.83 40.87
C LEU E 351 57.51 -23.04 41.65
N GLU E 352 58.40 -22.78 42.60
CA GLU E 352 58.96 -23.80 43.47
C GLU E 352 58.01 -23.97 44.64
N LEU E 353 56.94 -24.70 44.40
CA LEU E 353 55.84 -24.76 45.36
C LEU E 353 56.24 -25.72 46.45
N ASP E 354 56.28 -25.24 47.68
CA ASP E 354 56.50 -26.10 48.86
C ASP E 354 55.29 -27.05 48.98
N MET E 355 55.51 -28.33 48.72
CA MET E 355 54.40 -29.29 48.68
C MET E 355 53.86 -29.65 50.07
N VAL E 356 54.73 -29.62 51.08
CA VAL E 356 54.26 -29.87 52.43
C VAL E 356 53.31 -28.76 52.85
N LYS E 357 53.69 -27.52 52.58
CA LYS E 357 52.81 -26.42 52.98
C LYS E 357 51.57 -26.32 52.10
N TYR E 358 51.69 -26.75 50.84
CA TYR E 358 50.58 -26.69 49.87
C TYR E 358 49.53 -27.75 50.25
N THR E 359 49.97 -28.97 50.50
CA THR E 359 49.04 -29.99 50.93
C THR E 359 48.31 -29.57 52.22
N MET E 360 49.05 -28.90 53.10
CA MET E 360 48.57 -28.51 54.44
C MET E 360 47.50 -27.43 54.34
N ALA E 361 47.77 -26.46 53.50
CA ALA E 361 46.84 -25.36 53.25
C ALA E 361 45.50 -25.88 52.70
N LEU E 362 45.58 -26.83 51.77
CA LEU E 362 44.40 -27.37 51.14
C LEU E 362 43.59 -28.02 52.25
N ARG E 363 44.27 -28.80 53.08
CA ARG E 363 43.65 -29.50 54.20
C ARG E 363 42.97 -28.55 55.19
N ARG E 364 43.60 -27.42 55.44
CA ARG E 364 43.05 -26.46 56.37
CA ARG E 364 43.05 -26.46 56.37
C ARG E 364 41.77 -25.84 55.80
N TYR E 365 41.76 -25.64 54.49
CA TYR E 365 40.57 -25.11 53.81
C TYR E 365 39.39 -26.12 53.81
N GLY E 366 39.70 -27.38 54.07
CA GLY E 366 38.70 -28.41 54.30
C GLY E 366 38.76 -29.54 53.30
N LEU E 367 39.76 -29.50 52.41
CA LEU E 367 39.78 -30.38 51.25
C LEU E 367 40.48 -31.64 51.56
N LEU E 368 40.35 -32.60 50.66
CA LEU E 368 40.88 -33.92 50.93
C LEU E 368 41.75 -34.39 49.77
N PRO E 369 42.89 -33.68 49.54
CA PRO E 369 43.87 -34.13 48.57
C PRO E 369 44.35 -35.49 48.89
N THR E 370 44.66 -36.26 47.86
CA THR E 370 45.17 -37.60 48.03
C THR E 370 46.34 -37.82 47.08
N ARG E 371 47.34 -38.54 47.57
CA ARG E 371 48.51 -38.94 46.78
C ARG E 371 48.15 -40.05 45.81
N ALA E 372 48.96 -40.18 44.75
CA ALA E 372 48.77 -41.25 43.76
C ALA E 372 48.90 -42.62 44.40
N ASP E 373 49.89 -42.76 45.29
CA ASP E 373 50.05 -44.03 46.04
C ASP E 373 49.06 -44.20 47.19
N LYS E 374 48.28 -43.15 47.50
CA LYS E 374 47.26 -43.19 48.54
C LYS E 374 47.81 -43.27 49.98
N GLU E 375 49.14 -43.14 50.12
CA GLU E 375 49.77 -43.10 51.43
C GLU E 375 49.45 -41.78 52.11
N GLU E 376 49.88 -41.68 53.35
CA GLU E 376 49.87 -40.42 54.06
C GLU E 376 51.01 -39.58 53.48
N GLY E 377 51.00 -38.28 53.76
CA GLY E 377 52.10 -37.40 53.35
C GLY E 377 51.67 -36.33 52.36
N PRO E 378 52.62 -35.53 51.87
CA PRO E 378 52.31 -34.41 51.01
C PRO E 378 52.09 -34.84 49.56
N LEU E 379 51.39 -34.01 48.80
CA LEU E 379 51.26 -34.27 47.36
C LEU E 379 52.63 -34.24 46.68
N GLU E 380 52.75 -35.01 45.61
CA GLU E 380 53.98 -35.04 44.79
C GLU E 380 53.93 -33.96 43.72
N ARG E 381 55.06 -33.33 43.48
CA ARG E 381 55.26 -32.40 42.36
C ARG E 381 56.03 -33.19 41.34
N ARG E 382 55.54 -33.28 40.11
CA ARG E 382 56.22 -34.07 39.06
C ARG E 382 56.91 -33.15 38.03
N GLN E 383 57.95 -33.65 37.37
CA GLN E 383 58.65 -32.83 36.38
C GLN E 383 58.19 -33.13 34.95
N THR E 384 57.41 -34.20 34.79
CA THR E 384 56.77 -34.50 33.52
C THR E 384 55.25 -34.51 33.63
N LEU E 385 54.63 -34.15 32.51
CA LEU E 385 53.20 -33.99 32.43
C LEU E 385 52.57 -35.32 32.11
N GLN E 386 53.33 -36.23 31.51
CA GLN E 386 52.87 -37.56 31.22
C GLN E 386 52.60 -38.30 32.52
N GLY E 387 51.48 -39.00 32.57
CA GLY E 387 51.02 -39.61 33.80
C GLY E 387 49.73 -38.97 34.25
N ILE E 388 49.66 -37.64 34.23
CA ILE E 388 48.53 -36.93 34.83
C ILE E 388 47.28 -37.25 34.03
N SER E 389 46.13 -37.16 34.71
CA SER E 389 44.84 -37.50 34.14
C SER E 389 43.90 -36.32 34.20
N PHE E 390 42.96 -36.28 33.25
CA PHE E 390 41.97 -35.20 33.16
C PHE E 390 40.78 -35.66 32.31
N LEU E 391 39.57 -35.47 32.80
CA LEU E 391 38.37 -36.04 32.17
C LEU E 391 38.60 -37.48 31.71
N ARG E 392 39.21 -38.27 32.58
CA ARG E 392 39.37 -39.73 32.39
C ARG E 392 40.41 -40.13 31.36
N ARG E 393 41.17 -39.17 30.85
CA ARG E 393 42.21 -39.51 29.89
C ARG E 393 43.58 -39.30 30.52
N ALA E 394 44.49 -40.25 30.30
CA ALA E 394 45.90 -40.01 30.55
C ALA E 394 46.39 -38.96 29.56
N ILE E 395 47.11 -37.97 30.05
CA ILE E 395 47.75 -37.00 29.18
C ILE E 395 48.97 -37.68 28.60
N VAL E 396 49.03 -37.79 27.29
CA VAL E 396 50.15 -38.50 26.62
C VAL E 396 50.85 -37.57 25.61
N GLY E 397 52.15 -37.79 25.40
CA GLY E 397 52.96 -36.98 24.46
C GLY E 397 53.89 -37.79 23.54
N ASP E 398 53.85 -37.48 22.24
CA ASP E 398 54.70 -38.12 21.21
C ASP E 398 55.15 -37.09 20.16
N GLN E 399 55.87 -37.52 19.13
CA GLN E 399 56.40 -36.60 18.09
C GLN E 399 55.35 -35.62 17.61
N PHE E 400 54.12 -36.10 17.38
CA PHE E 400 53.08 -35.24 16.82
C PHE E 400 52.55 -34.24 17.84
N GLY E 401 52.66 -34.56 19.13
CA GLY E 401 52.28 -33.62 20.19
C GLY E 401 51.56 -34.29 21.34
N TRP E 402 50.74 -33.50 22.04
CA TRP E 402 50.07 -33.96 23.26
C TRP E 402 48.61 -34.31 23.01
N TYR E 403 48.14 -35.32 23.74
CA TYR E 403 46.75 -35.73 23.61
C TYR E 403 46.22 -36.50 24.83
N GLY E 404 44.90 -36.57 24.90
CA GLY E 404 44.20 -37.34 25.91
C GLY E 404 43.77 -38.70 25.39
N ARG E 405 44.26 -39.74 26.04
CA ARG E 405 44.00 -41.10 25.68
C ARG E 405 43.23 -41.78 26.80
N LEU E 406 42.08 -42.35 26.46
CA LEU E 406 41.35 -43.19 27.39
C LEU E 406 42.13 -44.46 27.68
N ASP E 407 42.20 -44.83 28.96
CA ASP E 407 42.87 -46.07 29.35
C ASP E 407 42.19 -47.31 28.77
N ARG E 408 42.95 -48.40 28.70
CA ARG E 408 42.43 -49.69 28.25
C ARG E 408 41.26 -50.22 29.06
N ALA E 409 41.38 -50.19 30.39
CA ALA E 409 40.30 -50.65 31.24
C ALA E 409 38.97 -50.05 30.77
N SER E 410 38.95 -48.72 30.64
CA SER E 410 37.72 -47.99 30.26
C SER E 410 37.20 -48.36 28.86
N ILE E 411 38.08 -48.89 28.00
CA ILE E 411 37.69 -49.27 26.66
C ILE E 411 37.09 -50.66 26.67
N ASP E 412 37.85 -51.60 27.24
CA ASP E 412 37.38 -52.96 27.47
C ASP E 412 35.97 -52.91 28.05
N ARG E 413 35.80 -52.09 29.07
CA ARG E 413 34.53 -51.91 29.76
C ARG E 413 33.40 -51.47 28.81
N GLN E 414 33.69 -50.52 27.92
CA GLN E 414 32.68 -50.05 26.97
C GLN E 414 32.25 -51.12 26.00
N LEU E 415 33.10 -52.11 25.76
CA LEU E 415 32.76 -53.27 24.92
C LEU E 415 31.92 -54.33 25.62
N LEU E 416 32.01 -54.41 26.95
CA LEU E 416 31.22 -55.37 27.73
C LEU E 416 29.79 -54.89 28.02
N TRP E 417 29.64 -53.58 28.19
CA TRP E 417 28.32 -52.98 28.44
C TRP E 417 27.87 -52.02 27.35
N THR E 418 26.56 -51.77 27.33
CA THR E 418 25.94 -50.93 26.33
C THR E 418 24.70 -50.31 26.96
N LYS E 419 24.44 -49.05 26.64
CA LYS E 419 23.32 -48.32 27.26
C LYS E 419 22.00 -48.65 26.57
N GLY E 420 20.90 -48.52 27.32
CA GLY E 420 19.58 -48.89 26.82
C GLY E 420 18.46 -48.45 27.74
N PRO E 421 17.25 -48.97 27.49
CA PRO E 421 16.21 -48.61 28.43
C PRO E 421 16.50 -49.18 29.80
N ASN E 422 15.91 -48.58 30.84
CA ASN E 422 16.04 -49.08 32.19
C ASN E 422 15.40 -50.44 32.43
N HIS E 423 16.14 -51.27 33.15
CA HIS E 423 15.72 -52.63 33.49
C HIS E 423 16.27 -53.07 34.84
N GLN E 424 15.74 -54.18 35.36
CA GLN E 424 16.00 -54.57 36.74
C GLN E 424 17.19 -55.54 36.84
N ASN E 425 17.51 -56.26 35.77
CA ASN E 425 18.65 -57.19 35.78
C ASN E 425 19.76 -56.80 34.83
N PRO E 426 20.89 -56.33 35.39
CA PRO E 426 22.05 -55.90 34.60
C PRO E 426 22.59 -56.89 33.60
N PHE E 427 22.49 -58.17 33.89
CA PHE E 427 23.14 -59.17 33.05
C PHE E 427 22.35 -59.55 31.80
N GLU E 428 21.07 -59.19 31.72
CA GLU E 428 20.28 -59.32 30.48
C GLU E 428 21.03 -58.68 29.31
N THR E 429 21.07 -59.32 28.16
CA THR E 429 21.61 -58.64 26.99
C THR E 429 20.48 -57.96 26.20
N LEU E 430 20.83 -56.92 25.44
CA LEU E 430 19.86 -56.13 24.69
C LEU E 430 19.54 -56.84 23.35
N PRO E 431 18.28 -57.29 23.14
CA PRO E 431 17.85 -58.07 21.96
C PRO E 431 18.25 -57.53 20.58
N GLY E 432 18.44 -56.21 20.48
CA GLY E 432 19.30 -55.56 19.46
C GLY E 432 19.12 -56.02 18.03
N HIS E 433 20.20 -56.07 17.24
CA HIS E 433 21.53 -55.56 17.59
C HIS E 433 21.60 -54.07 17.30
N GLN E 435 22.76 -51.34 18.31
CA GLN E 435 23.52 -50.66 17.27
C GLN E 435 24.26 -49.47 17.86
N ARG E 436 25.52 -49.31 17.51
CA ARG E 436 26.30 -48.17 17.98
C ARG E 436 27.40 -47.84 16.97
N PRO E 437 27.00 -47.35 15.78
CA PRO E 437 27.98 -47.13 14.73
C PRO E 437 29.02 -46.07 15.12
N SER E 438 28.55 -44.91 15.56
CA SER E 438 29.43 -43.80 15.94
C SER E 438 30.29 -44.11 17.16
N GLN E 439 29.72 -44.82 18.12
CA GLN E 439 30.37 -45.09 19.41
C GLN E 439 31.36 -46.24 19.27
N LEU E 440 30.99 -47.25 18.49
CA LEU E 440 31.88 -48.37 18.21
C LEU E 440 33.07 -47.90 17.37
N MET E 441 32.82 -46.94 16.48
CA MET E 441 33.87 -46.31 15.68
C MET E 441 34.76 -45.41 16.53
N ALA E 442 34.16 -44.65 17.45
CA ALA E 442 34.92 -43.84 18.41
C ALA E 442 35.82 -44.71 19.28
N LEU E 443 35.39 -45.94 19.52
CA LEU E 443 36.13 -46.88 20.37
C LEU E 443 37.38 -47.34 19.65
N LEU E 444 37.22 -47.70 18.37
CA LEU E 444 38.34 -48.00 17.48
C LEU E 444 39.35 -46.87 17.52
N GLY E 445 38.85 -45.65 17.56
CA GLY E 445 39.68 -44.46 17.66
C GLY E 445 40.54 -44.45 18.91
N GLU E 446 39.91 -44.71 20.05
CA GLU E 446 40.62 -44.74 21.33
C GLU E 446 41.59 -45.90 21.36
N ALA E 447 41.13 -47.06 20.89
CA ALA E 447 41.97 -48.23 20.79
C ALA E 447 43.22 -47.97 19.95
N ALA E 448 43.05 -47.19 18.89
CA ALA E 448 44.15 -46.89 17.96
C ALA E 448 45.29 -46.15 18.63
N MET E 449 44.96 -45.27 19.58
CA MET E 449 45.98 -44.49 20.23
C MET E 449 46.89 -45.34 21.13
N HIS E 450 46.48 -46.58 21.42
CA HIS E 450 47.29 -47.54 22.21
C HIS E 450 48.16 -48.45 21.35
N GLY E 451 48.25 -48.19 20.05
CA GLY E 451 49.15 -48.93 19.15
C GLY E 451 48.49 -50.15 18.54
N GLU E 452 48.94 -50.53 17.34
CA GLU E 452 48.25 -51.55 16.54
C GLU E 452 47.95 -52.86 17.28
N LYS E 453 48.89 -53.32 18.11
CA LYS E 453 48.71 -54.59 18.82
C LYS E 453 47.39 -54.62 19.57
N TYR E 454 47.13 -53.58 20.36
CA TYR E 454 45.86 -53.44 21.06
C TYR E 454 44.69 -53.23 20.09
N TYR E 455 44.91 -52.38 19.09
CA TYR E 455 43.88 -52.06 18.11
C TYR E 455 43.31 -53.31 17.46
N ARG E 456 44.15 -54.34 17.31
CA ARG E 456 43.72 -55.61 16.71
C ARG E 456 42.67 -56.29 17.57
N THR E 457 43.01 -56.59 18.82
CA THR E 457 42.05 -57.21 19.75
C THR E 457 40.69 -56.55 19.64
N VAL E 458 40.68 -55.22 19.66
CA VAL E 458 39.46 -54.43 19.66
C VAL E 458 38.67 -54.64 18.37
N ALA E 459 39.34 -54.50 17.23
CA ALA E 459 38.70 -54.65 15.92
C ALA E 459 37.98 -55.99 15.75
N SER E 460 38.56 -57.06 16.30
CA SER E 460 37.97 -58.40 16.24
C SER E 460 36.69 -58.49 17.05
N ARG E 461 36.74 -57.94 18.26
CA ARG E 461 35.57 -57.86 19.15
C ARG E 461 34.53 -56.91 18.56
N VAL E 462 35.00 -55.88 17.87
CA VAL E 462 34.14 -54.84 17.32
C VAL E 462 33.36 -55.31 16.07
N SER E 463 34.05 -55.97 15.15
CA SER E 463 33.37 -56.54 13.97
C SER E 463 32.52 -57.75 14.36
N LYS E 464 32.90 -58.39 15.47
CA LYS E 464 32.12 -59.47 16.10
C LYS E 464 30.64 -59.12 16.29
N GLU E 465 30.36 -57.83 16.49
CA GLU E 465 28.98 -57.34 16.59
C GLU E 465 28.30 -57.20 15.21
N ALA E 466 27.61 -58.26 14.77
CA ALA E 466 26.81 -58.22 13.54
C ALA E 466 25.85 -59.39 13.49
N VAL E 474 33.79 -53.99 7.56
CA VAL E 474 33.29 -52.64 7.81
C VAL E 474 34.38 -51.78 8.47
N VAL E 475 35.36 -52.45 9.08
CA VAL E 475 36.31 -51.80 9.99
C VAL E 475 37.63 -51.40 9.30
N PRO E 476 38.02 -50.11 9.41
CA PRO E 476 39.25 -49.64 8.73
C PRO E 476 40.52 -50.08 9.43
N ARG E 477 41.63 -50.09 8.69
CA ARG E 477 42.92 -50.52 9.24
C ARG E 477 43.52 -49.42 10.12
N HIS E 478 44.53 -49.80 10.88
CA HIS E 478 45.04 -48.96 11.96
C HIS E 478 45.53 -47.58 11.53
N ARG E 479 46.44 -47.52 10.57
CA ARG E 479 46.99 -46.23 10.10
C ARG E 479 45.93 -45.15 9.92
N SER E 480 44.80 -45.52 9.30
CA SER E 480 43.77 -44.54 8.92
C SER E 480 43.01 -44.00 10.11
N VAL E 481 42.60 -44.88 11.01
CA VAL E 481 41.86 -44.45 12.19
C VAL E 481 42.77 -43.55 13.06
N LEU E 482 44.04 -43.93 13.21
CA LEU E 482 44.95 -43.15 14.01
C LEU E 482 44.99 -41.74 13.50
N ARG E 483 45.26 -41.61 12.20
CA ARG E 483 45.39 -40.31 11.55
C ARG E 483 44.09 -39.52 11.70
N TRP E 484 42.96 -40.19 11.54
CA TRP E 484 41.67 -39.53 11.69
C TRP E 484 41.53 -38.96 13.10
N VAL E 485 41.77 -39.81 14.10
CA VAL E 485 41.48 -39.44 15.49
C VAL E 485 42.46 -38.39 16.03
N ARG E 486 43.73 -38.52 15.65
CA ARG E 486 44.76 -37.55 16.04
C ARG E 486 44.72 -36.22 15.26
N PHE E 487 44.30 -36.25 14.00
CA PHE E 487 44.38 -35.05 13.13
C PHE E 487 43.10 -34.74 12.34
N GLY E 488 42.74 -35.60 11.39
CA GLY E 488 41.72 -35.32 10.35
C GLY E 488 40.31 -35.13 10.88
N ARG F 4 66.98 -19.57 -32.39
CA ARG F 4 68.23 -20.17 -31.84
C ARG F 4 69.44 -19.23 -31.82
N PRO F 5 69.32 -18.05 -31.18
CA PRO F 5 70.53 -17.29 -30.91
C PRO F 5 71.40 -18.01 -29.84
N SER F 6 72.64 -17.58 -29.65
CA SER F 6 73.58 -18.25 -28.74
C SER F 6 74.38 -17.28 -27.90
N GLY F 7 75.10 -17.83 -26.94
CA GLY F 7 76.01 -17.06 -26.09
C GLY F 7 75.64 -17.15 -24.63
N THR F 8 76.18 -16.23 -23.83
CA THR F 8 75.76 -16.13 -22.45
C THR F 8 75.13 -14.77 -22.22
N TYR F 9 74.11 -14.78 -21.36
CA TYR F 9 73.53 -13.56 -20.86
C TYR F 9 73.62 -13.64 -19.35
N ALA F 10 74.22 -12.62 -18.74
CA ALA F 10 74.32 -12.49 -17.29
C ALA F 10 74.89 -13.76 -16.64
N GLY F 11 75.86 -14.38 -17.32
CA GLY F 11 76.52 -15.58 -16.85
C GLY F 11 75.77 -16.88 -17.13
N LEU F 12 74.68 -16.78 -17.88
CA LEU F 12 73.81 -17.93 -18.13
C LEU F 12 73.66 -18.17 -19.64
N PRO F 13 73.45 -19.45 -20.06
CA PRO F 13 73.28 -19.74 -21.50
C PRO F 13 71.99 -19.20 -22.11
N ILE F 14 72.12 -18.57 -23.28
CA ILE F 14 70.97 -18.13 -24.06
C ILE F 14 70.44 -19.32 -24.84
N ALA F 15 69.12 -19.50 -24.80
CA ALA F 15 68.43 -20.55 -25.55
C ALA F 15 67.60 -19.98 -26.70
N ASP F 16 67.18 -18.72 -26.58
CA ASP F 16 66.24 -18.16 -27.52
C ASP F 16 66.10 -16.66 -27.36
N TYR F 17 65.32 -16.06 -28.26
CA TYR F 17 64.88 -14.69 -28.11
C TYR F 17 63.73 -14.72 -27.14
N GLY F 18 63.52 -13.62 -26.42
CA GLY F 18 62.49 -13.52 -25.40
C GLY F 18 61.26 -12.83 -25.93
N ASP F 19 60.14 -13.00 -25.22
CA ASP F 19 58.87 -12.33 -25.55
C ASP F 19 58.33 -11.52 -24.36
N ALA F 20 59.10 -11.49 -23.27
CA ALA F 20 58.69 -10.83 -22.03
C ALA F 20 58.39 -9.34 -22.29
N PRO F 21 57.35 -8.80 -21.65
CA PRO F 21 57.08 -7.37 -21.80
C PRO F 21 58.11 -6.57 -21.02
N PRO F 22 58.19 -5.25 -21.26
CA PRO F 22 59.16 -4.41 -20.54
C PRO F 22 59.01 -4.48 -19.03
N LEU F 23 60.09 -4.40 -18.28
CA LEU F 23 59.98 -4.33 -16.82
C LEU F 23 59.20 -3.07 -16.39
N SER F 24 58.52 -3.20 -15.25
CA SER F 24 57.58 -2.18 -14.79
C SER F 24 58.34 -1.00 -14.27
N THR F 25 57.90 0.19 -14.65
CA THR F 25 58.48 1.42 -14.14
C THR F 25 57.58 2.09 -13.08
N LYS F 26 56.64 1.35 -12.50
CA LYS F 26 55.65 1.99 -11.62
C LYS F 26 55.51 1.29 -10.28
N THR F 27 54.96 2.01 -9.29
CA THR F 27 54.69 1.44 -7.96
C THR F 27 53.24 1.60 -7.49
N MET F 28 52.74 0.53 -6.87
CA MET F 28 51.39 0.53 -6.28
C MET F 28 51.28 1.41 -5.03
N PHE F 29 52.42 1.89 -4.51
CA PHE F 29 52.45 2.52 -3.19
C PHE F 29 52.32 4.03 -3.25
N TRP F 30 51.34 4.57 -2.53
CA TRP F 30 51.07 6.01 -2.43
C TRP F 30 51.36 6.45 -1.02
N ARG F 31 51.62 7.74 -0.84
CA ARG F 31 51.80 8.30 0.49
C ARG F 31 50.44 8.68 1.05
N THR F 32 50.39 8.86 2.37
CA THR F 32 49.16 9.12 3.12
C THR F 32 49.11 10.55 3.66
N SER F 33 50.12 11.35 3.33
CA SER F 33 50.10 12.81 3.50
C SER F 33 51.27 13.40 2.71
N PRO F 34 51.19 14.71 2.38
CA PRO F 34 52.25 15.34 1.60
C PRO F 34 53.47 15.68 2.46
N GLU F 35 53.33 15.56 3.78
CA GLU F 35 54.42 15.85 4.70
C GLU F 35 55.61 14.95 4.44
N LYS F 36 56.79 15.37 4.90
CA LYS F 36 58.01 14.64 4.58
C LYS F 36 58.20 13.49 5.53
N LEU F 37 58.83 12.44 5.01
CA LEU F 37 59.01 11.21 5.74
C LEU F 37 60.16 11.41 6.70
N PRO F 38 60.04 10.89 7.93
CA PRO F 38 61.14 11.01 8.89
C PRO F 38 62.38 10.29 8.38
N PRO F 39 63.57 10.67 8.88
CA PRO F 39 64.82 10.10 8.37
C PRO F 39 64.87 8.57 8.38
N GLY F 40 65.65 8.00 7.47
CA GLY F 40 65.78 6.55 7.35
C GLY F 40 64.52 5.77 6.91
N ALA F 41 63.45 6.48 6.57
CA ALA F 41 62.14 5.88 6.18
C ALA F 41 62.25 4.91 5.01
N TRP F 42 61.46 3.83 5.04
CA TRP F 42 61.43 2.91 3.92
C TRP F 42 60.65 3.56 2.77
N GLU F 43 60.93 3.12 1.56
CA GLU F 43 60.29 3.65 0.35
C GLU F 43 60.12 2.56 -0.69
N PRO F 44 59.33 2.83 -1.73
CA PRO F 44 59.23 1.83 -2.76
C PRO F 44 60.55 1.65 -3.51
N ALA F 45 60.87 0.40 -3.82
CA ALA F 45 61.99 0.04 -4.66
C ALA F 45 62.04 0.78 -6.00
N TYR F 46 63.28 0.89 -6.47
CA TYR F 46 63.67 1.57 -7.70
C TYR F 46 62.76 1.26 -8.87
N LEU F 47 62.53 2.28 -9.69
CA LEU F 47 61.62 2.21 -10.83
C LEU F 47 62.28 2.31 -12.22
N GLY F 48 63.61 2.25 -12.31
CA GLY F 48 64.30 2.31 -13.62
C GLY F 48 64.71 3.72 -14.05
N SER F 49 64.79 3.95 -15.36
CA SER F 49 65.34 5.20 -15.88
C SER F 49 64.56 6.42 -15.42
N LYS F 50 63.23 6.33 -15.48
CA LYS F 50 62.36 7.47 -15.16
C LYS F 50 62.20 7.76 -13.66
N ASP F 51 62.80 6.93 -12.79
CA ASP F 51 62.66 7.12 -11.35
C ASP F 51 63.23 8.49 -10.98
N GLU F 52 62.34 9.39 -10.56
CA GLU F 52 62.68 10.78 -10.22
C GLU F 52 63.67 10.91 -9.05
N ARG F 53 63.63 9.97 -8.12
CA ARG F 53 64.36 10.04 -6.85
C ARG F 53 65.87 9.89 -7.00
N VAL F 54 66.29 9.19 -8.04
CA VAL F 54 67.71 8.91 -8.25
C VAL F 54 67.97 8.38 -9.66
N ASP F 55 69.12 8.78 -10.22
CA ASP F 55 69.56 8.31 -11.53
C ASP F 55 70.47 7.09 -11.34
N GLY F 56 69.84 5.92 -11.30
CA GLY F 56 70.54 4.64 -11.12
C GLY F 56 70.53 3.91 -12.44
N PRO F 57 70.88 2.61 -12.45
CA PRO F 57 70.93 1.85 -13.71
C PRO F 57 69.57 1.54 -14.40
N SER F 58 69.66 0.76 -15.48
CA SER F 58 68.49 0.25 -16.16
C SER F 58 67.94 -0.87 -15.29
N LEU F 59 66.64 -1.09 -15.37
CA LEU F 59 66.04 -2.20 -14.64
C LEU F 59 66.65 -3.52 -15.14
N GLN F 60 67.07 -3.55 -16.41
CA GLN F 60 67.66 -4.77 -17.01
C GLN F 60 68.97 -5.18 -16.36
N GLN F 61 69.76 -4.19 -15.94
CA GLN F 61 71.00 -4.44 -15.23
C GLN F 61 70.69 -4.87 -13.78
N VAL F 62 69.73 -4.20 -13.16
CA VAL F 62 69.29 -4.60 -11.82
C VAL F 62 68.88 -6.10 -11.83
N MET F 63 68.21 -6.51 -12.89
CA MET F 63 67.87 -7.93 -13.05
C MET F 63 69.08 -8.82 -13.37
N ARG F 64 70.00 -8.35 -14.20
CA ARG F 64 71.26 -9.10 -14.43
C ARG F 64 72.00 -9.34 -13.09
N ASP F 65 72.05 -8.29 -12.25
CA ASP F 65 72.62 -8.40 -10.91
C ASP F 65 72.00 -9.59 -10.16
N GLN F 66 70.67 -9.66 -10.17
CA GLN F 66 69.95 -10.67 -9.40
C GLN F 66 70.13 -12.06 -9.99
N LEU F 67 70.62 -12.12 -11.23
CA LEU F 67 70.83 -13.40 -11.87
C LEU F 67 72.17 -14.02 -11.46
N LYS F 68 73.13 -13.18 -11.05
CA LYS F 68 74.49 -13.66 -10.71
C LYS F 68 74.53 -14.97 -9.88
N PRO F 69 73.84 -15.00 -8.73
CA PRO F 69 73.88 -16.17 -7.83
C PRO F 69 73.51 -17.54 -8.47
N TYR F 70 72.76 -17.50 -9.57
CA TYR F 70 72.32 -18.73 -10.24
C TYR F 70 73.42 -19.42 -11.06
N SER F 71 74.46 -18.70 -11.46
CA SER F 71 75.60 -19.34 -12.12
C SER F 71 76.67 -19.80 -11.12
N GLU F 72 76.55 -19.39 -9.86
CA GLU F 72 77.57 -19.75 -8.86
C GLU F 72 77.55 -21.27 -8.67
N PRO F 73 78.70 -21.83 -8.27
CA PRO F 73 78.69 -23.26 -8.05
C PRO F 73 77.81 -23.66 -6.87
N ARG F 74 77.25 -24.87 -6.96
CA ARG F 74 76.44 -25.47 -5.92
C ARG F 74 77.33 -26.02 -4.82
N GLY F 75 76.97 -25.76 -3.57
CA GLY F 75 77.54 -26.48 -2.44
C GLY F 75 77.28 -27.97 -2.63
N LEU F 76 77.57 -28.78 -1.63
CA LEU F 76 77.56 -30.21 -1.84
C LEU F 76 76.26 -30.79 -1.35
N LEU F 77 75.84 -31.91 -1.95
CA LEU F 77 74.87 -32.77 -1.32
C LEU F 77 75.36 -33.26 0.06
N PRO F 78 74.44 -33.42 1.01
CA PRO F 78 74.75 -34.17 2.22
C PRO F 78 75.19 -35.60 1.90
N PRO F 79 76.02 -36.19 2.76
CA PRO F 79 76.38 -37.58 2.48
C PRO F 79 75.13 -38.40 2.15
N GLN F 80 75.21 -39.21 1.09
CA GLN F 80 74.05 -39.91 0.52
C GLN F 80 73.24 -40.69 1.55
N GLU F 81 73.95 -41.26 2.53
CA GLU F 81 73.34 -42.12 3.53
C GLU F 81 72.47 -41.32 4.50
N ILE F 82 72.86 -40.09 4.81
CA ILE F 82 72.01 -39.19 5.62
C ILE F 82 70.77 -38.74 4.81
N LEU F 83 71.04 -38.14 3.66
CA LEU F 83 70.00 -37.69 2.75
C LEU F 83 68.89 -38.72 2.62
N ASP F 84 69.25 -39.93 2.20
CA ASP F 84 68.29 -41.04 2.06
C ASP F 84 67.46 -41.28 3.33
N ALA F 85 68.13 -41.23 4.48
CA ALA F 85 67.49 -41.47 5.78
C ALA F 85 66.58 -40.30 6.15
N VAL F 86 67.09 -39.07 6.04
CA VAL F 86 66.27 -37.90 6.25
C VAL F 86 64.99 -37.96 5.38
N CYS F 87 65.17 -38.19 4.08
CA CYS F 87 64.03 -38.16 3.17
C CYS F 87 63.07 -39.26 3.52
N ASP F 88 63.60 -40.46 3.73
CA ASP F 88 62.75 -41.60 4.15
C ASP F 88 61.97 -41.26 5.42
N ALA F 89 62.60 -40.53 6.34
CA ALA F 89 61.95 -40.11 7.57
C ALA F 89 60.82 -39.11 7.34
N ILE F 90 61.12 -38.05 6.60
CA ILE F 90 60.12 -37.05 6.24
C ILE F 90 58.94 -37.60 5.44
N GLU F 91 59.23 -38.34 4.38
CA GLU F 91 58.17 -38.97 3.60
C GLU F 91 57.27 -39.80 4.52
N ASN F 92 57.90 -40.62 5.36
CA ASN F 92 57.17 -41.49 6.27
C ASN F 92 56.31 -40.65 7.19
N ARG F 93 56.87 -39.54 7.65
CA ARG F 93 56.16 -38.66 8.55
C ARG F 93 54.88 -38.14 7.86
N LEU F 94 55.00 -37.73 6.61
CA LEU F 94 53.84 -37.21 5.87
C LEU F 94 52.80 -38.29 5.61
N GLU F 95 53.20 -39.53 5.36
CA GLU F 95 52.21 -40.60 5.19
C GLU F 95 51.46 -40.84 6.51
N ASN F 96 52.14 -40.64 7.63
CA ASN F 96 51.48 -40.77 8.92
C ASN F 96 50.43 -39.68 9.17
N THR F 97 50.64 -38.48 8.61
CA THR F 97 49.79 -37.31 8.92
C THR F 97 48.79 -36.83 7.85
N LEU F 98 49.20 -36.84 6.58
CA LEU F 98 48.35 -36.32 5.49
C LEU F 98 47.13 -37.20 5.15
N GLU F 99 45.96 -36.59 5.02
CA GLU F 99 44.80 -37.34 4.54
C GLU F 99 44.92 -37.52 3.02
N PRO F 100 44.63 -38.73 2.52
CA PRO F 100 44.64 -38.88 1.07
C PRO F 100 43.55 -38.06 0.37
N GLN F 101 43.87 -37.50 -0.80
CA GLN F 101 43.05 -36.48 -1.46
C GLN F 101 42.53 -36.91 -2.82
N LYS F 102 41.41 -36.34 -3.23
CA LYS F 102 40.89 -36.58 -4.58
C LYS F 102 41.70 -35.74 -5.55
N PRO F 103 41.90 -36.27 -6.77
CA PRO F 103 42.55 -35.44 -7.79
C PRO F 103 41.77 -34.15 -8.06
N TRP F 104 42.49 -33.08 -8.39
CA TRP F 104 41.89 -31.83 -8.74
C TRP F 104 41.49 -31.91 -10.20
N THR F 105 40.37 -31.28 -10.54
CA THR F 105 39.90 -31.23 -11.91
C THR F 105 40.47 -30.01 -12.62
N PHE F 106 40.45 -30.04 -13.95
CA PHE F 106 40.78 -28.87 -14.75
C PHE F 106 40.04 -27.63 -14.27
N LYS F 107 38.78 -27.81 -13.89
CA LYS F 107 37.94 -26.69 -13.48
C LYS F 107 38.39 -26.14 -12.12
N LYS F 108 38.59 -27.03 -11.14
CA LYS F 108 39.16 -26.68 -9.85
C LYS F 108 40.50 -25.98 -10.02
N ALA F 109 41.37 -26.59 -10.83
CA ALA F 109 42.64 -25.98 -11.19
C ALA F 109 42.48 -24.53 -11.65
N CYS F 110 41.51 -24.26 -12.52
CA CYS F 110 41.32 -22.93 -13.09
C CYS F 110 40.77 -21.90 -12.08
N GLU F 111 39.88 -22.34 -11.18
CA GLU F 111 39.31 -21.46 -10.14
C GLU F 111 40.35 -21.06 -9.11
N SER F 112 41.27 -21.99 -8.83
CA SER F 112 42.32 -21.80 -7.84
C SER F 112 43.31 -20.72 -8.20
N LEU F 113 43.41 -20.38 -9.48
CA LEU F 113 44.35 -19.33 -9.91
C LEU F 113 43.91 -17.93 -9.51
N ASP F 114 44.87 -17.13 -9.05
CA ASP F 114 44.67 -15.71 -8.78
C ASP F 114 44.41 -15.04 -10.13
N LYS F 115 43.27 -14.37 -10.25
CA LYS F 115 42.83 -13.81 -11.51
C LYS F 115 43.37 -12.40 -11.74
N ASN F 116 43.92 -11.80 -10.69
CA ASN F 116 44.49 -10.46 -10.77
C ASN F 116 46.01 -10.43 -11.00
N THR F 117 46.52 -11.44 -11.68
CA THR F 117 47.94 -11.54 -11.99
C THR F 117 48.07 -12.01 -13.43
N SER F 118 49.23 -11.72 -14.04
CA SER F 118 49.48 -12.00 -15.45
C SER F 118 49.44 -13.48 -15.79
N SER F 119 49.07 -13.77 -17.03
CA SER F 119 48.95 -15.13 -17.52
C SER F 119 50.33 -15.66 -17.88
N GLY F 120 51.27 -14.75 -18.08
CA GLY F 120 52.61 -15.09 -18.54
C GLY F 120 52.69 -15.43 -20.03
N TYR F 121 53.74 -16.16 -20.39
CA TYR F 121 53.97 -16.58 -21.74
C TYR F 121 52.78 -17.39 -22.23
N PRO F 122 52.34 -17.17 -23.50
CA PRO F 122 52.80 -16.17 -24.47
C PRO F 122 52.07 -14.83 -24.40
N TYR F 123 50.89 -14.80 -23.79
CA TYR F 123 49.94 -13.66 -23.91
C TYR F 123 50.14 -12.55 -22.91
N HIS F 124 50.83 -12.84 -21.82
CA HIS F 124 51.12 -11.84 -20.79
C HIS F 124 49.98 -10.87 -20.50
N LYS F 125 48.81 -11.38 -20.11
CA LYS F 125 47.66 -10.53 -19.70
C LYS F 125 47.07 -10.97 -18.37
N GLN F 126 46.43 -10.03 -17.65
CA GLN F 126 45.66 -10.38 -16.48
C GLN F 126 44.77 -11.57 -16.78
N LYS F 127 44.78 -12.57 -15.91
CA LYS F 127 43.97 -13.76 -16.12
C LYS F 127 42.48 -13.47 -16.16
N SER F 128 42.04 -12.45 -15.42
CA SER F 128 40.64 -12.07 -15.35
C SER F 128 40.01 -11.71 -16.70
N LYS F 129 40.83 -11.23 -17.64
CA LYS F 129 40.35 -10.70 -18.91
C LYS F 129 39.84 -11.75 -19.87
N ASP F 130 40.20 -13.02 -19.66
CA ASP F 130 39.59 -14.12 -20.43
C ASP F 130 38.81 -15.04 -19.50
N TRP F 131 38.40 -14.50 -18.36
CA TRP F 131 37.71 -15.28 -17.34
C TRP F 131 36.22 -14.90 -17.29
N THR F 132 35.36 -15.90 -17.49
CA THR F 132 33.90 -15.67 -17.55
C THR F 132 33.22 -15.70 -16.19
N GLY F 133 33.94 -16.17 -15.19
CA GLY F 133 33.39 -16.37 -13.85
C GLY F 133 33.46 -17.84 -13.51
N SER F 134 33.43 -18.67 -14.55
CA SER F 134 33.50 -20.13 -14.41
C SER F 134 34.61 -20.80 -15.25
N ALA F 135 35.01 -20.16 -16.34
CA ALA F 135 35.99 -20.78 -17.25
C ALA F 135 36.81 -19.74 -17.99
N PHE F 136 37.96 -20.18 -18.47
CA PHE F 136 38.79 -19.36 -19.35
C PHE F 136 38.29 -19.56 -20.77
N ILE F 137 38.22 -18.48 -21.51
CA ILE F 137 37.92 -18.52 -22.95
C ILE F 137 39.03 -17.79 -23.65
N GLY F 138 38.81 -17.34 -24.88
CA GLY F 138 39.80 -16.50 -25.56
C GLY F 138 41.14 -17.18 -25.69
N ASP F 139 42.21 -16.39 -25.60
CA ASP F 139 43.58 -16.91 -25.69
C ASP F 139 43.83 -17.89 -24.54
N LEU F 140 43.62 -17.39 -23.32
CA LEU F 140 43.86 -18.19 -22.11
C LEU F 140 43.10 -19.51 -22.10
N GLY F 141 41.92 -19.55 -22.70
CA GLY F 141 41.18 -20.80 -22.81
C GLY F 141 41.91 -21.78 -23.70
N ASP F 142 42.40 -21.28 -24.83
CA ASP F 142 43.21 -22.11 -25.72
C ASP F 142 44.42 -22.63 -24.94
N GLN F 143 45.15 -21.71 -24.31
CA GLN F 143 46.35 -22.09 -23.58
C GLN F 143 46.08 -23.14 -22.51
N ALA F 144 45.07 -22.84 -21.69
CA ALA F 144 44.67 -23.69 -20.57
C ALA F 144 44.26 -25.07 -21.02
N THR F 145 43.41 -25.10 -22.04
CA THR F 145 42.84 -26.34 -22.55
C THR F 145 43.92 -27.29 -23.08
N HIS F 146 44.89 -26.72 -23.81
CA HIS F 146 45.95 -27.52 -24.41
C HIS F 146 46.86 -28.12 -23.33
N ALA F 147 47.29 -27.29 -22.38
CA ALA F 147 48.09 -27.75 -21.23
C ALA F 147 47.43 -28.87 -20.47
N ASN F 148 46.11 -28.78 -20.35
CA ASN F 148 45.37 -29.77 -19.61
C ASN F 148 45.28 -31.09 -20.39
N ASN F 149 45.27 -31.01 -21.71
CA ASN F 149 45.29 -32.22 -22.56
C ASN F 149 46.64 -32.91 -22.43
N MET F 150 47.71 -32.13 -22.57
CA MET F 150 49.06 -32.63 -22.32
C MET F 150 49.12 -33.32 -20.97
N TYR F 151 48.66 -32.62 -19.93
CA TYR F 151 48.69 -33.15 -18.59
C TYR F 151 48.00 -34.50 -18.55
N GLU F 152 46.81 -34.58 -19.15
CA GLU F 152 46.01 -35.80 -19.09
C GLU F 152 46.65 -36.95 -19.89
N MET F 153 47.42 -36.62 -20.92
CA MET F 153 48.10 -37.62 -21.76
C MET F 153 49.46 -38.07 -21.19
N GLY F 154 49.86 -37.50 -20.04
CA GLY F 154 51.20 -37.70 -19.49
C GLY F 154 52.29 -37.18 -20.41
N LYS F 155 52.00 -36.11 -21.15
CA LYS F 155 52.98 -35.58 -22.07
C LYS F 155 53.63 -34.29 -21.55
N SER F 156 54.96 -34.27 -21.60
CA SER F 156 55.74 -33.14 -21.15
C SER F 156 55.52 -31.90 -21.98
N MET F 157 55.58 -30.75 -21.33
CA MET F 157 55.75 -29.45 -21.98
C MET F 157 56.85 -28.77 -21.21
N ARG F 158 57.54 -27.84 -21.87
CA ARG F 158 58.66 -27.14 -21.27
C ARG F 158 58.14 -25.84 -20.65
N PRO F 159 58.34 -25.62 -19.34
CA PRO F 159 57.90 -24.34 -18.77
C PRO F 159 58.65 -23.14 -19.28
N ILE F 160 57.98 -22.00 -19.37
CA ILE F 160 58.61 -20.70 -19.66
C ILE F 160 58.20 -19.69 -18.61
N TYR F 161 59.16 -19.34 -17.77
CA TYR F 161 58.93 -18.37 -16.70
C TYR F 161 59.23 -17.02 -17.27
N THR F 162 58.62 -16.00 -16.69
CA THR F 162 58.79 -14.63 -17.10
C THR F 162 59.35 -13.93 -15.91
N ALA F 163 60.47 -13.24 -16.09
CA ALA F 163 61.13 -12.54 -15.00
C ALA F 163 60.63 -11.10 -14.80
N ALA F 164 60.57 -10.68 -13.56
CA ALA F 164 60.10 -9.35 -13.17
C ALA F 164 60.79 -9.02 -11.88
N LEU F 165 60.65 -7.76 -11.46
CA LEU F 165 61.30 -7.27 -10.28
C LEU F 165 60.27 -6.70 -9.34
N LYS F 166 60.30 -7.18 -8.09
CA LYS F 166 59.26 -6.94 -7.09
C LYS F 166 59.18 -5.48 -6.61
N ASP F 167 57.97 -4.91 -6.75
CA ASP F 167 57.62 -3.59 -6.22
C ASP F 167 57.17 -3.78 -4.79
N GLU F 168 58.06 -3.46 -3.84
CA GLU F 168 57.75 -3.51 -2.41
C GLU F 168 58.45 -2.34 -1.70
N LEU F 169 58.13 -2.13 -0.43
CA LEU F 169 58.90 -1.17 0.39
C LEU F 169 60.26 -1.76 0.74
N VAL F 170 61.31 -0.96 0.54
CA VAL F 170 62.68 -1.36 0.88
C VAL F 170 63.32 -0.27 1.73
N LYS F 171 64.33 -0.64 2.52
CA LYS F 171 65.10 0.36 3.26
C LYS F 171 65.89 1.24 2.28
N PRO F 172 65.99 2.57 2.56
CA PRO F 172 66.51 3.56 1.60
C PRO F 172 67.82 3.22 0.89
N ASP F 173 68.69 2.40 1.50
CA ASP F 173 69.99 2.08 0.88
C ASP F 173 69.84 1.39 -0.46
N LYS F 174 68.85 0.49 -0.57
CA LYS F 174 68.61 -0.28 -1.81
C LYS F 174 68.06 0.58 -2.97
N ILE F 175 67.72 1.83 -2.65
CA ILE F 175 67.41 2.87 -3.61
C ILE F 175 68.57 3.90 -3.78
N TYR F 176 69.14 4.31 -2.65
CA TYR F 176 70.09 5.44 -2.62
C TYR F 176 71.55 5.02 -2.52
N GLY F 177 71.82 3.90 -1.86
CA GLY F 177 73.11 3.23 -1.96
C GLY F 177 73.13 2.31 -3.18
N LYS F 178 73.70 1.11 -3.01
CA LYS F 178 73.75 0.12 -4.07
C LYS F 178 72.33 -0.37 -4.34
N ILE F 179 71.84 -0.17 -5.57
CA ILE F 179 70.44 -0.43 -5.89
C ILE F 179 70.14 -1.93 -6.09
N LYS F 180 69.11 -2.39 -5.38
CA LYS F 180 68.64 -3.77 -5.43
C LYS F 180 67.10 -3.86 -5.56
N LYS F 181 66.63 -4.93 -6.20
CA LYS F 181 65.21 -5.17 -6.39
C LYS F 181 65.06 -6.66 -6.62
N ARG F 182 64.02 -7.28 -6.08
CA ARG F 182 63.98 -8.75 -6.04
C ARG F 182 63.46 -9.42 -7.31
N LEU F 183 64.29 -10.26 -7.91
CA LEU F 183 63.87 -11.09 -9.00
C LEU F 183 62.60 -11.86 -8.62
N LEU F 184 61.57 -11.79 -9.47
CA LEU F 184 60.40 -12.64 -9.35
C LEU F 184 60.30 -13.57 -10.56
N TRP F 185 59.90 -14.81 -10.30
CA TRP F 185 59.59 -15.77 -11.36
C TRP F 185 58.07 -15.84 -11.54
N GLY F 186 57.61 -15.37 -12.70
CA GLY F 186 56.20 -15.41 -13.05
C GLY F 186 56.02 -16.61 -13.94
N SER F 187 55.21 -17.57 -13.51
CA SER F 187 55.02 -18.77 -14.31
C SER F 187 54.13 -18.49 -15.52
N ASP F 188 54.02 -19.48 -16.40
CA ASP F 188 53.10 -19.45 -17.54
C ASP F 188 51.84 -20.27 -17.22
N LEU F 189 50.72 -19.82 -17.78
CA LEU F 189 49.41 -20.36 -17.46
C LEU F 189 49.38 -21.87 -17.67
N GLY F 190 49.98 -22.33 -18.77
CA GLY F 190 50.02 -23.76 -19.04
C GLY F 190 50.60 -24.55 -17.88
N THR F 191 51.69 -24.01 -17.32
CA THR F 191 52.41 -24.65 -16.23
C THR F 191 51.58 -24.56 -14.93
N MET F 192 51.11 -23.36 -14.60
CA MET F 192 50.18 -23.15 -13.48
C MET F 192 49.06 -24.19 -13.47
N ILE F 193 48.41 -24.37 -14.60
CA ILE F 193 47.28 -25.29 -14.69
C ILE F 193 47.69 -26.73 -14.45
N ARG F 194 48.81 -27.13 -15.04
CA ARG F 194 49.29 -28.48 -14.83
C ARG F 194 49.84 -28.65 -13.41
N ALA F 195 50.50 -27.61 -12.89
CA ALA F 195 51.06 -27.67 -11.53
C ALA F 195 49.93 -27.76 -10.48
N ALA F 196 48.96 -26.86 -10.60
CA ALA F 196 47.78 -26.90 -9.75
C ALA F 196 47.04 -28.24 -9.86
N ARG F 197 46.86 -28.82 -11.04
CA ARG F 197 46.18 -30.13 -11.11
C ARG F 197 47.00 -31.21 -10.38
N ALA F 198 48.31 -31.15 -10.56
CA ALA F 198 49.20 -32.21 -10.07
C ALA F 198 49.43 -32.15 -8.55
N PHE F 199 49.70 -30.96 -8.02
CA PHE F 199 50.15 -30.82 -6.63
C PHE F 199 49.22 -30.03 -5.71
N GLY F 200 48.03 -29.67 -6.21
CA GLY F 200 47.02 -28.96 -5.45
C GLY F 200 46.44 -29.83 -4.35
N PRO F 201 46.19 -31.12 -4.65
CA PRO F 201 45.85 -32.05 -3.57
C PRO F 201 46.88 -32.03 -2.44
N PHE F 202 48.15 -32.18 -2.79
CA PHE F 202 49.22 -32.27 -1.80
C PHE F 202 49.31 -30.99 -0.97
N CYS F 203 49.32 -29.85 -1.64
CA CYS F 203 49.41 -28.57 -0.94
C CYS F 203 48.16 -28.31 -0.09
N ASP F 204 47.03 -28.91 -0.45
CA ASP F 204 45.85 -28.81 0.39
C ASP F 204 46.01 -29.68 1.63
N ALA F 205 46.40 -30.93 1.45
CA ALA F 205 46.54 -31.84 2.58
C ALA F 205 47.52 -31.28 3.63
N LEU F 206 48.58 -30.67 3.13
CA LEU F 206 49.64 -30.18 3.94
C LEU F 206 49.17 -28.93 4.67
N LYS F 207 48.34 -28.14 4.01
CA LYS F 207 47.76 -26.97 4.65
C LYS F 207 46.89 -27.36 5.86
N GLU F 208 46.24 -28.51 5.78
CA GLU F 208 45.43 -29.00 6.89
C GLU F 208 46.26 -29.54 8.07
N THR F 209 47.55 -29.82 7.85
CA THR F 209 48.45 -30.27 8.89
C THR F 209 49.47 -29.19 9.30
N CYS F 210 49.19 -27.92 9.05
CA CYS F 210 50.17 -26.88 9.32
C CYS F 210 50.45 -26.60 10.81
N ILE F 211 49.81 -27.35 11.70
CA ILE F 211 50.09 -27.25 13.12
C ILE F 211 50.88 -28.46 13.59
N PHE F 212 50.56 -29.64 13.08
CA PHE F 212 51.26 -30.89 13.42
C PHE F 212 52.54 -31.09 12.61
N ASN F 213 52.61 -30.42 11.46
CA ASN F 213 53.76 -30.54 10.58
C ASN F 213 54.46 -29.19 10.42
N PRO F 214 55.75 -29.24 10.16
CA PRO F 214 56.56 -28.03 10.19
C PRO F 214 56.38 -27.10 8.98
N ILE F 215 55.75 -27.59 7.92
CA ILE F 215 55.43 -26.68 6.80
C ILE F 215 54.19 -25.87 7.16
N ARG F 216 54.45 -24.63 7.54
CA ARG F 216 53.45 -23.78 8.14
C ARG F 216 52.62 -23.03 7.11
N VAL F 217 52.64 -23.49 5.87
CA VAL F 217 52.00 -22.76 4.80
C VAL F 217 50.50 -22.99 4.91
N GLY F 218 49.76 -21.88 4.95
CA GLY F 218 48.31 -21.87 5.11
C GLY F 218 47.84 -21.53 6.51
N MET F 219 48.75 -21.02 7.34
CA MET F 219 48.44 -20.78 8.73
C MET F 219 47.88 -19.39 8.86
N SER F 220 47.02 -19.23 9.86
CA SER F 220 46.55 -17.92 10.30
C SER F 220 47.39 -17.56 11.50
N MET F 221 48.12 -16.45 11.42
CA MET F 221 48.95 -16.02 12.52
C MET F 221 48.12 -15.88 13.80
N ASN F 222 46.96 -15.25 13.69
CA ASN F 222 46.16 -14.99 14.88
C ASN F 222 45.58 -16.22 15.52
N GLU F 223 45.14 -17.15 14.69
CA GLU F 223 44.41 -18.31 15.17
C GLU F 223 45.29 -19.55 15.37
N ASP F 224 46.31 -19.72 14.55
CA ASP F 224 47.21 -20.86 14.65
C ASP F 224 48.50 -20.54 15.38
N GLY F 225 48.88 -19.28 15.44
CA GLY F 225 50.17 -18.90 16.02
C GLY F 225 50.33 -19.36 17.46
N PRO F 226 49.28 -19.16 18.27
CA PRO F 226 49.40 -19.52 19.69
C PRO F 226 49.74 -20.99 19.93
N PHE F 227 49.08 -21.88 19.19
CA PHE F 227 49.32 -23.30 19.35
C PHE F 227 50.69 -23.63 18.74
N ILE F 228 51.03 -23.00 17.62
CA ILE F 228 52.30 -23.32 16.98
C ILE F 228 53.45 -22.91 17.88
N PHE F 229 53.37 -21.69 18.42
CA PHE F 229 54.43 -21.20 19.29
C PHE F 229 54.46 -21.96 20.63
N ALA F 230 53.29 -22.23 21.19
CA ALA F 230 53.22 -23.02 22.41
C ALA F 230 53.96 -24.34 22.25
N ARG F 231 53.77 -24.98 21.10
CA ARG F 231 54.49 -26.22 20.82
C ARG F 231 56.01 -26.01 20.77
N HIS F 232 56.44 -24.88 20.21
CA HIS F 232 57.88 -24.55 20.13
C HIS F 232 58.48 -24.43 21.53
N ALA F 233 57.76 -23.77 22.43
CA ALA F 233 58.25 -23.48 23.78
C ALA F 233 58.45 -24.73 24.64
N ASN F 234 57.86 -25.86 24.25
CA ASN F 234 58.14 -27.15 24.91
C ASN F 234 59.55 -27.68 24.71
N PHE F 235 60.43 -26.89 24.09
CA PHE F 235 61.79 -27.34 23.78
C PHE F 235 62.78 -26.35 24.35
N ARG F 236 63.98 -26.87 24.62
CA ARG F 236 64.95 -26.14 25.42
C ARG F 236 65.59 -25.02 24.63
N TYR F 237 66.04 -25.36 23.42
CA TYR F 237 66.89 -24.48 22.61
C TYR F 237 66.16 -24.00 21.35
N HIS F 238 66.29 -22.72 21.04
CA HIS F 238 65.63 -22.11 19.89
C HIS F 238 66.61 -21.30 19.06
N MET F 239 66.37 -21.23 17.76
CA MET F 239 67.27 -20.52 16.86
C MET F 239 66.66 -20.25 15.49
N ASP F 240 67.17 -19.20 14.84
CA ASP F 240 66.80 -18.84 13.48
C ASP F 240 68.04 -18.46 12.64
N ALA F 241 68.35 -19.28 11.65
CA ALA F 241 69.53 -19.11 10.79
C ALA F 241 69.47 -17.91 9.82
N ASP F 242 68.32 -17.25 9.71
CA ASP F 242 68.17 -16.00 8.93
C ASP F 242 68.88 -16.02 7.54
N TYR F 243 68.64 -17.06 6.75
CA TYR F 243 69.35 -17.29 5.50
C TYR F 243 69.24 -16.14 4.49
N THR F 244 70.34 -15.88 3.78
CA THR F 244 70.36 -14.90 2.70
C THR F 244 70.31 -15.61 1.32
N ARG F 245 69.49 -15.09 0.42
CA ARG F 245 69.43 -15.60 -0.96
C ARG F 245 69.21 -17.10 -0.98
N TRP F 246 68.20 -17.53 -0.21
CA TRP F 246 67.87 -18.93 -0.04
C TRP F 246 67.54 -19.60 -1.37
N ASP F 247 66.81 -18.85 -2.21
CA ASP F 247 66.20 -19.38 -3.44
C ASP F 247 67.27 -19.69 -4.48
N SER F 248 68.12 -18.71 -4.73
CA SER F 248 69.25 -18.88 -5.66
C SER F 248 70.28 -19.93 -5.25
N THR F 249 70.37 -20.24 -3.95
CA THR F 249 71.41 -21.15 -3.48
C THR F 249 70.95 -22.61 -3.43
N GLN F 250 69.78 -22.90 -3.99
CA GLN F 250 69.24 -24.24 -3.87
C GLN F 250 69.92 -25.18 -4.86
N GLN F 251 69.93 -26.47 -4.51
CA GLN F 251 70.42 -27.53 -5.38
C GLN F 251 69.22 -28.24 -5.92
N ARG F 252 69.14 -28.30 -7.24
CA ARG F 252 68.14 -29.08 -7.96
C ARG F 252 68.06 -30.54 -7.55
N ALA F 253 69.18 -31.13 -7.11
CA ALA F 253 69.18 -32.55 -6.68
C ALA F 253 68.42 -32.72 -5.35
N ILE F 254 68.45 -31.68 -4.53
CA ILE F 254 67.65 -31.61 -3.33
C ILE F 254 66.19 -31.38 -3.69
N LEU F 255 65.97 -30.38 -4.53
CA LEU F 255 64.63 -30.05 -4.94
C LEU F 255 63.95 -31.27 -5.58
N LYS F 256 64.75 -32.10 -6.24
CA LYS F 256 64.26 -33.32 -6.87
C LYS F 256 63.79 -34.35 -5.83
N ARG F 257 64.49 -34.42 -4.70
CA ARG F 257 64.09 -35.32 -3.59
C ARG F 257 62.81 -34.79 -2.90
N ALA F 258 62.67 -33.47 -2.73
CA ALA F 258 61.39 -32.90 -2.29
C ALA F 258 60.29 -33.27 -3.28
N GLY F 259 60.57 -33.06 -4.57
CA GLY F 259 59.63 -33.37 -5.65
C GLY F 259 59.20 -34.81 -5.59
N ASP F 260 60.16 -35.72 -5.40
CA ASP F 260 59.90 -37.17 -5.34
C ASP F 260 58.86 -37.48 -4.27
N ILE F 261 58.94 -36.73 -3.18
CA ILE F 261 58.01 -36.92 -2.08
C ILE F 261 56.63 -36.40 -2.52
N MET F 262 56.58 -35.14 -2.95
CA MET F 262 55.36 -34.53 -3.48
C MET F 262 54.69 -35.44 -4.50
N VAL F 263 55.47 -36.03 -5.40
CA VAL F 263 54.90 -36.90 -6.43
C VAL F 263 54.30 -38.16 -5.83
N ARG F 264 55.06 -38.88 -5.02
CA ARG F 264 54.58 -40.16 -4.48
C ARG F 264 53.42 -39.95 -3.51
N LEU F 265 53.21 -38.72 -3.08
CA LEU F 265 52.10 -38.38 -2.18
C LEU F 265 50.90 -37.70 -2.90
N SER F 266 50.99 -37.54 -4.22
CA SER F 266 49.90 -36.95 -5.01
C SER F 266 48.99 -38.05 -5.51
N PRO F 267 47.70 -37.74 -5.77
CA PRO F 267 46.77 -38.78 -6.19
C PRO F 267 46.99 -39.34 -7.59
N GLU F 268 47.61 -38.56 -8.47
CA GLU F 268 47.97 -39.00 -9.82
C GLU F 268 49.50 -38.88 -9.95
N PRO F 269 50.26 -39.82 -9.33
CA PRO F 269 51.72 -39.73 -9.26
C PRO F 269 52.40 -39.83 -10.61
N ASP F 270 51.90 -40.72 -11.47
CA ASP F 270 52.47 -40.89 -12.81
C ASP F 270 52.30 -39.63 -13.66
N LEU F 271 51.11 -39.04 -13.62
CA LEU F 271 50.85 -37.74 -14.29
C LEU F 271 51.63 -36.59 -13.64
N ALA F 272 51.81 -36.67 -12.33
CA ALA F 272 52.44 -35.60 -11.58
C ALA F 272 53.95 -35.72 -11.70
N ARG F 273 54.44 -36.97 -11.76
CA ARG F 273 55.83 -37.26 -12.11
C ARG F 273 56.25 -36.39 -13.30
N VAL F 274 55.53 -36.52 -14.42
CA VAL F 274 55.82 -35.74 -15.64
C VAL F 274 55.93 -34.22 -15.40
N VAL F 275 55.03 -33.67 -14.61
CA VAL F 275 55.02 -32.22 -14.38
C VAL F 275 56.18 -31.80 -13.47
N MET F 276 56.46 -32.64 -12.47
CA MET F 276 57.57 -32.37 -11.56
C MET F 276 58.86 -32.34 -12.36
N ASP F 277 59.05 -33.37 -13.19
CA ASP F 277 60.28 -33.49 -13.99
C ASP F 277 60.42 -32.24 -14.84
N ASP F 278 59.29 -31.77 -15.37
CA ASP F 278 59.26 -30.56 -16.18
C ASP F 278 59.52 -29.29 -15.38
N LEU F 279 58.96 -29.21 -14.17
CA LEU F 279 59.22 -28.09 -13.26
C LEU F 279 60.70 -27.95 -12.91
N LEU F 280 61.30 -29.10 -12.63
CA LEU F 280 62.69 -29.17 -12.17
C LEU F 280 63.72 -29.44 -13.27
N ALA F 281 63.31 -29.54 -14.53
CA ALA F 281 64.30 -29.55 -15.61
C ALA F 281 65.02 -28.18 -15.71
N PRO F 282 66.20 -28.17 -16.35
CA PRO F 282 66.85 -26.87 -16.59
C PRO F 282 65.79 -25.85 -16.99
N SER F 283 65.69 -24.77 -16.21
CA SER F 283 64.54 -23.88 -16.33
C SER F 283 64.76 -22.75 -17.33
N LEU F 284 63.76 -22.57 -18.21
CA LEU F 284 63.77 -21.53 -19.23
C LEU F 284 63.17 -20.26 -18.67
N LEU F 285 63.97 -19.20 -18.59
CA LEU F 285 63.52 -17.92 -18.00
C LEU F 285 63.63 -16.78 -18.98
N ASP F 286 62.54 -16.04 -19.16
CA ASP F 286 62.48 -14.98 -20.17
C ASP F 286 62.79 -13.65 -19.52
N VAL F 287 63.96 -13.12 -19.87
CA VAL F 287 64.47 -11.89 -19.28
C VAL F 287 64.27 -10.69 -20.20
N GLY F 288 63.54 -10.90 -21.29
CA GLY F 288 63.20 -9.84 -22.25
C GLY F 288 63.81 -10.09 -23.61
N ASP F 289 65.11 -9.77 -23.73
CA ASP F 289 65.87 -10.00 -24.94
C ASP F 289 65.95 -11.49 -25.32
N TYR F 290 66.19 -12.32 -24.30
CA TYR F 290 66.46 -13.74 -24.48
C TYR F 290 65.73 -14.57 -23.42
N LYS F 291 65.33 -15.80 -23.77
CA LYS F 291 65.05 -16.81 -22.76
C LYS F 291 66.39 -17.49 -22.44
N ILE F 292 66.75 -17.55 -21.15
CA ILE F 292 68.04 -18.11 -20.68
C ILE F 292 67.83 -19.43 -19.95
N VAL F 293 68.84 -20.30 -19.98
CA VAL F 293 68.73 -21.61 -19.35
C VAL F 293 69.31 -21.42 -17.96
N VAL F 294 68.53 -21.76 -16.93
CA VAL F 294 68.98 -21.68 -15.54
C VAL F 294 68.82 -23.07 -14.92
N GLU F 295 69.96 -23.73 -14.75
CA GLU F 295 70.05 -25.14 -14.46
C GLU F 295 69.87 -25.42 -12.96
N GLU F 296 70.07 -24.40 -12.14
CA GLU F 296 70.13 -24.54 -10.68
C GLU F 296 69.32 -23.46 -10.01
N GLY F 297 69.08 -23.68 -8.72
CA GLY F 297 68.29 -22.79 -7.90
C GLY F 297 66.84 -23.20 -7.96
N LEU F 298 65.99 -22.40 -7.32
CA LEU F 298 64.56 -22.66 -7.24
C LEU F 298 63.84 -21.92 -8.38
N PRO F 299 63.24 -22.67 -9.31
CA PRO F 299 62.36 -22.00 -10.26
C PRO F 299 61.06 -21.68 -9.51
N SER F 300 61.00 -20.47 -8.97
CA SER F 300 59.95 -20.09 -8.02
C SER F 300 58.69 -19.51 -8.69
N GLY F 301 58.16 -20.22 -9.70
CA GLY F 301 57.05 -19.70 -10.49
C GLY F 301 55.65 -20.03 -10.00
N CYS F 302 55.37 -21.33 -9.91
CA CYS F 302 54.03 -21.83 -9.63
C CYS F 302 53.58 -21.60 -8.18
N PRO F 303 52.34 -21.97 -7.84
CA PRO F 303 51.88 -21.80 -6.45
C PRO F 303 52.49 -22.84 -5.50
N CYS F 304 52.68 -24.05 -6.03
CA CYS F 304 53.17 -25.18 -5.24
C CYS F 304 54.64 -25.07 -4.87
N THR F 305 55.31 -23.96 -5.23
CA THR F 305 56.74 -23.87 -5.03
C THR F 305 57.10 -23.56 -3.59
N THR F 306 56.27 -22.79 -2.90
CA THR F 306 56.52 -22.53 -1.48
C THR F 306 56.51 -23.83 -0.66
N GLN F 307 55.64 -24.76 -1.02
CA GLN F 307 55.60 -26.04 -0.35
C GLN F 307 56.83 -26.85 -0.70
N LEU F 308 57.28 -26.76 -1.95
CA LEU F 308 58.44 -27.51 -2.44
C LEU F 308 59.72 -26.98 -1.77
N ASN F 309 59.89 -25.66 -1.84
CA ASN F 309 60.92 -24.96 -1.15
C ASN F 309 60.98 -25.39 0.33
N SER F 310 59.85 -25.23 1.03
CA SER F 310 59.72 -25.53 2.46
C SER F 310 60.13 -26.98 2.73
N LEU F 311 59.68 -27.89 1.87
CA LEU F 311 60.02 -29.29 1.99
C LEU F 311 61.53 -29.52 1.83
N ALA F 312 62.16 -28.78 0.94
CA ALA F 312 63.61 -28.86 0.74
C ALA F 312 64.34 -28.32 1.96
N HIS F 313 63.89 -27.15 2.42
CA HIS F 313 64.38 -26.51 3.62
C HIS F 313 64.38 -27.47 4.82
N TRP F 314 63.26 -28.17 4.98
CA TRP F 314 63.14 -29.22 5.97
C TRP F 314 64.17 -30.37 5.72
N ILE F 315 64.29 -30.84 4.48
CA ILE F 315 65.30 -31.86 4.14
C ILE F 315 66.69 -31.42 4.63
N LEU F 316 67.04 -30.16 4.35
CA LEU F 316 68.36 -29.61 4.60
C LEU F 316 68.70 -29.47 6.08
N THR F 317 67.87 -28.69 6.77
CA THR F 317 67.99 -28.48 8.20
C THR F 317 68.14 -29.82 8.94
N LEU F 318 67.28 -30.77 8.65
CA LEU F 318 67.34 -32.08 9.28
C LEU F 318 68.64 -32.82 8.91
N CYS F 319 69.10 -32.67 7.67
CA CYS F 319 70.36 -33.26 7.22
C CYS F 319 71.53 -32.68 8.02
N ALA F 320 71.61 -31.36 8.11
CA ALA F 320 72.64 -30.70 8.89
C ALA F 320 72.66 -31.13 10.38
N MET F 321 71.49 -31.32 10.98
CA MET F 321 71.41 -31.72 12.39
C MET F 321 71.81 -33.19 12.59
N VAL F 322 71.42 -34.07 11.67
CA VAL F 322 71.85 -35.46 11.75
C VAL F 322 73.37 -35.55 11.54
N GLU F 323 73.91 -34.67 10.71
CA GLU F 323 75.34 -34.69 10.41
C GLU F 323 76.15 -34.44 11.69
N VAL F 324 75.72 -33.43 12.45
CA VAL F 324 76.45 -32.96 13.62
C VAL F 324 76.23 -33.82 14.88
N THR F 325 74.96 -34.14 15.15
CA THR F 325 74.62 -34.84 16.38
C THR F 325 74.78 -36.34 16.25
N ARG F 326 74.87 -36.84 15.01
CA ARG F 326 74.94 -38.28 14.74
C ARG F 326 73.68 -39.03 15.20
N VAL F 327 72.60 -38.28 15.48
CA VAL F 327 71.34 -38.88 15.94
C VAL F 327 70.44 -39.25 14.74
N ASP F 328 69.75 -40.38 14.83
CA ASP F 328 68.77 -40.77 13.81
C ASP F 328 67.77 -39.64 13.55
N PRO F 329 67.41 -39.43 12.27
CA PRO F 329 66.61 -38.26 11.89
C PRO F 329 65.20 -38.30 12.50
N ASP F 330 64.61 -39.48 12.60
CA ASP F 330 63.33 -39.67 13.30
C ASP F 330 63.44 -39.42 14.83
N ILE F 331 64.64 -39.56 15.39
CA ILE F 331 64.87 -39.18 16.80
C ILE F 331 65.03 -37.66 16.93
N VAL F 332 65.65 -37.03 15.95
CA VAL F 332 65.81 -35.58 16.01
C VAL F 332 64.47 -34.84 15.97
N MET F 333 63.50 -35.44 15.29
CA MET F 333 62.18 -34.85 15.18
C MET F 333 61.39 -35.11 16.45
N GLN F 334 61.61 -36.28 17.06
CA GLN F 334 61.10 -36.57 18.40
C GLN F 334 61.55 -35.49 19.40
N GLU F 335 62.75 -34.94 19.21
CA GLU F 335 63.35 -34.04 20.17
C GLU F 335 63.32 -32.59 19.75
N SER F 336 62.51 -32.29 18.73
CA SER F 336 62.59 -31.00 18.10
C SER F 336 61.23 -30.56 17.50
N GLU F 337 61.09 -29.24 17.28
CA GLU F 337 59.95 -28.66 16.55
C GLU F 337 60.44 -27.64 15.52
N PHE F 338 60.06 -27.85 14.26
CA PHE F 338 60.49 -26.97 13.18
C PHE F 338 59.31 -26.14 12.69
N SER F 339 59.57 -24.88 12.35
CA SER F 339 58.62 -24.11 11.57
C SER F 339 59.27 -23.66 10.27
N PHE F 340 58.69 -24.07 9.14
CA PHE F 340 59.17 -23.64 7.81
C PHE F 340 58.10 -22.91 7.00
N TYR F 341 58.46 -21.73 6.50
CA TYR F 341 57.68 -21.06 5.48
C TYR F 341 58.63 -20.62 4.36
N GLY F 342 58.81 -21.50 3.38
CA GLY F 342 59.81 -21.30 2.35
C GLY F 342 61.16 -21.17 3.04
N ASP F 343 61.78 -20.00 2.94
CA ASP F 343 63.10 -19.79 3.51
C ASP F 343 63.02 -19.55 5.01
N ASP F 344 61.94 -18.90 5.42
CA ASP F 344 61.73 -18.50 6.80
C ASP F 344 61.61 -19.72 7.71
N GLU F 345 62.28 -19.64 8.85
CA GLU F 345 62.33 -20.76 9.77
C GLU F 345 62.24 -20.29 11.20
N VAL F 346 61.98 -21.29 12.05
CA VAL F 346 62.25 -21.25 13.48
C VAL F 346 62.57 -22.70 13.82
N VAL F 347 63.70 -22.93 14.48
CA VAL F 347 64.10 -24.29 14.86
C VAL F 347 64.27 -24.42 16.37
N SER F 348 63.46 -25.27 16.98
CA SER F 348 63.50 -25.49 18.41
C SER F 348 63.79 -26.93 18.66
N THR F 349 64.75 -27.17 19.55
CA THR F 349 65.21 -28.51 19.83
C THR F 349 65.70 -28.62 21.28
N ASN F 350 65.73 -29.85 21.75
CA ASN F 350 66.33 -30.17 23.03
C ASN F 350 67.78 -30.62 22.83
N LEU F 351 68.05 -31.33 21.74
CA LEU F 351 69.39 -31.81 21.43
C LEU F 351 70.45 -30.75 21.65
N GLU F 352 71.57 -31.19 22.23
CA GLU F 352 72.75 -30.36 22.38
C GLU F 352 73.40 -30.27 21.00
N LEU F 353 73.33 -29.09 20.41
CA LEU F 353 73.82 -28.86 19.07
C LEU F 353 75.07 -28.04 19.12
N ASP F 354 76.15 -28.60 18.59
CA ASP F 354 77.35 -27.83 18.33
C ASP F 354 77.01 -26.82 17.23
N MET F 355 76.98 -25.53 17.59
CA MET F 355 76.58 -24.49 16.65
C MET F 355 77.63 -24.20 15.58
N VAL F 356 78.89 -24.51 15.89
CA VAL F 356 79.97 -24.34 14.94
C VAL F 356 79.87 -25.42 13.88
N LYS F 357 79.81 -26.69 14.31
CA LYS F 357 79.64 -27.77 13.34
C LYS F 357 78.34 -27.61 12.54
N TYR F 358 77.33 -27.01 13.15
CA TYR F 358 76.03 -26.83 12.51
C TYR F 358 76.14 -25.75 11.44
N THR F 359 76.64 -24.59 11.82
CA THR F 359 76.87 -23.53 10.85
C THR F 359 77.88 -23.92 9.75
N MET F 360 78.74 -24.91 10.00
CA MET F 360 79.65 -25.36 8.95
C MET F 360 78.88 -26.14 7.90
N ALA F 361 78.01 -27.04 8.36
CA ALA F 361 77.38 -28.03 7.46
C ALA F 361 76.34 -27.39 6.53
N LEU F 362 75.71 -26.33 7.02
CA LEU F 362 74.81 -25.56 6.20
C LEU F 362 75.60 -24.98 5.04
N ARG F 363 76.72 -24.32 5.36
CA ARG F 363 77.56 -23.66 4.34
C ARG F 363 78.21 -24.64 3.37
N ARG F 364 78.62 -25.82 3.86
CA ARG F 364 79.05 -26.92 3.00
C ARG F 364 77.96 -27.25 1.96
N TYR F 365 76.69 -27.17 2.35
CA TYR F 365 75.58 -27.41 1.41
C TYR F 365 75.39 -26.28 0.41
N GLY F 366 75.83 -25.07 0.79
CA GLY F 366 75.78 -23.92 -0.10
C GLY F 366 75.05 -22.77 0.51
N LEU F 367 74.35 -23.03 1.60
CA LEU F 367 73.41 -22.05 2.15
C LEU F 367 74.20 -20.93 2.82
N LEU F 368 73.53 -19.81 3.07
CA LEU F 368 74.17 -18.61 3.64
C LEU F 368 73.50 -18.15 4.94
N PRO F 369 73.51 -19.00 5.98
CA PRO F 369 72.96 -18.61 7.28
C PRO F 369 73.69 -17.41 7.80
N THR F 370 72.98 -16.56 8.54
CA THR F 370 73.55 -15.35 9.10
C THR F 370 73.19 -15.17 10.58
N ARG F 371 74.13 -14.60 11.32
CA ARG F 371 73.97 -14.25 12.72
C ARG F 371 73.09 -13.02 12.84
N ALA F 372 72.45 -12.89 14.00
CA ALA F 372 71.54 -11.78 14.25
C ALA F 372 72.30 -10.47 14.14
N ASP F 373 73.52 -10.45 14.66
CA ASP F 373 74.36 -9.25 14.54
C ASP F 373 74.76 -9.07 13.11
N LYS F 374 75.01 -10.20 12.47
CA LYS F 374 75.39 -10.27 11.05
C LYS F 374 76.88 -10.19 10.89
N GLU F 375 77.57 -10.32 12.00
CA GLU F 375 79.02 -10.48 12.05
C GLU F 375 79.44 -11.89 11.73
N GLU F 376 80.71 -12.11 11.52
CA GLU F 376 81.22 -13.45 11.19
C GLU F 376 81.07 -14.35 12.42
N GLY F 377 81.26 -15.65 12.23
CA GLY F 377 81.15 -16.62 13.34
C GLY F 377 80.01 -17.59 13.14
N PRO F 378 79.70 -18.40 14.19
CA PRO F 378 78.66 -19.40 14.09
C PRO F 378 77.32 -18.83 14.53
N LEU F 379 76.25 -19.60 14.29
CA LEU F 379 74.92 -19.23 14.75
C LEU F 379 74.76 -19.39 16.27
N GLU F 380 73.96 -18.50 16.85
CA GLU F 380 73.65 -18.54 18.28
C GLU F 380 72.39 -19.38 18.52
N ARG F 381 72.22 -19.87 19.74
CA ARG F 381 70.95 -20.47 20.17
C ARG F 381 70.55 -19.93 21.53
N ARG F 382 69.26 -19.58 21.66
CA ARG F 382 68.69 -19.04 22.89
C ARG F 382 68.00 -20.14 23.69
N GLN F 383 67.68 -19.84 24.95
CA GLN F 383 66.90 -20.75 25.80
C GLN F 383 65.46 -20.24 25.96
N THR F 384 65.26 -18.94 25.70
CA THR F 384 63.93 -18.35 25.54
C THR F 384 63.52 -18.35 24.05
N LEU F 385 62.22 -18.29 23.82
CA LEU F 385 61.66 -18.15 22.49
C LEU F 385 61.39 -16.68 22.15
N GLN F 386 61.01 -15.90 23.16
CA GLN F 386 60.58 -14.53 22.94
C GLN F 386 61.65 -13.73 22.21
N GLY F 387 61.24 -13.00 21.17
CA GLY F 387 62.14 -12.28 20.28
C GLY F 387 62.23 -12.90 18.89
N ILE F 388 62.48 -14.21 18.83
CA ILE F 388 62.57 -14.93 17.55
C ILE F 388 61.43 -14.55 16.61
N SER F 389 61.74 -14.21 15.36
CA SER F 389 60.73 -13.77 14.40
C SER F 389 60.32 -14.87 13.43
N PHE F 390 59.10 -14.75 12.92
CA PHE F 390 58.55 -15.69 11.94
C PHE F 390 57.43 -14.98 11.21
N LEU F 391 57.34 -15.20 9.90
CA LEU F 391 56.39 -14.45 9.05
C LEU F 391 56.34 -12.98 9.48
N ARG F 392 57.51 -12.37 9.67
CA ARG F 392 57.70 -10.97 10.14
C ARG F 392 57.01 -10.59 11.47
N ARG F 393 56.57 -11.58 12.25
CA ARG F 393 56.12 -11.33 13.61
C ARG F 393 57.19 -11.79 14.58
N ALA F 394 57.41 -10.98 15.61
CA ALA F 394 58.15 -11.40 16.80
C ALA F 394 57.23 -12.26 17.66
N ILE F 395 57.78 -13.31 18.23
CA ILE F 395 57.03 -14.14 19.13
C ILE F 395 57.02 -13.54 20.51
N VAL F 396 55.87 -13.61 21.16
CA VAL F 396 55.60 -12.95 22.43
C VAL F 396 54.78 -13.87 23.33
N GLY F 397 55.13 -13.90 24.62
CA GLY F 397 54.46 -14.74 25.62
C GLY F 397 53.95 -13.90 26.77
N ASP F 398 52.81 -14.27 27.33
CA ASP F 398 52.28 -13.67 28.54
C ASP F 398 51.34 -14.66 29.26
N GLN F 399 50.60 -14.18 30.26
CA GLN F 399 49.76 -15.05 31.09
C GLN F 399 48.71 -15.83 30.29
N PHE F 400 48.29 -15.31 29.13
CA PHE F 400 47.32 -16.02 28.28
C PHE F 400 47.95 -16.97 27.27
N GLY F 401 49.24 -16.80 27.01
CA GLY F 401 49.96 -17.67 26.09
C GLY F 401 50.77 -16.94 25.05
N TRP F 402 51.16 -17.67 24.01
CA TRP F 402 52.03 -17.13 22.96
C TRP F 402 51.27 -16.53 21.78
N TYR F 403 51.84 -15.51 21.16
CA TYR F 403 51.28 -14.93 19.95
C TYR F 403 52.34 -14.28 19.07
N GLY F 404 51.94 -13.92 17.85
CA GLY F 404 52.81 -13.20 16.93
C GLY F 404 52.54 -11.73 17.01
N ARG F 405 53.56 -10.92 17.23
CA ARG F 405 53.39 -9.48 17.26
C ARG F 405 54.18 -8.80 16.13
N LEU F 406 53.48 -7.95 15.39
CA LEU F 406 54.08 -7.14 14.36
C LEU F 406 54.76 -5.96 15.03
N ASP F 407 56.04 -5.78 14.71
CA ASP F 407 56.88 -4.76 15.33
C ASP F 407 56.38 -3.35 15.04
N ARG F 408 56.66 -2.44 15.95
CA ARG F 408 56.22 -1.06 15.83
C ARG F 408 56.66 -0.42 14.51
N ALA F 409 57.83 -0.76 14.02
CA ALA F 409 58.29 -0.22 12.75
C ALA F 409 57.24 -0.48 11.67
N SER F 410 57.00 -1.75 11.35
CA SER F 410 56.06 -2.15 10.30
C SER F 410 54.67 -1.56 10.47
N ILE F 411 54.29 -1.28 11.72
CA ILE F 411 52.96 -0.76 12.02
C ILE F 411 52.86 0.69 11.62
N ASP F 412 53.79 1.50 12.10
CA ASP F 412 53.85 2.92 11.72
C ASP F 412 54.05 3.04 10.22
N ARG F 413 54.92 2.20 9.67
CA ARG F 413 55.18 2.14 8.24
C ARG F 413 53.88 1.95 7.44
N GLN F 414 52.98 1.08 7.91
CA GLN F 414 51.69 0.88 7.26
C GLN F 414 50.77 2.10 7.34
N LEU F 415 51.03 2.99 8.28
CA LEU F 415 50.32 4.29 8.32
C LEU F 415 50.89 5.34 7.36
N LEU F 416 52.13 5.16 6.90
CA LEU F 416 52.78 6.11 5.97
C LEU F 416 52.52 5.81 4.49
N TRP F 417 52.09 4.59 4.19
CA TRP F 417 51.78 4.20 2.83
C TRP F 417 50.42 3.51 2.73
N THR F 418 49.86 3.55 1.53
CA THR F 418 48.68 2.80 1.19
C THR F 418 48.83 2.27 -0.23
N LYS F 419 48.06 1.24 -0.54
CA LYS F 419 48.06 0.68 -1.88
C LYS F 419 47.02 1.40 -2.74
N GLY F 420 47.30 1.47 -4.04
CA GLY F 420 46.45 2.18 -4.98
C GLY F 420 46.80 1.73 -6.39
N PRO F 421 46.27 2.45 -7.39
CA PRO F 421 46.66 2.13 -8.75
C PRO F 421 48.15 2.45 -8.98
N ASN F 422 48.80 1.69 -9.84
CA ASN F 422 50.20 1.92 -10.12
C ASN F 422 50.40 3.35 -10.61
N HIS F 423 51.53 3.94 -10.21
CA HIS F 423 51.92 5.30 -10.64
C HIS F 423 53.44 5.48 -10.53
N GLN F 424 53.92 6.60 -11.08
CA GLN F 424 55.36 6.83 -11.25
C GLN F 424 55.98 7.61 -10.10
N ASN F 425 55.22 8.50 -9.47
CA ASN F 425 55.72 9.22 -8.29
C ASN F 425 55.20 8.63 -6.98
N PRO F 426 56.04 7.92 -6.22
CA PRO F 426 55.66 7.38 -4.92
C PRO F 426 55.14 8.39 -3.90
N PHE F 427 55.69 9.59 -3.89
CA PHE F 427 55.33 10.55 -2.83
C PHE F 427 54.01 11.22 -3.12
N GLU F 428 53.47 10.97 -4.32
CA GLU F 428 52.10 11.38 -4.66
C GLU F 428 51.13 10.92 -3.56
N THR F 429 50.08 11.70 -3.31
CA THR F 429 49.03 11.32 -2.35
C THR F 429 47.75 10.80 -3.09
N LEU F 430 46.91 10.06 -2.37
CA LEU F 430 45.64 9.56 -2.90
C LEU F 430 44.51 10.49 -2.45
N PRO F 431 43.65 10.93 -3.38
CA PRO F 431 42.46 11.68 -2.93
C PRO F 431 41.32 10.76 -2.45
N GLY F 432 40.58 11.20 -1.45
CA GLY F 432 39.47 10.42 -0.86
C GLY F 432 39.71 10.09 0.60
N PRO F 437 39.93 1.83 6.37
CA PRO F 437 39.21 0.64 5.88
C PRO F 437 39.23 -0.52 6.90
N SER F 438 39.19 -1.77 6.42
CA SER F 438 39.42 -2.95 7.29
C SER F 438 40.84 -3.03 7.86
N GLN F 439 41.79 -2.32 7.24
CA GLN F 439 43.19 -2.37 7.66
C GLN F 439 43.40 -1.65 8.98
N LEU F 440 42.77 -0.49 9.13
CA LEU F 440 42.87 0.28 10.37
C LEU F 440 42.43 -0.57 11.57
N MET F 441 41.31 -1.27 11.42
CA MET F 441 40.82 -2.20 12.45
C MET F 441 41.94 -3.16 12.84
N ALA F 442 42.62 -3.72 11.85
CA ALA F 442 43.67 -4.71 12.06
C ALA F 442 44.95 -4.05 12.52
N LEU F 443 45.10 -2.76 12.20
CA LEU F 443 46.28 -2.00 12.61
C LEU F 443 46.19 -1.71 14.09
N LEU F 444 45.02 -1.21 14.50
CA LEU F 444 44.70 -1.06 15.93
C LEU F 444 44.89 -2.39 16.64
N GLY F 445 44.37 -3.45 16.05
CA GLY F 445 44.55 -4.79 16.57
C GLY F 445 46.01 -5.04 16.85
N GLU F 446 46.83 -4.80 15.83
CA GLU F 446 48.28 -4.96 15.95
C GLU F 446 48.87 -3.95 16.93
N ALA F 447 48.29 -2.75 16.98
CA ALA F 447 48.72 -1.74 17.94
C ALA F 447 48.51 -2.18 19.37
N ALA F 448 47.28 -2.59 19.69
CA ALA F 448 46.86 -2.94 21.05
C ALA F 448 47.67 -4.06 21.73
N MET F 449 48.34 -4.88 20.93
CA MET F 449 49.22 -5.92 21.43
C MET F 449 50.56 -5.38 21.96
N HIS F 450 50.87 -4.12 21.71
CA HIS F 450 52.01 -3.43 22.34
C HIS F 450 51.58 -2.64 23.60
N GLY F 451 50.42 -2.98 24.15
CA GLY F 451 49.91 -2.31 25.36
C GLY F 451 49.06 -1.08 25.05
N GLU F 452 48.49 -0.49 26.09
CA GLU F 452 47.64 0.71 25.96
C GLU F 452 48.44 1.96 25.59
N LYS F 453 49.69 2.04 26.06
CA LYS F 453 50.52 3.22 25.82
C LYS F 453 50.58 3.53 24.33
N TYR F 454 51.10 2.57 23.55
CA TYR F 454 51.29 2.70 22.10
C TYR F 454 49.97 2.78 21.34
N TYR F 455 48.97 2.03 21.80
CA TYR F 455 47.64 1.99 21.18
C TYR F 455 46.96 3.35 21.18
N ARG F 456 47.08 4.07 22.30
CA ARG F 456 46.46 5.38 22.44
C ARG F 456 47.04 6.41 21.43
N THR F 457 48.32 6.25 21.08
CA THR F 457 48.99 7.15 20.13
C THR F 457 48.79 6.74 18.65
N VAL F 458 48.69 5.43 18.40
CA VAL F 458 48.32 4.93 17.07
C VAL F 458 46.86 5.24 16.80
N ALA F 459 46.02 5.02 17.81
CA ALA F 459 44.59 5.37 17.71
C ALA F 459 44.42 6.84 17.36
N SER F 460 45.25 7.70 17.96
CA SER F 460 45.23 9.12 17.67
C SER F 460 45.43 9.36 16.17
N ARG F 461 46.56 8.92 15.63
CA ARG F 461 46.87 9.05 14.20
C ARG F 461 45.78 8.45 13.32
N VAL F 462 45.35 7.24 13.67
CA VAL F 462 44.31 6.54 12.93
C VAL F 462 42.99 7.32 12.89
N SER F 463 42.73 8.14 13.91
CA SER F 463 41.46 8.86 14.00
C SER F 463 41.33 10.04 13.01
N LYS F 464 42.42 10.44 12.37
CA LYS F 464 42.40 11.56 11.42
C LYS F 464 41.72 11.16 10.09
N GLU F 465 42.11 10.01 9.55
CA GLU F 465 41.74 9.60 8.18
C GLU F 465 40.24 9.51 7.94
N VAL F 474 35.34 6.30 15.03
CA VAL F 474 34.79 4.98 15.31
C VAL F 474 35.90 4.06 15.88
N VAL F 475 36.58 4.55 16.93
CA VAL F 475 37.74 3.87 17.52
C VAL F 475 37.42 3.28 18.91
N PRO F 476 37.38 1.94 19.01
CA PRO F 476 37.01 1.32 20.29
C PRO F 476 38.05 1.54 21.38
N ARG F 477 37.69 1.25 22.63
CA ARG F 477 38.64 1.33 23.73
C ARG F 477 39.59 0.13 23.73
N HIS F 478 40.75 0.33 24.36
CA HIS F 478 41.87 -0.60 24.29
C HIS F 478 41.54 -2.05 24.66
N ARG F 479 40.83 -2.23 25.77
CA ARG F 479 40.57 -3.56 26.28
C ARG F 479 39.84 -4.46 25.28
N SER F 480 38.95 -3.85 24.50
CA SER F 480 38.02 -4.58 23.64
C SER F 480 38.71 -5.14 22.39
N VAL F 481 39.57 -4.33 21.81
CA VAL F 481 40.27 -4.73 20.60
C VAL F 481 41.35 -5.77 20.94
N LEU F 482 42.03 -5.54 22.07
CA LEU F 482 42.99 -6.51 22.61
C LEU F 482 42.30 -7.84 22.74
N ARG F 483 41.20 -7.84 23.49
CA ARG F 483 40.40 -9.05 23.69
C ARG F 483 40.00 -9.62 22.33
N TRP F 484 39.49 -8.76 21.45
CA TRP F 484 39.12 -9.15 20.08
C TRP F 484 40.27 -9.83 19.35
N VAL F 485 41.47 -9.23 19.40
CA VAL F 485 42.55 -9.69 18.54
C VAL F 485 43.23 -10.98 19.04
N ARG F 486 43.36 -11.14 20.37
CA ARG F 486 44.02 -12.33 20.96
C ARG F 486 43.12 -13.55 21.06
N PHE F 487 41.83 -13.31 21.25
CA PHE F 487 40.89 -14.36 21.64
C PHE F 487 39.74 -14.55 20.67
N GLY F 488 39.10 -13.44 20.27
CA GLY F 488 37.87 -13.46 19.48
C GLY F 488 38.14 -13.52 18.00
#